data_7WAC
#
_entry.id   7WAC
#
_cell.length_a   1.00
_cell.length_b   1.00
_cell.length_c   1.00
_cell.angle_alpha   90.00
_cell.angle_beta   90.00
_cell.angle_gamma   90.00
#
_symmetry.space_group_name_H-M   'P 1'
#
_entity_poly.entity_id   1
_entity_poly.type   'polypeptide(L)'
_entity_poly.pdbx_seq_one_letter_code
;MKILKLQTLRGPNYWSIHRHKLVVMRLDLEDLYEKYTSDIPGFYKGLTEVLPSLVEHLCSPGVKGGFLTRVEKGTLIGHV
IEHVAIELQELAGMPVGFGRTRETSTTGVFQVVIEYENEQAGRYAARAAVRLCQSIVDTGTYPATELQQDLEDLKELKNQ
ASLGPSTEAIVKEAEARGIPWTQLGARFMIQFGYGVNQKKIQATLSNQTGILGVELACDKEGTKRILKDAGVPVPRGTVA
RYFDELQDAIEYVGGYPIVIKPLDGNHGRGITIDVKNWQEAEEAYDLARKASKTKTVIVERYYTGKDHRVLVVNGKVVAV
AERVPAHVVGNGKSTIAELIEETNRDPQRGDGHDNILTRITVDKSALDILGKQGYSIDSIPLKGKKCFLRATANLSTGGI
AVDRTDEIHPENVWLLSRVAKIIGLDIAGIDVVTEDISQPLREVEGVIVEVNAAPGFRMHVAPSRGLARNVAGAVMDMLF
PGSKNGRIPILSVTGTNGKTTTTRLLAHIIKQTGKVVGYTTTDGTYIGEYLAETGDNTGPQSAHLILSDPTVEVAVLETA
RGGILRSGLGFSSCEVGIVLNVTADHLGIGDIDTIEQLAKLKSVVAESVMPKGYAVLNAEDPLVAAMADRVKGQVAYFSM
DPNNELLLRHTEAGGLAAIYENGYISILKGDWTLRIEKAVNVPITMAGKAPFMIANALAACLAVFTQGVKIEHIRKGLST
FVASVDQTPGRMNMFNMGSYHALVDYAHNPASYEALGGFVRNWPGKRIGVVGGPGDRRDEDFVSLGELAADIFDEIIIKE
DDDTRGRPRGNAAELICQGVKQFLNGIKNSESKATYESILDETAAINTALDRAPIDGLVVILPESVNRAISLIEGRHVIQ
DIELLQDSQREPKDQEVLKSSILEHHHHHH
;
_entity_poly.pdbx_strand_id   A,B,C,D
#
# COMPACT_ATOMS: atom_id res chain seq x y z
N MET A 1 -1.12 48.85 48.78
CA MET A 1 -1.06 47.88 47.70
C MET A 1 -0.83 46.47 48.24
N LYS A 2 -1.50 45.49 47.64
CA LYS A 2 -1.30 44.10 48.02
C LYS A 2 -1.66 43.22 46.84
N ILE A 3 -0.81 42.24 46.55
CA ILE A 3 -1.06 41.30 45.47
C ILE A 3 -1.94 40.18 46.00
N LEU A 4 -3.15 40.07 45.46
CA LEU A 4 -4.12 39.08 45.94
C LEU A 4 -3.98 37.75 45.22
N LYS A 5 -3.93 37.76 43.89
CA LYS A 5 -3.80 36.53 43.12
C LYS A 5 -3.10 36.83 41.81
N LEU A 6 -2.23 35.91 41.39
CA LEU A 6 -1.43 36.05 40.18
C LEU A 6 -1.48 34.72 39.43
N GLN A 7 -2.20 34.69 38.32
CA GLN A 7 -2.37 33.48 37.53
C GLN A 7 -1.78 33.67 36.14
N THR A 8 -1.43 32.55 35.51
CA THR A 8 -0.85 32.57 34.17
C THR A 8 -1.72 31.77 33.22
N LEU A 9 -1.87 32.28 32.00
CA LEU A 9 -2.67 31.67 30.95
C LEU A 9 -1.77 31.33 29.78
N ARG A 10 -1.88 30.09 29.28
CA ARG A 10 -1.02 29.59 28.22
C ARG A 10 -1.74 29.28 26.93
N GLY A 11 -3.07 29.30 26.90
CA GLY A 11 -3.81 29.03 25.69
C GLY A 11 -4.92 30.05 25.47
N PRO A 12 -5.84 29.75 24.55
CA PRO A 12 -7.00 30.61 24.38
C PRO A 12 -7.80 30.71 25.67
N ASN A 13 -8.31 31.89 25.97
CA ASN A 13 -8.90 32.17 27.26
C ASN A 13 -10.03 33.18 27.11
N TYR A 14 -10.61 33.56 28.25
CA TYR A 14 -11.68 34.54 28.27
C TYR A 14 -11.22 35.90 27.76
N TRP A 15 -9.99 36.29 28.11
CA TRP A 15 -9.54 37.64 27.82
C TRP A 15 -9.29 37.86 26.34
N SER A 16 -8.65 36.89 25.67
CA SER A 16 -8.35 37.04 24.26
C SER A 16 -8.12 35.69 23.63
N ILE A 17 -8.17 35.66 22.30
CA ILE A 17 -7.89 34.47 21.51
C ILE A 17 -6.78 34.82 20.52
N HIS A 18 -5.85 33.88 20.33
CA HIS A 18 -4.60 34.00 19.59
C HIS A 18 -3.54 34.77 20.38
N ARG A 19 -3.87 35.30 21.56
CA ARG A 19 -2.89 35.81 22.51
C ARG A 19 -2.88 34.80 23.64
N HIS A 20 -2.10 33.73 23.47
CA HIS A 20 -2.17 32.60 24.38
C HIS A 20 -1.46 32.87 25.70
N LYS A 21 -0.33 33.56 25.66
CA LYS A 21 0.49 33.78 26.85
C LYS A 21 0.07 35.10 27.50
N LEU A 22 -0.57 35.01 28.66
CA LEU A 22 -1.00 36.18 29.40
C LEU A 22 -0.79 35.94 30.89
N VAL A 23 -0.77 37.02 31.67
CA VAL A 23 -0.74 36.94 33.12
C VAL A 23 -1.85 37.83 33.67
N VAL A 24 -2.63 37.29 34.60
CA VAL A 24 -3.75 38.01 35.19
C VAL A 24 -3.45 38.24 36.67
N MET A 25 -3.71 39.46 37.13
CA MET A 25 -3.36 39.89 38.48
C MET A 25 -4.56 40.57 39.11
N ARG A 26 -4.87 40.19 40.34
CA ARG A 26 -5.92 40.82 41.14
C ARG A 26 -5.25 41.82 42.07
N LEU A 27 -5.40 43.10 41.77
CA LEU A 27 -4.69 44.17 42.48
C LEU A 27 -5.65 44.86 43.43
N ASP A 28 -5.22 45.01 44.69
CA ASP A 28 -6.03 45.62 45.73
C ASP A 28 -5.65 47.09 45.86
N LEU A 29 -6.64 47.97 45.64
CA LEU A 29 -6.44 49.42 45.77
C LEU A 29 -7.09 49.86 47.07
N GLU A 30 -6.33 49.73 48.17
CA GLU A 30 -6.88 50.04 49.49
C GLU A 30 -7.18 51.53 49.63
N ASP A 31 -6.27 52.39 49.19
CA ASP A 31 -6.43 53.83 49.39
C ASP A 31 -6.51 54.62 48.09
N LEU A 32 -5.94 54.14 47.00
CA LEU A 32 -5.96 54.83 45.72
C LEU A 32 -6.99 54.26 44.77
N TYR A 33 -8.12 53.76 45.31
CA TYR A 33 -9.15 53.17 44.46
C TYR A 33 -9.78 54.22 43.54
N GLU A 34 -9.99 55.43 44.04
CA GLU A 34 -10.55 56.53 43.27
C GLU A 34 -9.65 57.74 43.36
N LYS A 35 -8.35 57.53 43.17
CA LYS A 35 -7.34 58.59 43.25
C LYS A 35 -6.69 58.72 41.88
N TYR A 36 -7.04 59.78 41.16
CA TYR A 36 -6.45 60.03 39.84
C TYR A 36 -4.97 60.36 39.96
N THR A 37 -4.23 60.04 38.90
CA THR A 37 -2.80 60.33 38.88
C THR A 37 -2.55 61.83 38.82
N SER A 38 -3.41 62.58 38.13
CA SER A 38 -3.27 64.03 38.08
C SER A 38 -3.72 64.69 39.37
N ASP A 39 -4.44 63.96 40.22
CA ASP A 39 -4.90 64.47 41.50
C ASP A 39 -3.78 64.55 42.53
N ILE A 40 -2.75 63.73 42.40
CA ILE A 40 -1.62 63.73 43.33
C ILE A 40 -0.51 64.58 42.73
N PRO A 41 -0.04 65.62 43.43
CA PRO A 41 0.90 66.57 42.80
C PRO A 41 2.26 65.94 42.56
N GLY A 42 2.84 66.26 41.40
CA GLY A 42 4.24 65.97 41.14
C GLY A 42 4.64 64.52 41.08
N PHE A 43 3.77 63.66 40.55
CA PHE A 43 4.20 62.29 40.26
C PHE A 43 4.23 62.02 38.76
N TYR A 44 3.60 62.89 37.98
CA TYR A 44 3.76 62.82 36.53
C TYR A 44 5.23 63.02 36.14
N LYS A 45 5.87 64.03 36.76
CA LYS A 45 7.28 64.26 36.49
C LYS A 45 8.15 63.10 36.97
N GLY A 46 7.81 62.52 38.13
CA GLY A 46 8.56 61.37 38.60
C GLY A 46 8.44 60.18 37.67
N LEU A 47 7.23 59.92 37.17
CA LEU A 47 7.04 58.83 36.22
C LEU A 47 7.79 59.09 34.92
N THR A 48 7.74 60.33 34.42
CA THR A 48 8.38 60.64 33.15
C THR A 48 9.89 60.73 33.25
N GLU A 49 10.44 60.89 34.46
CA GLU A 49 11.89 60.89 34.61
C GLU A 49 12.46 59.53 35.00
N VAL A 50 11.70 58.72 35.75
CA VAL A 50 12.17 57.38 36.07
C VAL A 50 12.11 56.49 34.83
N LEU A 51 11.02 56.60 34.06
CA LEU A 51 10.88 55.92 32.77
C LEU A 51 10.54 56.94 31.69
N PRO A 52 11.54 57.58 31.09
CA PRO A 52 11.26 58.45 29.94
C PRO A 52 10.73 57.70 28.73
N SER A 53 11.04 56.41 28.60
CA SER A 53 10.66 55.64 27.42
C SER A 53 9.15 55.54 27.23
N LEU A 54 8.37 55.85 28.26
CA LEU A 54 6.91 55.88 28.12
C LEU A 54 6.47 56.92 27.11
N VAL A 55 7.33 57.87 26.75
CA VAL A 55 7.01 58.81 25.69
C VAL A 55 6.78 58.09 24.36
N GLU A 56 7.28 56.87 24.23
CA GLU A 56 7.08 56.08 23.01
C GLU A 56 5.71 55.40 22.97
N HIS A 57 4.98 55.36 24.07
CA HIS A 57 3.71 54.65 24.15
C HIS A 57 2.66 55.39 23.33
N LEU A 58 2.15 54.73 22.30
CA LEU A 58 1.03 55.25 21.52
C LEU A 58 -0.24 54.67 22.13
N CYS A 59 -0.95 55.50 22.89
CA CYS A 59 -2.14 55.06 23.60
C CYS A 59 -3.38 55.11 22.71
N SER A 60 -4.55 55.01 23.33
CA SER A 60 -5.85 55.04 22.65
C SER A 60 -6.04 56.29 21.79
N PRO A 61 -5.54 57.48 22.17
CA PRO A 61 -5.64 58.61 21.23
C PRO A 61 -4.98 58.37 19.89
N GLY A 62 -3.96 57.51 19.84
CA GLY A 62 -3.31 57.20 18.58
C GLY A 62 -2.20 58.14 18.18
N VAL A 63 -1.73 58.98 19.09
CA VAL A 63 -0.67 59.95 18.80
C VAL A 63 0.51 59.65 19.71
N LYS A 64 1.72 59.95 19.22
CA LYS A 64 2.93 59.77 20.00
C LYS A 64 2.82 60.53 21.32
N GLY A 65 3.15 59.85 22.41
CA GLY A 65 2.99 60.43 23.73
C GLY A 65 1.55 60.50 24.21
N GLY A 66 0.64 59.77 23.57
CA GLY A 66 -0.76 59.84 23.95
C GLY A 66 -1.00 59.37 25.38
N PHE A 67 -0.24 58.37 25.82
CA PHE A 67 -0.38 57.90 27.19
C PHE A 67 0.03 58.98 28.19
N LEU A 68 1.03 59.78 27.85
CA LEU A 68 1.42 60.89 28.73
C LEU A 68 0.29 61.91 28.85
N THR A 69 -0.38 62.23 27.74
CA THR A 69 -1.54 63.11 27.81
C THR A 69 -2.67 62.48 28.61
N ARG A 70 -2.84 61.15 28.48
CA ARG A 70 -3.85 60.45 29.27
C ARG A 70 -3.56 60.58 30.75
N VAL A 71 -2.29 60.46 31.14
CA VAL A 71 -1.90 60.68 32.53
C VAL A 71 -2.16 62.13 32.94
N GLU A 72 -1.89 63.07 32.03
CA GLU A 72 -2.10 64.49 32.32
C GLU A 72 -3.57 64.77 32.62
N LYS A 73 -4.47 64.20 31.83
CA LYS A 73 -5.90 64.45 32.02
C LYS A 73 -6.45 63.78 33.27
N GLY A 74 -5.71 62.88 33.90
CA GLY A 74 -6.21 62.16 35.06
C GLY A 74 -6.77 60.81 34.70
N THR A 75 -6.10 59.74 35.14
CA THR A 75 -6.47 58.39 34.76
C THR A 75 -6.23 57.46 35.94
N LEU A 76 -7.02 56.40 36.02
CA LEU A 76 -6.88 55.43 37.09
C LEU A 76 -5.51 54.76 37.04
N ILE A 77 -5.00 54.43 38.23
CA ILE A 77 -3.63 53.94 38.33
C ILE A 77 -3.44 52.54 37.75
N GLY A 78 -4.53 51.82 37.49
CA GLY A 78 -4.39 50.51 36.86
C GLY A 78 -3.81 50.60 35.46
N HIS A 79 -4.25 51.61 34.70
CA HIS A 79 -3.75 51.78 33.33
C HIS A 79 -2.26 52.10 33.34
N VAL A 80 -1.83 53.00 34.23
CA VAL A 80 -0.41 53.33 34.30
C VAL A 80 0.39 52.15 34.83
N ILE A 81 -0.20 51.35 35.72
CA ILE A 81 0.51 50.17 36.24
C ILE A 81 0.75 49.16 35.13
N GLU A 82 -0.28 48.88 34.32
CA GLU A 82 -0.07 47.94 33.23
C GLU A 82 0.89 48.50 32.19
N HIS A 83 0.84 49.82 31.94
CA HIS A 83 1.76 50.40 30.98
C HIS A 83 3.20 50.33 31.47
N VAL A 84 3.44 50.61 32.75
CA VAL A 84 4.80 50.54 33.25
C VAL A 84 5.27 49.09 33.30
N ALA A 85 4.36 48.14 33.52
CA ALA A 85 4.77 46.73 33.42
C ALA A 85 5.18 46.37 32.00
N ILE A 86 4.40 46.80 31.01
CA ILE A 86 4.76 46.55 29.61
C ILE A 86 6.12 47.14 29.28
N GLU A 87 6.34 48.40 29.66
CA GLU A 87 7.62 49.02 29.35
C GLU A 87 8.76 48.40 30.14
N LEU A 88 8.52 48.02 31.40
CA LEU A 88 9.55 47.45 32.24
C LEU A 88 10.02 46.10 31.72
N GLN A 89 9.10 45.28 31.22
CA GLN A 89 9.55 44.05 30.57
C GLN A 89 9.95 44.26 29.11
N GLU A 90 9.66 45.42 28.53
CA GLU A 90 10.16 45.76 27.21
C GLU A 90 11.63 46.16 27.25
N LEU A 91 12.06 46.78 28.35
CA LEU A 91 13.44 47.25 28.45
C LEU A 91 14.43 46.10 28.44
N ALA A 92 13.97 44.87 28.69
CA ALA A 92 14.83 43.69 28.66
C ALA A 92 14.91 43.07 27.27
N GLY A 93 14.34 43.71 26.25
CA GLY A 93 14.34 43.15 24.92
C GLY A 93 13.22 42.19 24.63
N MET A 94 12.12 42.25 25.39
CA MET A 94 11.01 41.32 25.25
C MET A 94 9.81 42.05 24.67
N PRO A 95 9.48 41.85 23.39
CA PRO A 95 8.39 42.60 22.76
C PRO A 95 7.03 42.09 23.21
N VAL A 96 6.25 42.96 23.84
CA VAL A 96 4.89 42.66 24.26
C VAL A 96 4.00 43.85 23.92
N GLY A 97 2.78 43.57 23.46
CA GLY A 97 1.90 44.63 23.03
C GLY A 97 0.43 44.48 23.39
N PHE A 98 0.13 43.81 24.49
CA PHE A 98 -1.26 43.61 24.92
C PHE A 98 -1.38 43.87 26.41
N GLY A 99 -2.47 44.50 26.81
CA GLY A 99 -2.74 44.79 28.20
C GLY A 99 -4.14 45.33 28.44
N ARG A 100 -4.81 44.86 29.48
CA ARG A 100 -6.17 45.29 29.77
C ARG A 100 -6.35 45.45 31.28
N THR A 101 -7.32 46.29 31.65
CA THR A 101 -7.65 46.54 33.04
C THR A 101 -9.16 46.67 33.18
N ARG A 102 -9.73 45.98 34.16
CA ARG A 102 -11.18 46.01 34.37
C ARG A 102 -11.48 46.07 35.87
N GLU A 103 -12.71 46.46 36.17
CA GLU A 103 -13.18 46.58 37.54
C GLU A 103 -13.88 45.31 37.99
N THR A 104 -13.53 44.82 39.17
CA THR A 104 -14.18 43.64 39.72
C THR A 104 -15.51 44.01 40.37
N SER A 105 -16.16 43.01 40.97
CA SER A 105 -17.43 43.25 41.65
C SER A 105 -17.25 44.19 42.83
N THR A 106 -16.23 43.96 43.65
CA THR A 106 -15.95 44.85 44.77
C THR A 106 -15.23 46.10 44.28
N THR A 107 -15.37 47.19 45.05
CA THR A 107 -14.86 48.48 44.60
C THR A 107 -13.35 48.58 44.76
N GLY A 108 -12.75 47.72 45.57
CA GLY A 108 -11.35 47.87 45.92
C GLY A 108 -10.37 46.98 45.16
N VAL A 109 -10.87 46.15 44.25
CA VAL A 109 -10.04 45.19 43.52
C VAL A 109 -10.19 45.43 42.03
N PHE A 110 -9.06 45.54 41.34
CA PHE A 110 -9.00 45.61 39.88
C PHE A 110 -8.40 44.32 39.33
N GLN A 111 -8.72 44.03 38.08
CA GLN A 111 -8.14 42.90 37.36
C GLN A 111 -7.30 43.44 36.21
N VAL A 112 -6.02 43.08 36.19
CA VAL A 112 -5.09 43.57 35.17
C VAL A 112 -4.48 42.38 34.46
N VAL A 113 -4.57 42.36 33.13
CA VAL A 113 -3.99 41.30 32.32
C VAL A 113 -2.88 41.90 31.47
N ILE A 114 -1.73 41.22 31.44
CA ILE A 114 -0.50 41.70 30.82
C ILE A 114 0.03 40.60 29.91
N GLU A 115 0.40 40.97 28.69
CA GLU A 115 1.03 40.02 27.79
C GLU A 115 2.47 39.77 28.20
N TYR A 116 2.91 38.52 28.08
CA TYR A 116 4.26 38.14 28.44
C TYR A 116 4.84 37.23 27.35
N GLU A 117 6.17 37.19 27.30
CA GLU A 117 6.88 36.24 26.46
C GLU A 117 7.52 35.11 27.24
N ASN A 118 8.00 35.37 28.44
CA ASN A 118 8.52 34.35 29.34
C ASN A 118 7.71 34.38 30.63
N GLU A 119 7.36 33.19 31.13
CA GLU A 119 6.47 33.12 32.29
C GLU A 119 7.10 33.75 33.52
N GLN A 120 8.33 33.34 33.87
CA GLN A 120 8.99 33.90 35.03
C GLN A 120 9.27 35.38 34.84
N ALA A 121 9.73 35.78 33.65
CA ALA A 121 9.99 37.18 33.40
C ALA A 121 8.71 38.00 33.48
N GLY A 122 7.62 37.49 32.93
CA GLY A 122 6.36 38.21 33.02
C GLY A 122 5.87 38.37 34.44
N ARG A 123 5.94 37.30 35.23
CA ARG A 123 5.51 37.39 36.62
C ARG A 123 6.40 38.36 37.40
N TYR A 124 7.71 38.33 37.16
CA TYR A 124 8.61 39.25 37.84
C TYR A 124 8.32 40.69 37.46
N ALA A 125 8.05 40.94 36.18
CA ALA A 125 7.73 42.30 35.76
C ALA A 125 6.43 42.78 36.39
N ALA A 126 5.43 41.90 36.45
CA ALA A 126 4.16 42.26 37.08
C ALA A 126 4.35 42.57 38.56
N ARG A 127 5.17 41.78 39.25
CA ARG A 127 5.42 42.04 40.66
C ARG A 127 6.21 43.34 40.86
N ALA A 128 7.12 43.64 39.94
CA ALA A 128 7.97 44.81 40.08
C ALA A 128 7.25 46.10 39.74
N ALA A 129 6.26 46.05 38.84
CA ALA A 129 5.57 47.27 38.44
C ALA A 129 4.82 47.91 39.61
N VAL A 130 4.11 47.08 40.40
CA VAL A 130 3.35 47.62 41.53
C VAL A 130 4.30 48.15 42.60
N ARG A 131 5.42 47.47 42.82
CA ARG A 131 6.41 47.96 43.78
C ARG A 131 6.98 49.30 43.34
N LEU A 132 7.29 49.43 42.05
CA LEU A 132 7.79 50.70 41.53
C LEU A 132 6.78 51.82 41.70
N CYS A 133 5.50 51.54 41.39
CA CYS A 133 4.47 52.56 41.53
C CYS A 133 4.26 52.95 42.98
N GLN A 134 4.29 51.97 43.89
CA GLN A 134 4.15 52.28 45.31
C GLN A 134 5.33 53.12 45.81
N SER A 135 6.54 52.78 45.38
CA SER A 135 7.71 53.58 45.77
C SER A 135 7.61 55.00 45.23
N ILE A 136 7.12 55.14 44.00
CA ILE A 136 6.95 56.49 43.42
C ILE A 136 5.94 57.29 44.22
N VAL A 137 4.79 56.68 44.54
CA VAL A 137 3.77 57.44 45.25
C VAL A 137 4.17 57.65 46.71
N ASP A 138 5.15 56.89 47.21
CA ASP A 138 5.58 57.08 48.59
C ASP A 138 6.68 58.13 48.71
N THR A 139 7.62 58.14 47.77
CA THR A 139 8.78 59.02 47.85
C THR A 139 8.86 60.06 46.75
N GLY A 140 8.11 59.91 45.66
CA GLY A 140 8.17 60.82 44.54
C GLY A 140 9.11 60.43 43.43
N THR A 141 9.97 59.44 43.65
CA THR A 141 10.90 58.96 42.63
C THR A 141 11.34 57.56 42.99
N TYR A 142 11.92 56.87 42.01
CA TYR A 142 12.43 55.52 42.19
C TYR A 142 13.95 55.53 42.03
N PRO A 143 14.69 54.91 42.94
CA PRO A 143 16.15 54.88 42.80
C PRO A 143 16.57 54.18 41.51
N ALA A 144 17.61 54.72 40.88
CA ALA A 144 18.08 54.15 39.62
C ALA A 144 18.75 52.79 39.83
N THR A 145 19.41 52.60 40.99
CA THR A 145 20.08 51.33 41.24
C THR A 145 19.08 50.18 41.31
N GLU A 146 17.92 50.40 41.93
CA GLU A 146 16.91 49.34 41.99
C GLU A 146 16.34 49.05 40.62
N LEU A 147 16.16 50.08 39.80
CA LEU A 147 15.67 49.88 38.43
C LEU A 147 16.66 49.06 37.62
N GLN A 148 17.95 49.38 37.75
CA GLN A 148 18.97 48.61 37.02
C GLN A 148 19.03 47.17 37.53
N GLN A 149 18.88 46.99 38.84
CA GLN A 149 18.84 45.64 39.40
C GLN A 149 17.68 44.85 38.83
N ASP A 150 16.49 45.46 38.75
CA ASP A 150 15.34 44.78 38.19
C ASP A 150 15.53 44.46 36.72
N LEU A 151 16.10 45.39 35.95
CA LEU A 151 16.32 45.14 34.53
C LEU A 151 17.32 44.01 34.31
N GLU A 152 18.42 44.00 35.06
CA GLU A 152 19.40 42.94 34.89
C GLU A 152 18.83 41.61 35.37
N ASP A 153 17.97 41.62 36.39
CA ASP A 153 17.32 40.40 36.82
C ASP A 153 16.39 39.88 35.73
N LEU A 154 15.65 40.77 35.07
CA LEU A 154 14.81 40.35 33.94
C LEU A 154 15.65 39.75 32.82
N LYS A 155 16.79 40.38 32.52
CA LYS A 155 17.66 39.86 31.47
C LYS A 155 18.20 38.48 31.85
N GLU A 156 18.57 38.28 33.11
CA GLU A 156 19.03 36.97 33.55
C GLU A 156 17.92 35.94 33.44
N LEU A 157 16.69 36.31 33.83
CA LEU A 157 15.57 35.39 33.71
C LEU A 157 15.31 35.01 32.27
N LYS A 158 15.38 35.99 31.36
CA LYS A 158 15.19 35.70 29.94
C LYS A 158 16.28 34.77 29.42
N ASN A 159 17.53 35.02 29.81
CA ASN A 159 18.63 34.18 29.33
C ASN A 159 18.54 32.76 29.90
N GLN A 160 18.07 32.63 31.13
CA GLN A 160 18.02 31.32 31.78
C GLN A 160 17.05 30.39 31.06
N ALA A 161 15.84 30.87 30.76
CA ALA A 161 14.82 30.08 30.08
C ALA A 161 14.91 30.29 28.57
N SER A 162 16.07 29.90 28.02
CA SER A 162 16.32 30.00 26.59
C SER A 162 16.91 28.70 26.09
N LEU A 163 16.63 28.38 24.83
CA LEU A 163 17.08 27.14 24.23
C LEU A 163 18.30 27.38 23.35
N GLY A 164 18.95 26.31 22.92
CA GLY A 164 20.06 26.42 22.00
C GLY A 164 19.58 26.84 20.63
N PRO A 165 20.43 27.60 19.93
CA PRO A 165 19.97 28.28 18.70
C PRO A 165 19.37 27.33 17.68
N SER A 166 19.91 26.12 17.56
CA SER A 166 19.31 25.12 16.69
C SER A 166 17.87 24.84 17.09
N THR A 167 17.61 24.83 18.40
CA THR A 167 16.26 24.53 18.87
C THR A 167 15.28 25.63 18.50
N GLU A 168 15.65 26.90 18.68
CA GLU A 168 14.77 27.97 18.22
C GLU A 168 14.59 27.95 16.71
N ALA A 169 15.65 27.63 15.97
CA ALA A 169 15.51 27.56 14.52
C ALA A 169 14.47 26.51 14.12
N ILE A 170 14.59 25.31 14.68
CA ILE A 170 13.66 24.23 14.33
C ILE A 170 12.25 24.55 14.84
N VAL A 171 12.14 25.15 16.02
CA VAL A 171 10.82 25.47 16.57
C VAL A 171 10.14 26.53 15.72
N LYS A 172 10.88 27.55 15.28
CA LYS A 172 10.30 28.56 14.41
C LYS A 172 9.86 27.95 13.08
N GLU A 173 10.68 27.06 12.52
CA GLU A 173 10.29 26.40 11.27
C GLU A 173 9.02 25.57 11.46
N ALA A 174 8.92 24.87 12.59
CA ALA A 174 7.72 24.08 12.86
C ALA A 174 6.49 24.97 13.04
N GLU A 175 6.65 26.09 13.75
CA GLU A 175 5.53 27.00 13.96
C GLU A 175 5.07 27.63 12.65
N ALA A 176 6.00 27.86 11.72
CA ALA A 176 5.62 28.40 10.42
C ALA A 176 4.74 27.43 9.64
N ARG A 177 4.78 26.14 9.95
CA ARG A 177 3.97 25.15 9.28
C ARG A 177 2.74 24.72 10.08
N GLY A 178 2.47 25.37 11.20
CA GLY A 178 1.32 25.03 12.01
C GLY A 178 1.37 23.65 12.65
N ILE A 179 2.54 23.25 13.13
CA ILE A 179 2.71 21.97 13.82
C ILE A 179 2.88 22.24 15.31
N PRO A 180 2.03 21.68 16.16
CA PRO A 180 2.14 21.96 17.60
C PRO A 180 3.45 21.43 18.17
N TRP A 181 3.98 22.16 19.15
CA TRP A 181 5.22 21.77 19.82
C TRP A 181 5.11 22.04 21.30
N THR A 182 5.64 21.13 22.10
CA THR A 182 5.67 21.25 23.55
C THR A 182 7.06 20.94 24.06
N GLN A 183 7.35 21.43 25.26
CA GLN A 183 8.66 21.22 25.89
C GLN A 183 8.53 20.19 27.01
N LEU A 184 9.17 19.05 26.83
CA LEU A 184 9.21 18.05 27.89
C LEU A 184 10.19 18.49 28.98
N GLY A 185 9.94 18.02 30.20
CA GLY A 185 10.72 18.41 31.35
C GLY A 185 11.89 17.51 31.69
N ALA A 186 12.22 16.54 30.85
CA ALA A 186 13.27 15.58 31.21
C ALA A 186 14.67 16.12 30.91
N ARG A 187 14.99 16.31 29.64
CA ARG A 187 16.34 16.67 29.21
C ARG A 187 16.30 17.72 28.12
N PHE A 188 15.48 18.75 28.30
CA PHE A 188 15.32 19.82 27.31
C PHE A 188 14.86 19.27 25.96
N MET A 189 14.05 18.22 25.98
CA MET A 189 13.54 17.63 24.76
C MET A 189 12.28 18.34 24.31
N ILE A 190 12.11 18.45 22.99
CA ILE A 190 10.96 19.10 22.38
C ILE A 190 10.17 18.04 21.63
N GLN A 191 8.85 18.02 21.86
CA GLN A 191 7.96 17.05 21.23
C GLN A 191 7.05 17.77 20.24
N PHE A 192 7.02 17.29 19.01
CA PHE A 192 6.17 17.82 17.96
C PHE A 192 5.02 16.86 17.70
N GLY A 193 3.82 17.39 17.60
CA GLY A 193 2.66 16.59 17.27
C GLY A 193 1.94 16.05 18.49
N TYR A 194 0.92 15.26 18.20
CA TYR A 194 0.06 14.67 19.22
C TYR A 194 -0.09 13.17 18.97
N GLY A 195 -0.28 12.42 20.05
CA GLY A 195 -0.62 11.02 19.95
C GLY A 195 0.40 10.16 19.22
N VAL A 196 -0.07 9.38 18.25
CA VAL A 196 0.80 8.45 17.53
C VAL A 196 1.65 9.11 16.46
N ASN A 197 1.45 10.41 16.21
CA ASN A 197 2.18 11.12 15.18
C ASN A 197 3.24 12.06 15.74
N GLN A 198 3.70 11.80 16.96
CA GLN A 198 4.64 12.71 17.62
C GLN A 198 6.08 12.32 17.31
N LYS A 199 6.95 13.31 17.36
CA LYS A 199 8.39 13.13 17.21
C LYS A 199 9.09 13.93 18.29
N LYS A 200 10.33 13.54 18.59
CA LYS A 200 11.09 14.18 19.65
C LYS A 200 12.47 14.57 19.14
N ILE A 201 12.92 15.78 19.52
CA ILE A 201 14.26 16.24 19.19
C ILE A 201 14.88 16.86 20.42
N GLN A 202 16.20 16.72 20.56
CA GLN A 202 16.87 17.39 21.67
C GLN A 202 17.56 18.67 21.24
N ALA A 203 18.57 18.56 20.39
CA ALA A 203 19.12 19.72 19.71
C ALA A 203 19.07 19.52 18.20
N THR A 204 19.67 18.42 17.75
CA THR A 204 19.56 17.98 16.37
C THR A 204 19.34 16.48 16.29
N LEU A 205 19.44 15.77 17.41
CA LEU A 205 19.19 14.34 17.46
C LEU A 205 17.70 14.09 17.53
N SER A 206 17.21 13.21 16.67
CA SER A 206 15.81 12.82 16.63
C SER A 206 15.65 11.48 17.32
N ASN A 207 14.39 11.08 17.51
CA ASN A 207 14.10 9.76 18.06
C ASN A 207 14.45 8.64 17.08
N GLN A 208 14.74 8.97 15.83
CA GLN A 208 15.14 7.98 14.84
C GLN A 208 16.65 7.75 14.83
N THR A 209 17.44 8.64 15.42
CA THR A 209 18.88 8.49 15.43
C THR A 209 19.28 7.29 16.30
N GLY A 210 20.16 6.44 15.77
CA GLY A 210 20.50 5.20 16.44
C GLY A 210 21.61 5.34 17.45
N ILE A 211 21.58 4.46 18.46
CA ILE A 211 22.68 4.39 19.42
C ILE A 211 23.95 3.93 18.73
N LEU A 212 23.85 2.95 17.83
CA LEU A 212 25.04 2.37 17.22
C LEU A 212 25.76 3.38 16.35
N GLY A 213 25.03 4.15 15.56
CA GLY A 213 25.65 5.15 14.71
C GLY A 213 26.35 6.24 15.52
N VAL A 214 25.69 6.73 16.57
CA VAL A 214 26.30 7.77 17.39
C VAL A 214 27.54 7.25 18.09
N GLU A 215 27.47 6.04 18.64
CA GLU A 215 28.66 5.47 19.29
C GLU A 215 29.79 5.24 18.31
N LEU A 216 29.48 4.78 17.08
CA LEU A 216 30.52 4.55 16.09
C LEU A 216 31.16 5.86 15.65
N ALA A 217 30.36 6.92 15.53
CA ALA A 217 30.91 8.20 15.11
C ALA A 217 31.89 8.76 16.13
N CYS A 218 31.67 8.49 17.42
CA CYS A 218 32.56 8.97 18.46
C CYS A 218 33.89 8.22 18.49
N ASP A 219 33.96 7.05 17.87
CA ASP A 219 35.19 6.27 17.81
C ASP A 219 35.87 6.53 16.48
N LYS A 220 37.01 7.23 16.51
CA LYS A 220 37.69 7.62 15.29
C LYS A 220 38.30 6.42 14.57
N GLU A 221 38.99 5.56 15.30
CA GLU A 221 39.62 4.40 14.67
C GLU A 221 38.57 3.46 14.10
N GLY A 222 37.47 3.24 14.83
CA GLY A 222 36.43 2.37 14.33
C GLY A 222 35.80 2.88 13.06
N THR A 223 35.46 4.17 13.01
CA THR A 223 34.86 4.72 11.81
C THR A 223 35.85 4.75 10.65
N LYS A 224 37.14 4.99 10.93
CA LYS A 224 38.13 4.94 9.86
C LYS A 224 38.23 3.54 9.28
N ARG A 225 38.26 2.52 10.15
CA ARG A 225 38.35 1.15 9.66
C ARG A 225 37.10 0.76 8.89
N ILE A 226 35.92 1.20 9.35
CA ILE A 226 34.69 0.90 8.63
C ILE A 226 34.69 1.56 7.25
N LEU A 227 35.10 2.82 7.19
CA LEU A 227 35.10 3.53 5.91
C LEU A 227 36.13 2.95 4.96
N LYS A 228 37.27 2.48 5.47
CA LYS A 228 38.28 1.88 4.59
C LYS A 228 37.75 0.61 3.94
N ASP A 229 37.00 -0.20 4.68
CA ASP A 229 36.45 -1.44 4.13
C ASP A 229 35.41 -1.19 3.06
N ALA A 230 34.83 0.00 2.98
CA ALA A 230 33.83 0.32 1.98
C ALA A 230 34.40 1.06 0.78
N GLY A 231 35.71 1.22 0.70
CA GLY A 231 36.35 1.90 -0.41
C GLY A 231 36.37 3.41 -0.33
N VAL A 232 35.94 3.99 0.78
CA VAL A 232 35.95 5.44 0.96
C VAL A 232 37.39 5.88 1.23
N PRO A 233 37.91 6.88 0.52
CA PRO A 233 39.29 7.35 0.77
C PRO A 233 39.42 7.94 2.16
N VAL A 234 40.35 7.40 2.94
CA VAL A 234 40.60 7.85 4.30
C VAL A 234 42.08 8.11 4.44
N PRO A 235 42.50 8.99 5.36
CA PRO A 235 43.93 9.27 5.52
C PRO A 235 44.69 8.03 5.95
N ARG A 236 45.80 7.78 5.27
CA ARG A 236 46.63 6.62 5.57
C ARG A 236 47.37 6.81 6.90
N GLY A 237 47.48 5.71 7.65
CA GLY A 237 48.16 5.75 8.94
C GLY A 237 48.53 4.36 9.39
N THR A 238 49.40 4.32 10.40
CA THR A 238 49.90 3.06 10.93
C THR A 238 50.21 3.22 12.42
N VAL A 239 49.95 2.16 13.17
CA VAL A 239 50.23 2.13 14.61
C VAL A 239 51.64 1.61 14.82
N ALA A 240 52.27 2.08 15.90
CA ALA A 240 53.62 1.66 16.25
C ALA A 240 53.81 1.80 17.75
N ARG A 241 54.65 0.94 18.32
CA ARG A 241 54.94 0.97 19.75
C ARG A 241 56.42 1.14 20.08
N TYR A 242 57.32 0.86 19.14
CA TYR A 242 58.76 0.97 19.38
C TYR A 242 59.35 2.06 18.51
N PHE A 243 60.41 2.69 19.01
CA PHE A 243 61.05 3.80 18.30
C PHE A 243 61.58 3.36 16.94
N ASP A 244 62.30 2.23 16.91
CA ASP A 244 62.95 1.81 15.67
C ASP A 244 61.96 1.54 14.56
N GLU A 245 60.71 1.22 14.91
CA GLU A 245 59.69 0.98 13.91
C GLU A 245 59.21 2.25 13.21
N LEU A 246 59.38 3.41 13.84
CA LEU A 246 58.85 4.66 13.26
C LEU A 246 59.35 4.85 11.83
N GLN A 247 60.66 4.67 11.61
CA GLN A 247 61.22 4.79 10.27
C GLN A 247 60.45 3.92 9.28
N ASP A 248 60.21 2.65 9.64
CA ASP A 248 59.46 1.77 8.74
C ASP A 248 58.07 2.32 8.47
N ALA A 249 57.42 2.88 9.48
CA ALA A 249 56.11 3.49 9.29
C ALA A 249 56.18 4.63 8.30
N ILE A 250 57.27 5.41 8.33
CA ILE A 250 57.43 6.51 7.39
C ILE A 250 57.45 5.99 5.96
N GLU A 251 57.96 4.76 5.79
CA GLU A 251 57.95 4.16 4.45
C GLU A 251 56.52 3.86 3.99
N TYR A 252 55.65 3.46 4.92
CA TYR A 252 54.30 3.08 4.51
C TYR A 252 53.45 4.31 4.20
N VAL A 253 53.56 5.35 5.03
CA VAL A 253 52.73 6.54 4.83
C VAL A 253 53.15 7.32 3.59
N GLY A 254 54.39 7.18 3.15
CA GLY A 254 54.87 7.83 1.96
C GLY A 254 55.89 8.96 2.17
N GLY A 255 56.39 9.13 3.39
CA GLY A 255 57.39 10.16 3.64
C GLY A 255 56.96 11.23 4.61
N TYR A 256 57.15 12.49 4.22
CA TYR A 256 56.85 13.65 5.05
C TYR A 256 55.91 14.59 4.30
N PRO A 257 55.12 15.40 5.02
CA PRO A 257 55.01 15.50 6.48
C PRO A 257 54.11 14.43 7.09
N ILE A 258 54.13 14.31 8.42
CA ILE A 258 53.36 13.31 9.14
C ILE A 258 52.70 13.95 10.34
N VAL A 259 51.74 13.22 10.92
CA VAL A 259 50.99 13.63 12.10
C VAL A 259 51.08 12.52 13.13
N ILE A 260 51.33 12.91 14.38
CA ILE A 260 51.56 11.99 15.49
C ILE A 260 50.35 12.07 16.42
N LYS A 261 49.75 10.93 16.75
CA LYS A 261 48.65 10.99 17.71
C LYS A 261 48.64 9.73 18.57
N PRO A 262 48.09 9.81 19.77
CA PRO A 262 48.01 8.63 20.64
C PRO A 262 46.75 7.82 20.38
N LEU A 263 46.82 6.54 20.74
CA LEU A 263 45.70 5.62 20.49
C LEU A 263 44.48 6.00 21.32
N ASP A 264 44.68 6.20 22.62
CA ASP A 264 43.57 6.47 23.55
C ASP A 264 43.71 7.89 24.07
N GLY A 265 42.92 8.79 23.52
CA GLY A 265 42.92 10.18 23.95
C GLY A 265 41.70 10.92 23.48
N ASN A 266 41.16 11.81 24.31
CA ASN A 266 39.99 12.60 23.98
C ASN A 266 40.35 14.08 23.90
N HIS A 267 39.65 14.79 23.01
CA HIS A 267 39.84 16.23 22.81
C HIS A 267 41.29 16.55 22.45
N GLY A 268 41.93 15.68 21.68
CA GLY A 268 43.26 15.94 21.16
C GLY A 268 44.36 16.04 22.20
N ARG A 269 44.44 15.06 23.09
CA ARG A 269 45.51 15.06 24.09
C ARG A 269 46.83 14.65 23.46
N GLY A 270 47.82 15.54 23.53
CA GLY A 270 49.17 15.22 23.08
C GLY A 270 49.28 14.86 21.61
N ILE A 271 48.67 15.66 20.74
CA ILE A 271 48.68 15.41 19.30
C ILE A 271 49.34 16.61 18.62
N THR A 272 50.29 16.33 17.73
CA THR A 272 50.94 17.37 16.95
C THR A 272 50.17 17.60 15.65
N ILE A 273 50.50 18.68 14.97
CA ILE A 273 49.81 19.09 13.74
C ILE A 273 50.66 18.83 12.50
N ASP A 274 51.85 19.43 12.44
CA ASP A 274 52.69 19.33 11.25
C ASP A 274 54.15 19.22 11.68
N VAL A 275 54.80 18.14 11.29
CA VAL A 275 56.24 17.95 11.46
C VAL A 275 56.82 17.49 10.14
N LYS A 276 58.01 18.00 9.79
CA LYS A 276 58.60 17.76 8.48
C LYS A 276 60.06 17.31 8.54
N ASN A 277 60.56 16.94 9.71
CA ASN A 277 61.94 16.46 9.81
C ASN A 277 61.99 15.40 10.89
N TRP A 278 63.20 15.07 11.35
CA TRP A 278 63.38 13.94 12.25
C TRP A 278 63.30 14.35 13.72
N GLN A 279 63.95 15.48 14.08
CA GLN A 279 64.02 15.86 15.49
C GLN A 279 62.65 16.29 16.02
N GLU A 280 61.90 17.07 15.23
CA GLU A 280 60.58 17.49 15.69
C GLU A 280 59.65 16.29 15.78
N ALA A 281 59.77 15.34 14.84
CA ALA A 281 58.98 14.12 14.92
C ALA A 281 59.32 13.32 16.17
N GLU A 282 60.62 13.24 16.49
CA GLU A 282 61.04 12.51 17.69
C GLU A 282 60.49 13.16 18.95
N GLU A 283 60.60 14.47 19.06
CA GLU A 283 60.10 15.13 20.27
C GLU A 283 58.58 15.07 20.36
N ALA A 284 57.87 15.17 19.24
CA ALA A 284 56.42 15.01 19.26
C ALA A 284 56.03 13.60 19.66
N TYR A 285 56.75 12.59 19.16
CA TYR A 285 56.47 11.21 19.55
C TYR A 285 56.72 11.01 21.03
N ASP A 286 57.81 11.58 21.56
CA ASP A 286 58.08 11.47 22.99
C ASP A 286 56.98 12.13 23.82
N LEU A 287 56.53 13.33 23.40
CA LEU A 287 55.47 14.01 24.12
C LEU A 287 54.18 13.20 24.08
N ALA A 288 53.83 12.65 22.91
CA ALA A 288 52.63 11.84 22.82
C ALA A 288 52.72 10.58 23.67
N ARG A 289 53.89 9.92 23.66
CA ARG A 289 54.07 8.72 24.45
C ARG A 289 53.96 9.01 25.94
N LYS A 290 54.53 10.12 26.38
CA LYS A 290 54.35 10.56 27.76
C LYS A 290 52.90 10.96 28.04
N ALA A 291 52.15 11.36 27.02
CA ALA A 291 50.73 11.64 27.18
C ALA A 291 49.84 10.44 26.91
N SER A 292 50.33 9.48 26.09
CA SER A 292 49.55 8.29 25.80
C SER A 292 49.47 7.39 27.02
N LYS A 293 48.30 6.76 27.19
CA LYS A 293 48.08 5.87 28.32
C LYS A 293 48.50 4.44 28.05
N THR A 294 48.87 4.11 26.81
CA THR A 294 49.25 2.74 26.45
C THR A 294 50.57 2.67 25.68
N LYS A 295 51.32 3.77 25.61
CA LYS A 295 52.68 3.79 25.07
C LYS A 295 52.69 3.63 23.56
N THR A 296 51.53 3.35 22.96
CA THR A 296 51.44 3.14 21.53
C THR A 296 50.89 4.37 20.82
N VAL A 297 51.40 4.62 19.61
CA VAL A 297 51.16 5.87 18.89
C VAL A 297 50.89 5.56 17.43
N ILE A 298 49.92 6.25 16.84
CA ILE A 298 49.65 6.14 15.41
C ILE A 298 50.26 7.34 14.69
N VAL A 299 50.99 7.04 13.61
CA VAL A 299 51.57 8.04 12.73
C VAL A 299 50.81 7.98 11.41
N GLU A 300 50.35 9.13 10.93
CA GLU A 300 49.55 9.16 9.72
C GLU A 300 50.04 10.25 8.78
N ARG A 301 49.75 10.05 7.49
CA ARG A 301 50.17 11.01 6.47
C ARG A 301 49.38 12.30 6.60
N TYR A 302 50.08 13.42 6.59
CA TYR A 302 49.46 14.73 6.70
C TYR A 302 48.96 15.17 5.34
N TYR A 303 47.66 15.47 5.26
CA TYR A 303 47.02 15.86 4.02
C TYR A 303 46.82 17.37 4.02
N THR A 304 47.32 18.03 2.98
CA THR A 304 47.19 19.47 2.83
C THR A 304 46.09 19.78 1.83
N GLY A 305 45.39 20.87 2.07
CA GLY A 305 44.29 21.28 1.20
C GLY A 305 43.22 21.99 1.99
N LYS A 306 42.25 22.53 1.26
CA LYS A 306 41.16 23.26 1.89
C LYS A 306 40.21 22.28 2.56
N ASP A 307 39.71 22.65 3.73
CA ASP A 307 38.81 21.81 4.51
C ASP A 307 37.38 22.31 4.38
N HIS A 308 36.45 21.37 4.22
CA HIS A 308 35.04 21.65 4.04
C HIS A 308 34.21 20.87 5.06
N ARG A 309 33.09 21.45 5.45
CA ARG A 309 32.13 20.81 6.35
C ARG A 309 30.83 20.59 5.58
N VAL A 310 30.46 19.33 5.40
CA VAL A 310 29.29 18.95 4.62
C VAL A 310 28.22 18.44 5.57
N LEU A 311 27.00 18.95 5.41
CA LEU A 311 25.87 18.55 6.21
C LEU A 311 24.99 17.60 5.40
N VAL A 312 24.71 16.42 5.95
CA VAL A 312 23.90 15.42 5.28
C VAL A 312 22.67 15.17 6.14
N VAL A 313 21.49 15.39 5.56
CA VAL A 313 20.21 15.15 6.23
C VAL A 313 19.42 14.15 5.40
N ASN A 314 18.96 13.09 6.04
CA ASN A 314 18.15 12.06 5.39
C ASN A 314 18.83 11.48 4.15
N GLY A 315 20.16 11.36 4.21
CA GLY A 315 20.89 10.82 3.09
C GLY A 315 21.08 11.77 1.92
N LYS A 316 20.78 13.05 2.08
CA LYS A 316 20.96 14.03 1.02
C LYS A 316 21.83 15.17 1.53
N VAL A 317 22.74 15.65 0.68
CA VAL A 317 23.60 16.76 1.05
C VAL A 317 22.78 18.05 1.02
N VAL A 318 22.75 18.75 2.15
CA VAL A 318 21.97 19.97 2.28
C VAL A 318 22.82 21.22 2.06
N ALA A 319 23.97 21.30 2.73
CA ALA A 319 24.82 22.47 2.60
C ALA A 319 26.28 22.05 2.68
N VAL A 320 27.11 22.75 1.92
CA VAL A 320 28.56 22.55 1.93
C VAL A 320 29.20 23.89 2.27
N ALA A 321 30.07 23.90 3.27
CA ALA A 321 30.73 25.11 3.72
C ALA A 321 32.23 24.91 3.78
N GLU A 322 32.97 25.89 3.26
CA GLU A 322 34.42 25.89 3.27
C GLU A 322 34.88 26.75 4.43
N ARG A 323 35.80 26.22 5.24
CA ARG A 323 36.34 26.95 6.37
C ARG A 323 37.65 27.61 5.98
N VAL A 324 37.80 28.89 6.31
CA VAL A 324 39.05 29.62 6.15
C VAL A 324 39.52 30.05 7.55
N PRO A 325 40.76 29.76 7.93
CA PRO A 325 41.21 30.10 9.28
C PRO A 325 41.17 31.60 9.52
N ALA A 326 41.00 31.97 10.80
CA ALA A 326 40.94 33.38 11.17
C ALA A 326 42.18 34.10 10.68
N HIS A 327 41.96 35.21 9.98
CA HIS A 327 43.03 35.90 9.27
C HIS A 327 42.68 37.38 9.17
N VAL A 328 43.64 38.15 8.63
CA VAL A 328 43.42 39.54 8.30
C VAL A 328 44.04 39.82 6.93
N VAL A 329 43.48 40.80 6.24
CA VAL A 329 43.94 41.18 4.91
C VAL A 329 44.32 42.65 4.94
N GLY A 330 45.48 42.97 4.38
CA GLY A 330 45.92 44.35 4.31
C GLY A 330 45.53 45.02 3.01
N ASN A 331 44.31 44.78 2.55
CA ASN A 331 43.85 45.37 1.30
C ASN A 331 43.58 46.86 1.45
N GLY A 332 43.44 47.37 2.68
CA GLY A 332 43.24 48.78 2.92
C GLY A 332 44.54 49.50 3.20
N LYS A 333 45.66 48.86 2.88
CA LYS A 333 47.00 49.41 3.12
C LYS A 333 47.20 49.77 4.59
N SER A 334 46.71 48.91 5.47
CA SER A 334 46.79 49.13 6.90
C SER A 334 47.25 47.85 7.60
N THR A 335 47.90 48.01 8.74
CA THR A 335 48.41 46.90 9.51
C THR A 335 47.42 46.53 10.63
N ILE A 336 47.77 45.53 11.42
CA ILE A 336 46.84 44.99 12.41
C ILE A 336 46.45 46.05 13.43
N ALA A 337 47.35 47.02 13.68
CA ALA A 337 47.09 48.03 14.70
C ALA A 337 45.84 48.84 14.43
N GLU A 338 45.41 48.91 13.16
CA GLU A 338 44.15 49.59 12.84
C GLU A 338 43.03 48.62 12.52
N LEU A 339 43.35 47.46 11.93
CA LEU A 339 42.32 46.47 11.66
C LEU A 339 41.70 45.93 12.94
N ILE A 340 42.40 46.01 14.07
CA ILE A 340 41.82 45.56 15.33
C ILE A 340 40.57 46.37 15.66
N GLU A 341 40.64 47.69 15.52
CA GLU A 341 39.47 48.53 15.68
C GLU A 341 38.53 48.48 14.50
N GLU A 342 39.05 48.27 13.29
CA GLU A 342 38.20 48.20 12.10
C GLU A 342 37.23 47.03 12.19
N THR A 343 37.71 45.87 12.67
CA THR A 343 36.86 44.69 12.76
C THR A 343 35.82 44.82 13.86
N ASN A 344 36.14 45.58 14.92
CA ASN A 344 35.22 45.72 16.05
C ASN A 344 33.95 46.47 15.68
N ARG A 345 33.96 47.22 14.57
CA ARG A 345 32.79 47.98 14.15
C ARG A 345 31.73 47.12 13.48
N ASP A 346 32.05 45.88 13.13
CA ASP A 346 31.06 44.99 12.55
C ASP A 346 30.13 44.47 13.64
N PRO A 347 28.81 44.61 13.47
CA PRO A 347 27.88 44.17 14.52
C PRO A 347 27.89 42.66 14.76
N GLN A 348 28.40 41.86 13.82
CA GLN A 348 28.37 40.42 13.97
C GLN A 348 29.26 39.94 15.12
N ARG A 349 30.31 40.69 15.45
CA ARG A 349 31.23 40.27 16.48
C ARG A 349 30.57 40.29 17.85
N GLY A 350 30.85 39.26 18.65
CA GLY A 350 30.28 39.15 19.98
C GLY A 350 30.85 37.97 20.71
N ASP A 351 30.47 37.85 21.97
CA ASP A 351 30.92 36.77 22.84
C ASP A 351 29.90 35.63 22.81
N GLY A 352 30.16 34.59 23.58
CA GLY A 352 29.28 33.44 23.65
C GLY A 352 29.49 32.48 22.50
N HIS A 353 28.56 31.55 22.37
CA HIS A 353 28.60 30.53 21.32
C HIS A 353 27.36 30.58 20.43
N ASP A 354 26.71 31.74 20.34
CA ASP A 354 25.53 31.90 19.50
C ASP A 354 25.81 32.61 18.19
N ASN A 355 26.86 33.43 18.14
CA ASN A 355 27.24 34.16 16.94
C ASN A 355 28.43 33.50 16.28
N ILE A 356 28.40 33.39 14.96
CA ILE A 356 29.49 32.74 14.23
C ILE A 356 30.77 33.55 14.31
N LEU A 357 30.65 34.87 14.27
CA LEU A 357 31.80 35.77 14.29
C LEU A 357 32.11 36.15 15.73
N THR A 358 33.19 35.59 16.27
CA THR A 358 33.62 35.89 17.63
C THR A 358 34.76 36.89 17.61
N ARG A 359 35.00 37.53 18.75
CA ARG A 359 36.08 38.49 18.87
C ARG A 359 37.43 37.80 18.69
N ILE A 360 38.35 38.50 18.03
CA ILE A 360 39.69 37.96 17.79
C ILE A 360 40.48 37.97 19.08
N THR A 361 40.66 36.79 19.68
CA THR A 361 41.39 36.66 20.94
C THR A 361 42.89 36.59 20.64
N VAL A 362 43.63 37.63 21.02
CA VAL A 362 45.08 37.65 20.81
C VAL A 362 45.71 37.03 22.04
N ASP A 363 45.81 35.71 22.02
CA ASP A 363 46.40 34.96 23.13
C ASP A 363 47.89 34.75 22.90
N LYS A 364 48.55 34.20 23.92
CA LYS A 364 49.98 33.94 23.81
C LYS A 364 50.29 32.92 22.72
N SER A 365 49.49 31.85 22.64
CA SER A 365 49.69 30.86 21.60
C SER A 365 49.48 31.45 20.21
N ALA A 366 48.40 32.24 20.05
CA ALA A 366 48.14 32.86 18.75
C ALA A 366 49.23 33.86 18.38
N LEU A 367 49.70 34.63 19.37
CA LEU A 367 50.79 35.57 19.11
C LEU A 367 52.06 34.85 18.68
N ASP A 368 52.37 33.73 19.34
CA ASP A 368 53.53 32.94 18.94
C ASP A 368 53.37 32.38 17.54
N ILE A 369 52.16 31.89 17.22
CA ILE A 369 51.92 31.32 15.90
C ILE A 369 52.09 32.38 14.82
N LEU A 370 51.54 33.57 15.03
CA LEU A 370 51.71 34.63 14.04
C LEU A 370 53.14 35.15 13.99
N GLY A 371 53.88 35.08 15.10
CA GLY A 371 55.29 35.42 15.05
C GLY A 371 56.09 34.44 14.22
N LYS A 372 55.82 33.15 14.38
CA LYS A 372 56.48 32.13 13.55
C LYS A 372 55.80 31.94 12.21
N GLN A 373 54.70 32.66 11.94
CA GLN A 373 54.04 32.56 10.64
C GLN A 373 54.95 33.03 9.52
N GLY A 374 55.82 33.99 9.80
CA GLY A 374 56.71 34.56 8.80
C GLY A 374 56.48 36.02 8.50
N TYR A 375 55.60 36.69 9.24
CA TYR A 375 55.33 38.11 9.07
C TYR A 375 55.51 38.81 10.40
N SER A 376 55.47 40.15 10.37
CA SER A 376 55.61 40.98 11.55
C SER A 376 54.33 41.78 11.76
N ILE A 377 54.32 42.56 12.84
CA ILE A 377 53.14 43.38 13.15
C ILE A 377 52.93 44.44 12.07
N ASP A 378 54.01 45.11 11.65
CA ASP A 378 53.93 46.17 10.65
C ASP A 378 54.24 45.68 9.25
N SER A 379 54.47 44.39 9.06
CA SER A 379 54.81 43.87 7.73
C SER A 379 53.58 43.88 6.85
N ILE A 380 53.65 44.62 5.74
CA ILE A 380 52.55 44.65 4.78
C ILE A 380 52.45 43.31 4.07
N PRO A 381 51.26 42.76 3.86
CA PRO A 381 51.15 41.50 3.11
C PRO A 381 51.67 41.65 1.68
N LEU A 382 52.29 40.58 1.19
CA LEU A 382 52.88 40.57 -0.14
C LEU A 382 51.80 40.28 -1.17
N LYS A 383 51.71 41.15 -2.19
CA LYS A 383 50.79 41.00 -3.31
C LYS A 383 49.33 41.12 -2.87
N GLY A 384 49.11 41.33 -1.58
CA GLY A 384 47.77 41.43 -1.05
C GLY A 384 47.18 40.08 -0.71
N LYS A 385 47.88 39.33 0.14
CA LYS A 385 47.47 37.98 0.52
C LYS A 385 47.02 37.97 1.98
N LYS A 386 46.03 37.12 2.26
CA LYS A 386 45.55 36.97 3.63
C LYS A 386 46.66 36.42 4.52
N CYS A 387 46.80 36.99 5.71
CA CYS A 387 47.74 36.49 6.70
C CYS A 387 46.96 35.97 7.89
N PHE A 388 47.18 34.71 8.24
CA PHE A 388 46.37 34.04 9.24
C PHE A 388 46.89 34.30 10.64
N LEU A 389 45.98 34.24 11.61
CA LEU A 389 46.31 34.41 13.02
C LEU A 389 46.33 33.10 13.78
N ARG A 390 45.59 32.09 13.33
CA ARG A 390 45.61 30.77 13.92
C ARG A 390 45.51 29.74 12.81
N ALA A 391 45.68 28.47 13.18
CA ALA A 391 45.65 27.37 12.21
C ALA A 391 44.56 26.34 12.51
N THR A 392 43.71 26.58 13.51
CA THR A 392 42.67 25.63 13.84
C THR A 392 41.50 25.66 12.87
N ALA A 393 41.34 26.75 12.13
CA ALA A 393 40.27 26.91 11.13
C ALA A 393 38.89 26.59 11.74
N ASN A 394 38.57 27.34 12.80
CA ASN A 394 37.33 27.16 13.52
C ASN A 394 36.54 28.45 13.52
N LEU A 395 35.21 28.32 13.38
CA LEU A 395 34.35 29.49 13.39
C LEU A 395 34.24 30.11 14.76
N SER A 396 34.28 29.28 15.81
CA SER A 396 34.27 29.81 17.18
C SER A 396 35.52 30.62 17.45
N THR A 397 36.66 30.18 16.90
CA THR A 397 37.90 30.96 17.04
C THR A 397 37.80 32.29 16.29
N GLY A 398 37.03 32.31 15.19
CA GLY A 398 36.95 33.51 14.38
C GLY A 398 37.19 33.26 12.90
N GLY A 399 37.02 32.02 12.48
CA GLY A 399 37.19 31.66 11.08
C GLY A 399 36.08 32.23 10.21
N ILE A 400 36.19 31.94 8.91
CA ILE A 400 35.26 32.45 7.91
C ILE A 400 34.66 31.29 7.14
N ALA A 401 33.35 31.32 6.96
CA ALA A 401 32.64 30.32 6.19
C ALA A 401 32.39 30.84 4.77
N VAL A 402 32.49 29.93 3.80
CA VAL A 402 32.20 30.25 2.41
C VAL A 402 31.23 29.19 1.88
N ASP A 403 30.19 29.64 1.18
CA ASP A 403 29.20 28.71 0.67
C ASP A 403 29.70 28.09 -0.64
N ARG A 404 29.74 26.75 -0.68
CA ARG A 404 30.17 26.01 -1.85
C ARG A 404 29.15 24.94 -2.23
N THR A 405 27.88 25.15 -1.88
CA THR A 405 26.87 24.13 -2.11
C THR A 405 26.65 23.88 -3.60
N ASP A 406 26.66 24.93 -4.42
CA ASP A 406 26.33 24.77 -5.83
C ASP A 406 27.46 24.11 -6.61
N GLU A 407 28.72 24.44 -6.30
CA GLU A 407 29.86 23.96 -7.07
C GLU A 407 30.46 22.72 -6.42
N ILE A 408 29.70 21.62 -6.45
CA ILE A 408 30.15 20.34 -5.94
C ILE A 408 29.86 19.27 -6.98
N HIS A 409 30.83 18.38 -7.20
CA HIS A 409 30.67 17.33 -8.18
C HIS A 409 29.60 16.33 -7.73
N PRO A 410 28.77 15.83 -8.65
CA PRO A 410 27.75 14.84 -8.27
C PRO A 410 28.33 13.58 -7.67
N GLU A 411 29.51 13.14 -8.12
CA GLU A 411 30.14 11.97 -7.54
C GLU A 411 30.48 12.19 -6.08
N ASN A 412 30.93 13.39 -5.73
CA ASN A 412 31.20 13.70 -4.33
C ASN A 412 29.93 13.63 -3.50
N VAL A 413 28.81 14.14 -4.05
CA VAL A 413 27.54 14.07 -3.33
C VAL A 413 27.14 12.62 -3.10
N TRP A 414 27.28 11.78 -4.13
CA TRP A 414 26.95 10.37 -3.99
C TRP A 414 27.82 9.71 -2.93
N LEU A 415 29.12 10.02 -2.96
CA LEU A 415 30.04 9.43 -1.98
C LEU A 415 29.69 9.84 -0.56
N LEU A 416 29.37 11.12 -0.36
CA LEU A 416 29.04 11.59 0.98
C LEU A 416 27.73 10.98 1.48
N SER A 417 26.74 10.87 0.59
CA SER A 417 25.49 10.20 0.99
C SER A 417 25.75 8.75 1.36
N ARG A 418 26.59 8.06 0.59
CA ARG A 418 26.92 6.68 0.92
C ARG A 418 27.63 6.58 2.26
N VAL A 419 28.53 7.52 2.55
CA VAL A 419 29.23 7.52 3.84
C VAL A 419 28.24 7.71 4.98
N ALA A 420 27.32 8.67 4.83
CA ALA A 420 26.33 8.92 5.87
C ALA A 420 25.44 7.71 6.10
N LYS A 421 25.03 7.03 5.02
CA LYS A 421 24.23 5.82 5.18
C LYS A 421 25.03 4.68 5.81
N ILE A 422 26.31 4.57 5.47
CA ILE A 422 27.14 3.50 6.02
C ILE A 422 27.30 3.67 7.52
N ILE A 423 27.60 4.89 7.97
CA ILE A 423 27.75 5.11 9.41
C ILE A 423 26.42 4.89 10.12
N GLY A 424 25.32 5.32 9.51
CA GLY A 424 24.01 5.11 10.08
C GLY A 424 23.50 6.30 10.85
N LEU A 425 23.61 7.49 10.26
CA LEU A 425 23.18 8.73 10.90
C LEU A 425 22.21 9.46 9.99
N ASP A 426 21.06 9.83 10.54
CA ASP A 426 20.07 10.58 9.77
C ASP A 426 20.56 12.00 9.48
N ILE A 427 21.15 12.64 10.49
CA ILE A 427 21.76 13.96 10.34
C ILE A 427 23.22 13.84 10.75
N ALA A 428 24.12 14.20 9.84
CA ALA A 428 25.54 14.02 10.07
C ALA A 428 26.33 15.20 9.52
N GLY A 429 27.49 15.45 10.13
CA GLY A 429 28.41 16.46 9.63
C GLY A 429 29.77 15.86 9.32
N ILE A 430 30.16 15.89 8.05
CA ILE A 430 31.38 15.24 7.58
C ILE A 430 32.43 16.29 7.30
N ASP A 431 33.66 16.04 7.75
CA ASP A 431 34.79 16.91 7.49
C ASP A 431 35.61 16.33 6.34
N VAL A 432 35.80 17.12 5.29
CA VAL A 432 36.55 16.68 4.12
C VAL A 432 37.74 17.61 3.93
N VAL A 433 38.84 17.06 3.43
CA VAL A 433 40.03 17.85 3.09
C VAL A 433 40.35 17.55 1.64
N THR A 434 40.33 18.57 0.80
CA THR A 434 40.55 18.39 -0.63
C THR A 434 41.14 19.66 -1.24
N GLU A 435 41.78 19.48 -2.40
CA GLU A 435 42.31 20.62 -3.14
C GLU A 435 41.18 21.38 -3.84
N ASP A 436 40.18 20.65 -4.34
CA ASP A 436 39.04 21.25 -5.02
C ASP A 436 37.81 20.40 -4.77
N ILE A 437 36.71 21.06 -4.38
CA ILE A 437 35.45 20.35 -4.14
C ILE A 437 34.63 20.17 -5.40
N SER A 438 35.03 20.81 -6.50
CA SER A 438 34.33 20.69 -7.77
C SER A 438 34.81 19.52 -8.61
N GLN A 439 35.75 18.74 -8.09
CA GLN A 439 36.29 17.58 -8.78
C GLN A 439 36.16 16.35 -7.90
N PRO A 440 36.08 15.16 -8.50
CA PRO A 440 35.96 13.94 -7.68
C PRO A 440 37.17 13.73 -6.79
N LEU A 441 36.94 13.12 -5.64
CA LEU A 441 37.98 12.92 -4.64
C LEU A 441 39.03 11.89 -5.06
N ARG A 442 38.94 11.35 -6.28
CA ARG A 442 39.93 10.38 -6.75
C ARG A 442 41.08 11.05 -7.48
N GLU A 443 40.76 11.97 -8.40
CA GLU A 443 41.81 12.69 -9.12
C GLU A 443 42.65 13.52 -8.17
N VAL A 444 42.01 14.35 -7.36
CA VAL A 444 42.70 15.07 -6.30
C VAL A 444 42.88 14.15 -5.10
N GLU A 445 43.84 14.49 -4.25
CA GLU A 445 44.15 13.69 -3.07
C GLU A 445 43.25 14.12 -1.91
N GLY A 446 41.95 13.86 -2.07
CA GLY A 446 41.00 14.19 -1.04
C GLY A 446 40.68 13.00 -0.15
N VAL A 447 40.44 13.30 1.13
CA VAL A 447 40.17 12.27 2.12
C VAL A 447 39.02 12.73 3.01
N ILE A 448 38.41 11.76 3.69
CA ILE A 448 37.36 12.01 4.68
C ILE A 448 37.99 11.98 6.05
N VAL A 449 37.88 13.07 6.79
CA VAL A 449 38.57 13.21 8.07
C VAL A 449 37.76 12.59 9.21
N GLU A 450 36.54 13.08 9.43
CA GLU A 450 35.75 12.62 10.57
C GLU A 450 34.28 12.88 10.32
N VAL A 451 33.45 12.23 11.13
CA VAL A 451 32.00 12.35 11.07
C VAL A 451 31.49 12.72 12.47
N ASN A 452 30.56 13.67 12.51
CA ASN A 452 29.97 14.13 13.76
C ASN A 452 28.47 13.85 13.74
N ALA A 453 27.95 13.32 14.85
CA ALA A 453 26.58 12.85 14.93
C ALA A 453 25.58 13.95 15.22
N ALA A 454 25.97 14.97 15.99
CA ALA A 454 25.08 16.05 16.39
C ALA A 454 25.73 17.38 16.01
N PRO A 455 25.70 17.75 14.73
CA PRO A 455 26.37 18.98 14.30
C PRO A 455 25.47 20.20 14.41
N GLY A 456 26.12 21.34 14.62
CA GLY A 456 25.43 22.60 14.56
C GLY A 456 25.42 23.18 13.17
N PHE A 457 24.33 23.88 12.83
CA PHE A 457 24.18 24.42 11.49
C PHE A 457 24.13 25.94 11.51
N ARG A 458 24.58 26.56 12.61
CA ARG A 458 24.69 28.01 12.65
C ARG A 458 25.67 28.54 11.61
N MET A 459 26.67 27.74 11.25
CA MET A 459 27.61 28.12 10.21
C MET A 459 26.99 28.17 8.83
N HIS A 460 26.02 27.31 8.55
CA HIS A 460 25.38 27.26 7.23
C HIS A 460 24.25 28.27 7.08
N VAL A 461 23.58 28.63 8.17
CA VAL A 461 22.50 29.61 8.09
C VAL A 461 23.03 31.01 7.78
N ALA A 462 24.22 31.37 8.28
CA ALA A 462 24.83 32.67 8.05
C ALA A 462 26.22 32.44 7.46
N PRO A 463 26.30 32.11 6.17
CA PRO A 463 27.61 31.80 5.57
C PRO A 463 28.58 32.97 5.60
N SER A 464 28.08 34.20 5.55
CA SER A 464 28.87 35.43 5.50
C SER A 464 29.54 35.62 4.14
N ARG A 465 29.45 34.60 3.27
CA ARG A 465 29.87 34.74 1.88
C ARG A 465 29.12 33.68 1.07
N GLY A 466 28.07 34.09 0.38
CA GLY A 466 27.28 33.16 -0.40
C GLY A 466 25.81 33.17 -0.01
N LEU A 467 25.11 32.10 -0.36
CA LEU A 467 23.68 31.99 -0.09
C LEU A 467 23.43 31.16 1.15
N ALA A 468 22.45 31.58 1.95
CA ALA A 468 22.04 30.82 3.12
C ALA A 468 21.20 29.62 2.71
N ARG A 469 21.32 28.55 3.49
CA ARG A 469 20.59 27.32 3.25
C ARG A 469 19.59 27.08 4.38
N ASN A 470 18.41 26.58 4.00
CA ASN A 470 17.34 26.32 4.96
C ASN A 470 17.53 24.93 5.54
N VAL A 471 18.40 24.82 6.54
CA VAL A 471 18.65 23.56 7.22
C VAL A 471 17.45 23.15 8.07
N ALA A 472 16.85 24.11 8.77
CA ALA A 472 15.68 23.81 9.59
C ALA A 472 14.54 23.27 8.74
N GLY A 473 14.34 23.84 7.55
CA GLY A 473 13.33 23.32 6.66
C GLY A 473 13.58 21.88 6.24
N ALA A 474 14.84 21.56 5.95
CA ALA A 474 15.18 20.18 5.59
C ALA A 474 14.94 19.22 6.75
N VAL A 475 15.31 19.63 7.96
CA VAL A 475 15.08 18.78 9.13
C VAL A 475 13.59 18.56 9.36
N MET A 476 12.80 19.63 9.24
CA MET A 476 11.37 19.51 9.45
C MET A 476 10.72 18.65 8.37
N ASP A 477 11.21 18.74 7.12
CA ASP A 477 10.73 17.86 6.07
C ASP A 477 11.09 16.41 6.36
N MET A 478 12.29 16.16 6.89
CA MET A 478 12.65 14.80 7.26
C MET A 478 11.74 14.26 8.36
N LEU A 479 11.41 15.09 9.34
CA LEU A 479 10.54 14.63 10.43
C LEU A 479 9.13 14.34 9.92
N PHE A 480 8.56 15.26 9.14
CA PHE A 480 7.23 15.11 8.57
C PHE A 480 7.35 15.16 7.05
N PRO A 481 7.31 14.01 6.37
CA PRO A 481 7.67 13.98 4.94
C PRO A 481 6.82 14.86 4.05
N GLY A 482 5.52 14.63 4.03
CA GLY A 482 4.62 15.35 3.14
C GLY A 482 4.12 16.64 3.76
N SER A 483 3.01 17.14 3.23
CA SER A 483 2.34 18.31 3.79
C SER A 483 1.41 17.89 4.93
N LYS A 484 2.00 17.21 5.91
CA LYS A 484 1.26 16.64 7.02
C LYS A 484 1.77 17.21 8.33
N ASN A 485 0.88 17.23 9.32
CA ASN A 485 1.21 17.68 10.67
C ASN A 485 0.89 16.57 11.66
N GLY A 486 1.44 16.70 12.86
CA GLY A 486 1.27 15.67 13.87
C GLY A 486 -0.02 15.82 14.66
N ARG A 487 -1.11 16.14 13.97
CA ARG A 487 -2.38 16.39 14.62
C ARG A 487 -3.25 15.13 14.57
N ILE A 488 -4.07 14.98 15.62
CA ILE A 488 -4.97 13.85 15.73
C ILE A 488 -6.37 14.42 15.96
N PRO A 489 -7.42 13.65 15.65
CA PRO A 489 -8.78 14.14 15.89
C PRO A 489 -8.99 14.53 17.35
N ILE A 490 -9.57 15.71 17.56
CA ILE A 490 -9.81 16.27 18.88
C ILE A 490 -11.26 16.72 18.97
N LEU A 491 -11.96 16.26 20.00
CA LEU A 491 -13.35 16.63 20.26
C LEU A 491 -13.44 17.23 21.65
N SER A 492 -13.74 18.53 21.73
CA SER A 492 -13.82 19.24 22.99
C SER A 492 -15.29 19.51 23.31
N VAL A 493 -15.76 19.00 24.44
CA VAL A 493 -17.15 19.12 24.85
C VAL A 493 -17.22 20.09 26.02
N THR A 494 -18.10 21.09 25.92
CA THR A 494 -18.32 22.04 26.99
C THR A 494 -19.82 22.26 27.16
N GLY A 495 -20.19 22.67 28.36
CA GLY A 495 -21.59 22.87 28.68
C GLY A 495 -21.78 23.05 30.17
N THR A 496 -23.04 23.23 30.55
CA THR A 496 -23.35 23.45 31.96
C THR A 496 -23.79 22.18 32.66
N ASN A 497 -24.52 21.30 31.96
CA ASN A 497 -25.21 20.20 32.62
C ASN A 497 -24.67 18.82 32.25
N GLY A 498 -24.62 18.48 30.96
CA GLY A 498 -24.37 17.11 30.58
C GLY A 498 -23.05 16.82 29.89
N LYS A 499 -21.96 17.42 30.37
CA LYS A 499 -20.66 17.20 29.75
C LYS A 499 -20.21 15.75 29.88
N THR A 500 -20.36 15.17 31.07
CA THR A 500 -19.79 13.85 31.34
C THR A 500 -20.45 12.77 30.48
N THR A 501 -21.78 12.75 30.46
CA THR A 501 -22.50 11.73 29.70
C THR A 501 -22.19 11.85 28.21
N THR A 502 -22.16 13.08 27.69
CA THR A 502 -21.85 13.28 26.28
C THR A 502 -20.44 12.81 25.95
N THR A 503 -19.48 13.12 26.81
CA THR A 503 -18.10 12.70 26.57
C THR A 503 -17.99 11.18 26.57
N ARG A 504 -18.62 10.52 27.55
CA ARG A 504 -18.56 9.07 27.60
C ARG A 504 -19.25 8.44 26.40
N LEU A 505 -20.39 9.00 25.97
CA LEU A 505 -21.07 8.47 24.81
C LEU A 505 -20.23 8.63 23.54
N LEU A 506 -19.58 9.77 23.38
CA LEU A 506 -18.69 9.96 22.23
C LEU A 506 -17.57 8.94 22.24
N ALA A 507 -16.94 8.75 23.41
CA ALA A 507 -15.85 7.79 23.50
C ALA A 507 -16.33 6.38 23.16
N HIS A 508 -17.49 5.99 23.69
CA HIS A 508 -18.00 4.65 23.41
C HIS A 508 -18.34 4.47 21.94
N ILE A 509 -18.92 5.49 21.31
CA ILE A 509 -19.26 5.37 19.89
C ILE A 509 -18.00 5.26 19.04
N ILE A 510 -16.99 6.08 19.33
CA ILE A 510 -15.77 6.01 18.53
C ILE A 510 -15.02 4.70 18.79
N LYS A 511 -15.18 4.13 20.00
CA LYS A 511 -14.52 2.85 20.28
C LYS A 511 -15.01 1.73 19.38
N GLN A 512 -16.21 1.86 18.80
CA GLN A 512 -16.70 0.83 17.90
C GLN A 512 -15.80 0.67 16.68
N THR A 513 -15.33 1.79 16.13
CA THR A 513 -14.29 1.73 15.12
C THR A 513 -12.98 1.27 15.76
N GLY A 514 -12.15 0.62 14.97
CA GLY A 514 -10.90 0.09 15.49
C GLY A 514 -9.86 1.17 15.75
N LYS A 515 -10.14 2.02 16.73
CA LYS A 515 -9.25 3.11 17.09
C LYS A 515 -9.07 3.15 18.61
N VAL A 516 -7.90 3.60 19.04
CA VAL A 516 -7.62 3.79 20.46
C VAL A 516 -8.02 5.22 20.81
N VAL A 517 -8.94 5.35 21.77
CA VAL A 517 -9.52 6.65 22.12
C VAL A 517 -9.08 7.02 23.52
N GLY A 518 -8.51 8.22 23.67
CA GLY A 518 -8.19 8.73 24.97
C GLY A 518 -9.15 9.83 25.37
N TYR A 519 -9.82 9.67 26.50
CA TYR A 519 -10.82 10.67 26.89
C TYR A 519 -10.68 11.03 28.36
N THR A 520 -10.86 12.32 28.64
CA THR A 520 -10.79 12.85 30.00
C THR A 520 -12.13 13.49 30.36
N THR A 521 -12.59 13.20 31.58
CA THR A 521 -13.86 13.69 32.08
C THR A 521 -13.73 13.87 33.59
N THR A 522 -14.86 14.11 34.25
CA THR A 522 -14.84 14.33 35.70
C THR A 522 -14.47 13.04 36.45
N ASP A 523 -14.96 11.90 35.98
CA ASP A 523 -14.73 10.65 36.68
C ASP A 523 -13.25 10.28 36.70
N GLY A 524 -12.60 10.34 35.55
CA GLY A 524 -11.19 10.00 35.48
C GLY A 524 -10.72 10.02 34.04
N THR A 525 -9.40 9.96 33.89
CA THR A 525 -8.77 9.97 32.58
C THR A 525 -8.56 8.53 32.12
N TYR A 526 -9.09 8.21 30.94
CA TYR A 526 -9.04 6.85 30.41
C TYR A 526 -8.29 6.83 29.08
N ILE A 527 -7.44 5.81 28.92
CA ILE A 527 -6.74 5.57 27.66
C ILE A 527 -7.31 4.29 27.05
N GLY A 528 -8.27 4.43 26.16
CA GLY A 528 -8.88 3.27 25.54
C GLY A 528 -9.82 2.54 26.49
N GLU A 529 -9.41 1.36 26.94
CA GLU A 529 -10.24 0.55 27.81
C GLU A 529 -9.78 0.58 29.27
N TYR A 530 -8.51 0.84 29.53
CA TYR A 530 -7.94 0.76 30.87
C TYR A 530 -7.85 2.16 31.48
N LEU A 531 -8.17 2.24 32.77
CA LEU A 531 -8.15 3.51 33.47
C LEU A 531 -6.72 4.00 33.66
N ALA A 532 -6.50 5.28 33.38
CA ALA A 532 -5.18 5.88 33.54
C ALA A 532 -5.05 6.74 34.79
N GLU A 533 -6.07 7.55 35.11
CA GLU A 533 -5.99 8.38 36.30
C GLU A 533 -7.35 8.46 36.97
N THR A 534 -7.36 8.23 38.29
CA THR A 534 -8.59 8.30 39.08
C THR A 534 -8.87 9.74 39.51
N GLY A 535 -7.99 10.31 40.32
CA GLY A 535 -8.18 11.64 40.86
C GLY A 535 -7.58 12.72 39.99
N ASP A 536 -8.18 12.95 38.83
CA ASP A 536 -7.68 13.92 37.86
C ASP A 536 -8.61 15.12 37.79
N ASN A 537 -8.08 16.21 37.26
CA ASN A 537 -8.87 17.39 36.98
C ASN A 537 -9.17 17.47 35.47
N THR A 538 -10.14 18.31 35.12
CA THR A 538 -10.52 18.52 33.73
C THR A 538 -9.80 19.72 33.12
N GLY A 539 -8.60 20.03 33.61
CA GLY A 539 -7.85 21.15 33.12
C GLY A 539 -6.81 20.75 32.09
N PRO A 540 -5.87 21.66 31.81
CA PRO A 540 -4.84 21.36 30.80
C PRO A 540 -3.93 20.20 31.15
N GLN A 541 -3.83 19.83 32.44
CA GLN A 541 -2.94 18.74 32.83
C GLN A 541 -3.41 17.41 32.24
N SER A 542 -4.70 17.13 32.37
CA SER A 542 -5.24 15.90 31.77
C SER A 542 -5.14 15.93 30.25
N ALA A 543 -5.33 17.10 29.64
CA ALA A 543 -5.17 17.21 28.20
C ALA A 543 -3.75 16.88 27.78
N HIS A 544 -2.76 17.39 28.52
CA HIS A 544 -1.37 17.08 28.21
C HIS A 544 -1.09 15.60 28.41
N LEU A 545 -1.67 14.99 29.44
CA LEU A 545 -1.49 13.56 29.65
C LEU A 545 -2.07 12.77 28.49
N ILE A 546 -3.24 13.17 28.00
CA ILE A 546 -3.88 12.47 26.90
C ILE A 546 -3.07 12.61 25.62
N LEU A 547 -2.67 13.85 25.30
CA LEU A 547 -2.05 14.13 24.01
C LEU A 547 -0.60 13.68 23.93
N SER A 548 0.04 13.38 25.06
CA SER A 548 1.42 12.92 25.05
C SER A 548 1.55 11.41 24.96
N ASP A 549 0.45 10.67 25.03
CA ASP A 549 0.52 9.22 24.97
C ASP A 549 0.85 8.77 23.55
N PRO A 550 1.82 7.87 23.37
CA PRO A 550 2.19 7.43 22.02
C PRO A 550 1.23 6.43 21.38
N THR A 551 0.08 6.16 22.00
CA THR A 551 -0.88 5.21 21.45
C THR A 551 -2.26 5.81 21.21
N VAL A 552 -2.50 7.04 21.63
CA VAL A 552 -3.82 7.65 21.49
C VAL A 552 -3.99 8.17 20.06
N GLU A 553 -5.11 7.82 19.43
CA GLU A 553 -5.42 8.27 18.09
C GLU A 553 -6.52 9.32 18.02
N VAL A 554 -7.52 9.27 18.90
CA VAL A 554 -8.57 10.28 18.97
C VAL A 554 -8.72 10.72 20.41
N ALA A 555 -8.73 12.04 20.61
CA ALA A 555 -8.80 12.63 21.95
C ALA A 555 -10.17 13.25 22.16
N VAL A 556 -10.81 12.91 23.27
CA VAL A 556 -12.09 13.48 23.67
C VAL A 556 -11.90 14.11 25.04
N LEU A 557 -12.12 15.42 25.14
CA LEU A 557 -11.83 16.16 26.36
C LEU A 557 -13.08 16.89 26.83
N GLU A 558 -13.41 16.73 28.12
CA GLU A 558 -14.43 17.54 28.76
C GLU A 558 -13.77 18.81 29.29
N THR A 559 -14.21 19.96 28.81
CA THR A 559 -13.60 21.24 29.14
C THR A 559 -14.55 22.01 30.06
N ALA A 560 -14.19 22.08 31.33
CA ALA A 560 -14.97 22.84 32.30
C ALA A 560 -14.53 24.31 32.30
N ARG A 561 -15.38 25.17 32.85
CA ARG A 561 -15.07 26.60 32.87
C ARG A 561 -13.93 26.92 33.83
N GLY A 562 -13.75 26.10 34.87
CA GLY A 562 -12.66 26.34 35.81
C GLY A 562 -11.30 26.26 35.15
N GLY A 563 -11.11 25.27 34.27
CA GLY A 563 -9.86 25.17 33.55
C GLY A 563 -9.62 26.34 32.61
N ILE A 564 -10.68 26.81 31.96
CA ILE A 564 -10.53 27.96 31.06
C ILE A 564 -10.19 29.22 31.84
N LEU A 565 -10.83 29.43 32.99
CA LEU A 565 -10.52 30.62 33.78
C LEU A 565 -9.14 30.54 34.40
N ARG A 566 -8.73 29.36 34.86
CA ARG A 566 -7.47 29.26 35.60
C ARG A 566 -6.27 29.23 34.66
N SER A 567 -6.30 28.36 33.64
CA SER A 567 -5.16 28.22 32.75
C SER A 567 -5.51 28.25 31.27
N GLY A 568 -6.79 28.36 30.92
CA GLY A 568 -7.17 28.35 29.52
C GLY A 568 -7.16 26.97 28.93
N LEU A 569 -7.39 26.93 27.62
CA LEU A 569 -7.41 25.67 26.89
C LEU A 569 -6.00 25.10 26.76
N GLY A 570 -5.91 23.78 26.80
CA GLY A 570 -4.65 23.08 26.65
C GLY A 570 -4.24 22.80 25.22
N PHE A 571 -5.00 23.27 24.24
CA PHE A 571 -4.70 23.03 22.85
C PHE A 571 -4.99 24.29 22.05
N SER A 572 -4.27 24.44 20.94
CA SER A 572 -4.45 25.61 20.08
C SER A 572 -5.76 25.58 19.30
N SER A 573 -6.12 24.42 18.76
CA SER A 573 -7.33 24.29 17.96
C SER A 573 -7.89 22.89 18.14
N CYS A 574 -9.19 22.75 17.85
CA CYS A 574 -9.87 21.47 17.95
C CYS A 574 -10.65 21.22 16.67
N GLU A 575 -10.75 19.94 16.30
CA GLU A 575 -11.49 19.58 15.10
C GLU A 575 -12.99 19.64 15.32
N VAL A 576 -13.47 19.25 16.50
CA VAL A 576 -14.89 19.33 16.80
C VAL A 576 -15.06 20.05 18.13
N GLY A 577 -15.92 21.07 18.13
CA GLY A 577 -16.24 21.77 19.37
C GLY A 577 -17.72 21.73 19.67
N ILE A 578 -18.11 21.07 20.76
CA ILE A 578 -19.52 20.90 21.10
C ILE A 578 -19.86 21.81 22.26
N VAL A 579 -20.92 22.60 22.10
CA VAL A 579 -21.46 23.44 23.16
C VAL A 579 -22.89 22.97 23.42
N LEU A 580 -23.14 22.48 24.63
CA LEU A 580 -24.45 21.90 24.93
C LEU A 580 -25.48 22.97 25.29
N ASN A 581 -25.24 23.70 26.38
CA ASN A 581 -26.17 24.72 26.82
C ASN A 581 -25.46 25.61 27.83
N VAL A 582 -26.03 26.80 28.05
CA VAL A 582 -25.49 27.78 28.99
C VAL A 582 -26.64 28.25 29.87
N THR A 583 -26.62 27.87 31.15
CA THR A 583 -27.62 28.31 32.11
C THR A 583 -26.91 28.91 33.32
N ALA A 584 -27.47 30.01 33.83
CA ALA A 584 -26.88 30.71 34.97
C ALA A 584 -27.31 30.08 36.30
N ASP A 585 -27.07 28.78 36.43
CA ASP A 585 -27.43 28.09 37.66
C ASP A 585 -26.49 28.41 38.81
N HIS A 586 -25.23 28.75 38.52
CA HIS A 586 -24.25 29.06 39.55
C HIS A 586 -23.38 30.21 39.06
N LEU A 587 -23.27 31.26 39.87
CA LEU A 587 -22.55 32.46 39.49
C LEU A 587 -21.78 32.98 40.70
N GLY A 588 -21.10 34.12 40.51
CA GLY A 588 -20.36 34.76 41.58
C GLY A 588 -18.92 34.33 41.69
N ILE A 589 -18.46 33.38 40.89
CA ILE A 589 -17.09 32.89 40.97
C ILE A 589 -16.21 33.71 40.04
N GLY A 590 -15.08 34.18 40.56
CA GLY A 590 -14.17 34.98 39.76
C GLY A 590 -14.79 36.30 39.38
N ASP A 591 -14.75 36.60 38.08
CA ASP A 591 -15.34 37.82 37.53
C ASP A 591 -16.55 37.49 36.67
N ILE A 592 -17.15 36.33 36.88
CA ILE A 592 -18.31 35.88 36.13
C ILE A 592 -19.53 36.10 37.00
N ASP A 593 -20.22 37.22 36.80
CA ASP A 593 -21.41 37.56 37.56
C ASP A 593 -22.64 37.75 36.68
N THR A 594 -22.50 37.66 35.36
CA THR A 594 -23.62 37.85 34.45
C THR A 594 -23.61 36.71 33.43
N ILE A 595 -24.81 36.31 33.00
CA ILE A 595 -24.91 35.20 32.06
C ILE A 595 -24.24 35.52 30.73
N GLU A 596 -24.16 36.80 30.35
CA GLU A 596 -23.41 37.16 29.16
C GLU A 596 -21.93 36.85 29.32
N GLN A 597 -21.38 37.10 30.51
CA GLN A 597 -20.00 36.75 30.78
C GLN A 597 -19.79 35.25 30.67
N LEU A 598 -20.73 34.46 31.21
CA LEU A 598 -20.61 33.00 31.11
C LEU A 598 -20.69 32.55 29.65
N ALA A 599 -21.57 33.16 28.86
CA ALA A 599 -21.66 32.82 27.45
C ALA A 599 -20.37 33.14 26.72
N LYS A 600 -19.79 34.31 27.03
CA LYS A 600 -18.51 34.66 26.41
C LYS A 600 -17.41 33.70 26.82
N LEU A 601 -17.40 33.28 28.09
CA LEU A 601 -16.40 32.31 28.54
C LEU A 601 -16.56 30.97 27.82
N LYS A 602 -17.80 30.51 27.66
CA LYS A 602 -18.04 29.24 26.98
C LYS A 602 -17.81 29.34 25.48
N SER A 603 -17.86 30.54 24.92
CA SER A 603 -17.65 30.72 23.48
C SER A 603 -16.21 30.48 23.05
N VAL A 604 -15.28 30.32 23.99
CA VAL A 604 -13.89 30.07 23.63
C VAL A 604 -13.76 28.76 22.86
N VAL A 605 -14.47 27.72 23.30
CA VAL A 605 -14.40 26.43 22.64
C VAL A 605 -14.90 26.54 21.20
N ALA A 606 -16.03 27.22 20.99
CA ALA A 606 -16.56 27.39 19.65
C ALA A 606 -15.66 28.25 18.78
N GLU A 607 -15.06 29.31 19.34
CA GLU A 607 -14.22 30.19 18.55
C GLU A 607 -12.89 29.55 18.18
N SER A 608 -12.38 28.65 19.02
CA SER A 608 -11.10 28.00 18.77
C SER A 608 -11.31 26.72 17.96
N VAL A 609 -11.92 26.88 16.79
CA VAL A 609 -12.19 25.78 15.88
C VAL A 609 -11.54 26.12 14.54
N MET A 610 -10.74 25.19 14.01
CA MET A 610 -10.03 25.42 12.77
C MET A 610 -11.00 25.51 11.59
N PRO A 611 -10.60 26.15 10.49
CA PRO A 611 -11.54 26.37 9.38
C PRO A 611 -12.15 25.11 8.82
N LYS A 612 -11.48 23.96 8.91
CA LYS A 612 -12.06 22.71 8.45
C LYS A 612 -12.82 21.96 9.52
N GLY A 613 -12.92 22.53 10.72
CA GLY A 613 -13.59 21.88 11.83
C GLY A 613 -15.08 22.13 11.84
N TYR A 614 -15.72 21.69 12.91
CA TYR A 614 -17.16 21.83 13.09
C TYR A 614 -17.47 22.33 14.49
N ALA A 615 -18.48 23.19 14.58
CA ALA A 615 -18.99 23.67 15.86
C ALA A 615 -20.43 23.18 16.00
N VAL A 616 -20.66 22.32 16.99
CA VAL A 616 -21.97 21.72 17.22
C VAL A 616 -22.66 22.51 18.32
N LEU A 617 -23.70 23.24 17.96
CA LEU A 617 -24.39 24.14 18.86
C LEU A 617 -25.87 23.76 18.99
N ASN A 618 -26.46 24.16 20.11
CA ASN A 618 -27.87 23.95 20.38
C ASN A 618 -28.66 25.13 19.85
N ALA A 619 -29.59 24.86 18.94
CA ALA A 619 -30.38 25.93 18.33
C ALA A 619 -31.46 26.47 19.25
N GLU A 620 -31.88 25.70 20.25
CA GLU A 620 -32.96 26.15 21.12
C GLU A 620 -32.51 27.29 22.03
N ASP A 621 -31.30 27.22 22.56
CA ASP A 621 -30.81 28.25 23.48
C ASP A 621 -30.42 29.48 22.69
N PRO A 622 -31.04 30.64 22.92
CA PRO A 622 -30.67 31.84 22.16
C PRO A 622 -29.22 32.25 22.37
N LEU A 623 -28.71 32.12 23.61
CA LEU A 623 -27.33 32.51 23.86
C LEU A 623 -26.34 31.62 23.14
N VAL A 624 -26.58 30.30 23.13
CA VAL A 624 -25.70 29.40 22.40
C VAL A 624 -25.83 29.61 20.90
N ALA A 625 -27.05 29.79 20.41
CA ALA A 625 -27.26 30.02 18.98
C ALA A 625 -26.67 31.34 18.52
N ALA A 626 -26.49 32.30 19.43
CA ALA A 626 -25.89 33.58 19.06
C ALA A 626 -24.41 33.43 18.70
N MET A 627 -23.80 32.30 19.03
CA MET A 627 -22.40 32.05 18.68
C MET A 627 -22.23 31.62 17.25
N ALA A 628 -23.24 31.75 16.39
CA ALA A 628 -23.08 31.34 15.00
C ALA A 628 -22.00 32.16 14.30
N ASP A 629 -21.97 33.46 14.55
CA ASP A 629 -20.92 34.30 14.00
C ASP A 629 -19.64 34.12 14.81
N ARG A 630 -18.61 34.89 14.43
CA ARG A 630 -17.29 34.86 15.06
C ARG A 630 -16.78 33.44 15.27
N VAL A 631 -17.20 32.51 14.42
CA VAL A 631 -16.78 31.11 14.47
C VAL A 631 -16.26 30.72 13.11
N LYS A 632 -15.02 30.26 13.05
CA LYS A 632 -14.43 29.76 11.81
C LYS A 632 -14.81 28.31 11.62
N GLY A 633 -15.16 27.95 10.39
CA GLY A 633 -15.59 26.61 10.09
C GLY A 633 -17.08 26.46 10.09
N GLN A 634 -17.52 25.24 9.80
CA GLN A 634 -18.94 24.96 9.65
C GLN A 634 -19.64 24.86 11.00
N VAL A 635 -20.94 25.16 10.98
CA VAL A 635 -21.77 25.14 12.17
C VAL A 635 -22.88 24.11 11.97
N ALA A 636 -23.05 23.24 12.95
CA ALA A 636 -24.08 22.21 12.93
C ALA A 636 -24.99 22.40 14.13
N TYR A 637 -26.29 22.50 13.88
CA TYR A 637 -27.28 22.73 14.92
C TYR A 637 -27.95 21.43 15.32
N PHE A 638 -28.18 21.27 16.63
CA PHE A 638 -28.99 20.18 17.14
C PHE A 638 -30.09 20.75 18.01
N SER A 639 -31.29 20.19 17.88
CA SER A 639 -32.46 20.72 18.57
C SER A 639 -33.43 19.60 18.88
N MET A 640 -34.06 19.70 20.04
CA MET A 640 -35.13 18.77 20.42
C MET A 640 -36.46 19.12 19.79
N ASP A 641 -36.60 20.33 19.25
CA ASP A 641 -37.84 20.74 18.61
C ASP A 641 -37.66 20.69 17.10
N PRO A 642 -38.34 19.79 16.38
CA PRO A 642 -38.14 19.70 14.93
C PRO A 642 -38.68 20.88 14.15
N ASN A 643 -39.43 21.78 14.80
CA ASN A 643 -40.04 22.92 14.11
C ASN A 643 -39.28 24.22 14.36
N ASN A 644 -38.01 24.14 14.73
CA ASN A 644 -37.22 25.34 14.96
C ASN A 644 -36.95 26.05 13.64
N GLU A 645 -37.28 27.34 13.59
CA GLU A 645 -37.13 28.10 12.36
C GLU A 645 -35.67 28.21 11.93
N LEU A 646 -34.79 28.48 12.89
CA LEU A 646 -33.37 28.65 12.57
C LEU A 646 -32.78 27.36 12.01
N LEU A 647 -33.12 26.22 12.60
CA LEU A 647 -32.59 24.94 12.12
C LEU A 647 -33.08 24.64 10.71
N LEU A 648 -34.37 24.86 10.44
CA LEU A 648 -34.90 24.61 9.11
C LEU A 648 -34.28 25.54 8.08
N ARG A 649 -34.09 26.81 8.43
CA ARG A 649 -33.45 27.75 7.52
C ARG A 649 -32.01 27.34 7.24
N HIS A 650 -31.30 26.87 8.26
CA HIS A 650 -29.92 26.43 8.07
C HIS A 650 -29.86 25.19 7.18
N THR A 651 -30.80 24.26 7.36
CA THR A 651 -30.81 23.04 6.56
C THR A 651 -31.18 23.31 5.10
N GLU A 652 -32.09 24.25 4.87
CA GLU A 652 -32.52 24.54 3.50
C GLU A 652 -31.37 25.05 2.65
N ALA A 653 -30.47 25.85 3.23
CA ALA A 653 -29.26 26.32 2.57
C ALA A 653 -28.08 25.73 3.32
N GLY A 654 -27.69 24.51 2.94
CA GLY A 654 -26.63 23.82 3.63
C GLY A 654 -27.08 22.49 4.19
N GLY A 655 -26.99 22.30 5.49
CA GLY A 655 -27.47 21.08 6.12
C GLY A 655 -26.71 20.79 7.40
N LEU A 656 -26.53 19.49 7.66
CA LEU A 656 -25.81 18.99 8.83
C LEU A 656 -26.47 19.47 10.12
N ALA A 657 -27.68 18.98 10.35
CA ALA A 657 -28.40 19.21 11.60
C ALA A 657 -28.88 17.88 12.17
N ALA A 658 -29.29 17.90 13.43
CA ALA A 658 -29.82 16.72 14.08
C ALA A 658 -31.07 17.10 14.86
N ILE A 659 -32.11 16.26 14.76
CA ILE A 659 -33.40 16.54 15.36
C ILE A 659 -33.97 15.25 15.95
N TYR A 660 -35.08 15.41 16.67
CA TYR A 660 -35.84 14.31 17.26
C TYR A 660 -37.29 14.51 16.81
N GLU A 661 -37.64 13.91 15.68
CA GLU A 661 -38.87 14.29 14.99
C GLU A 661 -40.09 13.46 15.42
N ASN A 662 -40.07 12.15 15.17
CA ASN A 662 -41.17 11.26 15.57
C ASN A 662 -40.56 10.04 16.24
N GLY A 663 -40.25 10.15 17.53
CA GLY A 663 -39.63 9.07 18.25
C GLY A 663 -38.38 8.54 17.56
N TYR A 664 -37.66 9.42 16.88
CA TYR A 664 -36.51 9.03 16.09
C TYR A 664 -35.39 10.07 16.26
N ILE A 665 -34.16 9.58 16.32
CA ILE A 665 -32.97 10.43 16.32
C ILE A 665 -32.55 10.57 14.86
N SER A 666 -32.87 11.70 14.25
CA SER A 666 -32.71 11.88 12.82
C SER A 666 -31.62 12.91 12.54
N ILE A 667 -30.94 12.71 11.42
CA ILE A 667 -29.90 13.63 10.94
C ILE A 667 -30.34 14.17 9.59
N LEU A 668 -30.37 15.49 9.46
CA LEU A 668 -30.70 16.16 8.22
C LEU A 668 -29.41 16.59 7.54
N LYS A 669 -29.16 16.07 6.34
CA LYS A 669 -28.01 16.43 5.53
C LYS A 669 -28.40 17.35 4.38
N GLY A 670 -29.34 18.26 4.63
CA GLY A 670 -29.88 19.09 3.58
C GLY A 670 -31.33 18.76 3.29
N ASP A 671 -31.59 18.14 2.15
CA ASP A 671 -32.92 17.72 1.77
C ASP A 671 -33.21 16.26 2.13
N TRP A 672 -32.28 15.59 2.81
CA TRP A 672 -32.40 14.18 3.11
C TRP A 672 -32.43 13.97 4.62
N THR A 673 -33.19 12.97 5.06
CA THR A 673 -33.31 12.61 6.46
C THR A 673 -32.80 11.19 6.66
N LEU A 674 -31.94 11.01 7.64
CA LEU A 674 -31.37 9.70 7.97
C LEU A 674 -31.75 9.36 9.41
N ARG A 675 -32.53 8.29 9.59
CA ARG A 675 -32.94 7.88 10.92
C ARG A 675 -31.95 6.89 11.50
N ILE A 676 -31.66 7.03 12.79
CA ILE A 676 -30.66 6.23 13.47
C ILE A 676 -31.30 5.21 14.40
N GLU A 677 -32.06 5.68 15.39
CA GLU A 677 -32.59 4.80 16.42
C GLU A 677 -34.02 5.21 16.75
N LYS A 678 -34.75 4.28 17.37
CA LYS A 678 -36.15 4.48 17.72
C LYS A 678 -36.34 5.27 19.01
N ALA A 679 -35.24 5.68 19.66
CA ALA A 679 -35.22 6.51 20.86
C ALA A 679 -35.81 5.81 22.07
N VAL A 680 -36.34 4.60 21.92
CA VAL A 680 -36.75 3.79 23.05
C VAL A 680 -35.86 2.57 23.24
N ASN A 681 -35.06 2.22 22.24
CA ASN A 681 -34.08 1.15 22.35
C ASN A 681 -32.76 1.63 22.95
N VAL A 682 -32.63 2.93 23.19
CA VAL A 682 -31.43 3.50 23.80
C VAL A 682 -31.56 3.36 25.32
N PRO A 683 -30.67 2.60 25.98
CA PRO A 683 -30.85 2.37 27.42
C PRO A 683 -30.81 3.63 28.26
N ILE A 684 -30.00 4.63 27.89
CA ILE A 684 -29.86 5.81 28.72
C ILE A 684 -31.14 6.64 28.70
N THR A 685 -31.90 6.61 27.60
CA THR A 685 -33.12 7.40 27.52
C THR A 685 -34.23 6.83 28.37
N MET A 686 -34.11 5.58 28.82
CA MET A 686 -35.13 4.91 29.62
C MET A 686 -36.48 4.94 28.93
N ALA A 687 -36.52 4.41 27.70
CA ALA A 687 -37.73 4.36 26.88
C ALA A 687 -38.30 5.75 26.63
N GLY A 688 -37.43 6.76 26.55
CA GLY A 688 -37.86 8.12 26.28
C GLY A 688 -38.40 8.88 27.47
N LYS A 689 -38.41 8.29 28.66
CA LYS A 689 -38.93 8.97 29.83
C LYS A 689 -38.04 10.11 30.31
N ALA A 690 -36.76 10.10 29.94
CA ALA A 690 -35.85 11.17 30.31
C ALA A 690 -35.56 12.03 29.08
N PRO A 691 -36.15 13.22 28.97
CA PRO A 691 -35.92 14.03 27.77
C PRO A 691 -34.56 14.71 27.73
N PHE A 692 -33.86 14.82 28.86
CA PHE A 692 -32.59 15.51 28.87
C PHE A 692 -31.48 14.71 28.20
N MET A 693 -31.48 13.39 28.38
CA MET A 693 -30.46 12.55 27.76
C MET A 693 -30.58 12.49 26.25
N ILE A 694 -31.77 12.77 25.70
CA ILE A 694 -31.93 12.74 24.26
C ILE A 694 -31.13 13.86 23.61
N ALA A 695 -31.03 15.02 24.26
CA ALA A 695 -30.21 16.10 23.72
C ALA A 695 -28.73 15.70 23.67
N ASN A 696 -28.24 15.05 24.72
CA ASN A 696 -26.85 14.58 24.72
C ASN A 696 -26.64 13.54 23.64
N ALA A 697 -27.60 12.63 23.45
CA ALA A 697 -27.49 11.64 22.39
C ALA A 697 -27.45 12.30 21.02
N LEU A 698 -28.29 13.31 20.81
CA LEU A 698 -28.29 14.05 19.55
C LEU A 698 -26.93 14.70 19.30
N ALA A 699 -26.39 15.36 20.32
CA ALA A 699 -25.11 16.04 20.17
C ALA A 699 -24.01 15.05 19.84
N ALA A 700 -23.97 13.93 20.56
CA ALA A 700 -22.93 12.93 20.31
C ALA A 700 -23.06 12.34 18.91
N CYS A 701 -24.28 12.00 18.49
CA CYS A 701 -24.46 11.43 17.17
C CYS A 701 -24.06 12.41 16.07
N LEU A 702 -24.44 13.69 16.22
CA LEU A 702 -24.06 14.68 15.24
C LEU A 702 -22.55 14.87 15.17
N ALA A 703 -21.89 14.94 16.34
CA ALA A 703 -20.44 15.11 16.36
C ALA A 703 -19.73 13.94 15.71
N VAL A 704 -20.21 12.71 15.98
CA VAL A 704 -19.60 11.54 15.35
C VAL A 704 -19.85 11.54 13.85
N PHE A 705 -21.05 11.92 13.41
CA PHE A 705 -21.36 11.93 11.99
C PHE A 705 -20.52 12.94 11.23
N THR A 706 -20.22 14.08 11.87
CA THR A 706 -19.41 15.09 11.19
C THR A 706 -18.00 14.60 10.87
N GLN A 707 -17.54 13.54 11.53
CA GLN A 707 -16.20 13.01 11.32
C GLN A 707 -16.15 11.90 10.28
N GLY A 708 -17.28 11.52 9.70
CA GLY A 708 -17.30 10.53 8.65
C GLY A 708 -17.58 9.11 9.09
N VAL A 709 -17.93 8.89 10.36
CA VAL A 709 -18.23 7.54 10.82
C VAL A 709 -19.55 7.07 10.23
N LYS A 710 -19.60 5.80 9.85
CA LYS A 710 -20.77 5.23 9.20
C LYS A 710 -21.93 5.10 10.17
N ILE A 711 -23.14 5.03 9.61
CA ILE A 711 -24.35 5.02 10.42
C ILE A 711 -24.45 3.78 11.29
N GLU A 712 -24.09 2.62 10.74
CA GLU A 712 -24.23 1.37 11.50
C GLU A 712 -23.35 1.37 12.73
N HIS A 713 -22.16 1.97 12.65
CA HIS A 713 -21.31 2.08 13.83
C HIS A 713 -21.97 2.92 14.90
N ILE A 714 -22.60 4.04 14.51
CA ILE A 714 -23.31 4.88 15.47
C ILE A 714 -24.45 4.12 16.10
N ARG A 715 -25.20 3.36 15.29
CA ARG A 715 -26.30 2.56 15.83
C ARG A 715 -25.81 1.54 16.85
N LYS A 716 -24.74 0.82 16.51
CA LYS A 716 -24.22 -0.20 17.41
C LYS A 716 -23.69 0.42 18.69
N GLY A 717 -23.00 1.55 18.60
CA GLY A 717 -22.51 2.22 19.79
C GLY A 717 -23.62 2.76 20.67
N LEU A 718 -24.67 3.31 20.06
CA LEU A 718 -25.78 3.86 20.84
C LEU A 718 -26.59 2.77 21.51
N SER A 719 -26.76 1.62 20.85
CA SER A 719 -27.56 0.55 21.44
C SER A 719 -26.87 -0.10 22.62
N THR A 720 -25.54 -0.17 22.61
CA THR A 720 -24.79 -0.90 23.62
C THR A 720 -24.44 -0.06 24.84
N PHE A 721 -24.24 1.25 24.68
CA PHE A 721 -23.76 2.11 25.75
C PHE A 721 -24.71 2.10 26.94
N VAL A 722 -24.15 1.99 28.14
CA VAL A 722 -24.90 2.04 29.38
C VAL A 722 -24.25 3.06 30.31
N ALA A 723 -25.03 3.57 31.25
CA ALA A 723 -24.53 4.56 32.19
C ALA A 723 -24.02 3.89 33.46
N MET B 1 60.62 -31.95 8.29
CA MET B 1 59.29 -31.33 8.16
C MET B 1 59.41 -29.83 7.96
N LYS B 2 58.56 -29.29 7.09
CA LYS B 2 58.53 -27.84 6.88
C LYS B 2 57.14 -27.45 6.38
N ILE B 3 56.59 -26.40 6.96
CA ILE B 3 55.28 -25.89 6.56
C ILE B 3 55.47 -24.97 5.35
N LEU B 4 54.92 -25.37 4.22
CA LEU B 4 55.09 -24.62 2.98
C LEU B 4 54.03 -23.55 2.80
N LYS B 5 52.75 -23.90 2.98
CA LYS B 5 51.67 -22.94 2.82
C LYS B 5 50.50 -23.37 3.68
N LEU B 6 49.84 -22.38 4.30
CA LEU B 6 48.71 -22.62 5.19
C LEU B 6 47.62 -21.62 4.85
N GLN B 7 46.55 -22.10 4.23
CA GLN B 7 45.45 -21.25 3.81
C GLN B 7 44.17 -21.63 4.55
N THR B 8 43.25 -20.68 4.63
CA THR B 8 41.97 -20.88 5.30
C THR B 8 40.82 -20.67 4.33
N LEU B 9 39.79 -21.50 4.43
CA LEU B 9 38.62 -21.46 3.58
C LEU B 9 37.40 -21.21 4.44
N ARG B 10 36.58 -20.24 4.03
CA ARG B 10 35.42 -19.83 4.81
C ARG B 10 34.08 -20.10 4.15
N GLY B 11 34.06 -20.50 2.88
CA GLY B 11 32.83 -20.80 2.20
C GLY B 11 32.91 -22.10 1.43
N PRO B 12 31.93 -22.34 0.55
CA PRO B 12 32.01 -23.52 -0.32
C PRO B 12 33.28 -23.48 -1.16
N ASN B 13 33.90 -24.64 -1.34
CA ASN B 13 35.22 -24.71 -1.96
C ASN B 13 35.35 -26.00 -2.74
N TYR B 14 36.55 -26.20 -3.28
CA TYR B 14 36.84 -27.41 -4.05
C TYR B 14 36.76 -28.66 -3.19
N TRP B 15 37.20 -28.58 -1.93
CA TRP B 15 37.31 -29.77 -1.10
C TRP B 15 35.94 -30.29 -0.69
N SER B 16 35.04 -29.41 -0.29
CA SER B 16 33.73 -29.85 0.16
C SER B 16 32.73 -28.70 0.06
N ILE B 17 31.46 -29.05 0.13
CA ILE B 17 30.36 -28.09 0.13
C ILE B 17 29.52 -28.36 1.37
N HIS B 18 29.08 -27.30 2.02
CA HIS B 18 28.39 -27.25 3.32
C HIS B 18 29.36 -27.44 4.46
N ARG B 19 30.64 -27.70 4.20
CA ARG B 19 31.70 -27.62 5.19
C ARG B 19 32.51 -26.38 4.85
N HIS B 20 32.04 -25.22 5.31
CA HIS B 20 32.59 -23.96 4.85
C HIS B 20 33.93 -23.65 5.49
N LYS B 21 34.09 -23.96 6.78
CA LYS B 21 35.29 -23.61 7.52
C LYS B 21 36.29 -24.76 7.43
N LEU B 22 37.38 -24.55 6.69
CA LEU B 22 38.43 -25.55 6.55
C LEU B 22 39.78 -24.87 6.55
N VAL B 23 40.83 -25.64 6.80
CA VAL B 23 42.20 -25.16 6.69
C VAL B 23 42.98 -26.14 5.83
N VAL B 24 43.73 -25.63 4.85
CA VAL B 24 44.49 -26.45 3.93
C VAL B 24 45.97 -26.16 4.16
N MET B 25 46.77 -27.24 4.21
CA MET B 25 48.17 -27.16 4.53
C MET B 25 48.98 -27.97 3.53
N ARG B 26 50.05 -27.36 3.03
CA ARG B 26 50.99 -28.03 2.13
C ARG B 26 52.17 -28.50 2.97
N LEU B 27 52.24 -29.81 3.19
CA LEU B 27 53.23 -30.38 4.10
C LEU B 27 54.34 -31.04 3.30
N ASP B 28 55.58 -30.70 3.65
CA ASP B 28 56.76 -31.22 2.95
C ASP B 28 57.30 -32.43 3.71
N LEU B 29 57.34 -33.58 3.03
CA LEU B 29 57.87 -34.81 3.61
C LEU B 29 59.25 -35.05 2.99
N GLU B 30 60.26 -34.42 3.59
CA GLU B 30 61.60 -34.50 3.04
C GLU B 30 62.17 -35.91 3.14
N ASP B 31 62.00 -36.57 4.29
CA ASP B 31 62.59 -37.88 4.52
C ASP B 31 61.57 -38.98 4.76
N LEU B 32 60.39 -38.67 5.26
CA LEU B 32 59.37 -39.67 5.55
C LEU B 32 58.29 -39.69 4.47
N TYR B 33 58.65 -39.41 3.22
CA TYR B 33 57.68 -39.40 2.14
C TYR B 33 57.09 -40.79 1.91
N GLU B 34 57.92 -41.82 1.99
CA GLU B 34 57.48 -43.20 1.82
C GLU B 34 57.92 -44.05 3.01
N LYS B 35 57.68 -43.53 4.20
CA LYS B 35 58.06 -44.19 5.45
C LYS B 35 56.78 -44.49 6.24
N TYR B 36 56.39 -45.76 6.26
CA TYR B 36 55.20 -46.17 6.99
C TYR B 36 55.42 -46.04 8.49
N THR B 37 54.31 -45.80 9.19
CA THR B 37 54.37 -45.68 10.65
C THR B 37 54.75 -47.00 11.30
N SER B 38 54.29 -48.12 10.75
CA SER B 38 54.66 -49.42 11.28
C SER B 38 56.09 -49.80 10.92
N ASP B 39 56.70 -49.11 9.95
CA ASP B 39 58.07 -49.37 9.55
C ASP B 39 59.08 -48.84 10.56
N ILE B 40 58.72 -47.82 11.34
CA ILE B 40 59.62 -47.25 12.33
C ILE B 40 59.27 -47.87 13.69
N PRO B 41 60.24 -48.50 14.37
CA PRO B 41 59.92 -49.28 15.58
C PRO B 41 59.50 -48.37 16.73
N GLY B 42 58.49 -48.81 17.47
CA GLY B 42 58.16 -48.23 18.76
C GLY B 42 57.69 -46.80 18.74
N PHE B 43 56.93 -46.39 17.73
CA PHE B 43 56.27 -45.08 17.77
C PHE B 43 54.76 -45.25 17.86
N TYR B 44 54.25 -46.44 17.56
CA TYR B 44 52.84 -46.72 17.82
C TYR B 44 52.54 -46.59 19.31
N LYS B 45 53.40 -47.15 20.15
CA LYS B 45 53.23 -47.05 21.59
C LYS B 45 53.36 -45.60 22.05
N GLY B 46 54.30 -44.85 21.48
CA GLY B 46 54.43 -43.44 21.83
C GLY B 46 53.20 -42.64 21.48
N LEU B 47 52.63 -42.88 20.29
CA LEU B 47 51.42 -42.19 19.90
C LEU B 47 50.25 -42.58 20.79
N THR B 48 50.12 -43.87 21.11
CA THR B 48 48.99 -44.30 21.92
C THR B 48 49.12 -43.93 23.39
N GLU B 49 50.33 -43.59 23.86
CA GLU B 49 50.47 -43.14 25.24
C GLU B 49 50.45 -41.63 25.37
N VAL B 50 50.95 -40.89 24.37
CA VAL B 50 50.87 -39.44 24.42
C VAL B 50 49.43 -38.98 24.22
N LEU B 51 48.72 -39.59 23.27
CA LEU B 51 47.29 -39.37 23.06
C LEU B 51 46.54 -40.69 23.09
N PRO B 52 46.16 -41.15 24.28
CA PRO B 52 45.30 -42.36 24.36
C PRO B 52 43.92 -42.14 23.74
N SER B 53 43.43 -40.91 23.68
CA SER B 53 42.08 -40.62 23.21
C SER B 53 41.87 -41.02 21.76
N LEU B 54 42.95 -41.24 21.00
CA LEU B 54 42.82 -41.72 19.63
C LEU B 54 42.14 -43.08 19.57
N VAL B 55 42.06 -43.80 20.70
CA VAL B 55 41.32 -45.06 20.72
C VAL B 55 39.85 -44.82 20.42
N GLU B 56 39.36 -43.59 20.58
CA GLU B 56 37.97 -43.24 20.27
C GLU B 56 37.73 -43.04 18.78
N HIS B 57 38.79 -42.90 17.97
CA HIS B 57 38.65 -42.59 16.56
C HIS B 57 38.08 -43.79 15.82
N LEU B 58 36.90 -43.61 15.23
CA LEU B 58 36.28 -44.63 14.37
C LEU B 58 36.71 -44.29 12.95
N CYS B 59 37.68 -45.05 12.43
CA CYS B 59 38.24 -44.79 11.11
C CYS B 59 37.40 -45.43 10.01
N SER B 60 37.95 -45.51 8.80
CA SER B 60 37.31 -46.10 7.64
C SER B 60 36.83 -47.53 7.86
N PRO B 61 37.54 -48.38 8.64
CA PRO B 61 36.97 -49.70 8.93
C PRO B 61 35.61 -49.66 9.60
N GLY B 62 35.31 -48.60 10.35
CA GLY B 62 34.02 -48.47 10.99
C GLY B 62 33.91 -49.12 12.34
N VAL B 63 35.02 -49.51 12.96
CA VAL B 63 35.03 -50.17 14.25
C VAL B 63 35.82 -49.31 15.23
N LYS B 64 35.43 -49.37 16.50
CA LYS B 64 36.13 -48.65 17.55
C LYS B 64 37.61 -49.02 17.56
N GLY B 65 38.46 -48.00 17.60
CA GLY B 65 39.89 -48.22 17.48
C GLY B 65 40.37 -48.57 16.09
N GLY B 66 39.55 -48.34 15.06
CA GLY B 66 39.93 -48.69 13.72
C GLY B 66 41.16 -47.94 13.23
N PHE B 67 41.30 -46.69 13.65
CA PHE B 67 42.48 -45.92 13.28
C PHE B 67 43.75 -46.52 13.88
N LEU B 68 43.65 -47.07 15.09
CA LEU B 68 44.81 -47.74 15.68
C LEU B 68 45.22 -48.96 14.87
N THR B 69 44.24 -49.75 14.41
CA THR B 69 44.56 -50.87 13.54
C THR B 69 45.14 -50.40 12.21
N ARG B 70 44.64 -49.27 11.70
CA ARG B 70 45.19 -48.69 10.48
C ARG B 70 46.66 -48.33 10.67
N VAL B 71 47.00 -47.75 11.83
CA VAL B 71 48.40 -47.46 12.14
C VAL B 71 49.19 -48.76 12.25
N GLU B 72 48.59 -49.79 12.85
CA GLU B 72 49.27 -51.07 13.00
C GLU B 72 49.65 -51.67 11.65
N LYS B 73 48.72 -51.63 10.69
CA LYS B 73 48.98 -52.20 9.38
C LYS B 73 49.98 -51.42 8.56
N GLY B 74 50.31 -50.20 8.97
CA GLY B 74 51.24 -49.38 8.21
C GLY B 74 50.50 -48.39 7.33
N THR B 75 50.62 -47.10 7.64
CA THR B 75 49.87 -46.07 6.94
C THR B 75 50.75 -44.82 6.82
N LEU B 76 50.51 -44.05 5.77
CA LEU B 76 51.26 -42.82 5.55
C LEU B 76 51.02 -41.84 6.68
N ILE B 77 52.06 -41.05 6.98
CA ILE B 77 52.03 -40.19 8.15
C ILE B 77 51.07 -39.01 7.99
N GLY B 78 50.62 -38.72 6.78
CA GLY B 78 49.64 -37.65 6.61
C GLY B 78 48.33 -37.96 7.30
N HIS B 79 47.87 -39.20 7.22
CA HIS B 79 46.63 -39.60 7.86
C HIS B 79 46.73 -39.46 9.37
N VAL B 80 47.84 -39.92 9.96
CA VAL B 80 47.99 -39.81 11.40
C VAL B 80 48.17 -38.34 11.80
N ILE B 81 48.80 -37.53 10.94
CA ILE B 81 48.96 -36.11 11.26
C ILE B 81 47.61 -35.41 11.30
N GLU B 82 46.75 -35.67 10.31
CA GLU B 82 45.44 -35.04 10.34
C GLU B 82 44.61 -35.57 11.50
N HIS B 83 44.73 -36.85 11.83
CA HIS B 83 43.98 -37.40 12.95
C HIS B 83 44.44 -36.78 14.28
N VAL B 84 45.75 -36.62 14.47
CA VAL B 84 46.21 -36.03 15.72
C VAL B 84 45.85 -34.55 15.76
N ALA B 85 45.78 -33.87 14.62
CA ALA B 85 45.29 -32.49 14.62
C ALA B 85 43.83 -32.43 15.04
N ILE B 86 42.99 -33.33 14.50
CA ILE B 86 41.58 -33.37 14.88
C ILE B 86 41.44 -33.61 16.38
N GLU B 87 42.16 -34.60 16.91
CA GLU B 87 42.05 -34.89 18.34
C GLU B 87 42.62 -33.78 19.19
N LEU B 88 43.72 -33.15 18.73
CA LEU B 88 44.37 -32.10 19.51
C LEU B 88 43.49 -30.87 19.64
N GLN B 89 42.76 -30.52 18.57
CA GLN B 89 41.79 -29.44 18.71
C GLN B 89 40.46 -29.92 19.27
N GLU B 90 40.24 -31.22 19.36
CA GLU B 90 39.07 -31.74 20.05
C GLU B 90 39.22 -31.67 21.56
N LEU B 91 40.45 -31.83 22.05
CA LEU B 91 40.69 -31.84 23.49
C LEU B 91 40.34 -30.50 24.13
N ALA B 92 40.24 -29.44 23.33
CA ALA B 92 39.88 -28.12 23.82
C ALA B 92 38.36 -27.90 23.85
N GLY B 93 37.57 -28.92 23.57
CA GLY B 93 36.13 -28.78 23.53
C GLY B 93 35.58 -28.30 22.21
N MET B 94 36.33 -28.45 21.12
CA MET B 94 35.93 -27.95 19.81
C MET B 94 35.57 -29.13 18.91
N PRO B 95 34.29 -29.39 18.64
CA PRO B 95 33.90 -30.57 17.85
C PRO B 95 34.18 -30.36 16.37
N VAL B 96 35.03 -31.21 15.81
CA VAL B 96 35.36 -31.21 14.39
C VAL B 96 35.35 -32.66 13.89
N GLY B 97 34.84 -32.87 12.69
CA GLY B 97 34.72 -34.22 12.16
C GLY B 97 35.03 -34.40 10.69
N PHE B 98 35.90 -33.57 10.13
CA PHE B 98 36.23 -33.66 8.71
C PHE B 98 37.75 -33.53 8.54
N GLY B 99 38.30 -34.32 7.63
CA GLY B 99 39.72 -34.28 7.33
C GLY B 99 40.10 -35.12 6.12
N ARG B 100 40.96 -34.59 5.26
CA ARG B 100 41.37 -35.29 4.05
C ARG B 100 42.85 -35.09 3.80
N THR B 101 43.45 -36.03 3.08
CA THR B 101 44.85 -35.98 2.72
C THR B 101 45.02 -36.50 1.29
N ARG B 102 45.76 -35.75 0.47
CA ARG B 102 45.98 -36.14 -0.92
C ARG B 102 47.41 -35.87 -1.33
N GLU B 103 47.81 -36.51 -2.43
CA GLU B 103 49.17 -36.38 -2.96
C GLU B 103 49.22 -35.29 -4.02
N THR B 104 50.22 -34.41 -3.91
CA THR B 104 50.41 -33.37 -4.90
C THR B 104 51.15 -33.92 -6.12
N SER B 105 51.43 -33.01 -7.07
CA SER B 105 52.15 -33.42 -8.28
C SER B 105 53.54 -33.91 -7.94
N THR B 106 54.27 -33.18 -7.10
CA THR B 106 55.59 -33.62 -6.69
C THR B 106 55.48 -34.69 -5.61
N THR B 107 56.53 -35.52 -5.51
CA THR B 107 56.47 -36.69 -4.63
C THR B 107 56.65 -36.30 -3.17
N GLY B 108 57.19 -35.11 -2.90
CA GLY B 108 57.56 -34.76 -1.54
C GLY B 108 56.59 -33.88 -0.79
N VAL B 109 55.48 -33.49 -1.41
CA VAL B 109 54.51 -32.58 -0.82
C VAL B 109 53.15 -33.25 -0.78
N PHE B 110 52.52 -33.21 0.39
CA PHE B 110 51.15 -33.65 0.59
C PHE B 110 50.25 -32.45 0.86
N GLN B 111 48.95 -32.61 0.58
CA GLN B 111 47.95 -31.60 0.88
C GLN B 111 47.00 -32.17 1.94
N VAL B 112 46.88 -31.48 3.06
CA VAL B 112 46.05 -31.93 4.17
C VAL B 112 45.03 -30.86 4.49
N VAL B 113 43.75 -31.23 4.51
CA VAL B 113 42.67 -30.31 4.84
C VAL B 113 42.03 -30.78 6.14
N ILE B 114 41.81 -29.82 7.05
CA ILE B 114 41.36 -30.09 8.41
C ILE B 114 40.17 -29.18 8.70
N GLU B 115 39.11 -29.74 9.25
CA GLU B 115 37.97 -28.94 9.67
C GLU B 115 38.30 -28.18 10.95
N TYR B 116 37.83 -26.94 11.04
CA TYR B 116 38.06 -26.10 12.21
C TYR B 116 36.77 -25.40 12.59
N GLU B 117 36.71 -24.99 13.86
CA GLU B 117 35.63 -24.14 14.36
C GLU B 117 36.06 -22.71 14.59
N ASN B 118 37.29 -22.49 15.03
CA ASN B 118 37.86 -21.15 15.17
C ASN B 118 39.10 -21.07 14.30
N GLU B 119 39.25 -19.94 13.59
CA GLU B 119 40.33 -19.81 12.62
C GLU B 119 41.70 -19.87 13.30
N GLN B 120 41.90 -19.05 14.33
CA GLN B 120 43.19 -19.06 15.02
C GLN B 120 43.43 -20.39 15.71
N ALA B 121 42.41 -20.94 16.35
CA ALA B 121 42.55 -22.24 17.01
C ALA B 121 42.88 -23.33 16.01
N GLY B 122 42.20 -23.33 14.86
CA GLY B 122 42.48 -24.33 13.85
C GLY B 122 43.89 -24.23 13.30
N ARG B 123 44.34 -23.01 13.01
CA ARG B 123 45.70 -22.83 12.51
C ARG B 123 46.73 -23.25 13.56
N TYR B 124 46.49 -22.91 14.83
CA TYR B 124 47.41 -23.31 15.89
C TYR B 124 47.45 -24.83 16.03
N ALA B 125 46.29 -25.49 15.96
CA ALA B 125 46.27 -26.94 16.06
C ALA B 125 47.01 -27.58 14.89
N ALA B 126 46.82 -27.04 13.68
CA ALA B 126 47.53 -27.57 12.51
C ALA B 126 49.03 -27.40 12.66
N ARG B 127 49.47 -26.25 13.16
CA ARG B 127 50.90 -26.02 13.36
C ARG B 127 51.45 -26.94 14.46
N ALA B 128 50.66 -27.21 15.50
CA ALA B 128 51.14 -28.00 16.62
C ALA B 128 51.17 -29.49 16.30
N ALA B 129 50.29 -29.97 15.42
CA ALA B 129 50.26 -31.39 15.13
C ALA B 129 51.56 -31.87 14.49
N VAL B 130 52.08 -31.12 13.52
CA VAL B 130 53.30 -31.51 12.85
C VAL B 130 54.49 -31.44 13.80
N ARG B 131 54.51 -30.42 14.67
CA ARG B 131 55.57 -30.34 15.68
C ARG B 131 55.53 -31.53 16.62
N LEU B 132 54.33 -31.91 17.06
CA LEU B 132 54.20 -33.07 17.94
C LEU B 132 54.68 -34.34 17.25
N CYS B 133 54.29 -34.53 15.99
CA CYS B 133 54.71 -35.72 15.27
C CYS B 133 56.22 -35.75 15.06
N GLN B 134 56.81 -34.60 14.73
CA GLN B 134 58.26 -34.54 14.57
C GLN B 134 58.98 -34.83 15.88
N SER B 135 58.47 -34.29 16.99
CA SER B 135 59.08 -34.58 18.28
C SER B 135 58.96 -36.06 18.63
N ILE B 136 57.83 -36.68 18.30
CA ILE B 136 57.65 -38.11 18.57
C ILE B 136 58.64 -38.92 17.75
N VAL B 137 58.78 -38.61 16.45
CA VAL B 137 59.68 -39.40 15.62
C VAL B 137 61.14 -39.08 15.94
N ASP B 138 61.39 -37.97 16.62
CA ASP B 138 62.77 -37.64 16.98
C ASP B 138 63.20 -38.25 18.31
N THR B 139 62.29 -38.26 19.30
CA THR B 139 62.62 -38.72 20.64
C THR B 139 61.86 -39.95 21.10
N GLY B 140 60.77 -40.32 20.42
CA GLY B 140 59.97 -41.45 20.83
C GLY B 140 58.79 -41.11 21.71
N THR B 141 58.72 -39.89 22.24
CA THR B 141 57.60 -39.47 23.08
C THR B 141 57.56 -37.95 23.10
N TYR B 142 56.41 -37.42 23.54
CA TYR B 142 56.21 -35.99 23.65
C TYR B 142 56.06 -35.60 25.11
N PRO B 143 56.76 -34.58 25.58
CA PRO B 143 56.61 -34.17 26.99
C PRO B 143 55.18 -33.75 27.31
N ALA B 144 54.73 -34.13 28.50
CA ALA B 144 53.37 -33.81 28.91
C ALA B 144 53.19 -32.31 29.16
N THR B 145 54.23 -31.63 29.64
CA THR B 145 54.12 -30.21 29.91
C THR B 145 53.86 -29.41 28.63
N GLU B 146 54.52 -29.78 27.53
CA GLU B 146 54.28 -29.09 26.27
C GLU B 146 52.87 -29.35 25.75
N LEU B 147 52.38 -30.58 25.93
CA LEU B 147 51.01 -30.90 25.52
C LEU B 147 50.00 -30.09 26.31
N GLN B 148 50.20 -29.97 27.63
CA GLN B 148 49.30 -29.17 28.45
C GLN B 148 49.38 -27.70 28.08
N GLN B 149 50.58 -27.21 27.77
CA GLN B 149 50.74 -25.84 27.31
C GLN B 149 49.96 -25.60 26.02
N ASP B 150 50.06 -26.52 25.07
CA ASP B 150 49.33 -26.38 23.81
C ASP B 150 47.82 -26.42 24.04
N LEU B 151 47.35 -27.33 24.90
CA LEU B 151 45.92 -27.42 25.16
C LEU B 151 45.38 -26.16 25.83
N GLU B 152 46.11 -25.63 26.82
CA GLU B 152 45.64 -24.42 27.48
C GLU B 152 45.72 -23.22 26.54
N ASP B 153 46.71 -23.21 25.64
CA ASP B 153 46.77 -22.16 24.63
C ASP B 153 45.57 -22.24 23.69
N LEU B 154 45.19 -23.45 23.28
CA LEU B 154 43.99 -23.60 22.45
C LEU B 154 42.76 -23.13 23.19
N LYS B 155 42.64 -23.46 24.48
CA LYS B 155 41.49 -23.01 25.26
C LYS B 155 41.45 -21.49 25.37
N GLU B 156 42.61 -20.87 25.56
CA GLU B 156 42.66 -19.41 25.61
C GLU B 156 42.27 -18.81 24.26
N LEU B 157 42.73 -19.40 23.16
CA LEU B 157 42.37 -18.91 21.84
C LEU B 157 40.86 -19.03 21.60
N LYS B 158 40.27 -20.15 22.02
CA LYS B 158 38.82 -20.32 21.87
C LYS B 158 38.06 -19.30 22.71
N ASN B 159 38.52 -19.05 23.94
CA ASN B 159 37.82 -18.10 24.80
C ASN B 159 37.96 -16.68 24.28
N GLN B 160 39.11 -16.35 23.69
CA GLN B 160 39.35 -14.99 23.22
C GLN B 160 38.40 -14.60 22.10
N ALA B 161 38.25 -15.48 21.11
CA ALA B 161 37.37 -15.22 19.98
C ALA B 161 35.98 -15.80 20.24
N SER B 162 35.34 -15.26 21.28
CA SER B 162 34.00 -15.68 21.66
C SER B 162 33.15 -14.44 21.92
N LEU B 163 31.85 -14.58 21.68
CA LEU B 163 30.93 -13.47 21.81
C LEU B 163 30.15 -13.58 23.13
N GLY B 164 29.44 -12.53 23.49
CA GLY B 164 28.59 -12.56 24.65
C GLY B 164 27.40 -13.46 24.42
N PRO B 165 26.94 -14.10 25.51
CA PRO B 165 25.96 -15.19 25.35
C PRO B 165 24.70 -14.77 24.61
N SER B 166 24.25 -13.53 24.81
CA SER B 166 23.13 -13.03 24.03
C SER B 166 23.43 -13.07 22.55
N THR B 167 24.68 -12.79 22.17
CA THR B 167 25.04 -12.76 20.76
C THR B 167 25.00 -14.16 20.15
N GLU B 168 25.53 -15.17 20.84
CA GLU B 168 25.39 -16.53 20.33
C GLU B 168 23.94 -16.97 20.28
N ALA B 169 23.14 -16.58 21.27
CA ALA B 169 21.73 -16.94 21.23
C ALA B 169 21.05 -16.39 19.98
N ILE B 170 21.24 -15.10 19.72
CA ILE B 170 20.60 -14.47 18.56
C ILE B 170 21.18 -15.03 17.26
N VAL B 171 22.49 -15.29 17.22
CA VAL B 171 23.10 -15.82 16.01
C VAL B 171 22.58 -17.22 15.71
N LYS B 172 22.45 -18.06 16.73
CA LYS B 172 21.90 -19.39 16.53
C LYS B 172 20.45 -19.31 16.05
N GLU B 173 19.66 -18.41 16.64
CA GLU B 173 18.28 -18.26 16.19
C GLU B 173 18.23 -17.81 14.73
N ALA B 174 19.10 -16.89 14.34
CA ALA B 174 19.14 -16.44 12.94
C ALA B 174 19.56 -17.55 12.01
N GLU B 175 20.56 -18.34 12.40
CA GLU B 175 21.02 -19.44 11.56
C GLU B 175 19.94 -20.50 11.41
N ALA B 176 19.12 -20.71 12.44
CA ALA B 176 18.02 -21.66 12.33
C ALA B 176 16.99 -21.24 11.29
N ARG B 177 16.93 -19.96 10.95
CA ARG B 177 16.00 -19.46 9.94
C ARG B 177 16.65 -19.21 8.59
N GLY B 178 17.91 -19.57 8.42
CA GLY B 178 18.58 -19.36 7.15
C GLY B 178 18.80 -17.92 6.77
N ILE B 179 19.15 -17.08 7.73
CA ILE B 179 19.44 -15.67 7.50
C ILE B 179 20.94 -15.46 7.61
N PRO B 180 21.62 -14.96 6.57
CA PRO B 180 23.07 -14.79 6.64
C PRO B 180 23.47 -13.78 7.69
N TRP B 181 24.62 -14.03 8.33
CA TRP B 181 25.14 -13.13 9.35
C TRP B 181 26.64 -13.01 9.20
N THR B 182 27.16 -11.80 9.39
CA THR B 182 28.58 -11.52 9.33
C THR B 182 28.98 -10.68 10.52
N GLN B 183 30.27 -10.72 10.85
CA GLN B 183 30.82 -10.00 11.98
C GLN B 183 31.60 -8.79 11.49
N LEU B 184 31.11 -7.59 11.80
CA LEU B 184 31.84 -6.38 11.49
C LEU B 184 33.01 -6.20 12.44
N GLY B 185 34.04 -5.51 11.97
CA GLY B 185 35.26 -5.33 12.73
C GLY B 185 35.33 -4.09 13.58
N ALA B 186 34.25 -3.33 13.71
CA ALA B 186 34.33 -2.04 14.42
C ALA B 186 34.19 -2.22 15.93
N ARG B 187 33.03 -2.65 16.39
CA ARG B 187 32.72 -2.71 17.82
C ARG B 187 31.97 -3.98 18.16
N PHE B 188 32.43 -5.11 17.64
CA PHE B 188 31.79 -6.41 17.87
C PHE B 188 30.34 -6.40 17.38
N MET B 189 30.06 -5.66 16.32
CA MET B 189 28.72 -5.60 15.77
C MET B 189 28.49 -6.74 14.79
N ILE B 190 27.26 -7.25 14.78
CA ILE B 190 26.85 -8.34 13.90
C ILE B 190 25.83 -7.80 12.92
N GLN B 191 26.04 -8.09 11.63
CA GLN B 191 25.17 -7.63 10.56
C GLN B 191 24.42 -8.83 9.97
N PHE B 192 23.10 -8.72 9.92
CA PHE B 192 22.24 -9.74 9.33
C PHE B 192 21.72 -9.26 7.98
N GLY B 193 21.78 -10.13 6.99
CA GLY B 193 21.22 -9.80 5.69
C GLY B 193 22.23 -9.19 4.75
N TYR B 194 21.73 -8.82 3.57
CA TYR B 194 22.55 -8.26 2.50
C TYR B 194 21.88 -6.99 1.97
N GLY B 195 22.70 -6.06 1.50
CA GLY B 195 22.21 -4.89 0.80
C GLY B 195 21.27 -4.02 1.60
N VAL B 196 20.11 -3.70 1.01
CA VAL B 196 19.16 -2.79 1.65
C VAL B 196 18.32 -3.45 2.73
N ASN B 197 18.46 -4.76 2.92
CA ASN B 197 17.66 -5.48 3.91
C ASN B 197 18.47 -5.89 5.13
N GLN B 198 19.57 -5.19 5.39
CA GLN B 198 20.46 -5.58 6.49
C GLN B 198 20.06 -4.89 7.78
N LYS B 199 20.38 -5.55 8.89
CA LYS B 199 20.19 -5.00 10.23
C LYS B 199 21.46 -5.24 11.04
N LYS B 200 21.64 -4.45 12.09
CA LYS B 200 22.84 -4.53 12.91
C LYS B 200 22.47 -4.63 14.38
N ILE B 201 23.17 -5.51 15.10
CA ILE B 201 22.99 -5.64 16.55
C ILE B 201 24.35 -5.69 17.20
N GLN B 202 24.44 -5.15 18.42
CA GLN B 202 25.70 -5.27 19.15
C GLN B 202 25.65 -6.36 20.20
N ALA B 203 24.80 -6.20 21.22
CA ALA B 203 24.48 -7.30 22.12
C ALA B 203 22.98 -7.54 22.13
N THR B 204 22.24 -6.49 22.45
CA THR B 204 20.78 -6.48 22.34
C THR B 204 20.28 -5.18 21.72
N LEU B 205 21.17 -4.20 21.53
CA LEU B 205 20.79 -2.94 20.90
C LEU B 205 20.79 -3.13 19.39
N SER B 206 19.71 -2.70 18.75
CA SER B 206 19.57 -2.75 17.31
C SER B 206 19.84 -1.38 16.72
N ASN B 207 19.90 -1.31 15.39
CA ASN B 207 20.06 -0.03 14.71
C ASN B 207 18.81 0.83 14.81
N GLN B 208 17.70 0.27 15.28
CA GLN B 208 16.47 1.03 15.49
C GLN B 208 16.39 1.67 16.87
N THR B 209 17.22 1.23 17.81
CA THR B 209 17.19 1.79 19.16
C THR B 209 17.68 3.24 19.14
N GLY B 210 16.94 4.12 19.79
CA GLY B 210 17.21 5.54 19.72
C GLY B 210 18.23 6.01 20.74
N ILE B 211 18.95 7.09 20.39
CA ILE B 211 19.85 7.73 21.33
C ILE B 211 19.07 8.33 22.50
N LEU B 212 17.92 8.95 22.20
CA LEU B 212 17.17 9.66 23.23
C LEU B 212 16.63 8.70 24.28
N GLY B 213 16.10 7.56 23.84
CA GLY B 213 15.56 6.59 24.79
C GLY B 213 16.64 6.02 25.69
N VAL B 214 17.79 5.66 25.11
CA VAL B 214 18.88 5.10 25.90
C VAL B 214 19.40 6.13 26.89
N GLU B 215 19.58 7.38 26.45
CA GLU B 215 20.05 8.41 27.37
C GLU B 215 19.04 8.68 28.48
N LEU B 216 17.74 8.68 28.16
CA LEU B 216 16.73 8.92 29.17
C LEU B 216 16.67 7.78 30.19
N ALA B 217 16.85 6.55 29.72
CA ALA B 217 16.81 5.40 30.64
C ALA B 217 17.96 5.45 31.64
N CYS B 218 19.11 5.99 31.24
CA CYS B 218 20.26 6.09 32.14
C CYS B 218 20.07 7.15 33.22
N ASP B 219 19.15 8.09 33.01
CA ASP B 219 18.86 9.15 33.97
C ASP B 219 17.67 8.74 34.81
N LYS B 220 17.90 8.44 36.09
CA LYS B 220 16.84 7.93 36.95
C LYS B 220 15.81 9.01 37.26
N GLU B 221 16.27 10.20 37.64
CA GLU B 221 15.33 11.28 37.97
C GLU B 221 14.51 11.69 36.74
N GLY B 222 15.15 11.76 35.58
CA GLY B 222 14.43 12.13 34.38
C GLY B 222 13.34 11.14 34.02
N THR B 223 13.67 9.85 34.06
CA THR B 223 12.67 8.84 33.73
C THR B 223 11.57 8.78 34.79
N LYS B 224 11.91 9.00 36.06
CA LYS B 224 10.87 9.04 37.09
C LYS B 224 9.92 10.21 36.86
N ARG B 225 10.46 11.38 36.53
CA ARG B 225 9.61 12.53 36.27
C ARG B 225 8.75 12.32 35.03
N ILE B 226 9.31 11.71 33.99
CA ILE B 226 8.53 11.44 32.79
C ILE B 226 7.40 10.46 33.09
N LEU B 227 7.70 9.40 33.83
CA LEU B 227 6.68 8.40 34.13
C LEU B 227 5.60 8.96 35.04
N LYS B 228 5.96 9.86 35.96
CA LYS B 228 4.96 10.46 36.83
C LYS B 228 3.96 11.30 36.04
N ASP B 229 4.44 12.03 35.02
CA ASP B 229 3.57 12.86 34.21
C ASP B 229 2.60 12.05 33.37
N ALA B 230 2.86 10.77 33.15
CA ALA B 230 1.99 9.91 32.35
C ALA B 230 1.06 9.06 33.21
N GLY B 231 1.04 9.28 34.52
CA GLY B 231 0.16 8.53 35.40
C GLY B 231 0.66 7.18 35.83
N VAL B 232 1.90 6.82 35.49
CA VAL B 232 2.48 5.55 35.89
C VAL B 232 2.87 5.62 37.36
N PRO B 233 2.47 4.65 38.19
CA PRO B 233 2.84 4.69 39.61
C PRO B 233 4.34 4.56 39.79
N VAL B 234 4.94 5.53 40.47
CA VAL B 234 6.38 5.56 40.72
C VAL B 234 6.58 5.79 42.21
N PRO B 235 7.71 5.36 42.75
CA PRO B 235 7.95 5.55 44.19
C PRO B 235 8.02 7.03 44.55
N ARG B 236 7.30 7.39 45.60
CA ARG B 236 7.26 8.77 46.05
C ARG B 236 8.58 9.17 46.70
N GLY B 237 8.99 10.41 46.45
CA GLY B 237 10.24 10.91 47.00
C GLY B 237 10.28 12.43 46.93
N THR B 238 11.24 12.98 47.67
CA THR B 238 11.38 14.43 47.76
C THR B 238 12.85 14.78 47.98
N VAL B 239 13.27 15.89 47.39
CA VAL B 239 14.64 16.38 47.52
C VAL B 239 14.71 17.32 48.71
N ALA B 240 15.87 17.36 49.36
CA ALA B 240 16.09 18.24 50.50
C ALA B 240 17.57 18.56 50.59
N ARG B 241 17.88 19.75 51.12
CA ARG B 241 19.25 20.20 51.29
C ARG B 241 19.62 20.56 52.72
N TYR B 242 18.65 20.81 53.60
CA TYR B 242 18.90 21.20 54.98
C TYR B 242 18.38 20.12 55.92
N PHE B 243 19.04 19.99 57.07
CA PHE B 243 18.68 18.96 58.03
C PHE B 243 17.26 19.15 58.54
N ASP B 244 16.90 20.37 58.92
CA ASP B 244 15.60 20.62 59.54
C ASP B 244 14.45 20.28 58.60
N GLU B 245 14.69 20.30 57.29
CA GLU B 245 13.67 19.97 56.32
C GLU B 245 13.35 18.47 56.27
N LEU B 246 14.29 17.61 56.70
CA LEU B 246 14.09 16.17 56.59
C LEU B 246 12.78 15.74 57.23
N GLN B 247 12.51 16.23 58.46
CA GLN B 247 11.26 15.91 59.13
C GLN B 247 10.07 16.22 58.24
N ASP B 248 10.04 17.41 57.64
CA ASP B 248 8.94 17.77 56.76
C ASP B 248 8.83 16.78 55.60
N ALA B 249 9.97 16.36 55.04
CA ALA B 249 9.95 15.38 53.97
C ALA B 249 9.32 14.07 54.43
N ILE B 250 9.58 13.68 55.69
CA ILE B 250 8.99 12.46 56.21
C ILE B 250 7.47 12.56 56.22
N GLU B 251 6.95 13.78 56.37
CA GLU B 251 5.50 13.98 56.32
C GLU B 251 4.97 13.71 54.91
N TYR B 252 5.74 14.08 53.88
CA TYR B 252 5.25 13.93 52.52
C TYR B 252 5.29 12.48 52.07
N VAL B 253 6.38 11.77 52.38
CA VAL B 253 6.53 10.39 51.94
C VAL B 253 5.56 9.46 52.65
N GLY B 254 5.10 9.82 53.84
CA GLY B 254 4.16 9.03 54.59
C GLY B 254 4.68 8.36 55.85
N GLY B 255 5.90 8.66 56.27
CA GLY B 255 6.43 8.08 57.49
C GLY B 255 7.67 7.23 57.30
N TYR B 256 7.65 6.03 57.85
CA TYR B 256 8.77 5.09 57.81
C TYR B 256 8.32 3.76 57.23
N PRO B 257 9.24 2.98 56.63
CA PRO B 257 10.67 3.25 56.43
C PRO B 257 10.95 4.14 55.23
N ILE B 258 12.18 4.63 55.11
CA ILE B 258 12.58 5.53 54.03
C ILE B 258 13.93 5.07 53.47
N VAL B 259 14.27 5.63 52.31
CA VAL B 259 15.52 5.35 51.62
C VAL B 259 16.19 6.68 51.31
N ILE B 260 17.50 6.74 51.54
CA ILE B 260 18.30 7.95 51.42
C ILE B 260 19.21 7.77 50.21
N LYS B 261 19.20 8.74 49.29
CA LYS B 261 20.14 8.64 48.18
C LYS B 261 20.61 10.03 47.76
N PRO B 262 21.78 10.12 47.15
CA PRO B 262 22.27 11.42 46.67
C PRO B 262 21.79 11.73 45.26
N LEU B 263 21.77 13.03 44.95
CA LEU B 263 21.27 13.48 43.65
C LEU B 263 22.17 13.01 42.52
N ASP B 264 23.48 13.24 42.64
CA ASP B 264 24.44 12.93 41.59
C ASP B 264 25.35 11.80 42.07
N GLY B 265 25.07 10.59 41.60
CA GLY B 265 25.88 9.44 41.95
C GLY B 265 25.63 8.27 41.02
N ASN B 266 26.69 7.53 40.68
CA ASN B 266 26.59 6.39 39.80
C ASN B 266 26.94 5.10 40.55
N HIS B 267 26.29 4.01 40.15
CA HIS B 267 26.50 2.69 40.74
C HIS B 267 26.25 2.71 42.26
N GLY B 268 25.26 3.48 42.69
CA GLY B 268 24.84 3.49 44.08
C GLY B 268 25.87 3.98 45.07
N ARG B 269 26.45 5.15 44.81
CA ARG B 269 27.41 5.74 45.75
C ARG B 269 26.69 6.31 46.96
N GLY B 270 27.01 5.80 48.15
CA GLY B 270 26.49 6.36 49.38
C GLY B 270 24.99 6.32 49.52
N ILE B 271 24.37 5.18 49.22
CA ILE B 271 22.92 5.02 49.29
C ILE B 271 22.61 3.93 50.30
N THR B 272 21.68 4.21 51.21
CA THR B 272 21.22 3.22 52.19
C THR B 272 20.03 2.45 51.62
N ILE B 273 19.70 1.35 52.29
CA ILE B 273 18.65 0.45 51.84
C ILE B 273 17.38 0.60 52.68
N ASP B 274 17.49 0.37 53.99
CA ASP B 274 16.32 0.37 54.87
C ASP B 274 16.70 1.01 56.20
N VAL B 275 16.02 2.09 56.57
CA VAL B 275 16.14 2.72 57.87
C VAL B 275 14.74 2.95 58.41
N LYS B 276 14.57 2.72 59.72
CA LYS B 276 13.24 2.75 60.33
C LYS B 276 13.17 3.60 61.60
N ASN B 277 14.18 4.40 61.89
CA ASN B 277 14.14 5.26 63.07
C ASN B 277 14.89 6.55 62.74
N TRP B 278 15.23 7.33 63.76
CA TRP B 278 15.77 8.67 63.55
C TRP B 278 17.30 8.66 63.47
N GLN B 279 17.96 7.92 64.37
CA GLN B 279 19.41 7.96 64.42
C GLN B 279 20.04 7.32 63.19
N GLU B 280 19.52 6.17 62.75
CA GLU B 280 20.07 5.53 61.55
C GLU B 280 19.81 6.39 60.32
N ALA B 281 18.64 7.03 60.25
CA ALA B 281 18.37 7.95 59.16
C ALA B 281 19.34 9.13 59.17
N GLU B 282 19.63 9.67 60.36
CA GLU B 282 20.57 10.79 60.47
C GLU B 282 21.97 10.38 60.01
N GLU B 283 22.44 9.22 60.47
CA GLU B 283 23.79 8.80 60.07
C GLU B 283 23.86 8.47 58.59
N ALA B 284 22.80 7.86 58.03
CA ALA B 284 22.78 7.59 56.60
C ALA B 284 22.77 8.89 55.80
N TYR B 285 22.00 9.88 56.26
CA TYR B 285 21.97 11.17 55.58
C TYR B 285 23.34 11.84 55.64
N ASP B 286 24.01 11.76 56.79
CA ASP B 286 25.35 12.34 56.90
C ASP B 286 26.33 11.64 55.97
N LEU B 287 26.27 10.30 55.90
CA LEU B 287 27.15 9.56 55.01
C LEU B 287 26.89 9.92 53.55
N ALA B 288 25.61 10.01 53.16
CA ALA B 288 25.28 10.39 51.79
C ALA B 288 25.74 11.80 51.47
N ARG B 289 25.54 12.73 52.41
CA ARG B 289 25.96 14.11 52.19
C ARG B 289 27.47 14.21 52.03
N LYS B 290 28.22 13.48 52.86
CA LYS B 290 29.66 13.40 52.68
C LYS B 290 30.04 12.68 51.39
N ALA B 291 29.17 11.83 50.85
CA ALA B 291 29.41 11.20 49.56
C ALA B 291 28.80 11.99 48.41
N SER B 292 27.75 12.78 48.67
CA SER B 292 27.13 13.58 47.62
C SER B 292 28.04 14.71 47.19
N LYS B 293 28.02 15.00 45.89
CA LYS B 293 28.85 16.06 45.33
C LYS B 293 28.18 17.43 45.38
N THR B 294 26.90 17.50 45.75
CA THR B 294 26.18 18.76 45.77
C THR B 294 25.41 19.00 47.06
N LYS B 295 25.67 18.18 48.10
CA LYS B 295 25.16 18.41 49.45
C LYS B 295 23.65 18.14 49.55
N THR B 296 23.00 17.90 48.41
CA THR B 296 21.56 17.68 48.38
C THR B 296 21.24 16.20 48.26
N VAL B 297 20.15 15.79 48.91
CA VAL B 297 19.82 14.38 49.07
C VAL B 297 18.32 14.18 48.86
N ILE B 298 17.96 13.12 48.16
CA ILE B 298 16.55 12.75 47.99
C ILE B 298 16.22 11.63 48.97
N VAL B 299 15.10 11.82 49.67
CA VAL B 299 14.54 10.82 50.58
C VAL B 299 13.25 10.30 49.95
N GLU B 300 13.12 8.98 49.86
CA GLU B 300 11.95 8.40 49.20
C GLU B 300 11.36 7.28 50.04
N ARG B 301 10.07 7.04 49.82
CA ARG B 301 9.37 6.01 50.58
C ARG B 301 9.86 4.62 50.16
N TYR B 302 10.16 3.79 51.15
CA TYR B 302 10.65 2.44 50.90
C TYR B 302 9.47 1.51 50.64
N TYR B 303 9.48 0.85 49.49
CA TYR B 303 8.40 -0.03 49.08
C TYR B 303 8.83 -1.47 49.31
N THR B 304 8.02 -2.22 50.06
CA THR B 304 8.28 -3.62 50.34
C THR B 304 7.41 -4.49 49.45
N GLY B 305 7.95 -5.63 49.06
CA GLY B 305 7.24 -6.55 48.19
C GLY B 305 8.19 -7.30 47.30
N LYS B 306 7.64 -8.27 46.58
CA LYS B 306 8.44 -9.08 45.67
C LYS B 306 8.81 -8.27 44.44
N ASP B 307 10.04 -8.44 43.96
CA ASP B 307 10.54 -7.71 42.81
C ASP B 307 10.56 -8.61 41.58
N HIS B 308 10.13 -8.06 40.45
CA HIS B 308 10.04 -8.78 39.20
C HIS B 308 10.79 -8.02 38.11
N ARG B 309 11.32 -8.77 37.16
CA ARG B 309 12.00 -8.21 35.99
C ARG B 309 11.21 -8.59 34.76
N VAL B 310 10.68 -7.59 34.06
CA VAL B 310 9.82 -7.78 32.90
C VAL B 310 10.59 -7.37 31.65
N LEU B 311 10.57 -8.23 30.64
CA LEU B 311 11.23 -7.96 29.38
C LEU B 311 10.18 -7.56 28.34
N VAL B 312 10.37 -6.42 27.71
CA VAL B 312 9.44 -5.91 26.71
C VAL B 312 10.19 -5.79 25.39
N VAL B 313 9.69 -6.49 24.37
CA VAL B 313 10.27 -6.45 23.03
C VAL B 313 9.18 -6.00 22.06
N ASN B 314 9.49 -4.97 21.28
CA ASN B 314 8.58 -4.43 20.26
C ASN B 314 7.23 -4.04 20.88
N GLY B 315 7.25 -3.54 22.10
CA GLY B 315 6.01 -3.14 22.75
C GLY B 315 5.17 -4.27 23.30
N LYS B 316 5.69 -5.49 23.34
CA LYS B 316 4.95 -6.62 23.87
C LYS B 316 5.77 -7.29 24.97
N VAL B 317 5.09 -7.70 26.03
CA VAL B 317 5.77 -8.38 27.14
C VAL B 317 6.10 -9.80 26.71
N VAL B 318 7.39 -10.15 26.79
CA VAL B 318 7.86 -11.46 26.36
C VAL B 318 7.99 -12.42 27.54
N ALA B 319 8.66 -11.99 28.60
CA ALA B 319 8.88 -12.85 29.75
C ALA B 319 8.84 -12.02 31.02
N VAL B 320 8.31 -12.64 32.08
CA VAL B 320 8.27 -12.03 33.41
C VAL B 320 8.97 -12.99 34.37
N ALA B 321 9.94 -12.47 35.11
CA ALA B 321 10.71 -13.27 36.05
C ALA B 321 10.71 -12.64 37.43
N GLU B 322 10.49 -13.48 38.43
CA GLU B 322 10.51 -13.06 39.83
C GLU B 322 11.87 -13.41 40.42
N ARG B 323 12.48 -12.43 41.07
CA ARG B 323 13.79 -12.64 41.70
C ARG B 323 13.59 -12.97 43.17
N VAL B 324 14.28 -14.00 43.64
CA VAL B 324 14.34 -14.38 45.05
C VAL B 324 15.79 -14.25 45.49
N PRO B 325 16.08 -13.53 46.58
CA PRO B 325 17.48 -13.33 46.99
C PRO B 325 18.14 -14.66 47.34
N ALA B 326 19.47 -14.71 47.18
CA ALA B 326 20.22 -15.91 47.47
C ALA B 326 19.95 -16.36 48.90
N HIS B 327 19.60 -17.63 49.05
CA HIS B 327 19.11 -18.15 50.33
C HIS B 327 19.44 -19.64 50.41
N VAL B 328 19.16 -20.21 51.57
CA VAL B 328 19.23 -21.65 51.78
C VAL B 328 18.00 -22.10 52.56
N VAL B 329 17.60 -23.35 52.35
CA VAL B 329 16.45 -23.93 53.01
C VAL B 329 16.89 -25.17 53.77
N GLY B 330 16.44 -25.28 55.02
CA GLY B 330 16.77 -26.43 55.83
C GLY B 330 15.73 -27.52 55.75
N ASN B 331 15.20 -27.77 54.54
CA ASN B 331 14.19 -28.79 54.37
C ASN B 331 14.75 -30.20 54.51
N GLY B 332 16.07 -30.36 54.40
CA GLY B 332 16.70 -31.65 54.59
C GLY B 332 17.18 -31.87 56.00
N LYS B 333 16.68 -31.04 56.93
CA LYS B 333 17.08 -31.11 58.34
C LYS B 333 18.58 -30.97 58.51
N SER B 334 19.19 -30.09 57.72
CA SER B 334 20.62 -29.87 57.75
C SER B 334 20.92 -28.37 57.78
N THR B 335 22.07 -28.04 58.36
CA THR B 335 22.49 -26.64 58.48
C THR B 335 23.46 -26.30 57.34
N ILE B 336 23.93 -25.05 57.32
CA ILE B 336 24.72 -24.55 56.21
C ILE B 336 26.00 -25.37 56.03
N ALA B 337 26.52 -25.93 57.13
CA ALA B 337 27.79 -26.65 57.10
C ALA B 337 27.75 -27.83 56.13
N GLU B 338 26.57 -28.36 55.84
CA GLU B 338 26.44 -29.44 54.86
C GLU B 338 25.85 -28.96 53.54
N LEU B 339 24.96 -27.96 53.57
CA LEU B 339 24.42 -27.41 52.34
C LEU B 339 25.50 -26.75 51.49
N ILE B 340 26.60 -26.31 52.10
CA ILE B 340 27.67 -25.72 51.30
C ILE B 340 28.23 -26.74 50.31
N GLU B 341 28.46 -27.97 50.75
CA GLU B 341 28.86 -29.03 49.84
C GLU B 341 27.71 -29.58 49.02
N GLU B 342 26.48 -29.56 49.57
CA GLU B 342 25.33 -30.06 48.83
C GLU B 342 25.08 -29.23 47.57
N THR B 343 25.21 -27.91 47.68
CA THR B 343 24.95 -27.05 46.52
C THR B 343 26.05 -27.16 45.48
N ASN B 344 27.28 -27.48 45.91
CA ASN B 344 28.40 -27.57 44.97
C ASN B 344 28.26 -28.72 44.00
N ARG B 345 27.40 -29.71 44.30
CA ARG B 345 27.22 -30.86 43.42
C ARG B 345 26.32 -30.55 42.22
N ASP B 346 25.64 -29.41 42.22
CA ASP B 346 24.83 -29.04 41.08
C ASP B 346 25.73 -28.53 39.94
N PRO B 347 25.60 -29.09 38.74
CA PRO B 347 26.48 -28.65 37.63
C PRO B 347 26.28 -27.21 37.23
N GLN B 348 25.16 -26.59 37.57
CA GLN B 348 24.90 -25.22 37.13
C GLN B 348 25.85 -24.23 37.75
N ARG B 349 26.38 -24.52 38.94
CA ARG B 349 27.26 -23.58 39.62
C ARG B 349 28.57 -23.42 38.87
N GLY B 350 29.05 -22.18 38.80
CA GLY B 350 30.29 -21.89 38.10
C GLY B 350 30.66 -20.42 38.27
N ASP B 351 31.84 -20.08 37.76
CA ASP B 351 32.35 -18.73 37.82
C ASP B 351 32.01 -17.99 36.53
N GLY B 352 32.45 -16.74 36.44
CA GLY B 352 32.19 -15.92 35.28
C GLY B 352 30.80 -15.30 35.32
N HIS B 353 30.42 -14.73 34.17
CA HIS B 353 29.12 -14.08 34.02
C HIS B 353 28.28 -14.71 32.92
N ASP B 354 28.52 -15.98 32.61
CA ASP B 354 27.76 -16.71 31.60
C ASP B 354 26.71 -17.64 32.19
N ASN B 355 26.89 -18.11 33.41
CA ASN B 355 25.95 -19.00 34.07
C ASN B 355 25.14 -18.22 35.10
N ILE B 356 23.82 -18.49 35.15
CA ILE B 356 22.96 -17.77 36.06
C ILE B 356 23.27 -18.13 37.51
N LEU B 357 23.61 -19.40 37.77
CA LEU B 357 23.88 -19.88 39.12
C LEU B 357 25.37 -19.74 39.39
N THR B 358 25.73 -18.78 40.22
CA THR B 358 27.12 -18.57 40.60
C THR B 358 27.38 -19.17 41.99
N ARG B 359 28.66 -19.38 42.28
CA ARG B 359 29.05 -19.91 43.57
C ARG B 359 28.68 -18.94 44.69
N ILE B 360 28.26 -19.50 45.83
CA ILE B 360 27.87 -18.69 46.98
C ILE B 360 29.12 -18.12 47.63
N THR B 361 29.35 -16.82 47.43
CA THR B 361 30.52 -16.16 47.99
C THR B 361 30.22 -15.73 49.42
N VAL B 362 30.88 -16.37 50.39
CA VAL B 362 30.68 -16.04 51.81
C VAL B 362 31.70 -14.95 52.14
N ASP B 363 31.29 -13.71 51.88
CA ASP B 363 32.14 -12.56 52.14
C ASP B 363 31.86 -12.00 53.53
N LYS B 364 32.69 -11.02 53.93
CA LYS B 364 32.52 -10.41 55.24
C LYS B 364 31.17 -9.69 55.34
N SER B 365 30.80 -8.96 54.29
CA SER B 365 29.52 -8.26 54.30
C SER B 365 28.35 -9.24 54.36
N ALA B 366 28.42 -10.31 53.57
CA ALA B 366 27.36 -11.32 53.59
C ALA B 366 27.30 -12.02 54.94
N LEU B 367 28.45 -12.32 55.54
CA LEU B 367 28.48 -12.95 56.85
C LEU B 367 27.87 -12.04 57.90
N ASP B 368 28.17 -10.75 57.84
CA ASP B 368 27.58 -9.79 58.77
C ASP B 368 26.07 -9.70 58.57
N ILE B 369 25.62 -9.70 57.31
CA ILE B 369 24.19 -9.60 57.03
C ILE B 369 23.45 -10.80 57.58
N LEU B 370 24.00 -12.00 57.36
CA LEU B 370 23.35 -13.20 57.89
C LEU B 370 23.45 -13.29 59.41
N GLY B 371 24.50 -12.71 60.00
CA GLY B 371 24.56 -12.62 61.45
C GLY B 371 23.48 -11.72 62.03
N LYS B 372 23.26 -10.56 61.40
CA LYS B 372 22.19 -9.67 61.81
C LYS B 372 20.83 -10.06 61.23
N GLN B 373 20.79 -11.11 60.40
CA GLN B 373 19.52 -11.56 59.84
C GLN B 373 18.58 -12.03 60.94
N GLY B 374 19.12 -12.59 62.01
CA GLY B 374 18.32 -13.12 63.10
C GLY B 374 18.44 -14.62 63.30
N TYR B 375 19.34 -15.28 62.59
CA TYR B 375 19.58 -16.71 62.73
C TYR B 375 21.07 -16.94 62.98
N SER B 376 21.41 -18.19 63.30
CA SER B 376 22.79 -18.59 63.58
C SER B 376 23.20 -19.64 62.55
N ILE B 377 24.46 -20.08 62.67
CA ILE B 377 24.98 -21.08 61.74
C ILE B 377 24.25 -22.41 61.92
N ASP B 378 24.06 -22.83 63.16
CA ASP B 378 23.39 -24.08 63.46
C ASP B 378 21.90 -23.93 63.75
N SER B 379 21.35 -22.74 63.63
CA SER B 379 19.94 -22.51 63.92
C SER B 379 19.09 -23.12 62.82
N ILE B 380 18.24 -24.07 63.18
CA ILE B 380 17.33 -24.69 62.21
C ILE B 380 16.26 -23.66 61.81
N PRO B 381 15.89 -23.58 60.54
CA PRO B 381 14.82 -22.65 60.15
C PRO B 381 13.50 -23.03 60.82
N LEU B 382 12.73 -22.00 61.15
CA LEU B 382 11.45 -22.18 61.83
C LEU B 382 10.37 -22.51 60.80
N LYS B 383 9.65 -23.61 61.03
CA LYS B 383 8.52 -24.04 60.21
C LYS B 383 8.98 -24.44 58.80
N GLY B 384 10.28 -24.36 58.54
CA GLY B 384 10.81 -24.69 57.24
C GLY B 384 10.75 -23.52 56.27
N LYS B 385 11.35 -22.40 56.67
CA LYS B 385 11.33 -21.17 55.87
C LYS B 385 12.73 -20.90 55.31
N LYS B 386 12.76 -20.33 54.12
CA LYS B 386 14.03 -19.95 53.49
C LYS B 386 14.72 -18.89 54.33
N CYS B 387 16.03 -19.05 54.53
CA CYS B 387 16.83 -18.05 55.22
C CYS B 387 17.83 -17.47 54.22
N PHE B 388 17.81 -16.16 54.06
CA PHE B 388 18.56 -15.49 53.02
C PHE B 388 19.99 -15.20 53.48
N LEU B 389 20.90 -15.15 52.50
CA LEU B 389 22.30 -14.83 52.75
C LEU B 389 22.66 -13.41 52.35
N ARG B 390 21.93 -12.82 51.40
CA ARG B 390 22.13 -11.43 51.00
C ARG B 390 20.77 -10.82 50.72
N ALA B 391 20.76 -9.50 50.50
CA ALA B 391 19.51 -8.77 50.25
C ALA B 391 19.51 -8.06 48.90
N THR B 392 20.54 -8.25 48.08
CA THR B 392 20.59 -7.58 46.78
C THR B 392 19.66 -8.21 45.75
N ALA B 393 19.26 -9.46 45.95
CA ALA B 393 18.34 -10.17 45.05
C ALA B 393 18.84 -10.12 43.61
N ASN B 394 20.06 -10.61 43.41
CA ASN B 394 20.70 -10.60 42.11
C ASN B 394 21.07 -12.01 41.70
N LEU B 395 20.89 -12.31 40.42
CA LEU B 395 21.22 -13.64 39.91
C LEU B 395 22.73 -13.86 39.86
N SER B 396 23.50 -12.80 39.57
CA SER B 396 24.95 -12.92 39.61
C SER B 396 25.45 -13.23 41.01
N THR B 397 24.80 -12.65 42.02
CA THR B 397 25.15 -12.97 43.40
C THR B 397 24.81 -14.43 43.73
N GLY B 398 23.77 -14.97 43.11
CA GLY B 398 23.33 -16.32 43.42
C GLY B 398 21.85 -16.42 43.69
N GLY B 399 21.08 -15.43 43.23
CA GLY B 399 19.64 -15.45 43.41
C GLY B 399 18.96 -16.52 42.58
N ILE B 400 17.63 -16.57 42.71
CA ILE B 400 16.83 -17.58 42.05
C ILE B 400 15.75 -16.90 41.21
N ALA B 401 15.59 -17.35 39.98
CA ALA B 401 14.56 -16.84 39.09
C ALA B 401 13.36 -17.77 39.12
N VAL B 402 12.17 -17.18 39.04
CA VAL B 402 10.91 -17.92 38.97
C VAL B 402 10.11 -17.38 37.79
N ASP B 403 9.57 -18.29 36.97
CA ASP B 403 8.80 -17.86 35.82
C ASP B 403 7.37 -17.49 36.24
N ARG B 404 6.96 -16.27 35.91
CA ARG B 404 5.62 -15.78 36.21
C ARG B 404 4.96 -15.18 34.98
N THR B 405 5.35 -15.65 33.79
CA THR B 405 4.83 -15.07 32.55
C THR B 405 3.33 -15.30 32.40
N ASP B 406 2.85 -16.49 32.77
CA ASP B 406 1.46 -16.82 32.54
C ASP B 406 0.52 -16.10 33.50
N GLU B 407 0.91 -15.97 34.76
CA GLU B 407 0.03 -15.40 35.78
C GLU B 407 0.30 -13.91 35.98
N ILE B 408 -0.03 -13.13 34.94
CA ILE B 408 0.09 -11.68 34.98
C ILE B 408 -1.22 -11.07 34.50
N HIS B 409 -1.67 -10.04 35.20
CA HIS B 409 -2.92 -9.38 34.84
C HIS B 409 -2.76 -8.65 33.50
N PRO B 410 -3.80 -8.68 32.66
CA PRO B 410 -3.70 -7.96 31.37
C PRO B 410 -3.48 -6.46 31.53
N GLU B 411 -4.05 -5.85 32.57
CA GLU B 411 -3.83 -4.43 32.81
C GLU B 411 -2.36 -4.14 33.07
N ASN B 412 -1.68 -5.02 33.82
CA ASN B 412 -0.25 -4.85 34.03
C ASN B 412 0.53 -4.93 32.72
N VAL B 413 0.14 -5.85 31.84
CA VAL B 413 0.79 -5.97 30.54
C VAL B 413 0.62 -4.69 29.75
N TRP B 414 -0.61 -4.15 29.73
CA TRP B 414 -0.88 -2.91 29.02
C TRP B 414 -0.05 -1.77 29.59
N LEU B 415 0.02 -1.68 30.92
CA LEU B 415 0.78 -0.61 31.56
C LEU B 415 2.26 -0.71 31.22
N LEU B 416 2.82 -1.92 31.24
CA LEU B 416 4.24 -2.08 30.95
C LEU B 416 4.53 -1.77 29.48
N SER B 417 3.66 -2.18 28.57
CA SER B 417 3.84 -1.82 27.17
C SER B 417 3.78 -0.31 26.97
N ARG B 418 2.85 0.36 27.66
CA ARG B 418 2.78 1.81 27.57
C ARG B 418 4.04 2.46 28.11
N VAL B 419 4.58 1.94 29.21
CA VAL B 419 5.82 2.49 29.77
C VAL B 419 6.96 2.34 28.78
N ALA B 420 7.09 1.16 28.18
CA ALA B 420 8.16 0.93 27.21
C ALA B 420 8.03 1.85 26.01
N LYS B 421 6.81 2.05 25.52
CA LYS B 421 6.62 2.98 24.41
C LYS B 421 6.89 4.43 24.80
N ILE B 422 6.54 4.81 26.03
CA ILE B 422 6.76 6.17 26.49
C ILE B 422 8.25 6.48 26.57
N ILE B 423 9.03 5.56 27.15
CA ILE B 423 10.47 5.78 27.23
C ILE B 423 11.09 5.80 25.83
N GLY B 424 10.62 4.93 24.95
CA GLY B 424 11.10 4.90 23.58
C GLY B 424 12.19 3.87 23.36
N LEU B 425 11.96 2.65 23.84
CA LEU B 425 12.92 1.56 23.72
C LEU B 425 12.25 0.37 23.06
N ASP B 426 12.89 -0.16 22.01
CA ASP B 426 12.35 -1.34 21.34
C ASP B 426 12.48 -2.57 22.23
N ILE B 427 13.64 -2.73 22.89
CA ILE B 427 13.88 -3.80 23.84
C ILE B 427 14.23 -3.16 25.18
N ALA B 428 13.46 -3.48 26.21
CA ALA B 428 13.63 -2.85 27.50
C ALA B 428 13.44 -3.85 28.63
N GLY B 429 14.09 -3.58 29.75
CA GLY B 429 13.91 -4.37 30.96
C GLY B 429 13.44 -3.53 32.12
N ILE B 430 12.24 -3.80 32.61
CA ILE B 430 11.60 -2.97 33.63
C ILE B 430 11.63 -3.72 34.96
N ASP B 431 11.99 -3.00 36.02
CA ASP B 431 11.99 -3.56 37.37
C ASP B 431 10.74 -3.10 38.10
N VAL B 432 9.95 -4.05 38.58
CA VAL B 432 8.71 -3.76 39.28
C VAL B 432 8.80 -4.31 40.69
N VAL B 433 8.16 -3.64 41.63
CA VAL B 433 8.06 -4.11 43.01
C VAL B 433 6.58 -4.14 43.37
N THR B 434 6.06 -5.32 43.70
CA THR B 434 4.64 -5.47 43.97
C THR B 434 4.42 -6.63 44.93
N GLU B 435 3.26 -6.60 45.60
CA GLU B 435 2.88 -7.71 46.47
C GLU B 435 2.41 -8.91 45.66
N ASP B 436 1.74 -8.67 44.54
CA ASP B 436 1.25 -9.73 43.67
C ASP B 436 1.25 -9.23 42.24
N ILE B 437 1.81 -10.04 41.33
CA ILE B 437 1.83 -9.68 39.92
C ILE B 437 0.56 -10.10 39.18
N SER B 438 -0.31 -10.87 39.83
CA SER B 438 -1.56 -11.31 39.23
C SER B 438 -2.69 -10.32 39.44
N GLN B 439 -2.43 -9.19 40.08
CA GLN B 439 -3.41 -8.16 40.35
C GLN B 439 -2.91 -6.82 39.82
N PRO B 440 -3.82 -5.92 39.45
CA PRO B 440 -3.39 -4.62 38.94
C PRO B 440 -2.59 -3.84 39.97
N LEU B 441 -1.66 -3.02 39.48
CA LEU B 441 -0.77 -2.27 40.35
C LEU B 441 -1.45 -1.14 41.10
N ARG B 442 -2.77 -1.00 40.97
CA ARG B 442 -3.49 0.05 41.69
C ARG B 442 -4.01 -0.44 43.03
N GLU B 443 -4.63 -1.62 43.07
CA GLU B 443 -5.12 -2.18 44.32
C GLU B 443 -3.95 -2.45 45.28
N VAL B 444 -2.95 -3.18 44.81
CA VAL B 444 -1.74 -3.34 45.59
C VAL B 444 -0.84 -2.13 45.41
N GLU B 445 0.07 -1.93 46.35
CA GLU B 445 0.97 -0.79 46.32
C GLU B 445 2.22 -1.12 45.50
N GLY B 446 1.98 -1.30 44.20
CA GLY B 446 3.06 -1.59 43.28
C GLY B 446 3.58 -0.35 42.57
N VAL B 447 4.88 -0.34 42.33
CA VAL B 447 5.55 0.79 41.70
C VAL B 447 6.53 0.28 40.64
N ILE B 448 6.90 1.18 39.74
CA ILE B 448 7.91 0.92 38.73
C ILE B 448 9.22 1.50 39.20
N VAL B 449 10.24 0.67 39.33
CA VAL B 449 11.50 1.10 39.92
C VAL B 449 12.42 1.73 38.88
N GLU B 450 12.78 1.00 37.84
CA GLU B 450 13.74 1.51 36.86
C GLU B 450 13.57 0.77 35.55
N VAL B 451 14.16 1.36 34.50
CA VAL B 451 14.13 0.82 33.14
C VAL B 451 15.57 0.71 32.65
N ASN B 452 15.88 -0.42 32.01
CA ASN B 452 17.21 -0.67 31.46
C ASN B 452 17.10 -0.86 29.96
N ALA B 453 18.01 -0.21 29.23
CA ALA B 453 17.96 -0.15 27.78
C ALA B 453 18.55 -1.38 27.10
N ALA B 454 19.58 -1.98 27.68
CA ALA B 454 20.27 -3.13 27.09
C ALA B 454 20.29 -4.26 28.12
N PRO B 455 19.17 -4.96 28.29
CA PRO B 455 19.10 -6.00 29.30
C PRO B 455 19.55 -7.36 28.77
N GLY B 456 20.08 -8.17 29.68
CA GLY B 456 20.39 -9.54 29.37
C GLY B 456 19.20 -10.45 29.64
N PHE B 457 19.08 -11.49 28.82
CA PHE B 457 17.95 -12.41 28.93
C PHE B 457 18.41 -13.81 29.31
N ARG B 458 19.63 -13.94 29.81
CA ARG B 458 20.08 -15.24 30.31
C ARG B 458 19.24 -15.72 31.47
N MET B 459 18.67 -14.80 32.25
CA MET B 459 17.79 -15.17 33.35
C MET B 459 16.47 -15.77 32.87
N HIS B 460 15.95 -15.33 31.73
CA HIS B 460 14.68 -15.82 31.22
C HIS B 460 14.82 -17.11 30.43
N VAL B 461 15.96 -17.35 29.80
CA VAL B 461 16.16 -18.58 29.03
C VAL B 461 16.27 -19.80 29.95
N ALA B 462 16.86 -19.65 31.14
CA ALA B 462 17.00 -20.73 32.10
C ALA B 462 16.37 -20.28 33.41
N PRO B 463 15.04 -20.31 33.51
CA PRO B 463 14.38 -19.82 34.73
C PRO B 463 14.75 -20.60 35.98
N SER B 464 15.05 -21.90 35.85
CA SER B 464 15.35 -22.80 36.94
C SER B 464 14.11 -23.15 37.75
N ARG B 465 12.98 -22.48 37.45
CA ARG B 465 11.68 -22.87 38.01
C ARG B 465 10.62 -22.32 37.07
N GLY B 466 10.06 -23.21 36.24
CA GLY B 466 9.05 -22.79 35.29
C GLY B 466 9.41 -23.11 33.86
N LEU B 467 8.77 -22.42 32.91
CA LEU B 467 9.00 -22.65 31.50
C LEU B 467 9.95 -21.62 30.92
N ALA B 468 10.84 -22.08 30.02
CA ALA B 468 11.74 -21.18 29.33
C ALA B 468 11.00 -20.42 28.24
N ARG B 469 11.45 -19.19 27.99
CA ARG B 469 10.87 -18.34 26.97
C ARG B 469 11.88 -18.10 25.85
N ASN B 470 11.38 -18.08 24.62
CA ASN B 470 12.22 -17.88 23.44
C ASN B 470 12.37 -16.39 23.19
N VAL B 471 13.31 -15.77 23.92
CA VAL B 471 13.60 -14.36 23.75
C VAL B 471 14.30 -14.09 22.42
N ALA B 472 15.24 -14.97 22.04
CA ALA B 472 15.94 -14.80 20.78
C ALA B 472 14.97 -14.86 19.60
N GLY B 473 14.00 -15.76 19.67
CA GLY B 473 12.98 -15.81 18.63
C GLY B 473 12.18 -14.54 18.52
N ALA B 474 11.81 -13.96 19.65
CA ALA B 474 11.07 -12.69 19.63
C ALA B 474 11.91 -11.56 19.05
N VAL B 475 13.20 -11.50 19.41
CA VAL B 475 14.07 -10.47 18.87
C VAL B 475 14.22 -10.64 17.36
N MET B 476 14.42 -11.88 16.91
CA MET B 476 14.57 -12.12 15.48
C MET B 476 13.29 -11.80 14.71
N ASP B 477 12.13 -12.09 15.31
CA ASP B 477 10.86 -11.70 14.70
C ASP B 477 10.73 -10.19 14.62
N MET B 478 11.17 -9.47 15.66
CA MET B 478 11.15 -8.01 15.60
C MET B 478 12.04 -7.48 14.49
N LEU B 479 13.22 -8.07 14.31
CA LEU B 479 14.12 -7.61 13.26
C LEU B 479 13.55 -7.88 11.88
N PHE B 480 13.07 -9.10 11.65
CA PHE B 480 12.47 -9.50 10.37
C PHE B 480 11.03 -9.93 10.64
N PRO B 481 10.05 -9.07 10.35
CA PRO B 481 8.68 -9.32 10.79
C PRO B 481 8.07 -10.62 10.29
N GLY B 482 7.98 -10.78 8.98
CA GLY B 482 7.34 -11.95 8.39
C GLY B 482 8.30 -13.10 8.22
N SER B 483 7.92 -14.03 7.34
CA SER B 483 8.80 -15.14 6.97
C SER B 483 9.76 -14.71 5.87
N LYS B 484 10.51 -13.65 6.16
CA LYS B 484 11.41 -13.03 5.21
C LYS B 484 12.83 -13.06 5.75
N ASN B 485 13.79 -13.07 4.82
CA ASN B 485 15.21 -13.02 5.14
C ASN B 485 15.83 -11.82 4.46
N GLY B 486 17.03 -11.45 4.91
CA GLY B 486 17.70 -10.28 4.38
C GLY B 486 18.49 -10.57 3.13
N ARG B 487 17.92 -11.37 2.23
CA ARG B 487 18.61 -11.78 1.02
C ARG B 487 18.22 -10.89 -0.15
N ILE B 488 19.17 -10.69 -1.06
CA ILE B 488 18.96 -9.89 -2.26
C ILE B 488 19.33 -10.75 -3.46
N PRO B 489 18.82 -10.43 -4.65
CA PRO B 489 19.19 -11.21 -5.84
C PRO B 489 20.69 -11.22 -6.05
N ILE B 490 21.23 -12.42 -6.29
CA ILE B 490 22.65 -12.64 -6.49
C ILE B 490 22.86 -13.45 -7.76
N LEU B 491 23.72 -12.95 -8.64
CA LEU B 491 24.07 -13.62 -9.89
C LEU B 491 25.58 -13.81 -9.93
N SER B 492 26.02 -15.07 -9.87
CA SER B 492 27.44 -15.41 -9.85
C SER B 492 27.80 -15.98 -11.22
N VAL B 493 28.76 -15.34 -11.89
CA VAL B 493 29.18 -15.73 -13.23
C VAL B 493 30.57 -16.34 -13.14
N THR B 494 30.75 -17.53 -13.69
CA THR B 494 32.05 -18.18 -13.73
C THR B 494 32.28 -18.76 -15.11
N GLY B 495 33.54 -18.92 -15.46
CA GLY B 495 33.91 -19.41 -16.77
C GLY B 495 35.38 -19.23 -17.03
N THR B 496 35.80 -19.65 -18.23
CA THR B 496 37.21 -19.57 -18.58
C THR B 496 37.52 -18.32 -19.40
N ASN B 497 36.61 -17.92 -20.28
CA ASN B 497 36.91 -16.93 -21.30
C ASN B 497 36.17 -15.61 -21.13
N GLY B 498 34.84 -15.63 -21.06
CA GLY B 498 34.08 -14.40 -21.17
C GLY B 498 33.34 -13.95 -19.93
N LYS B 499 33.98 -14.05 -18.77
CA LYS B 499 33.32 -13.65 -17.53
C LYS B 499 33.03 -12.15 -17.50
N THR B 500 34.01 -11.33 -17.90
CA THR B 500 33.89 -9.89 -17.74
C THR B 500 32.76 -9.33 -18.60
N THR B 501 32.73 -9.70 -19.88
CA THR B 501 31.72 -9.17 -20.78
C THR B 501 30.32 -9.59 -20.33
N THR B 502 30.18 -10.85 -19.92
CA THR B 502 28.88 -11.33 -19.46
C THR B 502 28.43 -10.58 -18.21
N THR B 503 29.35 -10.37 -17.27
CA THR B 503 29.00 -9.64 -16.04
C THR B 503 28.57 -8.22 -16.35
N ARG B 504 29.32 -7.53 -17.21
CA ARG B 504 28.95 -6.16 -17.57
C ARG B 504 27.63 -6.10 -18.30
N LEU B 505 27.37 -7.06 -19.19
CA LEU B 505 26.10 -7.09 -19.90
C LEU B 505 24.94 -7.34 -18.95
N LEU B 506 25.10 -8.25 -18.00
CA LEU B 506 24.06 -8.48 -17.00
C LEU B 506 23.78 -7.23 -16.20
N ALA B 507 24.85 -6.54 -15.76
CA ALA B 507 24.67 -5.32 -14.98
C ALA B 507 23.94 -4.27 -15.80
N HIS B 508 24.33 -4.10 -17.06
CA HIS B 508 23.69 -3.09 -17.90
C HIS B 508 22.22 -3.42 -18.14
N ILE B 509 21.89 -4.69 -18.37
CA ILE B 509 20.51 -5.07 -18.61
C ILE B 509 19.67 -4.83 -17.37
N ILE B 510 20.17 -5.22 -16.19
CA ILE B 510 19.40 -5.02 -14.98
C ILE B 510 19.27 -3.54 -14.64
N LYS B 511 20.26 -2.72 -15.05
CA LYS B 511 20.18 -1.29 -14.79
C LYS B 511 19.00 -0.63 -15.50
N GLN B 512 18.47 -1.26 -16.56
CA GLN B 512 17.31 -0.69 -17.23
C GLN B 512 16.10 -0.62 -16.32
N THR B 513 15.88 -1.67 -15.51
CA THR B 513 14.91 -1.60 -14.44
C THR B 513 15.39 -0.62 -13.38
N GLY B 514 14.44 0.01 -12.69
CA GLY B 514 14.80 0.98 -11.68
C GLY B 514 15.36 0.37 -10.42
N LYS B 515 16.55 -0.23 -10.52
CA LYS B 515 17.20 -0.88 -9.40
C LYS B 515 18.66 -0.46 -9.35
N VAL B 516 19.21 -0.42 -8.14
CA VAL B 516 20.62 -0.12 -7.93
C VAL B 516 21.36 -1.45 -7.96
N VAL B 517 22.32 -1.58 -8.88
CA VAL B 517 23.02 -2.84 -9.12
C VAL B 517 24.48 -2.67 -8.71
N GLY B 518 24.95 -3.56 -7.85
CA GLY B 518 26.36 -3.60 -7.50
C GLY B 518 27.05 -4.77 -8.16
N TYR B 519 28.09 -4.51 -8.94
CA TYR B 519 28.75 -5.60 -9.64
C TYR B 519 30.26 -5.50 -9.54
N THR B 520 30.89 -6.66 -9.38
CA THR B 520 32.34 -6.76 -9.29
C THR B 520 32.87 -7.63 -10.42
N THR B 521 33.95 -7.16 -11.04
CA THR B 521 34.57 -7.84 -12.17
C THR B 521 36.07 -7.56 -12.12
N THR B 522 36.78 -7.92 -13.19
CA THR B 522 38.21 -7.72 -13.23
C THR B 522 38.57 -6.24 -13.29
N ASP B 523 37.80 -5.46 -14.04
CA ASP B 523 38.12 -4.04 -14.23
C ASP B 523 38.03 -3.28 -12.91
N GLY B 524 36.95 -3.46 -12.17
CA GLY B 524 36.78 -2.78 -10.90
C GLY B 524 35.41 -3.04 -10.32
N THR B 525 35.25 -2.65 -9.07
CA THR B 525 33.99 -2.84 -8.35
C THR B 525 33.15 -1.58 -8.51
N TYR B 526 31.92 -1.74 -9.01
CA TYR B 526 31.03 -0.63 -9.29
C TYR B 526 29.76 -0.76 -8.46
N ILE B 527 29.31 0.37 -7.91
CA ILE B 527 28.03 0.46 -7.21
C ILE B 527 27.09 1.30 -8.05
N GLY B 528 26.26 0.65 -8.85
CA GLY B 528 25.35 1.38 -9.71
C GLY B 528 26.04 2.03 -10.89
N GLU B 529 26.14 3.37 -10.86
CA GLU B 529 26.74 4.11 -11.95
C GLU B 529 28.15 4.60 -11.63
N TYR B 530 28.47 4.80 -10.35
CA TYR B 530 29.74 5.40 -9.94
C TYR B 530 30.73 4.31 -9.52
N LEU B 531 31.99 4.49 -9.92
CA LEU B 531 33.02 3.52 -9.60
C LEU B 531 33.34 3.54 -8.12
N ALA B 532 33.44 2.35 -7.53
CA ALA B 532 33.77 2.21 -6.11
C ALA B 532 35.20 1.79 -5.87
N GLU B 533 35.73 0.85 -6.63
CA GLU B 533 37.11 0.43 -6.44
C GLU B 533 37.79 0.16 -7.77
N THR B 534 38.98 0.73 -7.96
CA THR B 534 39.75 0.52 -9.17
C THR B 534 40.58 -0.77 -9.09
N GLY B 535 41.52 -0.81 -8.15
CA GLY B 535 42.41 -1.94 -8.02
C GLY B 535 41.88 -3.00 -7.07
N ASP B 536 40.83 -3.70 -7.49
CA ASP B 536 40.18 -4.71 -6.67
C ASP B 536 40.46 -6.10 -7.22
N ASN B 537 40.27 -7.09 -6.37
CA ASN B 537 40.32 -8.49 -6.78
C ASN B 537 38.91 -9.04 -6.92
N THR B 538 38.81 -10.19 -7.59
CA THR B 538 37.53 -10.87 -7.78
C THR B 538 37.30 -11.94 -6.71
N GLY B 539 37.85 -11.74 -5.52
CA GLY B 539 37.70 -12.70 -4.44
C GLY B 539 36.61 -12.31 -3.48
N PRO B 540 36.58 -12.95 -2.31
CA PRO B 540 35.54 -12.65 -1.32
C PRO B 540 35.56 -11.23 -0.80
N GLN B 541 36.68 -10.51 -0.90
CA GLN B 541 36.75 -9.15 -0.39
C GLN B 541 35.81 -8.22 -1.15
N SER B 542 35.84 -8.30 -2.48
CA SER B 542 34.92 -7.49 -3.28
C SER B 542 33.48 -7.90 -3.05
N ALA B 543 33.22 -9.19 -2.86
CA ALA B 543 31.86 -9.64 -2.56
C ALA B 543 31.36 -9.05 -1.24
N HIS B 544 32.22 -9.04 -0.23
CA HIS B 544 31.85 -8.43 1.05
C HIS B 544 31.62 -6.94 0.90
N LEU B 545 32.43 -6.26 0.09
CA LEU B 545 32.23 -4.84 -0.14
C LEU B 545 30.89 -4.59 -0.83
N ILE B 546 30.53 -5.43 -1.80
CA ILE B 546 29.27 -5.27 -2.52
C ILE B 546 28.09 -5.53 -1.59
N LEU B 547 28.13 -6.63 -0.84
CA LEU B 547 26.98 -7.06 -0.06
C LEU B 547 26.77 -6.24 1.21
N SER B 548 27.78 -5.48 1.65
CA SER B 548 27.64 -4.67 2.85
C SER B 548 27.12 -3.26 2.56
N ASP B 549 26.98 -2.89 1.30
CA ASP B 549 26.50 -1.55 0.98
C ASP B 549 25.02 -1.43 1.29
N PRO B 550 24.59 -0.38 1.98
CA PRO B 550 23.18 -0.23 2.33
C PRO B 550 22.28 0.24 1.19
N THR B 551 22.79 0.33 -0.04
CA THR B 551 21.99 0.76 -1.17
C THR B 551 21.93 -0.23 -2.31
N VAL B 552 22.68 -1.33 -2.24
CA VAL B 552 22.71 -2.31 -3.32
C VAL B 552 21.50 -3.21 -3.22
N GLU B 553 20.79 -3.38 -4.34
CA GLU B 553 19.63 -4.25 -4.40
C GLU B 553 19.87 -5.56 -5.16
N VAL B 554 20.69 -5.56 -6.20
CA VAL B 554 21.03 -6.76 -6.94
C VAL B 554 22.55 -6.83 -7.08
N ALA B 555 23.12 -7.98 -6.75
CA ALA B 555 24.56 -8.17 -6.77
C ALA B 555 24.94 -9.08 -7.93
N VAL B 556 25.91 -8.65 -8.73
CA VAL B 556 26.46 -9.44 -9.83
C VAL B 556 27.94 -9.58 -9.59
N LEU B 557 28.41 -10.82 -9.46
CA LEU B 557 29.79 -11.09 -9.08
C LEU B 557 30.45 -11.99 -10.11
N GLU B 558 31.64 -11.58 -10.58
CA GLU B 558 32.48 -12.45 -11.38
C GLU B 558 33.35 -13.28 -10.45
N THR B 559 33.21 -14.59 -10.51
CA THR B 559 33.90 -15.51 -9.60
C THR B 559 35.00 -16.24 -10.38
N ALA B 560 36.25 -15.85 -10.13
CA ALA B 560 37.38 -16.51 -10.73
C ALA B 560 37.79 -17.73 -9.92
N ARG B 561 38.57 -18.61 -10.54
CA ARG B 561 39.00 -19.83 -9.86
C ARG B 561 40.01 -19.54 -8.76
N GLY B 562 40.78 -18.45 -8.90
CA GLY B 562 41.75 -18.11 -7.86
C GLY B 562 41.09 -17.82 -6.53
N GLY B 563 39.97 -17.10 -6.54
CA GLY B 563 39.25 -16.84 -5.31
C GLY B 563 38.68 -18.10 -4.69
N ILE B 564 38.18 -19.03 -5.51
CA ILE B 564 37.66 -20.27 -4.98
C ILE B 564 38.76 -21.12 -4.37
N LEU B 565 39.92 -21.19 -5.02
CA LEU B 565 41.02 -21.98 -4.47
C LEU B 565 41.60 -21.34 -3.22
N ARG B 566 41.71 -20.01 -3.19
CA ARG B 566 42.38 -19.36 -2.07
C ARG B 566 41.48 -19.24 -0.85
N SER B 567 40.25 -18.73 -1.03
CA SER B 567 39.37 -18.51 0.10
C SER B 567 37.95 -19.06 -0.11
N GLY B 568 37.64 -19.61 -1.28
CA GLY B 568 36.31 -20.09 -1.53
C GLY B 568 35.34 -18.98 -1.85
N LEU B 569 34.07 -19.36 -1.97
CA LEU B 569 33.02 -18.41 -2.28
C LEU B 569 32.73 -17.52 -1.07
N GLY B 570 32.38 -16.27 -1.35
CA GLY B 570 32.05 -15.31 -0.31
C GLY B 570 30.61 -15.32 0.12
N PHE B 571 29.80 -16.24 -0.40
CA PHE B 571 28.39 -16.31 -0.06
C PHE B 571 27.99 -17.77 0.08
N SER B 572 26.96 -18.00 0.89
CA SER B 572 26.47 -19.36 1.12
C SER B 572 25.71 -19.91 -0.08
N SER B 573 24.86 -19.10 -0.70
CA SER B 573 24.06 -19.55 -1.83
C SER B 573 23.84 -18.37 -2.77
N CYS B 574 23.52 -18.70 -4.02
CA CYS B 574 23.24 -17.69 -5.04
C CYS B 574 21.94 -18.03 -5.74
N GLU B 575 21.22 -16.99 -6.16
CA GLU B 575 19.97 -17.19 -6.87
C GLU B 575 20.19 -17.62 -8.31
N VAL B 576 21.21 -17.08 -8.97
CA VAL B 576 21.53 -17.47 -10.34
C VAL B 576 23.00 -17.82 -10.41
N GLY B 577 23.30 -19.01 -10.96
CA GLY B 577 24.68 -19.40 -11.18
C GLY B 577 24.95 -19.72 -12.63
N ILE B 578 25.81 -18.93 -13.28
CA ILE B 578 26.08 -19.07 -14.70
C ILE B 578 27.46 -19.69 -14.88
N VAL B 579 27.52 -20.77 -15.66
CA VAL B 579 28.78 -21.40 -16.04
C VAL B 579 28.90 -21.32 -17.55
N LEU B 580 29.92 -20.61 -18.04
CA LEU B 580 30.04 -20.36 -19.47
C LEU B 580 30.67 -21.54 -20.18
N ASN B 581 31.93 -21.85 -19.85
CA ASN B 581 32.65 -22.94 -20.50
C ASN B 581 33.87 -23.28 -19.66
N VAL B 582 34.42 -24.47 -19.90
CA VAL B 582 35.60 -24.96 -19.19
C VAL B 582 36.57 -25.48 -20.23
N THR B 583 37.68 -24.78 -20.42
CA THR B 583 38.73 -25.20 -21.34
C THR B 583 40.07 -25.23 -20.61
N ALA B 584 40.86 -26.26 -20.88
CA ALA B 584 42.16 -26.42 -20.22
C ALA B 584 43.25 -25.60 -20.91
N ASP B 585 43.01 -24.30 -21.05
CA ASP B 585 44.00 -23.44 -21.68
C ASP B 585 45.19 -23.15 -20.79
N HIS B 586 45.00 -23.19 -19.47
CA HIS B 586 46.08 -22.91 -18.52
C HIS B 586 45.94 -23.85 -17.34
N LEU B 587 47.02 -24.56 -17.01
CA LEU B 587 47.00 -25.56 -15.96
C LEU B 587 48.30 -25.48 -15.18
N GLY B 588 48.45 -26.40 -14.21
CA GLY B 588 49.66 -26.47 -13.41
C GLY B 588 49.65 -25.64 -12.15
N ILE B 589 48.61 -24.85 -11.90
CA ILE B 589 48.54 -23.99 -10.74
C ILE B 589 47.89 -24.74 -9.58
N GLY B 590 48.53 -24.71 -8.42
CA GLY B 590 47.99 -25.40 -7.27
C GLY B 590 47.99 -26.89 -7.48
N ASP B 591 46.84 -27.51 -7.23
CA ASP B 591 46.67 -28.95 -7.43
C ASP B 591 45.74 -29.24 -8.60
N ILE B 592 45.62 -28.28 -9.51
CA ILE B 592 44.75 -28.40 -10.68
C ILE B 592 45.65 -28.71 -11.87
N ASP B 593 45.77 -30.00 -12.19
CA ASP B 593 46.59 -30.44 -13.31
C ASP B 593 45.80 -31.21 -14.36
N THR B 594 44.52 -31.44 -14.15
CA THR B 594 43.69 -32.18 -15.08
C THR B 594 42.40 -31.41 -15.30
N ILE B 595 41.87 -31.50 -16.53
CA ILE B 595 40.65 -30.78 -16.86
C ILE B 595 39.47 -31.24 -16.03
N GLU B 596 39.47 -32.50 -15.56
CA GLU B 596 38.43 -32.94 -14.64
C GLU B 596 38.50 -32.19 -13.32
N GLN B 597 39.71 -31.93 -12.83
CA GLN B 597 39.88 -31.14 -11.62
C GLN B 597 39.34 -29.73 -11.82
N LEU B 598 39.63 -29.12 -12.98
CA LEU B 598 39.12 -27.79 -13.26
C LEU B 598 37.59 -27.78 -13.34
N ALA B 599 37.01 -28.81 -13.96
CA ALA B 599 35.55 -28.90 -14.02
C ALA B 599 34.96 -29.04 -12.63
N LYS B 600 35.57 -29.86 -11.77
CA LYS B 600 35.10 -29.98 -10.40
C LYS B 600 35.21 -28.66 -9.64
N LEU B 601 36.30 -27.93 -9.85
CA LEU B 601 36.46 -26.63 -9.21
C LEU B 601 35.39 -25.65 -9.67
N LYS B 602 35.12 -25.62 -10.97
CA LYS B 602 34.10 -24.71 -11.49
C LYS B 602 32.69 -25.14 -11.11
N SER B 603 32.49 -26.42 -10.78
CA SER B 603 31.17 -26.92 -10.42
C SER B 603 30.69 -26.40 -9.07
N VAL B 604 31.55 -25.73 -8.30
CA VAL B 604 31.13 -25.20 -7.00
C VAL B 604 30.02 -24.17 -7.17
N VAL B 605 30.15 -23.30 -8.18
CA VAL B 605 29.14 -22.27 -8.41
C VAL B 605 27.79 -22.90 -8.73
N ALA B 606 27.79 -23.91 -9.61
CA ALA B 606 26.55 -24.58 -9.96
C ALA B 606 25.96 -25.35 -8.79
N GLU B 607 26.80 -25.99 -7.99
CA GLU B 607 26.30 -26.79 -6.86
C GLU B 607 25.76 -25.92 -5.73
N SER B 608 26.31 -24.72 -5.57
CA SER B 608 25.88 -23.82 -4.50
C SER B 608 24.74 -22.92 -4.98
N VAL B 609 23.67 -23.56 -5.42
CA VAL B 609 22.47 -22.88 -5.90
C VAL B 609 21.29 -23.37 -5.08
N MET B 610 20.53 -22.43 -4.52
CA MET B 610 19.40 -22.77 -3.67
C MET B 610 18.30 -23.45 -4.49
N PRO B 611 17.42 -24.22 -3.82
CA PRO B 611 16.42 -25.00 -4.58
C PRO B 611 15.52 -24.17 -5.48
N LYS B 612 15.28 -22.90 -5.14
CA LYS B 612 14.48 -22.04 -6.00
C LYS B 612 15.30 -21.28 -7.03
N GLY B 613 16.61 -21.50 -7.07
CA GLY B 613 17.49 -20.79 -7.98
C GLY B 613 17.55 -21.46 -9.35
N TYR B 614 18.46 -20.94 -10.17
CA TYR B 614 18.67 -21.43 -11.52
C TYR B 614 20.15 -21.60 -11.79
N ALA B 615 20.48 -22.65 -12.54
CA ALA B 615 21.84 -22.90 -13.00
C ALA B 615 21.85 -22.81 -14.52
N VAL B 616 22.54 -21.82 -15.07
CA VAL B 616 22.59 -21.58 -16.50
C VAL B 616 23.88 -22.21 -17.04
N LEU B 617 23.72 -23.28 -17.81
CA LEU B 617 24.85 -24.06 -18.30
C LEU B 617 24.86 -24.10 -19.83
N ASN B 618 26.05 -24.33 -20.36
CA ASN B 618 26.25 -24.46 -21.80
C ASN B 618 26.08 -25.92 -22.20
N ALA B 619 25.12 -26.19 -23.09
CA ALA B 619 24.84 -27.56 -23.49
C ALA B 619 25.88 -28.12 -24.46
N GLU B 620 26.61 -27.26 -25.16
CA GLU B 620 27.57 -27.75 -26.15
C GLU B 620 28.77 -28.41 -25.47
N ASP B 621 29.26 -27.86 -24.38
CA ASP B 621 30.42 -28.41 -23.70
C ASP B 621 30.03 -29.65 -22.92
N PRO B 622 30.58 -30.83 -23.23
CA PRO B 622 30.20 -32.02 -22.47
C PRO B 622 30.52 -31.93 -20.99
N LEU B 623 31.66 -31.34 -20.64
CA LEU B 623 32.03 -31.22 -19.23
C LEU B 623 31.07 -30.32 -18.46
N VAL B 624 30.69 -29.19 -19.05
CA VAL B 624 29.74 -28.29 -18.40
C VAL B 624 28.35 -28.94 -18.35
N ALA B 625 27.93 -29.59 -19.42
CA ALA B 625 26.63 -30.24 -19.44
C ALA B 625 26.57 -31.42 -18.48
N ALA B 626 27.72 -32.01 -18.11
CA ALA B 626 27.72 -33.10 -17.15
C ALA B 626 27.35 -32.64 -15.75
N MET B 627 27.34 -31.34 -15.49
CA MET B 627 26.94 -30.80 -14.20
C MET B 627 25.44 -30.74 -14.03
N ALA B 628 24.65 -31.39 -14.89
CA ALA B 628 23.20 -31.35 -14.75
C ALA B 628 22.77 -31.98 -13.43
N ASP B 629 23.37 -33.10 -13.06
CA ASP B 629 23.08 -33.72 -11.78
C ASP B 629 23.81 -32.97 -10.67
N ARG B 630 23.67 -33.48 -9.44
CA ARG B 630 24.27 -32.90 -8.23
C ARG B 630 24.07 -31.39 -8.15
N VAL B 631 22.99 -30.90 -8.74
CA VAL B 631 22.64 -29.48 -8.72
C VAL B 631 21.22 -29.34 -8.22
N LYS B 632 21.04 -28.57 -7.16
CA LYS B 632 19.72 -28.28 -6.62
C LYS B 632 19.11 -27.10 -7.37
N GLY B 633 17.83 -27.22 -7.69
CA GLY B 633 17.16 -26.18 -8.45
C GLY B 633 17.12 -26.47 -9.93
N GLN B 634 16.49 -25.56 -10.66
CA GLN B 634 16.26 -25.76 -12.08
C GLN B 634 17.53 -25.50 -12.89
N VAL B 635 17.60 -26.14 -14.05
CA VAL B 635 18.73 -26.04 -14.95
C VAL B 635 18.24 -25.47 -16.28
N ALA B 636 18.93 -24.44 -16.76
CA ALA B 636 18.62 -23.81 -18.03
C ALA B 636 19.82 -23.92 -18.95
N TYR B 637 19.60 -24.44 -20.15
CA TYR B 637 20.66 -24.66 -21.12
C TYR B 637 20.69 -23.55 -22.15
N PHE B 638 21.89 -23.12 -22.52
CA PHE B 638 22.06 -22.21 -23.64
C PHE B 638 23.06 -22.81 -24.61
N SER B 639 22.77 -22.68 -25.90
CA SER B 639 23.59 -23.31 -26.93
C SER B 639 23.56 -22.47 -28.20
N MET B 640 24.70 -22.43 -28.88
CA MET B 640 24.80 -21.77 -30.17
C MET B 640 24.29 -22.65 -31.31
N ASP B 641 24.12 -23.95 -31.08
CA ASP B 641 23.62 -24.86 -32.09
C ASP B 641 22.16 -25.16 -31.80
N PRO B 642 21.22 -24.73 -32.64
CA PRO B 642 19.80 -24.98 -32.35
C PRO B 642 19.38 -26.44 -32.49
N ASN B 643 20.25 -27.30 -33.01
CA ASN B 643 19.92 -28.71 -33.22
C ASN B 643 20.53 -29.62 -32.16
N ASN B 644 20.87 -29.08 -31.00
CA ASN B 644 21.43 -29.90 -29.93
C ASN B 644 20.37 -30.83 -29.37
N GLU B 645 20.69 -32.12 -29.32
CA GLU B 645 19.71 -33.11 -28.88
C GLU B 645 19.35 -32.92 -27.41
N LEU B 646 20.35 -32.65 -26.56
CA LEU B 646 20.08 -32.48 -25.13
C LEU B 646 19.17 -31.28 -24.88
N LEU B 647 19.42 -30.16 -25.57
CA LEU B 647 18.60 -28.97 -25.37
C LEU B 647 17.16 -29.22 -25.81
N LEU B 648 16.97 -29.87 -26.96
CA LEU B 648 15.61 -30.15 -27.43
C LEU B 648 14.90 -31.11 -26.48
N ARG B 649 15.60 -32.13 -26.00
CA ARG B 649 14.99 -33.05 -25.04
C ARG B 649 14.61 -32.35 -23.75
N HIS B 650 15.46 -31.43 -23.28
CA HIS B 650 15.14 -30.67 -22.07
C HIS B 650 13.94 -29.76 -22.28
N THR B 651 13.85 -29.13 -23.45
CA THR B 651 12.72 -28.23 -23.72
C THR B 651 11.41 -28.98 -23.88
N GLU B 652 11.45 -30.18 -24.48
CA GLU B 652 10.22 -30.93 -24.69
C GLU B 652 9.56 -31.30 -23.38
N ALA B 653 10.34 -31.62 -22.36
CA ALA B 653 9.84 -31.89 -21.02
C ALA B 653 10.40 -30.80 -20.11
N GLY B 654 9.69 -29.68 -20.02
CA GLY B 654 10.16 -28.54 -19.26
C GLY B 654 10.31 -27.29 -20.11
N GLY B 655 11.51 -26.76 -20.18
CA GLY B 655 11.75 -25.59 -21.03
C GLY B 655 12.90 -24.75 -20.48
N LEU B 656 12.78 -23.45 -20.69
CA LEU B 656 13.77 -22.47 -20.23
C LEU B 656 15.15 -22.74 -20.84
N ALA B 657 15.22 -22.58 -22.16
CA ALA B 657 16.48 -22.65 -22.88
C ALA B 657 16.64 -21.41 -23.75
N ALA B 658 17.86 -21.21 -24.24
CA ALA B 658 18.15 -20.09 -25.13
C ALA B 658 18.99 -20.59 -26.29
N ILE B 659 18.67 -20.14 -27.50
CA ILE B 659 19.32 -20.60 -28.71
C ILE B 659 19.51 -19.42 -29.67
N TYR B 660 20.24 -19.69 -30.75
CA TYR B 660 20.51 -18.73 -31.83
C TYR B 660 20.13 -19.46 -33.12
N GLU B 661 18.87 -19.31 -33.53
CA GLU B 661 18.30 -20.20 -34.55
C GLU B 661 18.49 -19.68 -35.97
N ASN B 662 17.88 -18.54 -36.30
CA ASN B 662 18.00 -17.92 -37.63
C ASN B 662 18.30 -16.45 -37.43
N GLY B 663 19.56 -16.11 -37.21
CA GLY B 663 19.95 -14.74 -36.98
C GLY B 663 19.14 -14.09 -35.87
N TYR B 664 18.74 -14.88 -34.87
CA TYR B 664 17.88 -14.40 -33.80
C TYR B 664 18.33 -14.99 -32.48
N ILE B 665 18.25 -14.16 -31.44
CA ILE B 665 18.49 -14.60 -30.07
C ILE B 665 17.15 -15.01 -29.49
N SER B 666 16.88 -16.32 -29.45
CA SER B 666 15.56 -16.83 -29.11
C SER B 666 15.58 -17.53 -27.77
N ILE B 667 14.45 -17.46 -27.07
CA ILE B 667 14.26 -18.14 -25.80
C ILE B 667 13.11 -19.13 -25.95
N LEU B 668 13.37 -20.37 -25.61
CA LEU B 668 12.35 -21.42 -25.63
C LEU B 668 11.84 -21.64 -24.23
N LYS B 669 10.54 -21.41 -24.04
CA LYS B 669 9.87 -21.63 -22.77
C LYS B 669 9.03 -22.91 -22.80
N GLY B 670 9.53 -23.94 -23.47
CA GLY B 670 8.76 -25.15 -23.67
C GLY B 670 8.38 -25.34 -25.12
N ASP B 671 7.11 -25.15 -25.44
CA ASP B 671 6.62 -25.25 -26.81
C ASP B 671 6.56 -23.90 -27.51
N TRP B 672 7.02 -22.83 -26.86
CA TRP B 672 6.90 -21.48 -27.39
C TRP B 672 8.30 -20.89 -27.61
N THR B 673 8.42 -20.07 -28.64
CA THR B 673 9.67 -19.39 -28.96
C THR B 673 9.45 -17.90 -28.89
N LEU B 674 10.36 -17.20 -28.19
CA LEU B 674 10.29 -15.75 -28.04
C LEU B 674 11.58 -15.16 -28.61
N ARG B 675 11.44 -14.35 -29.65
CA ARG B 675 12.60 -13.73 -30.28
C ARG B 675 12.87 -12.37 -29.65
N ILE B 676 14.15 -12.08 -29.44
CA ILE B 676 14.58 -10.86 -28.75
C ILE B 676 15.19 -9.86 -29.73
N GLU B 677 16.26 -10.23 -30.42
CA GLU B 677 16.99 -9.30 -31.25
C GLU B 677 17.43 -9.99 -32.53
N LYS B 678 17.74 -9.19 -33.54
CA LYS B 678 18.14 -9.67 -34.86
C LYS B 678 19.60 -10.10 -34.92
N ALA B 679 20.34 -10.00 -33.81
CA ALA B 679 21.73 -10.42 -33.66
C ALA B 679 22.69 -9.61 -34.51
N VAL B 680 22.20 -8.69 -35.35
CA VAL B 680 23.06 -7.76 -36.06
C VAL B 680 22.89 -6.33 -35.56
N ASN B 681 21.83 -6.05 -34.80
CA ASN B 681 21.63 -4.76 -34.16
C ASN B 681 22.35 -4.67 -32.83
N VAL B 682 22.96 -5.75 -32.36
CA VAL B 682 23.70 -5.77 -31.10
C VAL B 682 25.11 -5.26 -31.39
N PRO B 683 25.53 -4.14 -30.81
CA PRO B 683 26.85 -3.58 -31.16
C PRO B 683 28.01 -4.50 -30.85
N ILE B 684 27.93 -5.28 -29.77
CA ILE B 684 29.08 -6.10 -29.38
C ILE B 684 29.30 -7.24 -30.38
N THR B 685 28.22 -7.73 -31.01
CA THR B 685 28.36 -8.82 -31.96
C THR B 685 29.03 -8.38 -33.26
N MET B 686 29.10 -7.08 -33.52
CA MET B 686 29.68 -6.54 -34.75
C MET B 686 29.01 -7.15 -35.98
N ALA B 687 27.69 -7.00 -36.06
CA ALA B 687 26.89 -7.53 -37.16
C ALA B 687 27.04 -9.04 -37.31
N GLY B 688 27.26 -9.73 -36.19
CA GLY B 688 27.38 -11.17 -36.20
C GLY B 688 28.74 -11.71 -36.61
N LYS B 689 29.71 -10.84 -36.89
CA LYS B 689 31.03 -11.31 -37.29
C LYS B 689 31.81 -11.96 -36.17
N ALA B 690 31.45 -11.69 -34.91
CA ALA B 690 32.12 -12.31 -33.77
C ALA B 690 31.19 -13.35 -33.17
N PRO B 691 31.42 -14.64 -33.38
CA PRO B 691 30.49 -15.65 -32.85
C PRO B 691 30.65 -15.90 -31.36
N PHE B 692 31.77 -15.48 -30.75
CA PHE B 692 31.98 -15.76 -29.34
C PHE B 692 31.11 -14.88 -28.44
N MET B 693 30.90 -13.62 -28.82
CA MET B 693 30.07 -12.73 -28.03
C MET B 693 28.61 -13.12 -28.03
N ILE B 694 28.16 -13.86 -29.05
CA ILE B 694 26.77 -14.28 -29.09
C ILE B 694 26.46 -15.26 -27.96
N ALA B 695 27.42 -16.11 -27.60
CA ALA B 695 27.21 -17.01 -26.47
C ALA B 695 27.05 -16.24 -25.17
N ASN B 696 27.88 -15.22 -24.95
CA ASN B 696 27.74 -14.38 -23.76
C ASN B 696 26.41 -13.66 -23.75
N ALA B 697 25.97 -13.15 -24.90
CA ALA B 697 24.67 -12.49 -24.98
C ALA B 697 23.55 -13.47 -24.64
N LEU B 698 23.63 -14.70 -25.16
CA LEU B 698 22.64 -15.71 -24.85
C LEU B 698 22.58 -15.99 -23.36
N ALA B 699 23.75 -16.17 -22.74
CA ALA B 699 23.80 -16.47 -21.31
C ALA B 699 23.20 -15.33 -20.49
N ALA B 700 23.57 -14.09 -20.83
CA ALA B 700 23.06 -12.95 -20.09
C ALA B 700 21.54 -12.81 -20.25
N CYS B 701 21.04 -12.97 -21.47
CA CYS B 701 19.61 -12.86 -21.70
C CYS B 701 18.84 -13.95 -20.96
N LEU B 702 19.35 -15.18 -20.98
CA LEU B 702 18.68 -16.26 -20.27
C LEU B 702 18.68 -16.00 -18.76
N ALA B 703 19.82 -15.57 -18.22
CA ALA B 703 19.89 -15.31 -16.78
C ALA B 703 18.93 -14.20 -16.37
N VAL B 704 18.85 -13.14 -17.17
CA VAL B 704 17.91 -12.06 -16.87
C VAL B 704 16.47 -12.55 -16.98
N PHE B 705 16.16 -13.35 -17.99
CA PHE B 705 14.80 -13.83 -18.17
C PHE B 705 14.36 -14.74 -17.02
N THR B 706 15.29 -15.52 -16.47
CA THR B 706 14.93 -16.40 -15.36
C THR B 706 14.49 -15.63 -14.13
N GLN B 707 14.82 -14.35 -14.03
CA GLN B 707 14.47 -13.53 -12.87
C GLN B 707 13.16 -12.78 -13.04
N GLY B 708 12.49 -12.92 -14.18
CA GLY B 708 11.20 -12.29 -14.38
C GLY B 708 11.22 -10.95 -15.07
N VAL B 709 12.37 -10.51 -15.58
CA VAL B 709 12.44 -9.23 -16.28
C VAL B 709 11.73 -9.34 -17.62
N LYS B 710 11.00 -8.29 -17.98
CA LYS B 710 10.21 -8.27 -19.20
C LYS B 710 11.11 -8.23 -20.44
N ILE B 711 10.55 -8.66 -21.57
CA ILE B 711 11.32 -8.79 -22.80
C ILE B 711 11.80 -7.42 -23.30
N GLU B 712 10.95 -6.40 -23.23
CA GLU B 712 11.31 -5.10 -23.77
C GLU B 712 12.50 -4.50 -23.03
N HIS B 713 12.59 -4.74 -21.72
CA HIS B 713 13.76 -4.28 -20.97
C HIS B 713 15.02 -4.95 -21.46
N ILE B 714 14.96 -6.26 -21.73
CA ILE B 714 16.12 -6.98 -22.25
C ILE B 714 16.51 -6.42 -23.62
N ARG B 715 15.52 -6.16 -24.46
CA ARG B 715 15.80 -5.61 -25.79
C ARG B 715 16.50 -4.25 -25.67
N LYS B 716 15.96 -3.38 -24.83
CA LYS B 716 16.53 -2.04 -24.67
C LYS B 716 17.94 -2.11 -24.11
N GLY B 717 18.17 -2.99 -23.13
CA GLY B 717 19.50 -3.13 -22.58
C GLY B 717 20.51 -3.70 -23.56
N LEU B 718 20.09 -4.68 -24.37
CA LEU B 718 20.98 -5.29 -25.34
C LEU B 718 21.31 -4.33 -26.48
N SER B 719 20.35 -3.51 -26.90
CA SER B 719 20.60 -2.59 -28.01
C SER B 719 21.56 -1.47 -27.62
N THR B 720 21.53 -1.04 -26.37
CA THR B 720 22.29 0.13 -25.93
C THR B 720 23.71 -0.21 -25.47
N PHE B 721 23.92 -1.41 -24.92
CA PHE B 721 25.19 -1.77 -24.30
C PHE B 721 26.32 -1.71 -25.31
N VAL B 722 27.45 -1.12 -24.90
CA VAL B 722 28.65 -1.05 -25.72
C VAL B 722 29.83 -1.53 -24.89
N ALA B 723 30.87 -1.97 -25.58
CA ALA B 723 32.07 -2.49 -24.91
C ALA B 723 33.09 -1.38 -24.70
N MET C 1 -26.66 -61.64 -15.99
CA MET C 1 -26.04 -60.35 -15.71
C MET C 1 -27.08 -59.32 -15.29
N LYS C 2 -26.73 -58.49 -14.31
CA LYS C 2 -27.61 -57.41 -13.88
C LYS C 2 -26.77 -56.30 -13.27
N ILE C 3 -27.05 -55.07 -13.67
CA ILE C 3 -26.34 -53.91 -13.12
C ILE C 3 -27.02 -53.51 -11.81
N LEU C 4 -26.27 -53.62 -10.71
CA LEU C 4 -26.83 -53.34 -9.39
C LEU C 4 -26.69 -51.88 -9.00
N LYS C 5 -25.49 -51.31 -9.16
CA LYS C 5 -25.26 -49.91 -8.80
C LYS C 5 -24.13 -49.37 -9.66
N LEU C 6 -24.29 -48.11 -10.09
CA LEU C 6 -23.32 -47.44 -10.95
C LEU C 6 -23.10 -46.04 -10.41
N GLN C 7 -21.94 -45.80 -9.81
CA GLN C 7 -21.61 -44.51 -9.21
C GLN C 7 -20.42 -43.89 -9.92
N THR C 8 -20.33 -42.57 -9.82
CA THR C 8 -19.25 -41.81 -10.45
C THR C 8 -18.46 -41.06 -9.39
N LEU C 9 -17.13 -41.02 -9.57
CA LEU C 9 -16.22 -40.36 -8.65
C LEU C 9 -15.48 -39.26 -9.41
N ARG C 10 -15.45 -38.06 -8.82
CA ARG C 10 -14.87 -36.90 -9.46
C ARG C 10 -13.63 -36.35 -8.77
N GLY C 11 -13.29 -36.83 -7.57
CA GLY C 11 -12.12 -36.37 -6.88
C GLY C 11 -11.31 -37.51 -6.31
N PRO C 12 -10.37 -37.21 -5.42
CA PRO C 12 -9.63 -38.27 -4.75
C PRO C 12 -10.58 -39.16 -3.97
N ASN C 13 -10.30 -40.47 -4.00
CA ASN C 13 -11.24 -41.44 -3.46
C ASN C 13 -10.48 -42.62 -2.89
N TYR C 14 -11.25 -43.63 -2.44
CA TYR C 14 -10.66 -44.83 -1.87
C TYR C 14 -9.84 -45.60 -2.90
N TRP C 15 -10.30 -45.63 -4.15
CA TRP C 15 -9.67 -46.48 -5.15
C TRP C 15 -8.30 -45.95 -5.57
N SER C 16 -8.20 -44.64 -5.79
CA SER C 16 -6.93 -44.07 -6.23
C SER C 16 -6.90 -42.58 -5.91
N ILE C 17 -5.69 -42.03 -5.95
CA ILE C 17 -5.46 -40.60 -5.76
C ILE C 17 -4.71 -40.10 -6.98
N HIS C 18 -5.08 -38.91 -7.45
CA HIS C 18 -4.66 -38.25 -8.67
C HIS C 18 -5.34 -38.84 -9.90
N ARG C 19 -6.15 -39.89 -9.73
CA ARG C 19 -7.05 -40.37 -10.77
C ARG C 19 -8.45 -40.00 -10.29
N HIS C 20 -8.85 -38.76 -10.55
CA HIS C 20 -10.06 -38.22 -9.95
C HIS C 20 -11.32 -38.76 -10.61
N LYS C 21 -11.31 -38.91 -11.93
CA LYS C 21 -12.50 -39.30 -12.68
C LYS C 21 -12.52 -40.81 -12.81
N LEU C 22 -13.46 -41.45 -12.10
CA LEU C 22 -13.61 -42.90 -12.17
C LEU C 22 -15.09 -43.24 -12.13
N VAL C 23 -15.42 -44.46 -12.56
CA VAL C 23 -16.77 -45.00 -12.45
C VAL C 23 -16.70 -46.36 -11.78
N VAL C 24 -17.55 -46.58 -10.78
CA VAL C 24 -17.57 -47.82 -10.03
C VAL C 24 -18.89 -48.53 -10.29
N MET C 25 -18.83 -49.83 -10.54
CA MET C 25 -19.97 -50.63 -10.92
C MET C 25 -20.02 -51.90 -10.08
N ARG C 26 -21.21 -52.19 -9.56
CA ARG C 26 -21.45 -53.43 -8.82
C ARG C 26 -22.10 -54.42 -9.78
N LEU C 27 -21.34 -55.42 -10.20
CA LEU C 27 -21.77 -56.34 -11.22
C LEU C 27 -22.17 -57.67 -10.59
N ASP C 28 -23.36 -58.16 -10.95
CA ASP C 28 -23.90 -59.40 -10.40
C ASP C 28 -23.57 -60.55 -11.35
N LEU C 29 -22.84 -61.54 -10.85
CA LEU C 29 -22.49 -62.74 -11.62
C LEU C 29 -23.36 -63.89 -11.12
N GLU C 30 -24.58 -63.96 -11.68
CA GLU C 30 -25.53 -64.97 -11.22
C GLU C 30 -25.07 -66.38 -11.56
N ASP C 31 -24.57 -66.59 -12.76
CA ASP C 31 -24.21 -67.93 -13.21
C ASP C 31 -22.74 -68.09 -13.56
N LEU C 32 -22.05 -67.02 -13.96
CA LEU C 32 -20.63 -67.08 -14.32
C LEU C 32 -19.74 -66.57 -13.21
N TYR C 33 -20.14 -66.78 -11.95
CA TYR C 33 -19.34 -66.29 -10.83
C TYR C 33 -17.99 -67.00 -10.77
N GLU C 34 -17.98 -68.30 -11.04
CA GLU C 34 -16.75 -69.09 -11.04
C GLU C 34 -16.60 -69.83 -12.36
N LYS C 35 -16.82 -69.12 -13.46
CA LYS C 35 -16.75 -69.68 -14.81
C LYS C 35 -15.61 -68.98 -15.55
N TYR C 36 -14.51 -69.69 -15.74
CA TYR C 36 -13.36 -69.14 -16.46
C TYR C 36 -13.69 -68.95 -17.94
N THR C 37 -13.04 -67.97 -18.54
CA THR C 37 -13.24 -67.70 -19.96
C THR C 37 -12.71 -68.85 -20.82
N SER C 38 -11.61 -69.48 -20.40
CA SER C 38 -11.09 -70.63 -21.14
C SER C 38 -11.93 -71.87 -20.91
N ASP C 39 -12.79 -71.88 -19.90
CA ASP C 39 -13.66 -73.01 -19.62
C ASP C 39 -14.83 -73.11 -20.58
N ILE C 40 -15.24 -72.00 -21.19
CA ILE C 40 -16.34 -72.00 -22.13
C ILE C 40 -15.76 -72.05 -23.54
N PRO C 41 -16.13 -73.05 -24.36
CA PRO C 41 -15.45 -73.25 -25.64
C PRO C 41 -15.77 -72.14 -26.63
N GLY C 42 -14.75 -71.72 -27.38
CA GLY C 42 -14.94 -70.88 -28.54
C GLY C 42 -15.49 -69.49 -28.30
N PHE C 43 -15.11 -68.85 -27.20
CA PHE C 43 -15.43 -67.43 -27.01
C PHE C 43 -14.17 -66.58 -27.05
N TYR C 44 -13.01 -67.20 -26.89
CA TYR C 44 -11.76 -66.48 -27.11
C TYR C 44 -11.69 -65.97 -28.55
N LYS C 45 -12.03 -66.84 -29.50
CA LYS C 45 -12.05 -66.43 -30.90
C LYS C 45 -13.09 -65.34 -31.16
N GLY C 46 -14.27 -65.47 -30.54
CA GLY C 46 -15.27 -64.44 -30.70
C GLY C 46 -14.82 -63.09 -30.16
N LEU C 47 -14.18 -63.09 -28.99
CA LEU C 47 -13.66 -61.85 -28.44
C LEU C 47 -12.57 -61.26 -29.31
N THR C 48 -11.66 -62.11 -29.82
CA THR C 48 -10.56 -61.60 -30.62
C THR C 48 -10.97 -61.19 -32.02
N GLU C 49 -12.14 -61.63 -32.50
CA GLU C 49 -12.61 -61.19 -33.81
C GLU C 49 -13.56 -60.01 -33.72
N VAL C 50 -14.36 -59.92 -32.65
CA VAL C 50 -15.24 -58.76 -32.49
C VAL C 50 -14.41 -57.53 -32.14
N LEU C 51 -13.43 -57.67 -31.26
CA LEU C 51 -12.46 -56.62 -30.94
C LEU C 51 -11.05 -57.15 -31.13
N PRO C 52 -10.51 -57.07 -32.35
CA PRO C 52 -9.09 -57.42 -32.54
C PRO C 52 -8.14 -56.47 -31.83
N SER C 53 -8.54 -55.23 -31.57
CA SER C 53 -7.65 -54.22 -30.99
C SER C 53 -7.18 -54.59 -29.60
N LEU C 54 -7.82 -55.56 -28.95
CA LEU C 54 -7.34 -56.03 -27.66
C LEU C 54 -5.95 -56.66 -27.75
N VAL C 55 -5.49 -56.98 -28.97
CA VAL C 55 -4.12 -57.45 -29.14
C VAL C 55 -3.12 -56.37 -28.71
N GLU C 56 -3.55 -55.11 -28.67
CA GLU C 56 -2.68 -54.02 -28.25
C GLU C 56 -2.55 -53.92 -26.73
N HIS C 57 -3.41 -54.60 -25.97
CA HIS C 57 -3.43 -54.48 -24.52
C HIS C 57 -2.19 -55.14 -23.93
N LEU C 58 -1.36 -54.34 -23.26
CA LEU C 58 -0.20 -54.83 -22.52
C LEU C 58 -0.67 -55.06 -21.10
N CYS C 59 -0.90 -56.32 -20.74
CA CYS C 59 -1.42 -56.68 -19.44
C CYS C 59 -0.31 -56.78 -18.40
N SER C 60 -0.63 -57.36 -17.25
CA SER C 60 0.30 -57.58 -16.14
C SER C 60 1.58 -58.32 -16.54
N PRO C 61 1.53 -59.29 -17.46
CA PRO C 61 2.80 -59.90 -17.91
C PRO C 61 3.77 -58.90 -18.50
N GLY C 62 3.29 -57.80 -19.07
CA GLY C 62 4.16 -56.78 -19.62
C GLY C 62 4.60 -57.01 -21.04
N VAL C 63 3.95 -57.92 -21.77
CA VAL C 63 4.31 -58.24 -23.14
C VAL C 63 3.11 -57.94 -24.02
N LYS C 64 3.38 -57.56 -25.27
CA LYS C 64 2.32 -57.32 -26.25
C LYS C 64 1.42 -58.53 -26.38
N GLY C 65 0.11 -58.31 -26.31
CA GLY C 65 -0.84 -59.40 -26.31
C GLY C 65 -0.90 -60.17 -25.01
N GLY C 66 -0.38 -59.61 -23.92
CA GLY C 66 -0.37 -60.33 -22.65
C GLY C 66 -1.76 -60.61 -22.13
N PHE C 67 -2.70 -59.70 -22.38
CA PHE C 67 -4.08 -59.92 -21.96
C PHE C 67 -4.70 -61.10 -22.71
N LEU C 68 -4.34 -61.28 -23.98
CA LEU C 68 -4.84 -62.43 -24.73
C LEU C 68 -4.33 -63.74 -24.12
N THR C 69 -3.05 -63.78 -23.73
CA THR C 69 -2.53 -64.96 -23.04
C THR C 69 -3.20 -65.16 -21.70
N ARG C 70 -3.52 -64.06 -21.00
CA ARG C 70 -4.25 -64.16 -19.74
C ARG C 70 -5.62 -64.79 -19.95
N VAL C 71 -6.31 -64.39 -21.03
CA VAL C 71 -7.58 -65.03 -21.38
C VAL C 71 -7.37 -66.49 -21.71
N GLU C 72 -6.28 -66.81 -22.42
CA GLU C 72 -6.00 -68.19 -22.80
C GLU C 72 -5.82 -69.08 -21.56
N LYS C 73 -5.10 -68.59 -20.57
CA LYS C 73 -4.85 -69.38 -19.37
C LYS C 73 -6.08 -69.55 -18.49
N GLY C 74 -7.15 -68.78 -18.74
CA GLY C 74 -8.34 -68.85 -17.92
C GLY C 74 -8.36 -67.76 -16.86
N THR C 75 -9.29 -66.82 -17.00
CA THR C 75 -9.34 -65.66 -16.12
C THR C 75 -10.79 -65.29 -15.86
N LEU C 76 -11.05 -64.70 -14.70
CA LEU C 76 -12.40 -64.30 -14.34
C LEU C 76 -12.91 -63.24 -15.31
N ILE C 77 -14.22 -63.26 -15.55
CA ILE C 77 -14.81 -62.41 -16.58
C ILE C 77 -14.81 -60.94 -16.20
N GLY C 78 -14.58 -60.60 -14.93
CA GLY C 78 -14.52 -59.20 -14.56
C GLY C 78 -13.35 -58.50 -15.22
N HIS C 79 -12.19 -59.16 -15.29
CA HIS C 79 -11.02 -58.57 -15.92
C HIS C 79 -11.26 -58.31 -17.40
N VAL C 80 -11.85 -59.28 -18.10
CA VAL C 80 -12.12 -59.08 -19.52
C VAL C 80 -13.21 -58.03 -19.71
N ILE C 81 -14.17 -57.94 -18.78
CA ILE C 81 -15.21 -56.94 -18.90
C ILE C 81 -14.62 -55.54 -18.77
N GLU C 82 -13.75 -55.32 -17.78
CA GLU C 82 -13.14 -54.01 -17.64
C GLU C 82 -12.23 -53.70 -18.83
N HIS C 83 -11.51 -54.72 -19.33
CA HIS C 83 -10.65 -54.48 -20.49
C HIS C 83 -11.46 -54.12 -21.74
N VAL C 84 -12.58 -54.79 -21.98
CA VAL C 84 -13.38 -54.46 -23.14
C VAL C 84 -14.05 -53.11 -22.96
N ALA C 85 -14.37 -52.72 -21.73
CA ALA C 85 -14.87 -51.36 -21.50
C ALA C 85 -13.81 -50.32 -21.84
N ILE C 86 -12.57 -50.55 -21.38
CA ILE C 86 -11.48 -49.62 -21.69
C ILE C 86 -11.30 -49.50 -23.20
N GLU C 87 -11.25 -50.63 -23.90
CA GLU C 87 -11.04 -50.57 -25.35
C GLU C 87 -12.25 -49.98 -26.07
N LEU C 88 -13.46 -50.26 -25.59
CA LEU C 88 -14.67 -49.78 -26.24
C LEU C 88 -14.79 -48.26 -26.12
N GLN C 89 -14.40 -47.69 -24.98
CA GLN C 89 -14.35 -46.24 -24.92
C GLN C 89 -13.05 -45.66 -25.47
N GLU C 90 -12.05 -46.50 -25.73
CA GLU C 90 -10.84 -46.03 -26.43
C GLU C 90 -11.09 -45.87 -27.91
N LEU C 91 -11.97 -46.71 -28.49
CA LEU C 91 -12.21 -46.65 -29.93
C LEU C 91 -12.84 -45.32 -30.34
N ALA C 92 -13.39 -44.57 -29.40
CA ALA C 92 -13.98 -43.27 -29.69
C ALA C 92 -12.96 -42.14 -29.59
N GLY C 93 -11.68 -42.44 -29.42
CA GLY C 93 -10.67 -41.43 -29.29
C GLY C 93 -10.48 -40.90 -27.88
N MET C 94 -10.90 -41.66 -26.86
CA MET C 94 -10.85 -41.21 -25.48
C MET C 94 -9.77 -42.00 -24.74
N PRO C 95 -8.61 -41.41 -24.44
CA PRO C 95 -7.52 -42.17 -23.81
C PRO C 95 -7.79 -42.42 -22.33
N VAL C 96 -7.87 -43.68 -21.95
CA VAL C 96 -8.04 -44.09 -20.56
C VAL C 96 -7.10 -45.25 -20.28
N GLY C 97 -6.50 -45.26 -19.09
CA GLY C 97 -5.53 -46.29 -18.76
C GLY C 97 -5.57 -46.82 -17.34
N PHE C 98 -6.74 -46.83 -16.72
CA PHE C 98 -6.87 -47.32 -15.35
C PHE C 98 -8.10 -48.21 -15.25
N GLY C 99 -7.98 -49.31 -14.49
CA GLY C 99 -9.08 -50.22 -14.26
C GLY C 99 -8.77 -51.26 -13.21
N ARG C 100 -9.73 -51.53 -12.33
CA ARG C 100 -9.53 -52.50 -11.26
C ARG C 100 -10.79 -53.33 -11.06
N THR C 101 -10.60 -54.54 -10.50
CA THR C 101 -11.70 -55.44 -10.22
C THR C 101 -11.41 -56.14 -8.89
N ARG C 102 -12.42 -56.17 -8.02
CA ARG C 102 -12.27 -56.80 -6.71
C ARG C 102 -13.52 -57.59 -6.35
N GLU C 103 -13.36 -58.47 -5.37
CA GLU C 103 -14.46 -59.31 -4.90
C GLU C 103 -15.14 -58.68 -3.70
N THR C 104 -16.48 -58.65 -3.73
CA THR C 104 -17.24 -58.11 -2.61
C THR C 104 -17.40 -59.18 -1.53
N SER C 105 -18.13 -58.82 -0.48
CA SER C 105 -18.37 -59.75 0.62
C SER C 105 -19.15 -60.96 0.15
N THR C 106 -20.21 -60.75 -0.61
CA THR C 106 -20.97 -61.87 -1.16
C THR C 106 -20.25 -62.46 -2.37
N THR C 107 -20.54 -63.72 -2.65
CA THR C 107 -19.80 -64.45 -3.68
C THR C 107 -20.26 -64.07 -5.08
N GLY C 108 -21.45 -63.47 -5.21
CA GLY C 108 -22.02 -63.25 -6.52
C GLY C 108 -21.87 -61.85 -7.08
N VAL C 109 -21.23 -60.94 -6.35
CA VAL C 109 -21.11 -59.55 -6.75
C VAL C 109 -19.63 -59.16 -6.81
N PHE C 110 -19.23 -58.56 -7.93
CA PHE C 110 -17.90 -58.00 -8.12
C PHE C 110 -18.00 -56.48 -8.16
N GLN C 111 -16.89 -55.82 -7.84
CA GLN C 111 -16.78 -54.38 -7.95
C GLN C 111 -15.74 -54.05 -9.01
N VAL C 112 -16.15 -53.28 -10.02
CA VAL C 112 -15.27 -52.94 -11.14
C VAL C 112 -15.19 -51.43 -11.24
N VAL C 113 -13.97 -50.89 -11.24
CA VAL C 113 -13.74 -49.46 -11.39
C VAL C 113 -13.03 -49.22 -12.71
N ILE C 114 -13.50 -48.22 -13.45
CA ILE C 114 -13.06 -47.93 -14.81
C ILE C 114 -12.76 -46.44 -14.91
N GLU C 115 -11.60 -46.11 -15.48
CA GLU C 115 -11.26 -44.71 -15.71
C GLU C 115 -12.06 -44.17 -16.89
N TYR C 116 -12.50 -42.92 -16.77
CA TYR C 116 -13.27 -42.27 -17.82
C TYR C 116 -12.75 -40.86 -18.03
N GLU C 117 -13.03 -40.33 -19.22
CA GLU C 117 -12.77 -38.93 -19.53
C GLU C 117 -14.02 -38.08 -19.58
N ASN C 118 -15.13 -38.63 -20.04
CA ASN C 118 -16.43 -37.96 -20.02
C ASN C 118 -17.39 -38.82 -19.21
N GLU C 119 -18.19 -38.16 -18.36
CA GLU C 119 -19.06 -38.90 -17.44
C GLU C 119 -20.09 -39.72 -18.20
N GLN C 120 -20.84 -39.08 -19.10
CA GLN C 120 -21.85 -39.79 -19.85
C GLN C 120 -21.23 -40.87 -20.74
N ALA C 121 -20.12 -40.53 -21.40
CA ALA C 121 -19.44 -41.51 -22.25
C ALA C 121 -18.94 -42.69 -21.43
N GLY C 122 -18.36 -42.42 -20.26
CA GLY C 122 -17.88 -43.50 -19.41
C GLY C 122 -19.00 -44.41 -18.94
N ARG C 123 -20.12 -43.81 -18.50
CA ARG C 123 -21.25 -44.62 -18.05
C ARG C 123 -21.82 -45.45 -19.20
N TYR C 124 -21.92 -44.84 -20.39
CA TYR C 124 -22.42 -45.58 -21.55
C TYR C 124 -21.50 -46.74 -21.91
N ALA C 125 -20.19 -46.52 -21.87
CA ALA C 125 -19.24 -47.59 -22.17
C ALA C 125 -19.34 -48.71 -21.15
N ALA C 126 -19.48 -48.35 -19.87
CA ALA C 126 -19.62 -49.36 -18.83
C ALA C 126 -20.89 -50.18 -19.03
N ARG C 127 -21.99 -49.52 -19.39
CA ARG C 127 -23.24 -50.23 -19.63
C ARG C 127 -23.14 -51.12 -20.88
N ALA C 128 -22.42 -50.66 -21.89
CA ALA C 128 -22.33 -51.40 -23.14
C ALA C 128 -21.40 -52.60 -23.04
N ALA C 129 -20.37 -52.53 -22.21
CA ALA C 129 -19.41 -53.63 -22.11
C ALA C 129 -20.08 -54.91 -21.62
N VAL C 130 -20.91 -54.81 -20.58
CA VAL C 130 -21.57 -55.99 -20.03
C VAL C 130 -22.57 -56.55 -21.03
N ARG C 131 -23.28 -55.67 -21.74
CA ARG C 131 -24.20 -56.14 -22.78
C ARG C 131 -23.46 -56.87 -23.88
N LEU C 132 -22.31 -56.33 -24.31
CA LEU C 132 -21.52 -57.01 -25.34
C LEU C 132 -21.04 -58.36 -24.87
N CYS C 133 -20.55 -58.45 -23.62
CA CYS C 133 -20.08 -59.73 -23.10
C CYS C 133 -21.22 -60.74 -22.99
N GLN C 134 -22.39 -60.29 -22.53
CA GLN C 134 -23.54 -61.19 -22.43
C GLN C 134 -23.96 -61.68 -23.81
N SER C 135 -23.97 -60.79 -24.80
CA SER C 135 -24.32 -61.21 -26.16
C SER C 135 -23.31 -62.21 -26.70
N ILE C 136 -22.02 -61.99 -26.42
CA ILE C 136 -20.99 -62.92 -26.87
C ILE C 136 -21.19 -64.30 -26.22
N VAL C 137 -21.42 -64.33 -24.91
CA VAL C 137 -21.58 -65.62 -24.25
C VAL C 137 -22.91 -66.27 -24.60
N ASP C 138 -23.85 -65.49 -25.13
CA ASP C 138 -25.14 -66.07 -25.50
C ASP C 138 -25.13 -66.61 -26.93
N THR C 139 -24.50 -65.89 -27.87
CA THR C 139 -24.53 -66.26 -29.27
C THR C 139 -23.18 -66.64 -29.86
N GLY C 140 -22.08 -66.32 -29.19
CA GLY C 140 -20.75 -66.60 -29.70
C GLY C 140 -20.11 -65.46 -30.46
N THR C 141 -20.87 -64.43 -30.82
CA THR C 141 -20.32 -63.27 -31.53
C THR C 141 -21.25 -62.09 -31.32
N TYR C 142 -20.73 -60.90 -31.62
CA TYR C 142 -21.50 -59.67 -31.51
C TYR C 142 -21.71 -59.07 -32.89
N PRO C 143 -22.92 -58.67 -33.24
CA PRO C 143 -23.15 -58.06 -34.57
C PRO C 143 -22.32 -56.80 -34.75
N ALA C 144 -21.80 -56.62 -35.95
CA ALA C 144 -20.98 -55.44 -36.24
C ALA C 144 -21.81 -54.16 -36.26
N THR C 145 -23.06 -54.25 -36.69
CA THR C 145 -23.91 -53.06 -36.75
C THR C 145 -24.15 -52.48 -35.36
N GLU C 146 -24.36 -53.33 -34.35
CA GLU C 146 -24.55 -52.83 -32.99
C GLU C 146 -23.27 -52.21 -32.46
N LEU C 147 -22.12 -52.80 -32.78
CA LEU C 147 -20.85 -52.24 -32.34
C LEU C 147 -20.63 -50.86 -32.96
N GLN C 148 -20.93 -50.71 -34.25
CA GLN C 148 -20.79 -49.41 -34.90
C GLN C 148 -21.76 -48.41 -34.32
N GLN C 149 -22.99 -48.84 -34.01
CA GLN C 149 -23.96 -47.97 -33.38
C GLN C 149 -23.45 -47.48 -32.02
N ASP C 150 -22.89 -48.37 -31.22
CA ASP C 150 -22.35 -47.98 -29.92
C ASP C 150 -21.18 -47.03 -30.07
N LEU C 151 -20.28 -47.29 -31.03
CA LEU C 151 -19.14 -46.41 -31.22
C LEU C 151 -19.56 -45.01 -31.68
N GLU C 152 -20.51 -44.93 -32.61
CA GLU C 152 -20.96 -43.62 -33.07
C GLU C 152 -21.73 -42.90 -31.97
N ASP C 153 -22.45 -43.66 -31.13
CA ASP C 153 -23.11 -43.04 -29.98
C ASP C 153 -22.10 -42.48 -29.00
N LEU C 154 -21.01 -43.21 -28.76
CA LEU C 154 -19.95 -42.69 -27.90
C LEU C 154 -19.34 -41.42 -28.49
N LYS C 155 -19.11 -41.42 -29.80
CA LYS C 155 -18.55 -40.24 -30.45
C LYS C 155 -19.50 -39.05 -30.34
N GLU C 156 -20.80 -39.28 -30.50
CA GLU C 156 -21.77 -38.21 -30.34
C GLU C 156 -21.78 -37.69 -28.90
N LEU C 157 -21.70 -38.59 -27.92
CA LEU C 157 -21.67 -38.17 -26.53
C LEU C 157 -20.43 -37.34 -26.24
N LYS C 158 -19.28 -37.76 -26.77
CA LYS C 158 -18.06 -36.99 -26.58
C LYS C 158 -18.15 -35.60 -27.21
N ASN C 159 -18.73 -35.53 -28.42
CA ASN C 159 -18.84 -34.24 -29.10
C ASN C 159 -19.83 -33.33 -28.38
N GLN C 160 -20.89 -33.90 -27.81
CA GLN C 160 -21.93 -33.09 -27.17
C GLN C 160 -21.38 -32.35 -25.96
N ALA C 161 -20.66 -33.06 -25.09
CA ALA C 161 -20.09 -32.47 -23.89
C ALA C 161 -18.67 -31.98 -24.16
N SER C 162 -18.57 -31.02 -25.08
CA SER C 162 -17.29 -30.42 -25.44
C SER C 162 -17.45 -28.91 -25.48
N LEU C 163 -16.35 -28.22 -25.19
CA LEU C 163 -16.36 -26.77 -25.11
C LEU C 163 -15.75 -26.17 -26.38
N GLY C 164 -15.90 -24.87 -26.55
CA GLY C 164 -15.28 -24.19 -27.66
C GLY C 164 -13.78 -24.14 -27.50
N PRO C 165 -13.07 -24.18 -28.64
CA PRO C 165 -11.62 -24.39 -28.59
C PRO C 165 -10.88 -23.37 -27.73
N SER C 166 -11.34 -22.12 -27.72
CA SER C 166 -10.76 -21.13 -26.82
C SER C 166 -10.88 -21.59 -25.36
N THR C 167 -12.01 -22.22 -25.03
CA THR C 167 -12.22 -22.63 -23.65
C THR C 167 -11.28 -23.75 -23.25
N GLU C 168 -11.07 -24.76 -24.11
CA GLU C 168 -10.07 -25.77 -23.79
C GLU C 168 -8.68 -25.19 -23.72
N ALA C 169 -8.35 -24.23 -24.61
CA ALA C 169 -7.03 -23.62 -24.55
C ALA C 169 -6.81 -22.94 -23.19
N ILE C 170 -7.77 -22.13 -22.76
CA ILE C 170 -7.62 -21.41 -21.49
C ILE C 170 -7.63 -22.39 -20.32
N VAL C 171 -8.46 -23.42 -20.38
CA VAL C 171 -8.54 -24.39 -19.29
C VAL C 171 -7.23 -25.17 -19.17
N LYS C 172 -6.65 -25.57 -20.30
CA LYS C 172 -5.36 -26.25 -20.26
C LYS C 172 -4.27 -25.34 -19.70
N GLU C 173 -4.27 -24.07 -20.11
CA GLU C 173 -3.29 -23.14 -19.56
C GLU C 173 -3.46 -22.98 -18.06
N ALA C 174 -4.70 -22.90 -17.59
CA ALA C 174 -4.94 -22.77 -16.15
C ALA C 174 -4.51 -24.03 -15.40
N GLU C 175 -4.80 -25.20 -15.96
CA GLU C 175 -4.39 -26.45 -15.31
C GLU C 175 -2.88 -26.59 -15.25
N ALA C 176 -2.18 -26.07 -16.27
CA ALA C 176 -0.72 -26.10 -16.23
C ALA C 176 -0.15 -25.28 -15.08
N ARG C 177 -0.90 -24.32 -14.55
CA ARG C 177 -0.45 -23.50 -13.45
C ARG C 177 -1.03 -23.91 -12.11
N GLY C 178 -1.76 -25.02 -12.06
CA GLY C 178 -2.35 -25.48 -10.81
C GLY C 178 -3.42 -24.58 -10.24
N ILE C 179 -4.27 -24.03 -11.09
CA ILE C 179 -5.38 -23.17 -10.67
C ILE C 179 -6.68 -23.97 -10.84
N PRO C 180 -7.46 -24.16 -9.76
CA PRO C 180 -8.68 -24.96 -9.88
C PRO C 180 -9.69 -24.29 -10.80
N TRP C 181 -10.45 -25.11 -11.52
CA TRP C 181 -11.48 -24.63 -12.44
C TRP C 181 -12.70 -25.52 -12.34
N THR C 182 -13.87 -24.89 -12.39
CA THR C 182 -15.14 -25.60 -12.36
C THR C 182 -16.05 -25.06 -13.45
N GLN C 183 -17.04 -25.86 -13.84
CA GLN C 183 -17.98 -25.49 -14.89
C GLN C 183 -19.33 -25.15 -14.27
N LEU C 184 -19.72 -23.90 -14.38
CA LEU C 184 -21.04 -23.48 -13.93
C LEU C 184 -22.10 -23.96 -14.91
N GLY C 185 -23.31 -24.16 -14.40
CA GLY C 185 -24.40 -24.69 -15.19
C GLY C 185 -25.30 -23.68 -15.86
N ALA C 186 -24.96 -22.39 -15.82
CA ALA C 186 -25.87 -21.37 -16.33
C ALA C 186 -25.74 -21.19 -17.85
N ARG C 187 -24.59 -20.72 -18.31
CA ARG C 187 -24.40 -20.35 -19.71
C ARG C 187 -23.02 -20.78 -20.19
N PHE C 188 -22.63 -22.01 -19.87
CA PHE C 188 -21.32 -22.55 -20.24
C PHE C 188 -20.18 -21.69 -19.68
N MET C 189 -20.38 -21.11 -18.51
CA MET C 189 -19.36 -20.29 -17.89
C MET C 189 -18.41 -21.14 -17.07
N ILE C 190 -17.13 -20.75 -17.07
CA ILE C 190 -16.08 -21.44 -16.34
C ILE C 190 -15.60 -20.52 -15.23
N GLN C 191 -15.50 -21.05 -14.01
CA GLN C 191 -15.06 -20.31 -12.85
C GLN C 191 -13.70 -20.82 -12.39
N PHE C 192 -12.75 -19.91 -12.25
CA PHE C 192 -11.41 -20.22 -11.78
C PHE C 192 -11.25 -19.71 -10.35
N GLY C 193 -10.69 -20.54 -9.49
CA GLY C 193 -10.40 -20.13 -8.13
C GLY C 193 -11.52 -20.45 -7.16
N TYR C 194 -11.30 -20.04 -5.92
CA TYR C 194 -12.24 -20.27 -4.83
C TYR C 194 -12.51 -18.97 -4.09
N GLY C 195 -13.70 -18.85 -3.53
CA GLY C 195 -14.04 -17.76 -2.64
C GLY C 195 -13.91 -16.38 -3.26
N VAL C 196 -13.20 -15.49 -2.57
CA VAL C 196 -13.08 -14.10 -3.02
C VAL C 196 -12.08 -13.91 -4.13
N ASN C 197 -11.35 -14.95 -4.52
CA ASN C 197 -10.32 -14.86 -5.56
C ASN C 197 -10.76 -15.50 -6.87
N GLN C 198 -12.06 -15.65 -7.09
CA GLN C 198 -12.56 -16.34 -8.27
C GLN C 198 -12.75 -15.37 -9.43
N LYS C 199 -12.64 -15.92 -10.64
CA LYS C 199 -12.90 -15.19 -11.88
C LYS C 199 -13.78 -16.06 -12.76
N LYS C 200 -14.47 -15.43 -13.71
CA LYS C 200 -15.38 -16.14 -14.59
C LYS C 200 -15.11 -15.77 -16.04
N ILE C 201 -15.12 -16.77 -16.92
CA ILE C 201 -14.98 -16.54 -18.35
C ILE C 201 -16.03 -17.37 -19.08
N GLN C 202 -16.50 -16.84 -20.21
CA GLN C 202 -17.43 -17.62 -21.01
C GLN C 202 -16.74 -18.26 -22.21
N ALA C 203 -16.25 -17.45 -23.14
CA ALA C 203 -15.35 -17.95 -24.18
C ALA C 203 -14.05 -17.17 -24.15
N THR C 204 -14.17 -15.85 -24.27
CA THR C 204 -13.05 -14.94 -24.09
C THR C 204 -13.46 -13.73 -23.26
N LEU C 205 -14.75 -13.57 -22.97
CA LEU C 205 -15.23 -12.48 -22.15
C LEU C 205 -15.04 -12.83 -20.68
N SER C 206 -14.45 -11.91 -19.93
CA SER C 206 -14.23 -12.07 -18.52
C SER C 206 -15.29 -11.29 -17.75
N ASN C 207 -15.31 -11.48 -16.43
CA ASN C 207 -16.21 -10.70 -15.58
C ASN C 207 -15.80 -9.24 -15.49
N GLN C 208 -14.62 -8.89 -15.97
CA GLN C 208 -14.17 -7.49 -16.01
C GLN C 208 -14.59 -6.76 -17.27
N THR C 209 -14.99 -7.48 -18.31
CA THR C 209 -15.40 -6.84 -19.56
C THR C 209 -16.70 -6.07 -19.36
N GLY C 210 -16.73 -4.83 -19.83
CA GLY C 210 -17.85 -3.94 -19.57
C GLY C 210 -18.98 -4.09 -20.57
N ILE C 211 -20.19 -3.79 -20.10
CA ILE C 211 -21.34 -3.74 -21.00
C ILE C 211 -21.18 -2.62 -22.02
N LEU C 212 -20.69 -1.46 -21.57
CA LEU C 212 -20.62 -0.29 -22.45
C LEU C 212 -19.64 -0.53 -23.59
N GLY C 213 -18.48 -1.10 -23.29
CA GLY C 213 -17.51 -1.37 -24.35
C GLY C 213 -18.01 -2.36 -25.37
N VAL C 214 -18.64 -3.45 -24.91
CA VAL C 214 -19.15 -4.44 -25.84
C VAL C 214 -20.27 -3.86 -26.69
N GLU C 215 -21.17 -3.09 -26.09
CA GLU C 215 -22.24 -2.48 -26.87
C GLU C 215 -21.69 -1.46 -27.88
N LEU C 216 -20.68 -0.69 -27.49
CA LEU C 216 -20.10 0.29 -28.40
C LEU C 216 -19.39 -0.39 -29.56
N ALA C 217 -18.71 -1.51 -29.29
CA ALA C 217 -18.01 -2.22 -30.36
C ALA C 217 -18.97 -2.77 -31.40
N CYS C 218 -20.18 -3.15 -30.99
CA CYS C 218 -21.16 -3.68 -31.93
C CYS C 218 -21.76 -2.59 -32.83
N ASP C 219 -21.64 -1.34 -32.44
CA ASP C 219 -22.15 -0.21 -33.23
C ASP C 219 -21.00 0.36 -34.05
N LYS C 220 -21.06 0.17 -35.36
CA LYS C 220 -19.96 0.59 -36.24
C LYS C 220 -19.88 2.11 -36.33
N GLU C 221 -21.01 2.78 -36.56
CA GLU C 221 -21.00 4.23 -36.68
C GLU C 221 -20.57 4.89 -35.37
N GLY C 222 -21.05 4.38 -34.24
CA GLY C 222 -20.66 4.94 -32.96
C GLY C 222 -19.18 4.82 -32.69
N THR C 223 -18.60 3.64 -32.94
CA THR C 223 -17.18 3.48 -32.71
C THR C 223 -16.35 4.28 -33.69
N LYS C 224 -16.81 4.41 -34.95
CA LYS C 224 -16.10 5.25 -35.90
C LYS C 224 -16.09 6.71 -35.45
N ARG C 225 -17.25 7.21 -34.98
CA ARG C 225 -17.31 8.59 -34.52
C ARG C 225 -16.46 8.80 -33.28
N ILE C 226 -16.44 7.82 -32.37
CA ILE C 226 -15.61 7.94 -31.18
C ILE C 226 -14.13 7.96 -31.55
N LEU C 227 -13.72 7.08 -32.45
CA LEU C 227 -12.32 7.02 -32.84
C LEU C 227 -11.89 8.26 -33.60
N LYS C 228 -12.78 8.85 -34.40
CA LYS C 228 -12.44 10.07 -35.12
C LYS C 228 -12.18 11.22 -34.17
N ASP C 229 -12.96 11.32 -33.09
CA ASP C 229 -12.78 12.40 -32.11
C ASP C 229 -11.47 12.28 -31.35
N ALA C 230 -10.84 11.10 -31.33
CA ALA C 230 -9.59 10.89 -30.62
C ALA C 230 -8.37 10.98 -31.54
N GLY C 231 -8.56 11.34 -32.80
CA GLY C 231 -7.45 11.46 -33.73
C GLY C 231 -7.00 10.18 -34.38
N VAL C 232 -7.70 9.07 -34.15
CA VAL C 232 -7.36 7.80 -34.77
C VAL C 232 -7.79 7.82 -36.23
N PRO C 233 -6.90 7.46 -37.16
CA PRO C 233 -7.28 7.46 -38.58
C PRO C 233 -8.36 6.43 -38.86
N VAL C 234 -9.48 6.88 -39.42
CA VAL C 234 -10.61 6.02 -39.74
C VAL C 234 -10.99 6.27 -41.19
N PRO C 235 -11.61 5.30 -41.85
CA PRO C 235 -11.99 5.50 -43.25
C PRO C 235 -13.01 6.63 -43.40
N ARG C 236 -12.74 7.52 -44.36
CA ARG C 236 -13.61 8.66 -44.59
C ARG C 236 -14.92 8.21 -45.25
N GLY C 237 -16.01 8.85 -44.84
CA GLY C 237 -17.31 8.52 -45.38
C GLY C 237 -18.31 9.62 -45.10
N THR C 238 -19.44 9.54 -45.80
CA THR C 238 -20.49 10.55 -45.69
C THR C 238 -21.84 9.91 -45.93
N VAL C 239 -22.85 10.39 -45.21
CA VAL C 239 -24.22 9.91 -45.34
C VAL C 239 -24.93 10.76 -46.38
N ALA C 240 -25.89 10.14 -47.09
CA ALA C 240 -26.67 10.82 -48.10
C ALA C 240 -28.02 10.14 -48.23
N ARG C 241 -29.04 10.92 -48.59
CA ARG C 241 -30.39 10.40 -48.77
C ARG C 241 -30.97 10.65 -50.15
N TYR C 242 -30.44 11.59 -50.93
CA TYR C 242 -30.95 11.92 -52.25
C TYR C 242 -29.90 11.57 -53.30
N PHE C 243 -30.39 11.21 -54.49
CA PHE C 243 -29.50 10.80 -55.57
C PHE C 243 -28.55 11.93 -55.98
N ASP C 244 -29.08 13.14 -56.16
CA ASP C 244 -28.27 14.24 -56.67
C ASP C 244 -27.13 14.58 -55.72
N GLU C 245 -27.26 14.26 -54.44
CA GLU C 245 -26.20 14.52 -53.47
C GLU C 245 -25.01 13.58 -53.62
N LEU C 246 -25.21 12.40 -54.22
CA LEU C 246 -24.12 11.42 -54.31
C LEU C 246 -22.88 12.03 -54.94
N GLN C 247 -23.05 12.74 -56.06
CA GLN C 247 -21.92 13.39 -56.71
C GLN C 247 -21.15 14.25 -55.72
N ASP C 248 -21.86 15.09 -54.96
CA ASP C 248 -21.19 15.93 -53.97
C ASP C 248 -20.42 15.09 -52.97
N ALA C 249 -21.00 13.97 -52.53
CA ALA C 249 -20.30 13.08 -51.61
C ALA C 249 -19.01 12.56 -52.23
N ILE C 250 -19.03 12.28 -53.53
CA ILE C 250 -17.82 11.81 -54.21
C ILE C 250 -16.72 12.86 -54.10
N GLU C 251 -17.11 14.13 -54.06
CA GLU C 251 -16.11 15.19 -53.89
C GLU C 251 -15.47 15.12 -52.52
N TYR C 252 -16.24 14.78 -51.49
CA TYR C 252 -15.70 14.78 -50.13
C TYR C 252 -14.78 13.58 -49.90
N VAL C 253 -15.18 12.39 -50.38
CA VAL C 253 -14.39 11.19 -50.15
C VAL C 253 -13.08 11.21 -50.93
N GLY C 254 -13.03 11.95 -52.02
CA GLY C 254 -11.83 12.06 -52.83
C GLY C 254 -11.88 11.40 -54.20
N GLY C 255 -13.03 10.91 -54.64
CA GLY C 255 -13.13 10.32 -55.97
C GLY C 255 -13.52 8.86 -55.96
N TYR C 256 -12.77 8.02 -56.67
CA TYR C 256 -13.03 6.61 -56.83
C TYR C 256 -11.81 5.80 -56.42
N PRO C 257 -11.99 4.55 -55.99
CA PRO C 257 -13.24 3.80 -55.83
C PRO C 257 -13.97 4.13 -54.53
N ILE C 258 -15.23 3.69 -54.41
CA ILE C 258 -16.04 3.96 -53.23
C ILE C 258 -16.76 2.68 -52.82
N VAL C 259 -17.32 2.71 -51.61
CA VAL C 259 -18.06 1.61 -51.04
C VAL C 259 -19.41 2.13 -50.56
N ILE C 260 -20.46 1.37 -50.86
CA ILE C 260 -21.85 1.77 -50.61
C ILE C 260 -22.37 0.88 -49.48
N LYS C 261 -22.94 1.48 -48.45
CA LYS C 261 -23.54 0.64 -47.41
C LYS C 261 -24.75 1.34 -46.81
N PRO C 262 -25.69 0.57 -46.26
CA PRO C 262 -26.86 1.17 -45.63
C PRO C 262 -26.62 1.51 -44.16
N LEU C 263 -27.43 2.46 -43.66
CA LEU C 263 -27.26 2.93 -42.30
C LEU C 263 -27.59 1.84 -41.28
N ASP C 264 -28.74 1.20 -41.44
CA ASP C 264 -29.24 0.19 -40.50
C ASP C 264 -29.23 -1.17 -41.19
N GLY C 265 -28.23 -1.98 -40.89
CA GLY C 265 -28.13 -3.32 -41.44
C GLY C 265 -27.15 -4.18 -40.67
N ASN C 266 -27.48 -5.45 -40.50
CA ASN C 266 -26.61 -6.39 -39.80
C ASN C 266 -26.11 -7.48 -40.74
N HIS C 267 -24.88 -7.94 -40.46
CA HIS C 267 -24.24 -8.99 -41.26
C HIS C 267 -24.14 -8.60 -42.73
N GLY C 268 -23.90 -7.32 -42.99
CA GLY C 268 -23.64 -6.84 -44.34
C GLY C 268 -24.80 -6.98 -45.31
N ARG C 269 -25.98 -6.50 -44.92
CA ARG C 269 -27.13 -6.54 -45.80
C ARG C 269 -27.02 -5.47 -46.88
N GLY C 270 -27.00 -5.90 -48.14
CA GLY C 270 -27.02 -4.96 -49.26
C GLY C 270 -25.84 -4.01 -49.32
N ILE C 271 -24.63 -4.53 -49.15
CA ILE C 271 -23.41 -3.71 -49.17
C ILE C 271 -22.53 -4.19 -50.31
N THR C 272 -22.04 -3.26 -51.12
CA THR C 272 -21.11 -3.57 -52.19
C THR C 272 -19.68 -3.48 -51.69
N ILE C 273 -18.76 -3.99 -52.49
CA ILE C 273 -17.35 -4.06 -52.12
C ILE C 273 -16.51 -3.04 -52.87
N ASP C 274 -16.52 -3.08 -54.19
CA ASP C 274 -15.67 -2.20 -55.00
C ASP C 274 -16.45 -1.78 -56.25
N VAL C 275 -16.62 -0.47 -56.41
CA VAL C 275 -17.18 0.11 -57.62
C VAL C 275 -16.28 1.27 -58.05
N LYS C 276 -16.07 1.40 -59.37
CA LYS C 276 -15.10 2.36 -59.90
C LYS C 276 -15.66 3.22 -61.02
N ASN C 277 -16.96 3.23 -61.24
CA ASN C 277 -17.54 4.07 -62.28
C ASN C 277 -18.92 4.52 -61.81
N TRP C 278 -19.73 5.04 -62.73
CA TRP C 278 -20.99 5.67 -62.35
C TRP C 278 -22.15 4.69 -62.36
N GLN C 279 -22.22 3.83 -63.39
CA GLN C 279 -23.38 2.94 -63.51
C GLN C 279 -23.39 1.87 -62.42
N GLU C 280 -22.23 1.28 -62.12
CA GLU C 280 -22.19 0.27 -61.06
C GLU C 280 -22.48 0.91 -59.71
N ALA C 281 -21.99 2.13 -59.49
CA ALA C 281 -22.30 2.84 -58.26
C ALA C 281 -23.80 3.11 -58.15
N GLU C 282 -24.43 3.50 -59.26
CA GLU C 282 -25.86 3.77 -59.26
C GLU C 282 -26.66 2.51 -58.95
N GLU C 283 -26.31 1.39 -59.58
CA GLU C 283 -27.05 0.16 -59.33
C GLU C 283 -26.81 -0.36 -57.92
N ALA C 284 -25.59 -0.22 -57.40
CA ALA C 284 -25.33 -0.62 -56.02
C ALA C 284 -26.10 0.26 -55.04
N TYR C 285 -26.17 1.57 -55.31
CA TYR C 285 -26.94 2.45 -54.45
C TYR C 285 -28.43 2.10 -54.48
N ASP C 286 -28.95 1.77 -55.67
CA ASP C 286 -30.35 1.37 -55.76
C ASP C 286 -30.60 0.08 -54.99
N LEU C 287 -29.70 -0.89 -55.11
CA LEU C 287 -29.85 -2.15 -54.39
C LEU C 287 -29.81 -1.92 -52.88
N ALA C 288 -28.87 -1.09 -52.42
CA ALA C 288 -28.79 -0.79 -50.99
C ALA C 288 -30.03 -0.07 -50.50
N ARG C 289 -30.52 0.91 -51.28
CA ARG C 289 -31.70 1.65 -50.88
C ARG C 289 -32.92 0.74 -50.81
N LYS C 290 -33.08 -0.17 -51.76
CA LYS C 290 -34.12 -1.19 -51.67
C LYS C 290 -33.89 -2.15 -50.51
N ALA C 291 -32.65 -2.31 -50.07
CA ALA C 291 -32.36 -3.13 -48.89
C ALA C 291 -32.33 -2.31 -47.61
N SER C 292 -32.05 -1.01 -47.70
CA SER C 292 -32.02 -0.16 -46.51
C SER C 292 -33.44 0.05 -45.97
N LYS C 293 -33.53 0.10 -44.65
CA LYS C 293 -34.82 0.29 -43.99
C LYS C 293 -35.18 1.76 -43.80
N THR C 294 -34.26 2.68 -44.08
CA THR C 294 -34.51 4.11 -43.88
C THR C 294 -34.13 4.95 -45.09
N LYS C 295 -33.87 4.32 -46.24
CA LYS C 295 -33.69 5.02 -47.52
C LYS C 295 -32.36 5.79 -47.57
N THR C 296 -31.66 5.86 -46.45
CA THR C 296 -30.41 6.61 -46.38
C THR C 296 -29.21 5.68 -46.45
N VAL C 297 -28.15 6.16 -47.09
CA VAL C 297 -27.01 5.32 -47.44
C VAL C 297 -25.72 6.10 -47.19
N ILE C 298 -24.71 5.42 -46.62
CA ILE C 298 -23.39 6.01 -46.44
C ILE C 298 -22.47 5.53 -47.55
N VAL C 299 -21.76 6.48 -48.15
CA VAL C 299 -20.75 6.22 -49.16
C VAL C 299 -19.39 6.55 -48.55
N GLU C 300 -18.44 5.62 -48.64
CA GLU C 300 -17.15 5.84 -48.01
C GLU C 300 -16.03 5.49 -48.98
N ARG C 301 -14.86 6.09 -48.72
CA ARG C 301 -13.71 5.86 -49.58
C ARG C 301 -13.17 4.45 -49.40
N TYR C 302 -12.93 3.77 -50.51
CA TYR C 302 -12.43 2.40 -50.48
C TYR C 302 -10.92 2.42 -50.30
N TYR C 303 -10.44 1.75 -49.25
CA TYR C 303 -9.03 1.71 -48.92
C TYR C 303 -8.45 0.38 -49.37
N THR C 304 -7.40 0.43 -50.18
CA THR C 304 -6.71 -0.75 -50.68
C THR C 304 -5.44 -0.98 -49.88
N GLY C 305 -5.11 -2.24 -49.68
CA GLY C 305 -3.92 -2.61 -48.92
C GLY C 305 -4.14 -3.92 -48.19
N LYS C 306 -3.06 -4.40 -47.60
CA LYS C 306 -3.11 -5.66 -46.86
C LYS C 306 -3.85 -5.46 -45.54
N ASP C 307 -4.65 -6.44 -45.17
CA ASP C 307 -5.45 -6.37 -43.94
C ASP C 307 -4.82 -7.24 -42.86
N HIS C 308 -4.79 -6.72 -41.65
CA HIS C 308 -4.20 -7.39 -40.50
C HIS C 308 -5.21 -7.45 -39.36
N ARG C 309 -5.09 -8.49 -38.55
CA ARG C 309 -5.90 -8.67 -37.36
C ARG C 309 -4.98 -8.63 -36.14
N VAL C 310 -5.18 -7.62 -35.29
CA VAL C 310 -4.34 -7.40 -34.12
C VAL C 310 -5.13 -7.75 -32.87
N LEU C 311 -4.51 -8.54 -32.00
CA LEU C 311 -5.13 -8.95 -30.74
C LEU C 311 -4.51 -8.13 -29.61
N VAL C 312 -5.37 -7.46 -28.83
CA VAL C 312 -4.92 -6.64 -27.71
C VAL C 312 -5.50 -7.22 -26.43
N VAL C 313 -4.62 -7.58 -25.50
CA VAL C 313 -5.02 -8.10 -24.20
C VAL C 313 -4.43 -7.21 -23.12
N ASN C 314 -5.28 -6.74 -22.21
CA ASN C 314 -4.87 -5.91 -21.09
C ASN C 314 -4.11 -4.67 -21.56
N GLY C 315 -4.51 -4.11 -22.71
CA GLY C 315 -3.85 -2.93 -23.22
C GLY C 315 -2.52 -3.17 -23.88
N LYS C 316 -2.13 -4.42 -24.12
CA LYS C 316 -0.88 -4.73 -24.78
C LYS C 316 -1.13 -5.60 -26.01
N VAL C 317 -0.41 -5.32 -27.09
CA VAL C 317 -0.55 -6.10 -28.30
C VAL C 317 0.12 -7.45 -28.10
N VAL C 318 -0.64 -8.53 -28.29
CA VAL C 318 -0.14 -9.88 -28.08
C VAL C 318 0.30 -10.52 -29.39
N ALA C 319 -0.54 -10.46 -30.42
CA ALA C 319 -0.21 -11.09 -31.69
C ALA C 319 -0.78 -10.25 -32.82
N VAL C 320 -0.03 -10.22 -33.93
CA VAL C 320 -0.46 -9.56 -35.16
C VAL C 320 -0.44 -10.58 -36.28
N ALA C 321 -1.56 -10.70 -37.00
CA ALA C 321 -1.69 -11.67 -38.06
C ALA C 321 -2.16 -10.99 -39.34
N GLU C 322 -1.51 -11.34 -40.45
CA GLU C 322 -1.86 -10.83 -41.76
C GLU C 322 -2.71 -11.87 -42.47
N ARG C 323 -3.84 -11.44 -43.01
CA ARG C 323 -4.75 -12.32 -43.74
C ARG C 323 -4.46 -12.25 -45.22
N VAL C 324 -4.35 -13.40 -45.86
CA VAL C 324 -4.24 -13.52 -47.31
C VAL C 324 -5.45 -14.28 -47.81
N PRO C 325 -6.19 -13.77 -48.79
CA PRO C 325 -7.40 -14.45 -49.25
C PRO C 325 -7.09 -15.83 -49.82
N ALA C 326 -8.07 -16.72 -49.74
CA ALA C 326 -7.89 -18.08 -50.25
C ALA C 326 -7.47 -18.04 -51.71
N HIS C 327 -6.40 -18.76 -52.02
CA HIS C 327 -5.76 -18.66 -53.33
C HIS C 327 -5.07 -19.98 -53.64
N VAL C 328 -4.54 -20.06 -54.87
CA VAL C 328 -3.69 -21.17 -55.28
C VAL C 328 -2.50 -20.61 -56.05
N VAL C 329 -1.39 -21.33 -56.00
CA VAL C 329 -0.16 -20.94 -56.67
C VAL C 329 0.26 -22.05 -57.62
N GLY C 330 0.59 -21.66 -58.85
CA GLY C 330 1.04 -22.63 -59.84
C GLY C 330 2.54 -22.80 -59.86
N ASN C 331 3.16 -22.83 -58.68
CA ASN C 331 4.60 -22.97 -58.59
C ASN C 331 5.06 -24.38 -58.96
N GLY C 332 4.15 -25.35 -58.96
CA GLY C 332 4.49 -26.71 -59.35
C GLY C 332 4.19 -26.98 -60.81
N LYS C 333 3.98 -25.90 -61.58
CA LYS C 333 3.66 -25.99 -63.00
C LYS C 333 2.40 -26.82 -63.23
N SER C 334 1.41 -26.66 -62.36
CA SER C 334 0.17 -27.40 -62.44
C SER C 334 -1.01 -26.46 -62.26
N THR C 335 -2.14 -26.85 -62.84
CA THR C 335 -3.36 -26.06 -62.78
C THR C 335 -4.26 -26.57 -61.66
N ILE C 336 -5.42 -25.93 -61.50
CA ILE C 336 -6.30 -26.23 -60.36
C ILE C 336 -6.74 -27.69 -60.38
N ALA C 337 -6.84 -28.28 -61.58
CA ALA C 337 -7.35 -29.64 -61.70
C ALA C 337 -6.51 -30.64 -60.92
N GLU C 338 -5.25 -30.33 -60.65
CA GLU C 338 -4.42 -31.20 -59.82
C GLU C 338 -4.21 -30.67 -58.42
N LEU C 339 -4.16 -29.34 -58.27
CA LEU C 339 -4.03 -28.76 -56.93
C LEU C 339 -5.24 -29.06 -56.05
N ILE C 340 -6.40 -29.35 -56.66
CA ILE C 340 -7.56 -29.70 -55.84
C ILE C 340 -7.29 -30.96 -55.03
N GLU C 341 -6.70 -31.98 -55.66
CA GLU C 341 -6.28 -33.18 -54.93
C GLU C 341 -4.99 -32.97 -54.14
N GLU C 342 -4.10 -32.09 -54.62
CA GLU C 342 -2.86 -31.84 -53.90
C GLU C 342 -3.13 -31.24 -52.52
N THR C 343 -4.08 -30.30 -52.44
CA THR C 343 -4.38 -29.65 -51.17
C THR C 343 -5.09 -30.60 -50.21
N ASN C 344 -5.85 -31.56 -50.74
CA ASN C 344 -6.61 -32.47 -49.89
C ASN C 344 -5.71 -33.40 -49.08
N ARG C 345 -4.45 -33.55 -49.48
CA ARG C 345 -3.53 -34.43 -48.77
C ARG C 345 -2.97 -33.81 -47.49
N ASP C 346 -3.18 -32.51 -47.29
CA ASP C 346 -2.73 -31.88 -46.06
C ASP C 346 -3.68 -32.22 -44.92
N PRO C 347 -3.16 -32.74 -43.80
CA PRO C 347 -4.06 -33.13 -42.69
C PRO C 347 -4.82 -31.97 -42.06
N GLN C 348 -4.36 -30.73 -42.26
CA GLN C 348 -5.01 -29.59 -41.61
C GLN C 348 -6.42 -29.37 -42.14
N ARG C 349 -6.69 -29.75 -43.38
CA ARG C 349 -8.01 -29.50 -43.97
C ARG C 349 -9.08 -30.33 -43.27
N GLY C 350 -10.23 -29.70 -43.05
CA GLY C 350 -11.34 -30.37 -42.39
C GLY C 350 -12.55 -29.48 -42.36
N ASP C 351 -13.66 -30.05 -41.87
CA ASP C 351 -14.92 -29.35 -41.77
C ASP C 351 -15.06 -28.75 -40.37
N GLY C 352 -16.19 -28.11 -40.12
CA GLY C 352 -16.45 -27.49 -38.83
C GLY C 352 -15.78 -26.12 -38.71
N HIS C 353 -15.79 -25.61 -37.48
CA HIS C 353 -15.21 -24.31 -37.16
C HIS C 353 -14.10 -24.41 -36.12
N ASP C 354 -13.46 -25.58 -36.02
CA ASP C 354 -12.35 -25.79 -35.08
C ASP C 354 -10.98 -25.74 -35.73
N ASN C 355 -10.89 -26.03 -37.03
CA ASN C 355 -9.63 -26.01 -37.76
C ASN C 355 -9.55 -24.75 -38.61
N ILE C 356 -8.38 -24.12 -38.63
CA ILE C 356 -8.21 -22.88 -39.38
C ILE C 356 -8.30 -23.14 -40.89
N LEU C 357 -7.76 -24.28 -41.34
CA LEU C 357 -7.74 -24.63 -42.76
C LEU C 357 -8.98 -25.44 -43.09
N THR C 358 -9.92 -24.81 -43.79
CA THR C 358 -11.15 -25.48 -44.21
C THR C 358 -11.04 -25.90 -45.68
N ARG C 359 -11.90 -26.83 -46.06
CA ARG C 359 -11.92 -27.30 -47.44
C ARG C 359 -12.32 -26.17 -48.39
N ILE C 360 -11.70 -26.16 -49.56
CA ILE C 360 -11.98 -25.13 -50.56
C ILE C 360 -13.33 -25.40 -51.20
N THR C 361 -14.32 -24.59 -50.82
CA THR C 361 -15.69 -24.76 -51.34
C THR C 361 -15.79 -24.03 -52.68
N VAL C 362 -15.93 -24.81 -53.76
CA VAL C 362 -16.07 -24.22 -55.11
C VAL C 362 -17.56 -24.00 -55.33
N ASP C 363 -18.04 -22.84 -54.87
CA ASP C 363 -19.43 -22.47 -55.01
C ASP C 363 -19.65 -21.67 -56.28
N LYS C 364 -20.93 -21.40 -56.59
CA LYS C 364 -21.26 -20.63 -57.78
C LYS C 364 -20.69 -19.23 -57.71
N SER C 365 -20.81 -18.58 -56.55
CA SER C 365 -20.27 -17.23 -56.38
C SER C 365 -18.75 -17.22 -56.53
N ALA C 366 -18.08 -18.19 -55.90
CA ALA C 366 -16.63 -18.28 -56.01
C ALA C 366 -16.19 -18.57 -57.44
N LEU C 367 -16.92 -19.45 -58.13
CA LEU C 367 -16.61 -19.75 -59.53
C LEU C 367 -16.77 -18.51 -60.40
N ASP C 368 -17.84 -17.75 -60.17
CA ASP C 368 -18.02 -16.51 -60.92
C ASP C 368 -16.92 -15.51 -60.63
N ILE C 369 -16.51 -15.40 -59.36
CA ILE C 369 -15.47 -14.45 -58.99
C ILE C 369 -14.15 -14.82 -59.67
N LEU C 370 -13.80 -16.11 -59.65
CA LEU C 370 -12.57 -16.52 -60.32
C LEU C 370 -12.67 -16.44 -61.83
N GLY C 371 -13.87 -16.57 -62.39
CA GLY C 371 -14.04 -16.33 -63.82
C GLY C 371 -13.82 -14.89 -64.20
N LYS C 372 -14.35 -13.96 -63.40
CA LYS C 372 -14.12 -12.53 -63.63
C LYS C 372 -12.81 -12.06 -63.03
N GLN C 373 -12.06 -12.94 -62.36
CA GLN C 373 -10.77 -12.55 -61.81
C GLN C 373 -9.80 -12.14 -62.91
N GLY C 374 -9.91 -12.76 -64.08
CA GLY C 374 -9.02 -12.50 -65.19
C GLY C 374 -8.16 -13.68 -65.61
N TYR C 375 -8.40 -14.86 -65.04
CA TYR C 375 -7.68 -16.07 -65.40
C TYR C 375 -8.68 -17.16 -65.76
N SER C 376 -8.18 -18.27 -66.29
CA SER C 376 -8.99 -19.42 -66.68
C SER C 376 -8.58 -20.63 -65.84
N ILE C 377 -9.28 -21.74 -66.08
CA ILE C 377 -8.99 -22.96 -65.35
C ILE C 377 -7.60 -23.47 -65.68
N ASP C 378 -7.23 -23.48 -66.96
CA ASP C 378 -5.94 -23.98 -67.40
C ASP C 378 -4.90 -22.87 -67.58
N SER C 379 -5.25 -21.63 -67.25
CA SER C 379 -4.32 -20.52 -67.44
C SER C 379 -3.21 -20.59 -66.39
N ILE C 380 -1.97 -20.72 -66.84
CA ILE C 380 -0.83 -20.74 -65.92
C ILE C 380 -0.64 -19.35 -65.33
N PRO C 381 -0.36 -19.22 -64.03
CA PRO C 381 -0.10 -17.90 -63.45
C PRO C 381 1.11 -17.24 -64.10
N LEU C 382 1.04 -15.93 -64.24
CA LEU C 382 2.11 -15.15 -64.86
C LEU C 382 3.20 -14.86 -63.84
N LYS C 383 4.44 -15.20 -64.19
CA LYS C 383 5.62 -14.92 -63.37
C LYS C 383 5.60 -15.72 -62.08
N GLY C 384 4.56 -16.52 -61.87
CA GLY C 384 4.43 -17.30 -60.66
C GLY C 384 3.78 -16.51 -59.53
N LYS C 385 2.58 -15.99 -59.80
CA LYS C 385 1.86 -15.18 -58.84
C LYS C 385 0.64 -15.93 -58.31
N LYS C 386 0.31 -15.70 -57.05
CA LYS C 386 -0.87 -16.31 -56.45
C LYS C 386 -2.12 -15.83 -57.16
N CYS C 387 -3.04 -16.76 -57.45
CA CYS C 387 -4.33 -16.41 -58.03
C CYS C 387 -5.41 -16.76 -57.01
N PHE C 388 -6.22 -15.77 -56.67
CA PHE C 388 -7.18 -15.90 -55.57
C PHE C 388 -8.48 -16.53 -56.06
N LEU C 389 -9.16 -17.21 -55.14
CA LEU C 389 -10.45 -17.83 -55.41
C LEU C 389 -11.62 -17.04 -54.83
N ARG C 390 -11.39 -16.26 -53.77
CA ARG C 390 -12.40 -15.40 -53.19
C ARG C 390 -11.73 -14.10 -52.74
N ALA C 391 -12.55 -13.13 -52.34
CA ALA C 391 -12.05 -11.83 -51.92
C ALA C 391 -12.43 -11.48 -50.49
N THR C 392 -13.06 -12.40 -49.75
CA THR C 392 -13.46 -12.11 -48.38
C THR C 392 -12.29 -12.14 -47.40
N ALA C 393 -11.19 -12.81 -47.76
CA ALA C 393 -9.99 -12.90 -46.93
C ALA C 393 -10.33 -13.37 -45.52
N ASN C 394 -10.95 -14.55 -45.46
CA ASN C 394 -11.38 -15.14 -44.20
C ASN C 394 -10.73 -16.51 -44.03
N LEU C 395 -10.34 -16.80 -42.78
CA LEU C 395 -9.73 -18.10 -42.50
C LEU C 395 -10.74 -19.23 -42.55
N SER C 396 -11.99 -18.96 -42.16
CA SER C 396 -13.04 -19.96 -42.29
C SER C 396 -13.28 -20.32 -43.75
N THR C 397 -13.21 -19.32 -44.64
CA THR C 397 -13.34 -19.58 -46.07
C THR C 397 -12.18 -20.42 -46.58
N GLY C 398 -11.00 -20.25 -45.99
CA GLY C 398 -9.81 -20.95 -46.46
C GLY C 398 -8.63 -20.04 -46.68
N GLY C 399 -8.63 -18.88 -46.03
CA GLY C 399 -7.54 -17.94 -46.14
C GLY C 399 -6.29 -18.44 -45.43
N ILE C 400 -5.24 -17.62 -45.50
CA ILE C 400 -3.94 -17.96 -44.95
C ILE C 400 -3.52 -16.88 -43.97
N ALA C 401 -3.03 -17.30 -42.80
CA ALA C 401 -2.52 -16.38 -41.79
C ALA C 401 -1.00 -16.32 -41.89
N VAL C 402 -0.46 -15.11 -41.66
CA VAL C 402 0.98 -14.89 -41.64
C VAL C 402 1.32 -14.14 -40.35
N ASP C 403 2.34 -14.59 -39.65
CA ASP C 403 2.72 -13.94 -38.40
C ASP C 403 3.56 -12.71 -38.69
N ARG C 404 3.11 -11.56 -38.16
CA ARG C 404 3.82 -10.29 -38.32
C ARG C 404 4.01 -9.60 -36.98
N THR C 405 4.06 -10.37 -35.89
CA THR C 405 4.16 -9.77 -34.57
C THR C 405 5.47 -9.02 -34.37
N ASP C 406 6.58 -9.56 -34.88
CA ASP C 406 7.88 -8.96 -34.61
C ASP C 406 8.08 -7.67 -35.42
N GLU C 407 7.63 -7.64 -36.66
CA GLU C 407 7.89 -6.50 -37.56
C GLU C 407 6.73 -5.52 -37.53
N ILE C 408 6.54 -4.87 -36.39
CA ILE C 408 5.52 -3.84 -36.22
C ILE C 408 6.15 -2.62 -35.59
N HIS C 409 5.81 -1.44 -36.11
CA HIS C 409 6.37 -0.21 -35.59
C HIS C 409 5.84 0.06 -34.17
N PRO C 410 6.70 0.57 -33.29
CA PRO C 410 6.24 0.88 -31.92
C PRO C 410 5.11 1.89 -31.87
N GLU C 411 5.10 2.86 -32.78
CA GLU C 411 4.02 3.82 -32.82
C GLU C 411 2.69 3.15 -33.12
N ASN C 412 2.68 2.16 -34.01
CA ASN C 412 1.47 1.41 -34.28
C ASN C 412 0.99 0.66 -33.05
N VAL C 413 1.92 0.08 -32.28
CA VAL C 413 1.55 -0.61 -31.06
C VAL C 413 0.92 0.36 -30.07
N TRP C 414 1.53 1.54 -29.91
CA TRP C 414 0.98 2.55 -29.02
C TRP C 414 -0.42 2.97 -29.46
N LEU C 415 -0.60 3.18 -30.76
CA LEU C 415 -1.90 3.60 -31.28
C LEU C 415 -2.96 2.52 -31.03
N LEU C 416 -2.61 1.26 -31.27
CA LEU C 416 -3.59 0.19 -31.08
C LEU C 416 -3.94 0.02 -29.60
N SER C 417 -2.95 0.14 -28.72
CA SER C 417 -3.25 0.09 -27.29
C SER C 417 -4.16 1.24 -26.88
N ARG C 418 -3.91 2.43 -27.41
CA ARG C 418 -4.77 3.58 -27.10
C ARG C 418 -6.18 3.34 -27.60
N VAL C 419 -6.32 2.75 -28.79
CA VAL C 419 -7.65 2.47 -29.34
C VAL C 419 -8.39 1.48 -28.44
N ALA C 420 -7.70 0.41 -28.02
CA ALA C 420 -8.32 -0.58 -27.16
C ALA C 420 -8.75 0.02 -25.83
N LYS C 421 -7.92 0.89 -25.24
CA LYS C 421 -8.31 1.56 -24.00
C LYS C 421 -9.46 2.53 -24.21
N ILE C 422 -9.50 3.22 -25.35
CA ILE C 422 -10.56 4.18 -25.61
C ILE C 422 -11.90 3.47 -25.73
N ILE C 423 -11.94 2.36 -26.48
CA ILE C 423 -13.20 1.62 -26.60
C ILE C 423 -13.61 1.05 -25.25
N GLY C 424 -12.65 0.55 -24.48
CA GLY C 424 -12.93 0.02 -23.16
C GLY C 424 -13.10 -1.48 -23.15
N LEU C 425 -12.17 -2.19 -23.79
CA LEU C 425 -12.21 -3.63 -23.88
C LEU C 425 -10.90 -4.21 -23.35
N ASP C 426 -10.99 -5.16 -22.43
CA ASP C 426 -9.80 -5.81 -21.92
C ASP C 426 -9.16 -6.71 -22.97
N ILE C 427 -9.98 -7.46 -23.70
CA ILE C 427 -9.53 -8.29 -24.81
C ILE C 427 -10.27 -7.84 -26.06
N ALA C 428 -9.53 -7.43 -27.08
CA ALA C 428 -10.14 -6.88 -28.28
C ALA C 428 -9.40 -7.36 -29.53
N GLY C 429 -10.14 -7.40 -30.64
CA GLY C 429 -9.55 -7.71 -31.93
C GLY C 429 -9.79 -6.61 -32.93
N ILE C 430 -8.73 -5.97 -33.39
CA ILE C 430 -8.81 -4.80 -34.25
C ILE C 430 -8.44 -5.19 -35.67
N ASP C 431 -9.21 -4.72 -36.64
CA ASP C 431 -8.94 -4.95 -38.05
C ASP C 431 -8.30 -3.69 -38.63
N VAL C 432 -7.11 -3.84 -39.21
CA VAL C 432 -6.38 -2.72 -39.79
C VAL C 432 -6.17 -3.00 -41.27
N VAL C 433 -6.15 -1.94 -42.07
CA VAL C 433 -5.85 -2.04 -43.49
C VAL C 433 -4.72 -1.07 -43.77
N THR C 434 -3.57 -1.58 -44.23
CA THR C 434 -2.41 -0.75 -44.46
C THR C 434 -1.55 -1.35 -45.56
N GLU C 435 -0.71 -0.49 -46.15
CA GLU C 435 0.24 -0.95 -47.15
C GLU C 435 1.41 -1.68 -46.50
N ASP C 436 1.83 -1.23 -45.32
CA ASP C 436 2.93 -1.84 -44.59
C ASP C 436 2.69 -1.68 -43.10
N ILE C 437 2.82 -2.78 -42.35
CA ILE C 437 2.65 -2.73 -40.91
C ILE C 437 3.93 -2.33 -40.17
N SER C 438 5.06 -2.28 -40.88
CA SER C 438 6.33 -1.90 -40.28
C SER C 438 6.56 -0.39 -40.29
N GLN C 439 5.59 0.38 -40.77
CA GLN C 439 5.68 1.83 -40.83
C GLN C 439 4.48 2.44 -40.13
N PRO C 440 4.61 3.65 -39.60
CA PRO C 440 3.47 4.28 -38.93
C PRO C 440 2.32 4.52 -39.88
N LEU C 441 1.11 4.47 -39.33
CA LEU C 441 -0.11 4.59 -40.13
C LEU C 441 -0.34 6.00 -40.66
N ARG C 442 0.59 6.93 -40.45
CA ARG C 442 0.43 8.29 -40.97
C ARG C 442 1.08 8.44 -42.34
N GLU C 443 2.31 7.94 -42.51
CA GLU C 443 2.97 8.01 -43.80
C GLU C 443 2.21 7.21 -44.85
N VAL C 444 1.92 5.95 -44.56
CA VAL C 444 1.06 5.17 -45.41
C VAL C 444 -0.40 5.49 -45.11
N GLU C 445 -1.27 5.18 -46.06
CA GLU C 445 -2.70 5.48 -45.91
C GLU C 445 -3.39 4.31 -45.21
N GLY C 446 -3.04 4.14 -43.94
CA GLY C 446 -3.62 3.10 -43.13
C GLY C 446 -4.78 3.60 -42.28
N VAL C 447 -5.78 2.73 -42.10
CA VAL C 447 -6.99 3.08 -41.35
C VAL C 447 -7.36 1.92 -40.44
N ILE C 448 -8.18 2.23 -39.44
CA ILE C 448 -8.72 1.24 -38.52
C ILE C 448 -10.13 0.92 -38.98
N VAL C 449 -10.38 -0.35 -39.29
CA VAL C 449 -11.66 -0.75 -39.87
C VAL C 449 -12.72 -1.01 -38.80
N GLU C 450 -12.47 -1.94 -37.89
CA GLU C 450 -13.48 -2.30 -36.91
C GLU C 450 -12.82 -2.94 -35.70
N VAL C 451 -13.58 -3.03 -34.62
CA VAL C 451 -13.15 -3.61 -33.36
C VAL C 451 -14.15 -4.69 -32.96
N ASN C 452 -13.65 -5.83 -32.50
CA ASN C 452 -14.47 -6.95 -32.08
C ASN C 452 -14.20 -7.24 -30.61
N ALA C 453 -15.27 -7.43 -29.84
CA ALA C 453 -15.20 -7.56 -28.39
C ALA C 453 -14.83 -8.97 -27.93
N ALA C 454 -15.27 -9.99 -28.65
CA ALA C 454 -15.03 -11.39 -28.27
C ALA C 454 -14.38 -12.10 -29.44
N PRO C 455 -13.08 -11.89 -29.66
CA PRO C 455 -12.41 -12.50 -30.80
C PRO C 455 -11.87 -13.89 -30.50
N GLY C 456 -11.81 -14.70 -31.54
CA GLY C 456 -11.15 -15.98 -31.45
C GLY C 456 -9.68 -15.88 -31.78
N PHE C 457 -8.87 -16.71 -31.12
CA PHE C 457 -7.43 -16.66 -31.30
C PHE C 457 -6.90 -17.96 -31.90
N ARG C 458 -7.78 -18.76 -32.48
CA ARG C 458 -7.33 -19.96 -33.18
C ARG C 458 -6.43 -19.62 -34.35
N MET C 459 -6.63 -18.45 -34.96
CA MET C 459 -5.77 -18.01 -36.06
C MET C 459 -4.35 -17.69 -35.60
N HIS C 460 -4.18 -17.19 -34.38
CA HIS C 460 -2.86 -16.83 -33.88
C HIS C 460 -2.09 -18.01 -33.29
N VAL C 461 -2.79 -19.01 -32.75
CA VAL C 461 -2.12 -20.18 -32.20
C VAL C 461 -1.47 -21.04 -33.28
N ALA C 462 -2.08 -21.12 -34.46
CA ALA C 462 -1.55 -21.89 -35.58
C ALA C 462 -1.43 -20.96 -36.78
N PRO C 463 -0.38 -20.12 -36.80
CA PRO C 463 -0.26 -19.15 -37.91
C PRO C 463 -0.11 -19.79 -39.27
N SER C 464 0.51 -20.98 -39.34
CA SER C 464 0.79 -21.71 -40.57
C SER C 464 1.93 -21.06 -41.35
N ARG C 465 2.38 -19.88 -40.91
CA ARG C 465 3.59 -19.26 -41.44
C ARG C 465 4.12 -18.31 -40.38
N GLY C 466 5.14 -18.73 -39.65
CA GLY C 466 5.70 -17.91 -38.61
C GLY C 466 5.70 -18.59 -37.25
N LEU C 467 5.80 -17.80 -36.19
CA LEU C 467 5.85 -18.33 -34.83
C LEU C 467 4.49 -18.25 -34.16
N ALA C 468 4.16 -19.27 -33.40
CA ALA C 468 2.92 -19.27 -32.62
C ALA C 468 3.05 -18.39 -31.40
N ARG C 469 1.95 -17.78 -31.00
CA ARG C 469 1.90 -16.91 -29.83
C ARG C 469 1.03 -17.54 -28.76
N ASN C 470 1.46 -17.37 -27.50
CA ASN C 470 0.76 -17.94 -26.36
C ASN C 470 -0.31 -16.95 -25.91
N VAL C 471 -1.46 -16.97 -26.58
CA VAL C 471 -2.57 -16.11 -26.22
C VAL C 471 -3.21 -16.54 -24.91
N ALA C 472 -3.36 -17.86 -24.72
CA ALA C 472 -3.94 -18.36 -23.47
C ALA C 472 -3.09 -17.97 -22.28
N GLY C 473 -1.77 -18.01 -22.43
CA GLY C 473 -0.91 -17.56 -21.34
C GLY C 473 -1.11 -16.09 -21.01
N ALA C 474 -1.25 -15.25 -22.03
CA ALA C 474 -1.48 -13.83 -21.79
C ALA C 474 -2.82 -13.60 -21.09
N VAL C 475 -3.86 -14.32 -21.51
CA VAL C 475 -5.16 -14.17 -20.87
C VAL C 475 -5.10 -14.61 -19.41
N MET C 476 -4.43 -15.74 -19.15
CA MET C 476 -4.33 -16.23 -17.79
C MET C 476 -3.50 -15.29 -16.92
N ASP C 477 -2.45 -14.68 -17.48
CA ASP C 477 -1.70 -13.66 -16.76
C ASP C 477 -2.56 -12.44 -16.46
N MET C 478 -3.42 -12.03 -17.39
CA MET C 478 -4.31 -10.92 -17.13
C MET C 478 -5.28 -11.25 -16.00
N LEU C 479 -5.81 -12.47 -15.98
CA LEU C 479 -6.74 -12.86 -14.92
C LEU C 479 -6.05 -12.89 -13.56
N PHE C 480 -4.89 -13.54 -13.49
CA PHE C 480 -4.11 -13.64 -12.25
C PHE C 480 -2.75 -13.02 -12.50
N PRO C 481 -2.53 -11.78 -12.03
CA PRO C 481 -1.33 -11.03 -12.44
C PRO C 481 -0.01 -11.69 -12.11
N GLY C 482 0.23 -11.96 -10.82
CA GLY C 482 1.49 -12.51 -10.38
C GLY C 482 1.51 -14.02 -10.42
N SER C 483 2.43 -14.60 -9.67
CA SER C 483 2.49 -16.06 -9.51
C SER C 483 1.53 -16.51 -8.41
N LYS C 484 0.26 -16.14 -8.59
CA LYS C 484 -0.78 -16.39 -7.60
C LYS C 484 -1.88 -17.25 -8.21
N ASN C 485 -2.57 -17.99 -7.36
CA ASN C 485 -3.69 -18.81 -7.73
C ASN C 485 -4.92 -18.41 -6.91
N GLY C 486 -6.09 -18.82 -7.38
CA GLY C 486 -7.32 -18.44 -6.72
C GLY C 486 -7.68 -19.35 -5.56
N ARG C 487 -6.69 -19.72 -4.76
CA ARG C 487 -6.89 -20.64 -3.66
C ARG C 487 -7.10 -19.89 -2.35
N ILE C 488 -7.91 -20.47 -1.48
CA ILE C 488 -8.19 -19.91 -0.17
C ILE C 488 -7.88 -20.98 0.87
N PRO C 489 -7.62 -20.57 2.11
CA PRO C 489 -7.35 -21.57 3.17
C PRO C 489 -8.48 -22.57 3.29
N ILE C 490 -8.12 -23.85 3.34
CA ILE C 490 -9.06 -24.96 3.41
C ILE C 490 -8.64 -25.89 4.54
N LEU C 491 -9.58 -26.19 5.44
CA LEU C 491 -9.35 -27.09 6.56
C LEU C 491 -10.38 -28.21 6.49
N SER C 492 -9.92 -29.43 6.22
CA SER C 492 -10.80 -30.59 6.09
C SER C 492 -10.65 -31.46 7.33
N VAL C 493 -11.74 -31.68 8.04
CA VAL C 493 -11.75 -32.43 9.29
C VAL C 493 -12.45 -33.77 9.03
N THR C 494 -11.79 -34.87 9.40
CA THR C 494 -12.37 -36.19 9.28
C THR C 494 -12.11 -36.98 10.55
N GLY C 495 -12.95 -37.95 10.80
CA GLY C 495 -12.85 -38.75 12.00
C GLY C 495 -14.09 -39.58 12.21
N THR C 496 -14.08 -40.34 13.30
CA THR C 496 -15.20 -41.23 13.59
C THR C 496 -16.19 -40.62 14.57
N ASN C 497 -15.70 -39.85 15.55
CA ASN C 497 -16.52 -39.44 16.68
C ASN C 497 -16.80 -37.94 16.74
N GLY C 498 -15.77 -37.10 16.74
CA GLY C 498 -15.96 -35.70 17.07
C GLY C 498 -15.74 -34.71 15.94
N LYS C 499 -16.22 -35.02 14.74
CA LYS C 499 -16.03 -34.12 13.61
C LYS C 499 -16.78 -32.81 13.81
N THR C 500 -18.03 -32.87 14.28
CA THR C 500 -18.87 -31.68 14.34
C THR C 500 -18.32 -30.65 15.32
N THR C 501 -18.00 -31.09 16.53
CA THR C 501 -17.50 -30.18 17.56
C THR C 501 -16.18 -29.55 17.13
N THR C 502 -15.28 -30.34 16.54
CA THR C 502 -14.01 -29.81 16.09
C THR C 502 -14.20 -28.78 14.99
N THR C 503 -15.10 -29.07 14.03
CA THR C 503 -15.35 -28.12 12.95
C THR C 503 -15.91 -26.81 13.49
N ARG C 504 -16.88 -26.90 14.40
CA ARG C 504 -17.46 -25.68 14.97
C ARG C 504 -16.44 -24.90 15.77
N LEU C 505 -15.58 -25.59 16.53
CA LEU C 505 -14.55 -24.89 17.29
C LEU C 505 -13.56 -24.20 16.38
N LEU C 506 -13.16 -24.86 15.29
CA LEU C 506 -12.25 -24.23 14.33
C LEU C 506 -12.89 -22.98 13.73
N ALA C 507 -14.16 -23.09 13.33
CA ALA C 507 -14.84 -21.93 12.76
C ALA C 507 -14.91 -20.78 13.76
N HIS C 508 -15.26 -21.09 15.00
CA HIS C 508 -15.36 -20.03 16.01
C HIS C 508 -14.01 -19.39 16.29
N ILE C 509 -12.94 -20.18 16.35
CA ILE C 509 -11.62 -19.61 16.61
C ILE C 509 -11.19 -18.72 15.45
N ILE C 510 -11.39 -19.17 14.21
CA ILE C 510 -10.99 -18.34 13.07
C ILE C 510 -11.86 -17.09 12.97
N LYS C 511 -13.11 -17.16 13.43
CA LYS C 511 -13.97 -15.98 13.39
C LYS C 511 -13.44 -14.85 14.24
N GLN C 512 -12.60 -15.14 15.23
CA GLN C 512 -12.02 -14.07 16.04
C GLN C 512 -11.18 -13.12 15.21
N THR C 513 -10.39 -13.65 14.27
CA THR C 513 -9.75 -12.81 13.28
C THR C 513 -10.81 -12.23 12.34
N GLY C 514 -10.51 -11.05 11.80
CA GLY C 514 -11.46 -10.39 10.92
C GLY C 514 -11.55 -11.04 9.56
N LYS C 515 -12.08 -12.26 9.52
CA LYS C 515 -12.23 -13.01 8.28
C LYS C 515 -13.61 -13.61 8.21
N VAL C 516 -14.13 -13.75 6.99
CA VAL C 516 -15.42 -14.40 6.76
C VAL C 516 -15.14 -15.88 6.55
N VAL C 517 -15.74 -16.73 7.38
CA VAL C 517 -15.46 -18.15 7.40
C VAL C 517 -16.71 -18.90 6.94
N GLY C 518 -16.55 -19.76 5.94
CA GLY C 518 -17.63 -20.62 5.53
C GLY C 518 -17.38 -22.05 5.97
N TYR C 519 -18.30 -22.64 6.72
CA TYR C 519 -18.07 -23.98 7.23
C TYR C 519 -19.30 -24.85 7.06
N THR C 520 -19.05 -26.11 6.70
CA THR C 520 -20.11 -27.10 6.52
C THR C 520 -19.90 -28.25 7.48
N THR C 521 -20.99 -28.68 8.10
CA THR C 521 -20.99 -29.75 9.09
C THR C 521 -22.32 -30.48 8.99
N THR C 522 -22.57 -31.37 9.97
CA THR C 522 -23.81 -32.14 9.96
C THR C 522 -25.02 -31.25 10.22
N ASP C 523 -24.89 -30.28 11.11
CA ASP C 523 -26.03 -29.44 11.48
C ASP C 523 -26.52 -28.62 10.29
N GLY C 524 -25.61 -27.96 9.59
CA GLY C 524 -25.99 -27.15 8.45
C GLY C 524 -24.79 -26.39 7.92
N THR C 525 -24.98 -25.81 6.73
CA THR C 525 -23.94 -25.04 6.07
C THR C 525 -24.08 -23.58 6.45
N TYR C 526 -23.01 -22.99 6.98
CA TYR C 526 -23.01 -21.62 7.47
C TYR C 526 -22.00 -20.79 6.70
N ILE C 527 -22.40 -19.57 6.34
CA ILE C 527 -21.52 -18.59 5.74
C ILE C 527 -21.28 -17.47 6.73
N GLY C 528 -20.19 -17.55 7.48
CA GLY C 528 -19.91 -16.54 8.48
C GLY C 528 -20.80 -16.65 9.70
N GLU C 529 -21.73 -15.71 9.85
CA GLU C 529 -22.62 -15.69 11.01
C GLU C 529 -24.02 -16.16 10.69
N TYR C 530 -24.46 -16.04 9.44
CA TYR C 530 -25.84 -16.34 9.06
C TYR C 530 -25.93 -17.72 8.43
N LEU C 531 -26.99 -18.45 8.78
CA LEU C 531 -27.17 -19.80 8.27
C LEU C 531 -27.51 -19.77 6.79
N ALA C 532 -26.85 -20.65 6.02
CA ALA C 532 -27.09 -20.75 4.59
C ALA C 532 -27.95 -21.95 4.20
N GLU C 533 -27.71 -23.12 4.81
CA GLU C 533 -28.52 -24.29 4.48
C GLU C 533 -28.79 -25.12 5.73
N THR C 534 -30.06 -25.47 5.92
CA THR C 534 -30.45 -26.31 7.06
C THR C 534 -30.27 -27.78 6.75
N GLY C 535 -31.02 -28.29 5.76
CA GLY C 535 -30.99 -29.69 5.42
C GLY C 535 -29.95 -30.02 4.36
N ASP C 536 -28.68 -29.94 4.73
CA ASP C 536 -27.58 -30.17 3.81
C ASP C 536 -26.87 -31.48 4.13
N ASN C 537 -26.14 -31.98 3.16
CA ASN C 537 -25.27 -33.13 3.37
C ASN C 537 -23.82 -32.67 3.50
N THR C 538 -22.98 -33.57 3.99
CA THR C 538 -21.55 -33.30 4.15
C THR C 538 -20.74 -33.80 2.97
N GLY C 539 -21.35 -33.84 1.78
CA GLY C 539 -20.69 -34.30 0.59
C GLY C 539 -20.15 -33.17 -0.25
N PRO C 540 -19.79 -33.48 -1.50
CA PRO C 540 -19.22 -32.44 -2.38
C PRO C 540 -20.16 -31.30 -2.69
N GLN C 541 -21.48 -31.49 -2.54
CA GLN C 541 -22.44 -30.43 -2.86
C GLN C 541 -22.26 -29.23 -1.92
N SER C 542 -22.16 -29.50 -0.62
CA SER C 542 -21.94 -28.42 0.33
C SER C 542 -20.58 -27.77 0.14
N ALA C 543 -19.57 -28.56 -0.24
CA ALA C 543 -18.25 -28.00 -0.53
C ALA C 543 -18.32 -27.05 -1.71
N HIS C 544 -19.04 -27.43 -2.76
CA HIS C 544 -19.19 -26.54 -3.91
C HIS C 544 -19.97 -25.29 -3.53
N LEU C 545 -20.98 -25.43 -2.68
CA LEU C 545 -21.72 -24.25 -2.23
C LEU C 545 -20.81 -23.31 -1.45
N ILE C 546 -19.95 -23.86 -0.60
CA ILE C 546 -19.06 -23.02 0.20
C ILE C 546 -18.03 -22.33 -0.69
N LEU C 547 -17.40 -23.09 -1.58
CA LEU C 547 -16.28 -22.57 -2.36
C LEU C 547 -16.71 -21.64 -3.49
N SER C 548 -17.98 -21.64 -3.86
CA SER C 548 -18.46 -20.76 -4.93
C SER C 548 -18.94 -19.41 -4.42
N ASP C 549 -19.01 -19.21 -3.10
CA ASP C 549 -19.48 -17.95 -2.57
C ASP C 549 -18.43 -16.87 -2.78
N PRO C 550 -18.82 -15.69 -3.29
CA PRO C 550 -17.84 -14.62 -3.53
C PRO C 550 -17.39 -13.87 -2.29
N THR C 551 -17.78 -14.30 -1.10
CA THR C 551 -17.39 -13.62 0.13
C THR C 551 -16.64 -14.51 1.11
N VAL C 552 -16.52 -15.80 0.84
CA VAL C 552 -15.87 -16.72 1.78
C VAL C 552 -14.36 -16.61 1.61
N GLU C 553 -13.65 -16.46 2.73
CA GLU C 553 -12.19 -16.39 2.72
C GLU C 553 -11.51 -17.63 3.27
N VAL C 554 -12.09 -18.30 4.26
CA VAL C 554 -11.55 -19.55 4.80
C VAL C 554 -12.66 -20.58 4.85
N ALA C 555 -12.38 -21.76 4.32
CA ALA C 555 -13.36 -22.84 4.23
C ALA C 555 -13.01 -23.93 5.23
N VAL C 556 -13.99 -24.34 6.03
CA VAL C 556 -13.85 -25.44 6.98
C VAL C 556 -14.92 -26.47 6.64
N LEU C 557 -14.50 -27.69 6.31
CA LEU C 557 -15.41 -28.71 5.82
C LEU C 557 -15.28 -29.97 6.67
N GLU C 558 -16.43 -30.47 7.13
CA GLU C 558 -16.48 -31.79 7.76
C GLU C 558 -16.67 -32.84 6.67
N THR C 559 -15.72 -33.76 6.55
CA THR C 559 -15.71 -34.75 5.49
C THR C 559 -16.04 -36.12 6.08
N ALA C 560 -17.26 -36.58 5.83
CA ALA C 560 -17.69 -37.89 6.28
C ALA C 560 -17.27 -38.96 5.26
N ARG C 561 -17.27 -40.21 5.71
CA ARG C 561 -16.85 -41.31 4.84
C ARG C 561 -17.89 -41.58 3.75
N GLY C 562 -19.15 -41.27 4.00
CA GLY C 562 -20.16 -41.47 2.98
C GLY C 562 -19.92 -40.64 1.73
N GLY C 563 -19.51 -39.39 1.91
CA GLY C 563 -19.19 -38.56 0.77
C GLY C 563 -17.99 -39.06 -0.01
N ILE C 564 -16.97 -39.56 0.71
CA ILE C 564 -15.79 -40.08 0.03
C ILE C 564 -16.13 -41.35 -0.75
N LEU C 565 -16.95 -42.23 -0.18
CA LEU C 565 -17.31 -43.45 -0.90
C LEU C 565 -18.24 -43.15 -2.07
N ARG C 566 -19.17 -42.21 -1.92
CA ARG C 566 -20.16 -41.99 -2.96
C ARG C 566 -19.60 -41.14 -4.10
N SER C 567 -18.98 -40.01 -3.79
CA SER C 567 -18.49 -39.11 -4.82
C SER C 567 -17.06 -38.65 -4.62
N GLY C 568 -16.40 -39.03 -3.53
CA GLY C 568 -15.05 -38.59 -3.28
C GLY C 568 -15.00 -37.16 -2.75
N LEU C 569 -13.77 -36.68 -2.62
CA LEU C 569 -13.57 -35.32 -2.13
C LEU C 569 -13.96 -34.29 -3.17
N GLY C 570 -14.49 -33.16 -2.70
CA GLY C 570 -14.89 -32.08 -3.56
C GLY C 570 -13.80 -31.10 -3.91
N PHE C 571 -12.57 -31.35 -3.50
CA PHE C 571 -11.46 -30.46 -3.77
C PHE C 571 -10.23 -31.29 -4.09
N SER C 572 -9.33 -30.70 -4.88
CA SER C 572 -8.10 -31.38 -5.27
C SER C 572 -7.11 -31.49 -4.12
N SER C 573 -6.93 -30.42 -3.35
CA SER C 573 -5.98 -30.41 -2.25
C SER C 573 -6.50 -29.51 -1.14
N CYS C 574 -5.99 -29.73 0.07
CA CYS C 574 -6.37 -28.94 1.22
C CYS C 574 -5.12 -28.47 1.94
N GLU C 575 -5.21 -27.28 2.54
CA GLU C 575 -4.08 -26.74 3.28
C GLU C 575 -3.90 -27.42 4.63
N VAL C 576 -4.99 -27.75 5.31
CA VAL C 576 -4.92 -28.45 6.59
C VAL C 576 -5.82 -29.67 6.53
N GLY C 577 -5.26 -30.83 6.89
CA GLY C 577 -6.05 -32.04 6.97
C GLY C 577 -5.99 -32.67 8.34
N ILE C 578 -7.12 -32.71 9.05
CA ILE C 578 -7.17 -33.19 10.42
C ILE C 578 -7.82 -34.57 10.44
N VAL C 579 -7.14 -35.54 11.05
CA VAL C 579 -7.69 -36.88 11.26
C VAL C 579 -7.75 -37.11 12.77
N LEU C 580 -8.96 -37.29 13.29
CA LEU C 580 -9.13 -37.39 14.74
C LEU C 580 -8.84 -38.79 15.25
N ASN C 581 -9.62 -39.78 14.80
CA ASN C 581 -9.45 -41.15 15.25
C ASN C 581 -10.21 -42.06 14.30
N VAL C 582 -9.86 -43.35 14.34
CA VAL C 582 -10.48 -44.37 13.51
C VAL C 582 -10.85 -45.54 14.41
N THR C 583 -12.14 -45.75 14.63
CA THR C 583 -12.63 -46.86 15.42
C THR C 583 -13.68 -47.63 14.63
N ALA C 584 -13.62 -48.96 14.70
CA ALA C 584 -14.55 -49.81 13.96
C ALA C 584 -15.86 -49.99 14.71
N ASP C 585 -16.51 -48.87 15.05
CA ASP C 585 -17.78 -48.93 15.75
C ASP C 585 -18.93 -49.35 14.83
N HIS C 586 -18.83 -49.07 13.54
CA HIS C 586 -19.88 -49.41 12.59
C HIS C 586 -19.24 -49.86 11.29
N LEU C 587 -19.63 -51.04 10.81
CA LEU C 587 -19.03 -51.63 9.62
C LEU C 587 -20.12 -52.30 8.79
N GLY C 588 -19.70 -52.93 7.69
CA GLY C 588 -20.62 -53.64 6.83
C GLY C 588 -21.21 -52.83 5.70
N ILE C 589 -20.93 -51.54 5.63
CA ILE C 589 -21.49 -50.67 4.60
C ILE C 589 -20.57 -50.66 3.39
N GLY C 590 -21.14 -50.88 2.22
CA GLY C 590 -20.35 -50.88 1.00
C GLY C 590 -19.38 -52.05 0.98
N ASP C 591 -18.11 -51.75 0.72
CA ASP C 591 -17.05 -52.75 0.71
C ASP C 591 -16.10 -52.54 1.89
N ILE C 592 -16.56 -51.87 2.93
CA ILE C 592 -15.77 -51.58 4.12
C ILE C 592 -16.19 -52.56 5.19
N ASP C 593 -15.46 -53.66 5.33
CA ASP C 593 -15.74 -54.68 6.32
C ASP C 593 -14.59 -54.91 7.30
N THR C 594 -13.46 -54.24 7.11
CA THR C 594 -12.30 -54.40 7.98
C THR C 594 -11.79 -53.03 8.38
N ILE C 595 -11.26 -52.94 9.60
CA ILE C 595 -10.77 -51.65 10.10
C ILE C 595 -9.62 -51.13 9.27
N GLU C 596 -8.84 -52.01 8.63
CA GLU C 596 -7.80 -51.55 7.72
C GLU C 596 -8.41 -50.84 6.51
N GLN C 597 -9.53 -51.35 6.00
CA GLN C 597 -10.22 -50.67 4.90
C GLN C 597 -10.72 -49.29 5.34
N LEU C 598 -11.25 -49.19 6.55
CA LEU C 598 -11.69 -47.89 7.05
C LEU C 598 -10.52 -46.94 7.21
N ALA C 599 -9.39 -47.43 7.71
CA ALA C 599 -8.21 -46.58 7.83
C ALA C 599 -7.73 -46.10 6.47
N LYS C 600 -7.73 -46.98 5.47
CA LYS C 600 -7.35 -46.59 4.12
C LYS C 600 -8.32 -45.55 3.57
N LEU C 601 -9.62 -45.72 3.81
CA LEU C 601 -10.60 -44.75 3.35
C LEU C 601 -10.38 -43.39 4.01
N LYS C 602 -10.12 -43.37 5.31
CA LYS C 602 -9.90 -42.11 6.01
C LYS C 602 -8.56 -41.49 5.66
N SER C 603 -7.60 -42.28 5.16
CA SER C 603 -6.29 -41.76 4.79
C SER C 603 -6.33 -40.87 3.56
N VAL C 604 -7.45 -40.79 2.85
CA VAL C 604 -7.53 -39.94 1.66
C VAL C 604 -7.33 -38.48 2.04
N VAL C 605 -7.93 -38.04 3.15
CA VAL C 605 -7.80 -36.65 3.58
C VAL C 605 -6.35 -36.32 3.88
N ALA C 606 -5.66 -37.21 4.61
CA ALA C 606 -4.25 -36.98 4.92
C ALA C 606 -3.37 -37.01 3.68
N GLU C 607 -3.64 -37.92 2.74
CA GLU C 607 -2.81 -38.04 1.56
C GLU C 607 -3.02 -36.87 0.60
N SER C 608 -4.22 -36.29 0.57
CA SER C 608 -4.51 -35.18 -0.33
C SER C 608 -4.19 -33.85 0.33
N VAL C 609 -2.93 -33.71 0.74
CA VAL C 609 -2.42 -32.50 1.37
C VAL C 609 -1.24 -32.00 0.55
N MET C 610 -1.29 -30.72 0.18
CA MET C 610 -0.24 -30.15 -0.65
C MET C 610 1.08 -30.07 0.11
N PRO C 611 2.21 -30.00 -0.61
CA PRO C 611 3.52 -30.06 0.08
C PRO C 611 3.72 -28.98 1.13
N LYS C 612 3.08 -27.82 1.01
CA LYS C 612 3.20 -26.78 2.01
C LYS C 612 2.12 -26.88 3.09
N GLY C 613 1.26 -27.89 3.03
CA GLY C 613 0.19 -28.05 3.99
C GLY C 613 0.63 -28.79 5.23
N TYR C 614 -0.35 -29.09 6.08
CA TYR C 614 -0.13 -29.79 7.33
C TYR C 614 -1.15 -30.91 7.50
N ALA C 615 -0.70 -32.03 8.07
CA ALA C 615 -1.56 -33.14 8.42
C ALA C 615 -1.54 -33.29 9.93
N VAL C 616 -2.68 -33.07 10.57
CA VAL C 616 -2.79 -33.12 12.02
C VAL C 616 -3.35 -34.50 12.40
N LEU C 617 -2.51 -35.32 13.01
CA LEU C 617 -2.86 -36.70 13.32
C LEU C 617 -2.76 -36.96 14.82
N ASN C 618 -3.49 -37.98 15.27
CA ASN C 618 -3.49 -38.41 16.66
C ASN C 618 -2.40 -39.46 16.84
N ALA C 619 -1.45 -39.18 17.73
CA ALA C 619 -0.35 -40.10 17.95
C ALA C 619 -0.73 -41.31 18.77
N GLU C 620 -1.81 -41.23 19.55
CA GLU C 620 -2.18 -42.36 20.39
C GLU C 620 -2.71 -43.54 19.58
N ASP C 621 -3.51 -43.27 18.55
CA ASP C 621 -4.09 -44.34 17.74
C ASP C 621 -3.02 -44.90 16.81
N PRO C 622 -2.69 -46.20 16.92
CA PRO C 622 -1.66 -46.74 16.02
C PRO C 622 -2.04 -46.66 14.56
N LEU C 623 -3.32 -46.89 14.22
CA LEU C 623 -3.74 -46.84 12.83
C LEU C 623 -3.63 -45.43 12.26
N VAL C 624 -4.02 -44.42 13.02
CA VAL C 624 -3.90 -43.04 12.55
C VAL C 624 -2.43 -42.63 12.48
N ALA C 625 -1.64 -43.01 13.48
CA ALA C 625 -0.22 -42.69 13.47
C ALA C 625 0.53 -43.39 12.35
N ALA C 626 0.00 -44.52 11.85
CA ALA C 626 0.65 -45.21 10.74
C ALA C 626 0.57 -44.42 9.44
N MET C 627 -0.26 -43.39 9.38
CA MET C 627 -0.36 -42.54 8.20
C MET C 627 0.74 -41.52 8.12
N ALA C 628 1.80 -41.63 8.92
CA ALA C 628 2.89 -40.65 8.85
C ALA C 628 3.55 -40.66 7.48
N ASP C 629 3.78 -41.84 6.93
CA ASP C 629 4.33 -41.95 5.59
C ASP C 629 3.23 -41.68 4.56
N ARG C 630 3.61 -41.79 3.28
CA ARG C 630 2.72 -41.56 2.14
C ARG C 630 1.90 -40.28 2.29
N VAL C 631 2.45 -39.30 2.99
CA VAL C 631 1.81 -38.01 3.20
C VAL C 631 2.79 -36.92 2.80
N LYS C 632 2.38 -36.07 1.87
CA LYS C 632 3.18 -34.94 1.45
C LYS C 632 2.94 -33.77 2.39
N GLY C 633 4.01 -33.08 2.76
CA GLY C 633 3.90 -31.98 3.69
C GLY C 633 4.20 -32.38 5.12
N GLN C 634 4.14 -31.40 6.00
CA GLN C 634 4.50 -31.61 7.39
C GLN C 634 3.41 -32.34 8.16
N VAL C 635 3.83 -33.04 9.21
CA VAL C 635 2.95 -33.81 10.07
C VAL C 635 3.03 -33.26 11.47
N ALA C 636 1.86 -33.00 12.06
CA ALA C 636 1.77 -32.50 13.43
C ALA C 636 0.96 -33.47 14.26
N TYR C 637 1.52 -33.92 15.38
CA TYR C 637 0.89 -34.90 16.24
C TYR C 637 0.22 -34.22 17.43
N PHE C 638 -0.95 -34.71 17.79
CA PHE C 638 -1.61 -34.30 19.02
C PHE C 638 -1.95 -35.53 19.84
N SER C 639 -1.75 -35.43 21.14
CA SER C 639 -1.92 -36.58 22.03
C SER C 639 -2.36 -36.11 23.41
N MET C 640 -3.24 -36.90 24.02
CA MET C 640 -3.66 -36.65 25.39
C MET C 640 -2.65 -37.16 26.42
N ASP C 641 -1.70 -38.00 26.00
CA ASP C 641 -0.69 -38.52 26.90
C ASP C 641 0.62 -37.78 26.65
N PRO C 642 1.10 -36.96 27.60
CA PRO C 642 2.35 -36.21 27.34
C PRO C 642 3.60 -37.07 27.30
N ASN C 643 3.51 -38.36 27.64
CA ASN C 643 4.67 -39.23 27.67
C ASN C 643 4.73 -40.15 26.45
N ASN C 644 4.07 -39.79 25.37
CA ASN C 644 4.10 -40.62 24.17
C ASN C 644 5.48 -40.57 23.53
N GLU C 645 6.06 -41.75 23.28
CA GLU C 645 7.42 -41.81 22.74
C GLU C 645 7.49 -41.21 21.34
N LEU C 646 6.51 -41.52 20.50
CA LEU C 646 6.53 -41.02 19.13
C LEU C 646 6.45 -39.50 19.09
N LEU C 647 5.59 -38.91 19.92
CA LEU C 647 5.45 -37.46 19.94
C LEU C 647 6.74 -36.79 20.40
N LEU C 648 7.36 -37.32 21.46
CA LEU C 648 8.60 -36.75 21.96
C LEU C 648 9.71 -36.87 20.92
N ARG C 649 9.81 -38.02 20.25
CA ARG C 649 10.81 -38.19 19.22
C ARG C 649 10.58 -37.22 18.06
N HIS C 650 9.32 -37.00 17.68
CA HIS C 650 9.02 -36.05 16.61
C HIS C 650 9.37 -34.63 17.01
N THR C 651 9.11 -34.26 18.27
CA THR C 651 9.39 -32.90 18.73
C THR C 651 10.90 -32.66 18.85
N GLU C 652 11.66 -33.67 19.27
CA GLU C 652 13.09 -33.49 19.43
C GLU C 652 13.78 -33.15 18.12
N ALA C 653 13.32 -33.76 17.02
CA ALA C 653 13.81 -33.44 15.67
C ALA C 653 12.64 -32.84 14.90
N GLY C 654 12.47 -31.53 15.03
CA GLY C 654 11.35 -30.86 14.41
C GLY C 654 10.48 -30.13 15.42
N GLY C 655 9.21 -30.51 15.50
CA GLY C 655 8.33 -29.90 16.50
C GLY C 655 6.88 -29.92 16.02
N LEU C 656 6.15 -28.89 16.42
CA LEU C 656 4.75 -28.70 16.06
C LEU C 656 3.89 -29.88 16.54
N ALA C 657 3.80 -30.00 17.86
CA ALA C 657 2.92 -30.96 18.50
C ALA C 657 2.05 -30.25 19.53
N ALA C 658 1.00 -30.94 19.99
CA ALA C 658 0.12 -30.41 21.00
C ALA C 658 -0.15 -31.50 22.03
N ILE C 659 -0.12 -31.12 23.31
CA ILE C 659 -0.27 -32.07 24.41
C ILE C 659 -1.13 -31.43 25.51
N TYR C 660 -1.46 -32.26 26.50
CA TYR C 660 -2.22 -31.86 27.69
C TYR C 660 -1.39 -32.35 28.88
N GLU C 661 -0.49 -31.50 29.38
CA GLU C 661 0.55 -31.96 30.29
C GLU C 661 0.15 -31.88 31.76
N ASN C 662 -0.09 -30.68 32.28
CA ASN C 662 -0.51 -30.49 33.68
C ASN C 662 -1.69 -29.53 33.68
N GLY C 663 -2.88 -30.05 33.44
CA GLY C 663 -4.07 -29.23 33.39
C GLY C 663 -3.93 -28.06 32.42
N TYR C 664 -3.16 -28.26 31.36
CA TYR C 664 -2.86 -27.20 30.42
C TYR C 664 -2.90 -27.74 28.99
N ILE C 665 -3.42 -26.91 28.08
CA ILE C 665 -3.39 -27.20 26.65
C ILE C 665 -2.12 -26.56 26.10
N SER C 666 -1.09 -27.38 25.88
CA SER C 666 0.22 -26.86 25.55
C SER C 666 0.59 -27.22 24.12
N ILE C 667 1.38 -26.35 23.50
CA ILE C 667 1.89 -26.54 22.15
C ILE C 667 3.41 -26.59 22.23
N LEU C 668 4.00 -27.65 21.69
CA LEU C 668 5.44 -27.80 21.62
C LEU C 668 5.91 -27.43 20.22
N LYS C 669 6.75 -26.41 20.14
CA LYS C 669 7.35 -25.96 18.88
C LYS C 669 8.79 -26.38 18.78
N GLY C 670 9.11 -27.58 19.26
CA GLY C 670 10.48 -28.04 19.33
C GLY C 670 10.96 -28.15 20.76
N ASP C 671 11.84 -27.25 21.18
CA ASP C 671 12.35 -27.21 22.54
C ASP C 671 11.58 -26.24 23.43
N TRP C 672 10.51 -25.63 22.92
CA TRP C 672 9.76 -24.62 23.64
C TRP C 672 8.33 -25.08 23.85
N THR C 673 7.75 -24.70 24.99
CA THR C 673 6.39 -25.04 25.35
C THR C 673 5.58 -23.75 25.50
N LEU C 674 4.42 -23.69 24.86
CA LEU C 674 3.53 -22.54 24.92
C LEU C 674 2.21 -22.99 25.50
N ARG C 675 1.84 -22.45 26.66
CA ARG C 675 0.59 -22.80 27.31
C ARG C 675 -0.52 -21.86 26.86
N ILE C 676 -1.70 -22.42 26.63
CA ILE C 676 -2.85 -21.68 26.10
C ILE C 676 -3.90 -21.45 27.18
N GLU C 677 -4.45 -22.52 27.74
CA GLU C 677 -5.56 -22.40 28.66
C GLU C 677 -5.39 -23.39 29.81
N LYS C 678 -6.10 -23.13 30.91
CA LYS C 678 -6.02 -23.94 32.11
C LYS C 678 -6.87 -25.20 32.03
N ALA C 679 -7.57 -25.43 30.93
CA ALA C 679 -8.37 -26.62 30.64
C ALA C 679 -9.58 -26.74 31.55
N VAL C 680 -9.74 -25.86 32.53
CA VAL C 680 -10.96 -25.80 33.33
C VAL C 680 -11.76 -24.54 33.04
N ASN C 681 -11.17 -23.55 32.38
CA ASN C 681 -11.88 -22.35 31.95
C ASN C 681 -12.56 -22.54 30.60
N VAL C 682 -12.35 -23.68 29.96
CA VAL C 682 -12.98 -23.98 28.67
C VAL C 682 -14.37 -24.54 28.96
N PRO C 683 -15.45 -23.87 28.53
CA PRO C 683 -16.79 -24.35 28.88
C PRO C 683 -17.12 -25.75 28.38
N ILE C 684 -16.62 -26.13 27.20
CA ILE C 684 -16.99 -27.42 26.64
C ILE C 684 -16.37 -28.56 27.44
N THR C 685 -15.22 -28.34 28.06
CA THR C 685 -14.57 -29.40 28.84
C THR C 685 -15.29 -29.68 30.14
N MET C 686 -16.16 -28.77 30.59
CA MET C 686 -16.89 -28.91 31.85
C MET C 686 -15.93 -29.12 33.02
N ALA C 687 -15.00 -28.18 33.18
CA ALA C 687 -13.99 -28.22 34.24
C ALA C 687 -13.14 -29.49 34.16
N GLY C 688 -12.92 -29.99 32.94
CA GLY C 688 -12.09 -31.17 32.73
C GLY C 688 -12.77 -32.49 33.00
N LYS C 689 -14.06 -32.50 33.34
CA LYS C 689 -14.75 -33.74 33.60
C LYS C 689 -15.00 -34.58 32.35
N ALA C 690 -14.96 -33.97 31.17
CA ALA C 690 -15.13 -34.69 29.93
C ALA C 690 -13.79 -34.80 29.22
N PRO C 691 -13.12 -35.96 29.24
CA PRO C 691 -11.80 -36.06 28.61
C PRO C 691 -11.85 -36.12 27.10
N PHE C 692 -12.99 -36.43 26.50
CA PHE C 692 -13.06 -36.57 25.05
C PHE C 692 -13.00 -35.22 24.34
N MET C 693 -13.62 -34.19 24.90
CA MET C 693 -13.60 -32.87 24.29
C MET C 693 -12.21 -32.23 24.32
N ILE C 694 -11.35 -32.66 25.24
CA ILE C 694 -10.01 -32.09 25.29
C ILE C 694 -9.21 -32.47 24.06
N ALA C 695 -9.41 -33.68 23.52
CA ALA C 695 -8.74 -34.06 22.29
C ALA C 695 -9.18 -33.18 21.13
N ASN C 696 -10.47 -32.91 21.02
CA ASN C 696 -10.97 -32.02 19.97
C ASN C 696 -10.41 -30.62 20.13
N ALA C 697 -10.33 -30.12 21.37
CA ALA C 697 -9.75 -28.81 21.61
C ALA C 697 -8.28 -28.79 21.19
N LEU C 698 -7.54 -29.84 21.52
CA LEU C 698 -6.13 -29.92 21.12
C LEU C 698 -5.99 -29.89 19.61
N ALA C 699 -6.81 -30.68 18.91
CA ALA C 699 -6.73 -30.72 17.46
C ALA C 699 -7.05 -29.37 16.84
N ALA C 700 -8.10 -28.71 17.33
CA ALA C 700 -8.47 -27.42 16.79
C ALA C 700 -7.39 -26.37 17.05
N CYS C 701 -6.84 -26.35 18.27
CA CYS C 701 -5.79 -25.39 18.58
C CYS C 701 -4.55 -25.61 17.73
N LEU C 702 -4.15 -26.87 17.55
CA LEU C 702 -2.99 -27.15 16.71
C LEU C 702 -3.22 -26.74 15.27
N ALA C 703 -4.41 -27.06 14.73
CA ALA C 703 -4.70 -26.70 13.35
C ALA C 703 -4.70 -25.19 13.16
N VAL C 704 -5.26 -24.45 14.11
CA VAL C 704 -5.25 -23.00 14.01
C VAL C 704 -3.84 -22.45 14.12
N PHE C 705 -3.03 -23.02 15.03
CA PHE C 705 -1.67 -22.53 15.21
C PHE C 705 -0.81 -22.77 13.97
N THR C 706 -1.05 -23.88 13.26
CA THR C 706 -0.27 -24.15 12.05
C THR C 706 -0.49 -23.12 10.97
N GLN C 707 -1.57 -22.34 11.04
CA GLN C 707 -1.87 -21.34 10.03
C GLN C 707 -1.34 -19.95 10.38
N GLY C 708 -0.68 -19.80 11.52
CA GLY C 708 -0.08 -18.53 11.88
C GLY C 708 -0.91 -17.63 12.75
N VAL C 709 -2.05 -18.10 13.26
CA VAL C 709 -2.88 -17.27 14.12
C VAL C 709 -2.21 -17.10 15.47
N LYS C 710 -2.30 -15.89 16.02
CA LYS C 710 -1.63 -15.55 17.28
C LYS C 710 -2.29 -16.27 18.44
N ILE C 711 -1.53 -16.40 19.53
CA ILE C 711 -1.98 -17.18 20.69
C ILE C 711 -3.18 -16.52 21.35
N GLU C 712 -3.18 -15.19 21.47
CA GLU C 712 -4.27 -14.51 22.19
C GLU C 712 -5.60 -14.71 21.47
N HIS C 713 -5.58 -14.77 20.14
CA HIS C 713 -6.82 -15.05 19.41
C HIS C 713 -7.33 -16.45 19.73
N ILE C 714 -6.43 -17.43 19.80
CA ILE C 714 -6.84 -18.79 20.16
C ILE C 714 -7.42 -18.82 21.56
N ARG C 715 -6.79 -18.11 22.49
CA ARG C 715 -7.29 -18.05 23.87
C ARG C 715 -8.69 -17.46 23.91
N LYS C 716 -8.89 -16.33 23.22
CA LYS C 716 -10.18 -15.66 23.24
C LYS C 716 -11.26 -16.54 22.60
N GLY C 717 -10.92 -17.20 21.49
CA GLY C 717 -11.88 -18.08 20.85
C GLY C 717 -12.24 -19.29 21.69
N LEU C 718 -11.24 -19.88 22.36
CA LEU C 718 -11.50 -21.05 23.20
C LEU C 718 -12.29 -20.71 24.45
N SER C 719 -12.06 -19.53 25.03
CA SER C 719 -12.79 -19.17 26.24
C SER C 719 -14.26 -18.87 25.97
N THR C 720 -14.58 -18.33 24.80
CA THR C 720 -15.93 -17.88 24.48
C THR C 720 -16.82 -18.97 23.90
N PHE C 721 -16.25 -19.93 23.18
CA PHE C 721 -17.03 -20.92 22.44
C PHE C 721 -17.88 -21.75 23.40
N VAL C 722 -19.14 -21.96 23.02
CA VAL C 722 -20.07 -22.79 23.77
C VAL C 722 -20.70 -23.79 22.82
N ALA C 723 -21.20 -24.89 23.38
CA ALA C 723 -21.82 -25.94 22.58
C ALA C 723 -23.32 -25.73 22.48
N MET D 1 -32.82 44.54 -41.29
CA MET D 1 -32.19 43.63 -40.35
C MET D 1 -31.49 42.49 -41.10
N LYS D 2 -30.31 42.10 -40.60
CA LYS D 2 -29.60 40.97 -41.18
C LYS D 2 -28.69 40.37 -40.11
N ILE D 3 -28.71 39.04 -40.00
CA ILE D 3 -27.86 38.34 -39.05
C ILE D 3 -26.49 38.14 -39.69
N LEU D 4 -25.46 38.76 -39.10
CA LEU D 4 -24.12 38.70 -39.65
C LEU D 4 -23.33 37.51 -39.14
N LYS D 5 -23.32 37.30 -37.83
CA LYS D 5 -22.58 36.18 -37.24
C LYS D 5 -23.25 35.77 -35.94
N LEU D 6 -23.31 34.46 -35.71
CA LEU D 6 -23.94 33.89 -34.52
C LEU D 6 -23.02 32.81 -33.96
N GLN D 7 -22.38 33.10 -32.83
CA GLN D 7 -21.45 32.18 -32.21
C GLN D 7 -21.95 31.75 -30.84
N THR D 8 -21.47 30.60 -30.38
CA THR D 8 -21.87 30.04 -29.09
C THR D 8 -20.64 29.87 -28.21
N LEU D 9 -20.80 30.17 -26.93
CA LEU D 9 -19.75 30.08 -25.94
C LEU D 9 -20.15 29.08 -24.86
N ARG D 10 -19.25 28.16 -24.55
CA ARG D 10 -19.54 27.08 -23.62
C ARG D 10 -18.72 27.12 -22.33
N GLY D 11 -17.71 27.99 -22.23
CA GLY D 11 -16.92 28.10 -21.03
C GLY D 11 -16.71 29.54 -20.63
N PRO D 12 -15.77 29.77 -19.71
CA PRO D 12 -15.42 31.16 -19.35
C PRO D 12 -14.94 31.92 -20.58
N ASN D 13 -15.33 33.18 -20.67
CA ASN D 13 -15.11 33.95 -21.89
C ASN D 13 -14.89 35.40 -21.53
N TYR D 14 -14.74 36.23 -22.58
CA TYR D 14 -14.55 37.66 -22.41
C TYR D 14 -15.75 38.32 -21.74
N TRP D 15 -16.96 37.87 -22.11
CA TRP D 15 -18.17 38.56 -21.66
C TRP D 15 -18.42 38.35 -20.17
N SER D 16 -18.25 37.12 -19.68
CA SER D 16 -18.51 36.86 -18.27
C SER D 16 -17.78 35.59 -17.86
N ILE D 17 -17.67 35.41 -16.54
CA ILE D 17 -17.08 34.23 -15.93
C ILE D 17 -18.11 33.65 -14.98
N HIS D 18 -18.21 32.31 -14.96
CA HIS D 18 -19.21 31.50 -14.27
C HIS D 18 -20.55 31.51 -15.00
N ARG D 19 -20.68 32.28 -16.08
CA ARG D 19 -21.81 32.18 -16.99
C ARG D 19 -21.24 31.56 -18.27
N HIS D 20 -21.13 30.24 -18.28
CA HIS D 20 -20.40 29.55 -19.33
C HIS D 20 -21.17 29.50 -20.64
N LYS D 21 -22.48 29.27 -20.57
CA LYS D 21 -23.31 29.08 -21.76
C LYS D 21 -23.87 30.43 -22.19
N LEU D 22 -23.37 30.95 -23.32
CA LEU D 22 -23.84 32.21 -23.87
C LEU D 22 -23.92 32.09 -25.38
N VAL D 23 -24.66 33.01 -26.00
CA VAL D 23 -24.70 33.13 -27.45
C VAL D 23 -24.45 34.59 -27.82
N VAL D 24 -23.56 34.82 -28.77
CA VAL D 24 -23.19 36.16 -29.20
C VAL D 24 -23.63 36.34 -30.64
N MET D 25 -24.25 37.49 -30.92
CA MET D 25 -24.84 37.79 -32.21
C MET D 25 -24.40 39.17 -32.68
N ARG D 26 -23.98 39.23 -33.94
CA ARG D 26 -23.62 40.49 -34.58
C ARG D 26 -24.82 40.95 -35.40
N LEU D 27 -25.52 41.98 -34.92
CA LEU D 27 -26.76 42.42 -35.50
C LEU D 27 -26.54 43.70 -36.31
N ASP D 28 -27.02 43.70 -37.55
CA ASP D 28 -26.84 44.83 -38.46
C ASP D 28 -28.08 45.72 -38.40
N LEU D 29 -27.88 46.98 -38.01
CA LEU D 29 -28.97 47.96 -37.94
C LEU D 29 -28.82 48.90 -39.14
N GLU D 30 -29.37 48.46 -40.27
CA GLU D 30 -29.21 49.23 -41.51
C GLU D 30 -29.94 50.57 -41.44
N ASP D 31 -31.16 50.58 -40.93
CA ASP D 31 -31.98 51.78 -40.91
C ASP D 31 -32.36 52.27 -39.52
N LEU D 32 -32.43 51.37 -38.54
CA LEU D 32 -32.81 51.74 -37.17
C LEU D 32 -31.60 51.83 -36.26
N TYR D 33 -30.45 52.25 -36.80
CA TYR D 33 -29.24 52.35 -35.98
C TYR D 33 -29.38 53.41 -34.90
N GLU D 34 -30.03 54.53 -35.21
CA GLU D 34 -30.25 55.62 -34.27
C GLU D 34 -31.74 55.97 -34.24
N LYS D 35 -32.58 54.95 -34.15
CA LYS D 35 -34.03 55.11 -34.14
C LYS D 35 -34.55 54.60 -32.80
N TYR D 36 -34.94 55.52 -31.92
CA TYR D 36 -35.48 55.15 -30.62
C TYR D 36 -36.83 54.47 -30.76
N THR D 37 -37.13 53.59 -29.80
CA THR D 37 -38.42 52.90 -29.80
C THR D 37 -39.57 53.87 -29.57
N SER D 38 -39.35 54.89 -28.73
CA SER D 38 -40.39 55.89 -28.49
C SER D 38 -40.53 56.84 -29.66
N ASP D 39 -39.55 56.88 -30.55
CA ASP D 39 -39.59 57.75 -31.73
C ASP D 39 -40.55 57.23 -32.80
N ILE D 40 -40.82 55.93 -32.83
CA ILE D 40 -41.71 55.34 -33.82
C ILE D 40 -43.08 55.18 -33.15
N PRO D 41 -44.14 55.75 -33.72
CA PRO D 41 -45.45 55.78 -33.03
C PRO D 41 -46.07 54.40 -32.94
N GLY D 42 -46.67 54.11 -31.79
CA GLY D 42 -47.54 52.96 -31.64
C GLY D 42 -46.91 51.60 -31.80
N PHE D 43 -45.67 51.42 -31.35
CA PHE D 43 -45.09 50.08 -31.28
C PHE D 43 -44.87 49.66 -29.84
N TYR D 44 -44.92 50.61 -28.90
CA TYR D 44 -44.93 50.24 -27.49
C TYR D 44 -46.16 49.41 -27.17
N LYS D 45 -47.32 49.83 -27.66
CA LYS D 45 -48.55 49.06 -27.45
C LYS D 45 -48.48 47.71 -28.12
N GLY D 46 -47.91 47.64 -29.34
CA GLY D 46 -47.76 46.36 -30.00
C GLY D 46 -46.86 45.40 -29.23
N LEU D 47 -45.75 45.92 -28.71
CA LEU D 47 -44.86 45.08 -27.92
C LEU D 47 -45.53 44.63 -26.63
N THR D 48 -46.27 45.52 -25.96
CA THR D 48 -46.89 45.16 -24.69
C THR D 48 -48.12 44.27 -24.87
N GLU D 49 -48.69 44.21 -26.07
CA GLU D 49 -49.82 43.31 -26.29
C GLU D 49 -49.40 41.98 -26.88
N VAL D 50 -48.34 41.95 -27.71
CA VAL D 50 -47.85 40.69 -28.24
C VAL D 50 -47.17 39.88 -27.13
N LEU D 51 -46.37 40.55 -26.30
CA LEU D 51 -45.76 39.95 -25.10
C LEU D 51 -46.10 40.79 -23.88
N PRO D 52 -47.25 40.54 -23.25
CA PRO D 52 -47.54 41.22 -21.97
C PRO D 52 -46.60 40.83 -20.85
N SER D 53 -46.00 39.63 -20.91
CA SER D 53 -45.15 39.14 -19.83
C SER D 53 -43.92 40.00 -19.59
N LEU D 54 -43.57 40.88 -20.53
CA LEU D 54 -42.47 41.81 -20.29
C LEU D 54 -42.75 42.75 -19.13
N VAL D 55 -44.00 42.85 -18.69
CA VAL D 55 -44.31 43.62 -17.50
C VAL D 55 -43.61 43.05 -16.27
N GLU D 56 -43.20 41.77 -16.33
CA GLU D 56 -42.48 41.15 -15.24
C GLU D 56 -40.99 41.50 -15.21
N HIS D 57 -40.47 42.09 -16.27
CA HIS D 57 -39.04 42.38 -16.38
C HIS D 57 -38.67 43.50 -15.41
N LEU D 58 -37.80 43.18 -14.46
CA LEU D 58 -37.24 44.18 -13.54
C LEU D 58 -35.93 44.65 -14.17
N CYS D 59 -35.96 45.84 -14.77
CA CYS D 59 -34.80 46.37 -15.47
C CYS D 59 -33.84 47.07 -14.52
N SER D 60 -32.90 47.83 -15.09
CA SER D 60 -31.91 48.60 -14.33
C SER D 60 -32.51 49.54 -13.30
N PRO D 61 -33.68 50.17 -13.53
CA PRO D 61 -34.28 50.96 -12.45
C PRO D 61 -34.56 50.17 -11.19
N GLY D 62 -34.79 48.86 -11.31
CA GLY D 62 -35.02 48.04 -10.14
C GLY D 62 -36.46 47.98 -9.67
N VAL D 63 -37.41 48.43 -10.48
CA VAL D 63 -38.82 48.44 -10.13
C VAL D 63 -39.58 47.59 -11.13
N LYS D 64 -40.67 46.97 -10.66
CA LYS D 64 -41.52 46.17 -11.52
C LYS D 64 -42.00 46.99 -12.72
N GLY D 65 -41.87 46.42 -13.91
CA GLY D 65 -42.17 47.15 -15.12
C GLY D 65 -41.15 48.19 -15.51
N GLY D 66 -39.94 48.13 -14.93
CA GLY D 66 -38.93 49.14 -15.23
C GLY D 66 -38.51 49.14 -16.68
N PHE D 67 -38.48 47.95 -17.31
CA PHE D 67 -38.14 47.88 -18.72
C PHE D 67 -39.19 48.57 -19.58
N LEU D 68 -40.47 48.50 -19.19
CA LEU D 68 -41.51 49.20 -19.92
C LEU D 68 -41.30 50.71 -19.85
N THR D 69 -40.94 51.23 -18.67
CA THR D 69 -40.63 52.64 -18.55
C THR D 69 -39.40 53.01 -19.37
N ARG D 70 -38.41 52.10 -19.41
CA ARG D 70 -37.22 52.32 -20.24
C ARG D 70 -37.60 52.44 -21.71
N VAL D 71 -38.52 51.59 -22.17
CA VAL D 71 -39.02 51.71 -23.54
C VAL D 71 -39.77 53.02 -23.72
N GLU D 72 -40.54 53.42 -22.71
CA GLU D 72 -41.29 54.67 -22.80
C GLU D 72 -40.38 55.87 -22.97
N LYS D 73 -39.28 55.91 -22.22
CA LYS D 73 -38.36 57.04 -22.30
C LYS D 73 -37.56 57.07 -23.60
N GLY D 74 -37.58 55.99 -24.38
CA GLY D 74 -36.80 55.94 -25.61
C GLY D 74 -35.48 55.23 -25.41
N THR D 75 -35.34 54.06 -26.03
CA THR D 75 -34.16 53.22 -25.82
C THR D 75 -33.81 52.53 -27.13
N LEU D 76 -32.52 52.24 -27.31
CA LEU D 76 -32.06 51.57 -28.51
C LEU D 76 -32.68 50.18 -28.61
N ILE D 77 -32.92 49.76 -29.87
CA ILE D 77 -33.66 48.53 -30.11
C ILE D 77 -32.88 47.28 -29.73
N GLY D 78 -31.57 47.38 -29.53
CA GLY D 78 -30.81 46.23 -29.09
C GLY D 78 -31.24 45.73 -27.72
N HIS D 79 -31.50 46.66 -26.80
CA HIS D 79 -31.94 46.28 -25.46
C HIS D 79 -33.28 45.57 -25.50
N VAL D 80 -34.23 46.10 -26.28
CA VAL D 80 -35.54 45.45 -26.37
C VAL D 80 -35.41 44.11 -27.11
N ILE D 81 -34.49 44.01 -28.07
CA ILE D 81 -34.31 42.75 -28.77
C ILE D 81 -33.78 41.67 -27.84
N GLU D 82 -32.78 42.01 -27.02
CA GLU D 82 -32.28 41.01 -26.08
C GLU D 82 -33.33 40.67 -25.03
N HIS D 83 -34.11 41.67 -24.59
CA HIS D 83 -35.15 41.39 -23.61
C HIS D 83 -36.23 40.47 -24.18
N VAL D 84 -36.65 40.71 -25.43
CA VAL D 84 -37.68 39.85 -26.01
C VAL D 84 -37.11 38.47 -26.27
N ALA D 85 -35.82 38.35 -26.57
CA ALA D 85 -35.22 37.02 -26.69
C ALA D 85 -35.24 36.29 -25.36
N ILE D 86 -34.87 36.98 -24.27
CA ILE D 86 -34.90 36.36 -22.95
C ILE D 86 -36.31 35.88 -22.62
N GLU D 87 -37.31 36.75 -22.83
CA GLU D 87 -38.68 36.36 -22.50
C GLU D 87 -39.19 35.26 -23.43
N LEU D 88 -38.82 35.31 -24.71
CA LEU D 88 -39.29 34.33 -25.68
C LEU D 88 -38.76 32.94 -25.38
N GLN D 89 -37.50 32.84 -24.94
CA GLN D 89 -37.02 31.53 -24.49
C GLN D 89 -37.39 31.24 -23.04
N GLU D 90 -37.88 32.22 -22.29
CA GLU D 90 -38.42 31.96 -20.96
C GLU D 90 -39.80 31.33 -21.03
N LEU D 91 -40.59 31.68 -22.05
CA LEU D 91 -41.94 31.16 -22.16
C LEU D 91 -41.96 29.65 -22.36
N ALA D 92 -40.84 29.07 -22.76
CA ALA D 92 -40.73 27.63 -22.93
C ALA D 92 -40.32 26.90 -21.65
N GLY D 93 -40.26 27.60 -20.52
CA GLY D 93 -39.84 27.00 -19.28
C GLY D 93 -38.35 26.96 -19.06
N MET D 94 -37.59 27.80 -19.76
CA MET D 94 -36.13 27.79 -19.68
C MET D 94 -35.65 29.04 -18.94
N PRO D 95 -35.21 28.92 -17.69
CA PRO D 95 -34.82 30.10 -16.90
C PRO D 95 -33.48 30.65 -17.35
N VAL D 96 -33.47 31.90 -17.82
CA VAL D 96 -32.25 32.61 -18.20
C VAL D 96 -32.32 34.02 -17.65
N GLY D 97 -31.18 34.52 -17.18
CA GLY D 97 -31.17 35.84 -16.56
C GLY D 97 -29.97 36.71 -16.86
N PHE D 98 -29.36 36.55 -18.03
CA PHE D 98 -28.19 37.34 -18.40
C PHE D 98 -28.34 37.83 -19.84
N GLY D 99 -27.93 39.07 -20.07
CA GLY D 99 -27.97 39.64 -21.41
C GLY D 99 -27.26 40.98 -21.48
N ARG D 100 -26.49 41.20 -22.55
CA ARG D 100 -25.74 42.44 -22.71
C ARG D 100 -25.78 42.89 -24.16
N THR D 101 -25.60 44.19 -24.36
CA THR D 101 -25.57 44.79 -25.69
C THR D 101 -24.52 45.88 -25.73
N ARG D 102 -23.68 45.86 -26.76
CA ARG D 102 -22.61 46.84 -26.90
C ARG D 102 -22.47 47.29 -28.34
N GLU D 103 -21.79 48.42 -28.53
CA GLU D 103 -21.58 49.00 -29.85
C GLU D 103 -20.25 48.54 -30.41
N THR D 104 -20.26 48.12 -31.68
CA THR D 104 -19.04 47.72 -32.35
C THR D 104 -18.29 48.94 -32.88
N SER D 105 -17.18 48.69 -33.57
CA SER D 105 -16.40 49.78 -34.13
C SER D 105 -17.20 50.55 -35.19
N THR D 106 -17.86 49.82 -36.08
CA THR D 106 -18.71 50.48 -37.08
C THR D 106 -20.03 50.89 -36.45
N THR D 107 -20.66 51.90 -37.07
CA THR D 107 -21.86 52.49 -36.48
C THR D 107 -23.09 51.63 -36.71
N GLY D 108 -23.03 50.70 -37.66
CA GLY D 108 -24.23 49.96 -38.04
C GLY D 108 -24.37 48.57 -37.46
N VAL D 109 -23.41 48.13 -36.66
CA VAL D 109 -23.39 46.78 -36.11
C VAL D 109 -23.35 46.85 -34.59
N PHE D 110 -24.25 46.10 -33.95
CA PHE D 110 -24.27 45.91 -32.51
C PHE D 110 -23.88 44.48 -32.17
N GLN D 111 -23.40 44.29 -30.95
CA GLN D 111 -23.08 42.96 -30.43
C GLN D 111 -24.00 42.67 -29.27
N VAL D 112 -24.76 41.57 -29.36
CA VAL D 112 -25.73 41.20 -28.35
C VAL D 112 -25.40 39.80 -27.83
N VAL D 113 -25.25 39.67 -26.51
CA VAL D 113 -24.98 38.39 -25.88
C VAL D 113 -26.18 38.01 -25.02
N ILE D 114 -26.61 36.75 -25.15
CA ILE D 114 -27.83 36.25 -24.54
C ILE D 114 -27.50 34.95 -23.82
N GLU D 115 -27.94 34.82 -22.58
CA GLU D 115 -27.77 33.57 -21.85
C GLU D 115 -28.74 32.52 -22.36
N TYR D 116 -28.27 31.28 -22.44
CA TYR D 116 -29.08 30.17 -22.92
C TYR D 116 -28.89 28.97 -22.01
N GLU D 117 -29.87 28.07 -22.03
CA GLU D 117 -29.76 26.78 -21.36
C GLU D 117 -29.56 25.62 -22.33
N ASN D 118 -30.16 25.68 -23.51
CA ASN D 118 -29.95 24.71 -24.56
C ASN D 118 -29.41 25.43 -25.79
N GLU D 119 -28.40 24.83 -26.43
CA GLU D 119 -27.73 25.50 -27.54
C GLU D 119 -28.69 25.75 -28.70
N GLN D 120 -29.36 24.70 -29.16
CA GLN D 120 -30.30 24.86 -30.27
C GLN D 120 -31.45 25.77 -29.90
N ALA D 121 -31.99 25.61 -28.70
CA ALA D 121 -33.09 26.47 -28.25
C ALA D 121 -32.64 27.92 -28.17
N GLY D 122 -31.44 28.16 -27.63
CA GLY D 122 -30.95 29.53 -27.55
C GLY D 122 -30.75 30.16 -28.91
N ARG D 123 -30.15 29.41 -29.84
CA ARG D 123 -29.96 29.95 -31.19
C ARG D 123 -31.29 30.22 -31.87
N TYR D 124 -32.26 29.31 -31.71
CA TYR D 124 -33.57 29.53 -32.31
C TYR D 124 -34.25 30.76 -31.71
N ALA D 125 -34.15 30.94 -30.39
CA ALA D 125 -34.76 32.12 -29.77
C ALA D 125 -34.09 33.39 -30.26
N ALA D 126 -32.77 33.38 -30.39
CA ALA D 126 -32.07 34.55 -30.90
C ALA D 126 -32.49 34.87 -32.33
N ARG D 127 -32.63 33.85 -33.16
CA ARG D 127 -33.07 34.08 -34.54
C ARG D 127 -34.50 34.57 -34.59
N ALA D 128 -35.36 34.08 -33.69
CA ALA D 128 -36.76 34.45 -33.71
C ALA D 128 -37.02 35.85 -33.16
N ALA D 129 -36.19 36.32 -32.22
CA ALA D 129 -36.42 37.62 -31.63
C ALA D 129 -36.32 38.74 -32.66
N VAL D 130 -35.28 38.69 -33.51
CA VAL D 130 -35.11 39.74 -34.51
C VAL D 130 -36.21 39.68 -35.55
N ARG D 131 -36.65 38.47 -35.93
CA ARG D 131 -37.77 38.35 -36.86
C ARG D 131 -39.04 38.93 -36.26
N LEU D 132 -39.30 38.66 -34.98
CA LEU D 132 -40.48 39.21 -34.33
C LEU D 132 -40.42 40.74 -34.28
N CYS D 133 -39.25 41.29 -33.94
CA CYS D 133 -39.12 42.74 -33.88
C CYS D 133 -39.29 43.37 -35.27
N GLN D 134 -38.72 42.75 -36.30
CA GLN D 134 -38.89 43.27 -37.65
C GLN D 134 -40.34 43.21 -38.09
N SER D 135 -41.04 42.12 -37.77
CA SER D 135 -42.45 42.03 -38.12
C SER D 135 -43.26 43.08 -37.38
N ILE D 136 -42.94 43.34 -36.11
CA ILE D 136 -43.64 44.37 -35.35
C ILE D 136 -43.41 45.74 -35.98
N VAL D 137 -42.17 46.07 -36.31
CA VAL D 137 -41.90 47.40 -36.86
C VAL D 137 -42.42 47.50 -38.30
N ASP D 138 -42.70 46.37 -38.94
CA ASP D 138 -43.21 46.42 -40.31
C ASP D 138 -44.73 46.53 -40.35
N THR D 139 -45.43 45.80 -39.45
CA THR D 139 -46.88 45.74 -39.48
C THR D 139 -47.55 46.31 -38.24
N GLY D 140 -46.83 46.53 -37.16
CA GLY D 140 -47.41 47.03 -35.92
C GLY D 140 -47.81 45.97 -34.93
N THR D 141 -47.85 44.70 -35.34
CA THR D 141 -48.20 43.61 -34.44
C THR D 141 -47.67 42.31 -35.01
N TYR D 142 -47.61 41.28 -34.16
CA TYR D 142 -47.15 39.97 -34.56
C TYR D 142 -48.31 38.98 -34.48
N PRO D 143 -48.53 38.16 -35.50
CA PRO D 143 -49.62 37.17 -35.44
C PRO D 143 -49.43 36.20 -34.29
N ALA D 144 -50.53 35.86 -33.64
CA ALA D 144 -50.48 34.94 -32.50
C ALA D 144 -50.13 33.53 -32.93
N THR D 145 -50.56 33.12 -34.13
CA THR D 145 -50.27 31.77 -34.60
C THR D 145 -48.77 31.54 -34.77
N GLU D 146 -48.05 32.54 -35.31
CA GLU D 146 -46.61 32.41 -35.45
C GLU D 146 -45.92 32.36 -34.10
N LEU D 147 -46.40 33.15 -33.14
CA LEU D 147 -45.83 33.11 -31.79
C LEU D 147 -46.02 31.74 -31.15
N GLN D 148 -47.22 31.17 -31.30
CA GLN D 148 -47.47 29.84 -30.75
C GLN D 148 -46.63 28.78 -31.45
N GLN D 149 -46.45 28.92 -32.76
CA GLN D 149 -45.58 28.01 -33.50
C GLN D 149 -44.15 28.08 -32.99
N ASP D 150 -43.64 29.29 -32.75
CA ASP D 150 -42.28 29.44 -32.24
C ASP D 150 -42.15 28.86 -30.84
N LEU D 151 -43.16 29.10 -29.98
CA LEU D 151 -43.09 28.57 -28.61
C LEU D 151 -43.13 27.04 -28.60
N GLU D 152 -44.00 26.44 -29.41
CA GLU D 152 -44.05 24.98 -29.44
C GLU D 152 -42.79 24.41 -30.07
N ASP D 153 -42.20 25.12 -31.03
CA ASP D 153 -40.93 24.67 -31.59
C ASP D 153 -39.82 24.72 -30.53
N LEU D 154 -39.80 25.78 -29.71
CA LEU D 154 -38.84 25.84 -28.63
C LEU D 154 -39.05 24.70 -27.64
N LYS D 155 -40.31 24.40 -27.31
CA LYS D 155 -40.59 23.30 -26.40
C LYS D 155 -40.13 21.97 -26.97
N GLU D 156 -40.35 21.76 -28.27
CA GLU D 156 -39.88 20.54 -28.92
C GLU D 156 -38.36 20.45 -28.90
N LEU D 157 -37.68 21.57 -29.16
CA LEU D 157 -36.23 21.59 -29.12
C LEU D 157 -35.71 21.26 -27.72
N LYS D 158 -36.34 21.83 -26.69
CA LYS D 158 -35.95 21.54 -25.32
C LYS D 158 -36.16 20.06 -24.99
N ASN D 159 -37.29 19.50 -25.41
CA ASN D 159 -37.56 18.09 -25.11
C ASN D 159 -36.61 17.17 -25.86
N GLN D 160 -36.24 17.53 -27.08
CA GLN D 160 -35.38 16.67 -27.89
C GLN D 160 -34.02 16.48 -27.26
N ALA D 161 -33.39 17.59 -26.84
CA ALA D 161 -32.07 17.54 -26.22
C ALA D 161 -32.19 17.43 -24.70
N SER D 162 -32.80 16.33 -24.26
CA SER D 162 -32.99 16.05 -22.85
C SER D 162 -32.58 14.61 -22.58
N LEU D 163 -32.11 14.37 -21.35
CA LEU D 163 -31.62 13.07 -20.96
C LEU D 163 -32.67 12.34 -20.12
N GLY D 164 -32.46 11.05 -19.88
CA GLY D 164 -33.33 10.30 -19.01
C GLY D 164 -33.17 10.73 -17.57
N PRO D 165 -34.28 10.66 -16.82
CA PRO D 165 -34.30 11.30 -15.49
C PRO D 165 -33.19 10.82 -14.57
N SER D 166 -32.81 9.54 -14.65
CA SER D 166 -31.67 9.05 -13.89
C SER D 166 -30.41 9.83 -14.26
N THR D 167 -30.26 10.18 -15.53
CA THR D 167 -29.05 10.87 -15.96
C THR D 167 -28.99 12.28 -15.40
N GLU D 168 -30.11 13.03 -15.42
CA GLU D 168 -30.10 14.34 -14.78
C GLU D 168 -29.87 14.22 -13.27
N ALA D 169 -30.44 13.20 -12.63
CA ALA D 169 -30.21 13.03 -11.20
C ALA D 169 -28.73 12.86 -10.91
N ILE D 170 -28.07 11.95 -11.63
CA ILE D 170 -26.66 11.69 -11.38
C ILE D 170 -25.82 12.90 -11.77
N VAL D 171 -26.17 13.59 -12.85
CA VAL D 171 -25.40 14.75 -13.28
C VAL D 171 -25.50 15.87 -12.25
N LYS D 172 -26.70 16.11 -11.72
CA LYS D 172 -26.87 17.11 -10.68
C LYS D 172 -26.08 16.75 -9.43
N GLU D 173 -26.10 15.47 -9.05
CA GLU D 173 -25.32 15.05 -7.89
C GLU D 173 -23.83 15.27 -8.12
N ALA D 174 -23.34 14.96 -9.32
CA ALA D 174 -21.94 15.17 -9.64
C ALA D 174 -21.58 16.66 -9.63
N GLU D 175 -22.45 17.50 -10.18
CA GLU D 175 -22.19 18.94 -10.21
C GLU D 175 -22.18 19.52 -8.80
N ALA D 176 -23.00 18.97 -7.90
CA ALA D 176 -22.99 19.44 -6.52
C ALA D 176 -21.66 19.17 -5.83
N ARG D 177 -20.87 18.21 -6.33
CA ARG D 177 -19.58 17.89 -5.75
C ARG D 177 -18.41 18.47 -6.53
N GLY D 178 -18.68 19.28 -7.55
CA GLY D 178 -17.60 19.87 -8.33
C GLY D 178 -16.80 18.89 -9.15
N ILE D 179 -17.46 17.91 -9.75
CA ILE D 179 -16.81 16.93 -10.61
C ILE D 179 -17.17 17.23 -12.05
N PRO D 180 -16.21 17.47 -12.94
CA PRO D 180 -16.55 17.82 -14.32
C PRO D 180 -17.23 16.66 -15.03
N TRP D 181 -18.15 17.00 -15.93
CA TRP D 181 -18.88 16.01 -16.70
C TRP D 181 -19.05 16.49 -18.13
N THR D 182 -18.91 15.56 -19.07
CA THR D 182 -19.08 15.85 -20.49
C THR D 182 -19.97 14.79 -21.12
N GLN D 183 -20.56 15.13 -22.25
CA GLN D 183 -21.46 14.23 -22.97
C GLN D 183 -20.76 13.70 -24.21
N LEU D 184 -20.51 12.40 -24.23
CA LEU D 184 -19.94 11.76 -25.41
C LEU D 184 -21.03 11.62 -26.48
N GLY D 185 -20.59 11.60 -27.74
CA GLY D 185 -21.49 11.55 -28.87
C GLY D 185 -21.85 10.17 -29.39
N ALA D 186 -21.43 9.10 -28.71
CA ALA D 186 -21.64 7.76 -29.25
C ALA D 186 -23.03 7.23 -28.96
N ARG D 187 -23.34 6.99 -27.68
CA ARG D 187 -24.57 6.33 -27.29
C ARG D 187 -25.17 7.00 -26.06
N PHE D 188 -25.21 8.32 -26.05
CA PHE D 188 -25.73 9.10 -24.92
C PHE D 188 -24.96 8.79 -23.64
N MET D 189 -23.66 8.53 -23.76
CA MET D 189 -22.83 8.23 -22.60
C MET D 189 -22.30 9.52 -21.99
N ILE D 190 -22.19 9.53 -20.66
CA ILE D 190 -21.69 10.67 -19.92
C ILE D 190 -20.37 10.28 -19.27
N GLN D 191 -19.36 11.13 -19.43
CA GLN D 191 -18.02 10.89 -18.90
C GLN D 191 -17.75 11.87 -17.78
N PHE D 192 -17.35 11.36 -16.62
CA PHE D 192 -16.99 12.16 -15.46
C PHE D 192 -15.48 12.14 -15.28
N GLY D 193 -14.90 13.30 -15.04
CA GLY D 193 -13.48 13.38 -14.77
C GLY D 193 -12.64 13.61 -16.00
N TYR D 194 -11.33 13.63 -15.77
CA TYR D 194 -10.35 13.88 -16.81
C TYR D 194 -9.26 12.81 -16.77
N GLY D 195 -8.69 12.52 -17.93
CA GLY D 195 -7.53 11.65 -18.01
C GLY D 195 -7.72 10.26 -17.47
N VAL D 196 -6.81 9.83 -16.58
CA VAL D 196 -6.83 8.48 -16.05
C VAL D 196 -7.86 8.28 -14.95
N ASN D 197 -8.53 9.35 -14.51
CA ASN D 197 -9.50 9.27 -13.42
C ASN D 197 -10.93 9.37 -13.91
N GLN D 198 -11.19 9.07 -15.17
CA GLN D 198 -12.52 9.23 -15.76
C GLN D 198 -13.36 7.98 -15.57
N LYS D 199 -14.67 8.17 -15.53
CA LYS D 199 -15.64 7.09 -15.48
C LYS D 199 -16.74 7.39 -16.48
N LYS D 200 -17.46 6.36 -16.90
CA LYS D 200 -18.50 6.49 -17.90
C LYS D 200 -19.79 5.83 -17.42
N ILE D 201 -20.91 6.51 -17.64
CA ILE D 201 -22.23 5.95 -17.32
C ILE D 201 -23.16 6.19 -18.50
N GLN D 202 -24.09 5.26 -18.71
CA GLN D 202 -25.07 5.48 -19.76
C GLN D 202 -26.41 5.96 -19.19
N ALA D 203 -27.07 5.10 -18.42
CA ALA D 203 -28.21 5.52 -17.62
C ALA D 203 -27.96 5.20 -16.15
N THR D 204 -27.70 3.92 -15.88
CA THR D 204 -27.27 3.46 -14.57
C THR D 204 -26.13 2.46 -14.69
N LEU D 205 -25.81 2.02 -15.91
CA LEU D 205 -24.70 1.11 -16.14
C LEU D 205 -23.40 1.89 -16.17
N SER D 206 -22.41 1.42 -15.40
CA SER D 206 -21.10 2.02 -15.35
C SER D 206 -20.14 1.20 -16.21
N ASN D 207 -18.93 1.74 -16.39
CA ASN D 207 -17.89 1.00 -17.09
C ASN D 207 -17.39 -0.20 -16.30
N GLN D 208 -17.76 -0.32 -15.03
CA GLN D 208 -17.39 -1.46 -14.21
C GLN D 208 -18.39 -2.60 -14.31
N THR D 209 -19.60 -2.35 -14.81
CA THR D 209 -20.60 -3.40 -14.92
C THR D 209 -20.18 -4.43 -15.97
N GLY D 210 -20.28 -5.70 -15.61
CA GLY D 210 -19.78 -6.77 -16.45
C GLY D 210 -20.78 -7.24 -17.50
N ILE D 211 -20.23 -7.74 -18.61
CA ILE D 211 -21.07 -8.36 -19.63
C ILE D 211 -21.72 -9.63 -19.09
N LEU D 212 -20.98 -10.42 -18.32
CA LEU D 212 -21.48 -11.71 -17.86
C LEU D 212 -22.64 -11.53 -16.89
N GLY D 213 -22.53 -10.58 -15.96
CA GLY D 213 -23.61 -10.35 -15.03
C GLY D 213 -24.88 -9.87 -15.71
N VAL D 214 -24.75 -8.92 -16.64
CA VAL D 214 -25.92 -8.41 -17.35
C VAL D 214 -26.57 -9.51 -18.17
N GLU D 215 -25.76 -10.31 -18.88
CA GLU D 215 -26.34 -11.40 -19.66
C GLU D 215 -27.00 -12.44 -18.78
N LEU D 216 -26.41 -12.75 -17.63
CA LEU D 216 -27.02 -13.74 -16.73
C LEU D 216 -28.33 -13.22 -16.15
N ALA D 217 -28.39 -11.92 -15.83
CA ALA D 217 -29.61 -11.36 -15.27
C ALA D 217 -30.77 -11.42 -16.26
N CYS D 218 -30.49 -11.31 -17.56
CA CYS D 218 -31.54 -11.37 -18.57
C CYS D 218 -32.07 -12.78 -18.77
N ASP D 219 -31.35 -13.80 -18.33
CA ASP D 219 -31.77 -15.19 -18.45
C ASP D 219 -32.40 -15.62 -17.12
N LYS D 220 -33.72 -15.82 -17.13
CA LYS D 220 -34.44 -16.12 -15.89
C LYS D 220 -34.10 -17.52 -15.37
N GLU D 221 -34.12 -18.52 -16.26
CA GLU D 221 -33.82 -19.88 -15.82
C GLU D 221 -32.38 -19.99 -15.33
N GLY D 222 -31.43 -19.36 -16.03
CA GLY D 222 -30.05 -19.41 -15.61
C GLY D 222 -29.84 -18.80 -14.23
N THR D 223 -30.41 -17.62 -14.00
CA THR D 223 -30.24 -16.99 -12.70
C THR D 223 -30.96 -17.76 -11.60
N LYS D 224 -32.12 -18.35 -11.91
CA LYS D 224 -32.78 -19.18 -10.91
C LYS D 224 -31.94 -20.40 -10.54
N ARG D 225 -31.35 -21.05 -11.53
CA ARG D 225 -30.51 -22.21 -11.25
C ARG D 225 -29.26 -21.81 -10.48
N ILE D 226 -28.68 -20.67 -10.80
CA ILE D 226 -27.50 -20.20 -10.08
C ILE D 226 -27.86 -19.90 -8.62
N LEU D 227 -28.98 -19.21 -8.40
CA LEU D 227 -29.38 -18.86 -7.04
C LEU D 227 -29.75 -20.09 -6.23
N LYS D 228 -30.35 -21.11 -6.87
CA LYS D 228 -30.69 -22.32 -6.14
C LYS D 228 -29.44 -23.04 -5.63
N ASP D 229 -28.38 -23.06 -6.44
CA ASP D 229 -27.14 -23.72 -6.05
C ASP D 229 -26.44 -23.02 -4.89
N ALA D 230 -26.76 -21.76 -4.62
CA ALA D 230 -26.15 -21.01 -3.53
C ALA D 230 -27.01 -20.99 -2.27
N GLY D 231 -28.11 -21.72 -2.24
CA GLY D 231 -28.97 -21.77 -1.09
C GLY D 231 -29.96 -20.64 -0.96
N VAL D 232 -30.06 -19.76 -1.96
CA VAL D 232 -31.02 -18.66 -1.93
C VAL D 232 -32.41 -19.21 -2.22
N PRO D 233 -33.41 -18.88 -1.40
CA PRO D 233 -34.77 -19.38 -1.65
C PRO D 233 -35.34 -18.82 -2.95
N VAL D 234 -35.73 -19.71 -3.84
CA VAL D 234 -36.28 -19.35 -5.15
C VAL D 234 -37.59 -20.10 -5.32
N PRO D 235 -38.51 -19.56 -6.14
CA PRO D 235 -39.79 -20.24 -6.34
C PRO D 235 -39.60 -21.61 -6.97
N ARG D 236 -40.27 -22.61 -6.39
CA ARG D 236 -40.17 -23.97 -6.89
C ARG D 236 -40.90 -24.12 -8.22
N GLY D 237 -40.33 -24.92 -9.11
CA GLY D 237 -40.95 -25.13 -10.41
C GLY D 237 -40.36 -26.35 -11.08
N THR D 238 -41.04 -26.80 -12.13
CA THR D 238 -40.64 -28.00 -12.86
C THR D 238 -41.05 -27.87 -14.32
N VAL D 239 -40.22 -28.42 -15.20
CA VAL D 239 -40.47 -28.40 -16.64
C VAL D 239 -41.24 -29.67 -17.00
N ALA D 240 -42.08 -29.57 -18.03
CA ALA D 240 -42.85 -30.71 -18.51
C ALA D 240 -43.16 -30.51 -19.98
N ARG D 241 -43.28 -31.62 -20.71
CA ARG D 241 -43.59 -31.59 -22.13
C ARG D 241 -44.85 -32.36 -22.51
N TYR D 242 -45.32 -33.28 -21.67
CA TYR D 242 -46.49 -34.09 -21.97
C TYR D 242 -47.61 -33.76 -20.98
N PHE D 243 -48.85 -33.91 -21.45
CA PHE D 243 -50.01 -33.57 -20.63
C PHE D 243 -50.07 -34.43 -19.38
N ASP D 244 -49.90 -35.75 -19.53
CA ASP D 244 -50.07 -36.67 -18.41
C ASP D 244 -49.08 -36.39 -17.29
N GLU D 245 -47.94 -35.77 -17.61
CA GLU D 245 -46.95 -35.44 -16.60
C GLU D 245 -47.35 -34.27 -15.71
N LEU D 246 -48.27 -33.41 -16.18
CA LEU D 246 -48.63 -32.22 -15.41
C LEU D 246 -49.07 -32.59 -14.00
N GLN D 247 -49.94 -33.60 -13.87
CA GLN D 247 -50.38 -34.05 -12.56
C GLN D 247 -49.19 -34.36 -11.66
N ASP D 248 -48.21 -35.11 -12.17
CA ASP D 248 -47.03 -35.42 -11.37
C ASP D 248 -46.32 -34.15 -10.95
N ALA D 249 -46.22 -33.17 -11.85
CA ALA D 249 -45.59 -31.90 -11.50
C ALA D 249 -46.33 -31.22 -10.36
N ILE D 250 -47.67 -31.33 -10.36
CA ILE D 250 -48.44 -30.73 -9.28
C ILE D 250 -48.06 -31.34 -7.95
N GLU D 251 -47.65 -32.61 -7.96
CA GLU D 251 -47.19 -33.25 -6.73
C GLU D 251 -45.90 -32.61 -6.23
N TYR D 252 -45.01 -32.24 -7.15
CA TYR D 252 -43.72 -31.71 -6.74
C TYR D 252 -43.83 -30.28 -6.21
N VAL D 253 -44.62 -29.44 -6.89
CA VAL D 253 -44.75 -28.05 -6.49
C VAL D 253 -45.50 -27.90 -5.18
N GLY D 254 -46.34 -28.87 -4.83
CA GLY D 254 -47.08 -28.84 -3.59
C GLY D 254 -48.58 -28.62 -3.69
N GLY D 255 -49.15 -28.63 -4.90
CA GLY D 255 -50.58 -28.48 -5.06
C GLY D 255 -50.99 -27.25 -5.85
N TYR D 256 -51.92 -26.48 -5.30
CA TYR D 256 -52.48 -25.29 -5.94
C TYR D 256 -52.32 -24.09 -5.03
N PRO D 257 -52.26 -22.87 -5.58
CA PRO D 257 -52.32 -22.51 -7.01
C PRO D 257 -50.97 -22.65 -7.71
N ILE D 258 -50.98 -22.59 -9.05
CA ILE D 258 -49.78 -22.75 -9.85
C ILE D 258 -49.74 -21.66 -10.92
N VAL D 259 -48.57 -21.53 -11.54
CA VAL D 259 -48.34 -20.56 -12.61
C VAL D 259 -47.73 -21.31 -13.79
N ILE D 260 -48.23 -21.01 -14.99
CA ILE D 260 -47.86 -21.70 -16.22
C ILE D 260 -47.04 -20.73 -17.06
N LYS D 261 -45.87 -21.15 -17.52
CA LYS D 261 -45.11 -20.28 -18.41
C LYS D 261 -44.33 -21.10 -19.42
N PRO D 262 -44.03 -20.52 -20.58
CA PRO D 262 -43.24 -21.24 -21.59
C PRO D 262 -41.74 -21.08 -21.38
N LEU D 263 -41.00 -22.04 -21.91
CA LEU D 263 -39.54 -22.05 -21.74
C LEU D 263 -38.89 -20.86 -22.44
N ASP D 264 -39.22 -20.66 -23.71
CA ASP D 264 -38.61 -19.62 -24.54
C ASP D 264 -39.65 -18.57 -24.86
N GLY D 265 -39.60 -17.44 -24.15
CA GLY D 265 -40.50 -16.34 -24.39
C GLY D 265 -40.03 -15.06 -23.74
N ASN D 266 -40.22 -13.93 -24.43
CA ASN D 266 -39.82 -12.63 -23.92
C ASN D 266 -41.03 -11.75 -23.66
N HIS D 267 -40.91 -10.90 -22.65
CA HIS D 267 -41.97 -9.97 -22.26
C HIS D 267 -43.27 -10.70 -21.93
N GLY D 268 -43.16 -11.87 -21.33
CA GLY D 268 -44.32 -12.60 -20.84
C GLY D 268 -45.28 -13.08 -21.91
N ARG D 269 -44.77 -13.75 -22.94
CA ARG D 269 -45.62 -14.30 -23.99
C ARG D 269 -46.35 -15.54 -23.49
N GLY D 270 -47.68 -15.49 -23.49
CA GLY D 270 -48.47 -16.66 -23.15
C GLY D 270 -48.26 -17.21 -21.75
N ILE D 271 -48.26 -16.34 -20.76
CA ILE D 271 -48.05 -16.74 -19.37
C ILE D 271 -49.29 -16.35 -18.56
N THR D 272 -49.79 -17.30 -17.77
CA THR D 272 -50.91 -17.04 -16.88
C THR D 272 -50.41 -16.55 -15.53
N ILE D 273 -51.33 -16.04 -14.72
CA ILE D 273 -51.00 -15.47 -13.42
C ILE D 273 -51.42 -16.38 -12.28
N ASP D 274 -52.71 -16.69 -12.19
CA ASP D 274 -53.24 -17.48 -11.07
C ASP D 274 -54.31 -18.43 -11.58
N VAL D 275 -54.08 -19.73 -11.38
CA VAL D 275 -55.08 -20.76 -11.66
C VAL D 275 -55.16 -21.67 -10.44
N LYS D 276 -56.39 -22.08 -10.10
CA LYS D 276 -56.62 -22.83 -8.86
C LYS D 276 -57.45 -24.10 -9.06
N ASN D 277 -57.65 -24.54 -10.29
CA ASN D 277 -58.40 -25.77 -10.53
C ASN D 277 -57.82 -26.45 -11.77
N TRP D 278 -58.56 -27.42 -12.32
CA TRP D 278 -58.00 -28.25 -13.38
C TRP D 278 -58.29 -27.69 -14.76
N GLN D 279 -59.51 -27.22 -14.99
CA GLN D 279 -59.88 -26.77 -16.33
C GLN D 279 -59.15 -25.49 -16.73
N GLU D 280 -59.04 -24.53 -15.81
CA GLU D 280 -58.30 -23.31 -16.13
C GLU D 280 -56.82 -23.60 -16.34
N ALA D 281 -56.27 -24.51 -15.54
CA ALA D 281 -54.89 -24.92 -15.75
C ALA D 281 -54.70 -25.57 -17.11
N GLU D 282 -55.65 -26.42 -17.52
CA GLU D 282 -55.57 -27.08 -18.82
C GLU D 282 -55.62 -26.07 -19.96
N GLU D 283 -56.55 -25.12 -19.89
CA GLU D 283 -56.66 -24.13 -20.96
C GLU D 283 -55.45 -23.20 -20.99
N ALA D 284 -54.92 -22.83 -19.82
CA ALA D 284 -53.72 -22.02 -19.78
C ALA D 284 -52.52 -22.77 -20.37
N TYR D 285 -52.41 -24.06 -20.05
CA TYR D 285 -51.33 -24.86 -20.59
C TYR D 285 -51.45 -24.98 -22.11
N ASP D 286 -52.68 -25.16 -22.61
CA ASP D 286 -52.89 -25.23 -24.05
C ASP D 286 -52.51 -23.90 -24.72
N LEU D 287 -52.92 -22.78 -24.12
CA LEU D 287 -52.57 -21.48 -24.68
C LEU D 287 -51.07 -21.26 -24.69
N ALA D 288 -50.39 -21.62 -23.60
CA ALA D 288 -48.94 -21.47 -23.54
C ALA D 288 -48.25 -22.36 -24.56
N ARG D 289 -48.72 -23.61 -24.71
CA ARG D 289 -48.12 -24.53 -25.66
C ARG D 289 -48.29 -24.03 -27.09
N LYS D 290 -49.48 -23.50 -27.41
CA LYS D 290 -49.68 -22.85 -28.70
C LYS D 290 -48.85 -21.57 -28.85
N ALA D 291 -48.47 -20.94 -27.73
CA ALA D 291 -47.58 -19.79 -27.79
C ALA D 291 -46.11 -20.18 -27.63
N SER D 292 -45.84 -21.32 -26.99
CA SER D 292 -44.46 -21.76 -26.83
C SER D 292 -43.88 -22.22 -28.15
N LYS D 293 -42.58 -21.92 -28.34
CA LYS D 293 -41.89 -22.29 -29.57
C LYS D 293 -41.29 -23.69 -29.52
N THR D 294 -41.30 -24.34 -28.36
CA THR D 294 -40.70 -25.67 -28.22
C THR D 294 -41.62 -26.67 -27.53
N LYS D 295 -42.91 -26.34 -27.35
CA LYS D 295 -43.93 -27.26 -26.88
C LYS D 295 -43.76 -27.61 -25.40
N THR D 296 -42.67 -27.16 -24.79
CA THR D 296 -42.39 -27.46 -23.40
C THR D 296 -42.74 -26.27 -22.51
N VAL D 297 -43.22 -26.58 -21.31
CA VAL D 297 -43.79 -25.58 -20.41
C VAL D 297 -43.33 -25.85 -18.99
N ILE D 298 -42.98 -24.79 -18.26
CA ILE D 298 -42.65 -24.89 -16.85
C ILE D 298 -43.86 -24.48 -16.01
N VAL D 299 -44.16 -25.33 -15.02
CA VAL D 299 -45.21 -25.06 -14.04
C VAL D 299 -44.53 -24.81 -12.70
N GLU D 300 -44.89 -23.71 -12.05
CA GLU D 300 -44.23 -23.35 -10.79
C GLU D 300 -45.26 -22.97 -9.74
N ARG D 301 -44.85 -23.12 -8.48
CA ARG D 301 -45.73 -22.82 -7.37
C ARG D 301 -45.96 -21.31 -7.27
N TYR D 302 -47.23 -20.91 -7.14
CA TYR D 302 -47.59 -19.52 -7.04
C TYR D 302 -47.42 -19.04 -5.61
N TYR D 303 -46.62 -18.00 -5.42
CA TYR D 303 -46.31 -17.46 -4.10
C TYR D 303 -47.13 -16.20 -3.88
N THR D 304 -47.89 -16.17 -2.79
CA THR D 304 -48.71 -15.02 -2.44
C THR D 304 -48.02 -14.21 -1.35
N GLY D 305 -48.19 -12.90 -1.39
CA GLY D 305 -47.57 -12.02 -0.43
C GLY D 305 -47.25 -10.69 -1.06
N LYS D 306 -46.82 -9.76 -0.20
CA LYS D 306 -46.47 -8.42 -0.66
C LYS D 306 -45.15 -8.46 -1.41
N ASP D 307 -45.07 -7.69 -2.50
CA ASP D 307 -43.87 -7.64 -3.33
C ASP D 307 -43.09 -6.37 -3.06
N HIS D 308 -41.77 -6.50 -2.99
CA HIS D 308 -40.86 -5.41 -2.69
C HIS D 308 -39.79 -5.34 -3.76
N ARG D 309 -39.31 -4.12 -4.01
CA ARG D 309 -38.21 -3.86 -4.93
C ARG D 309 -37.04 -3.30 -4.15
N VAL D 310 -35.94 -4.04 -4.12
CA VAL D 310 -34.76 -3.68 -3.35
C VAL D 310 -33.66 -3.24 -4.29
N LEU D 311 -33.05 -2.11 -3.99
CA LEU D 311 -31.95 -1.57 -4.79
C LEU D 311 -30.64 -1.82 -4.07
N VAL D 312 -29.70 -2.46 -4.75
CA VAL D 312 -28.40 -2.79 -4.19
C VAL D 312 -27.33 -2.07 -5.01
N VAL D 313 -26.55 -1.23 -4.35
CA VAL D 313 -25.46 -0.51 -4.97
C VAL D 313 -24.17 -0.86 -4.24
N ASN D 314 -23.15 -1.28 -5.00
CA ASN D 314 -21.84 -1.63 -4.45
C ASN D 314 -21.94 -2.67 -3.35
N GLY D 315 -22.87 -3.61 -3.49
CA GLY D 315 -23.04 -4.65 -2.49
C GLY D 315 -23.74 -4.22 -1.22
N LYS D 316 -24.33 -3.03 -1.19
CA LYS D 316 -25.06 -2.55 -0.02
C LYS D 316 -26.47 -2.18 -0.42
N VAL D 317 -27.43 -2.51 0.45
CA VAL D 317 -28.82 -2.18 0.19
C VAL D 317 -29.03 -0.69 0.44
N VAL D 318 -29.50 0.02 -0.58
CA VAL D 318 -29.70 1.47 -0.49
C VAL D 318 -31.14 1.82 -0.14
N ALA D 319 -32.10 1.25 -0.85
CA ALA D 319 -33.51 1.57 -0.62
C ALA D 319 -34.35 0.32 -0.83
N VAL D 320 -35.40 0.20 -0.02
CA VAL D 320 -36.38 -0.87 -0.14
C VAL D 320 -37.74 -0.23 -0.33
N ALA D 321 -38.47 -0.64 -1.36
CA ALA D 321 -39.77 -0.07 -1.67
C ALA D 321 -40.79 -1.19 -1.83
N GLU D 322 -41.95 -0.99 -1.22
CA GLU D 322 -43.08 -1.92 -1.31
C GLU D 322 -44.05 -1.41 -2.37
N ARG D 323 -44.43 -2.28 -3.28
CA ARG D 323 -45.38 -1.93 -4.34
C ARG D 323 -46.79 -2.32 -3.93
N VAL D 324 -47.73 -1.42 -4.10
CA VAL D 324 -49.15 -1.67 -3.90
C VAL D 324 -49.85 -1.46 -5.24
N PRO D 325 -50.63 -2.42 -5.71
CA PRO D 325 -51.26 -2.26 -7.04
C PRO D 325 -52.20 -1.07 -7.07
N ALA D 326 -52.38 -0.51 -8.27
CA ALA D 326 -53.26 0.64 -8.44
C ALA D 326 -54.65 0.33 -7.91
N HIS D 327 -55.16 1.21 -7.05
CA HIS D 327 -56.38 0.94 -6.32
C HIS D 327 -57.06 2.26 -6.00
N VAL D 328 -58.25 2.16 -5.42
CA VAL D 328 -58.97 3.31 -4.88
C VAL D 328 -59.55 2.92 -3.53
N VAL D 329 -59.72 3.92 -2.67
CA VAL D 329 -60.25 3.74 -1.32
C VAL D 329 -61.49 4.62 -1.17
N GLY D 330 -62.56 4.03 -0.63
CA GLY D 330 -63.78 4.77 -0.40
C GLY D 330 -63.85 5.35 0.99
N ASN D 331 -62.72 5.88 1.49
CA ASN D 331 -62.70 6.46 2.83
C ASN D 331 -63.45 7.78 2.89
N GLY D 332 -63.73 8.41 1.76
CA GLY D 332 -64.49 9.64 1.73
C GLY D 332 -65.97 9.39 1.47
N LYS D 333 -66.40 8.14 1.65
CA LYS D 333 -67.79 7.74 1.42
C LYS D 333 -68.24 8.08 0.00
N SER D 334 -67.35 7.87 -0.96
CA SER D 334 -67.63 8.18 -2.35
C SER D 334 -67.20 7.02 -3.24
N THR D 335 -67.86 6.88 -4.39
CA THR D 335 -67.57 5.82 -5.33
C THR D 335 -66.63 6.33 -6.42
N ILE D 336 -66.28 5.46 -7.37
CA ILE D 336 -65.28 5.79 -8.37
C ILE D 336 -65.72 6.99 -9.21
N ALA D 337 -67.02 7.18 -9.37
CA ALA D 337 -67.54 8.24 -10.24
C ALA D 337 -67.08 9.63 -9.79
N GLU D 338 -66.73 9.78 -8.50
CA GLU D 338 -66.21 11.05 -8.02
C GLU D 338 -64.70 11.00 -7.76
N LEU D 339 -64.18 9.83 -7.37
CA LEU D 339 -62.74 9.71 -7.19
C LEU D 339 -61.97 9.88 -8.50
N ILE D 340 -62.62 9.64 -9.64
CA ILE D 340 -61.94 9.85 -10.92
C ILE D 340 -61.53 11.31 -11.07
N GLU D 341 -62.42 12.24 -10.75
CA GLU D 341 -62.07 13.66 -10.74
C GLU D 341 -61.26 14.05 -9.51
N GLU D 342 -61.47 13.38 -8.38
CA GLU D 342 -60.71 13.72 -7.17
C GLU D 342 -59.22 13.47 -7.37
N THR D 343 -58.87 12.36 -8.03
CA THR D 343 -57.47 12.02 -8.23
C THR D 343 -56.81 12.94 -9.26
N ASN D 344 -57.60 13.45 -10.21
CA ASN D 344 -57.02 14.31 -11.25
C ASN D 344 -56.53 15.63 -10.72
N ARG D 345 -56.96 16.04 -9.52
CA ARG D 345 -56.53 17.30 -8.94
C ARG D 345 -55.14 17.24 -8.33
N ASP D 346 -54.56 16.05 -8.19
CA ASP D 346 -53.21 15.94 -7.67
C ASP D 346 -52.21 16.30 -8.78
N PRO D 347 -51.29 17.23 -8.52
CA PRO D 347 -50.34 17.63 -9.57
C PRO D 347 -49.41 16.52 -10.02
N GLN D 348 -49.23 15.46 -9.22
CA GLN D 348 -48.28 14.41 -9.58
C GLN D 348 -48.72 13.65 -10.82
N ARG D 349 -50.02 13.58 -11.10
CA ARG D 349 -50.51 12.81 -12.23
C ARG D 349 -50.07 13.45 -13.54
N GLY D 350 -49.67 12.60 -14.49
CA GLY D 350 -49.22 13.07 -15.79
C GLY D 350 -48.93 11.91 -16.71
N ASP D 351 -48.64 12.25 -17.96
CA ASP D 351 -48.33 11.26 -18.98
C ASP D 351 -46.82 11.06 -19.06
N GLY D 352 -46.38 10.20 -19.99
CA GLY D 352 -44.97 9.92 -20.15
C GLY D 352 -44.47 8.90 -19.16
N HIS D 353 -43.14 8.77 -19.11
CA HIS D 353 -42.47 7.83 -18.21
C HIS D 353 -41.51 8.53 -17.27
N ASP D 354 -41.75 9.81 -16.98
CA ASP D 354 -40.91 10.58 -16.07
C ASP D 354 -41.53 10.75 -14.69
N ASN D 355 -42.85 10.70 -14.58
CA ASN D 355 -43.55 10.84 -13.30
C ASN D 355 -44.01 9.47 -12.82
N ILE D 356 -43.85 9.23 -11.51
CA ILE D 356 -44.22 7.94 -10.94
C ILE D 356 -45.73 7.74 -10.98
N LEU D 357 -46.49 8.81 -10.75
CA LEU D 357 -47.95 8.75 -10.71
C LEU D 357 -48.50 9.04 -12.10
N THR D 358 -48.99 8.00 -12.77
CA THR D 358 -49.58 8.14 -14.09
C THR D 358 -51.10 8.16 -13.99
N ARG D 359 -51.73 8.65 -15.05
CA ARG D 359 -53.19 8.69 -15.09
C ARG D 359 -53.77 7.29 -15.08
N ILE D 360 -54.90 7.12 -14.39
CA ILE D 360 -55.55 5.84 -14.28
C ILE D 360 -56.24 5.51 -15.61
N THR D 361 -55.65 4.59 -16.37
CA THR D 361 -56.19 4.20 -17.67
C THR D 361 -57.27 3.14 -17.47
N VAL D 362 -58.52 3.50 -17.73
CA VAL D 362 -59.64 2.56 -17.59
C VAL D 362 -59.79 1.86 -18.94
N ASP D 363 -59.01 0.79 -19.11
CA ASP D 363 -59.02 0.01 -20.33
C ASP D 363 -60.02 -1.14 -20.21
N LYS D 364 -60.23 -1.84 -21.33
CA LYS D 364 -61.16 -2.96 -21.34
C LYS D 364 -60.68 -4.07 -20.41
N SER D 365 -59.38 -4.39 -20.44
CA SER D 365 -58.84 -5.42 -19.56
C SER D 365 -58.98 -5.02 -18.10
N ALA D 366 -58.67 -3.76 -17.76
CA ALA D 366 -58.80 -3.30 -16.39
C ALA D 366 -60.25 -3.30 -15.95
N LEU D 367 -61.16 -2.89 -16.84
CA LEU D 367 -62.58 -2.91 -16.51
C LEU D 367 -63.07 -4.32 -16.25
N ASP D 368 -62.63 -5.28 -17.07
CA ASP D 368 -63.00 -6.68 -16.85
C ASP D 368 -62.43 -7.19 -15.53
N ILE D 369 -61.18 -6.83 -15.22
CA ILE D 369 -60.56 -7.28 -13.97
C ILE D 369 -61.33 -6.75 -12.77
N LEU D 370 -61.68 -5.47 -12.79
CA LEU D 370 -62.44 -4.91 -11.67
C LEU D 370 -63.86 -5.44 -11.62
N GLY D 371 -64.43 -5.82 -12.77
CA GLY D 371 -65.74 -6.48 -12.75
C GLY D 371 -65.69 -7.84 -12.11
N LYS D 372 -64.66 -8.63 -12.43
CA LYS D 372 -64.47 -9.92 -11.79
C LYS D 372 -63.76 -9.82 -10.45
N GLN D 373 -63.37 -8.61 -10.03
CA GLN D 373 -62.73 -8.44 -8.73
C GLN D 373 -63.68 -8.83 -7.59
N GLY D 374 -64.98 -8.63 -7.79
CA GLY D 374 -65.96 -8.91 -6.76
C GLY D 374 -66.72 -7.70 -6.25
N TYR D 375 -66.50 -6.53 -6.84
CA TYR D 375 -67.20 -5.31 -6.46
C TYR D 375 -67.85 -4.71 -7.70
N SER D 376 -68.68 -3.68 -7.49
CA SER D 376 -69.38 -2.97 -8.54
C SER D 376 -68.93 -1.52 -8.57
N ILE D 377 -69.47 -0.77 -9.53
CA ILE D 377 -69.11 0.65 -9.66
C ILE D 377 -69.57 1.43 -8.43
N ASP D 378 -70.81 1.19 -7.99
CA ASP D 378 -71.38 1.90 -6.85
C ASP D 378 -71.24 1.13 -5.54
N SER D 379 -70.57 -0.01 -5.55
CA SER D 379 -70.43 -0.81 -4.33
C SER D 379 -69.45 -0.14 -3.37
N ILE D 380 -69.93 0.22 -2.19
CA ILE D 380 -69.06 0.82 -1.18
C ILE D 380 -68.09 -0.24 -0.66
N PRO D 381 -66.81 0.09 -0.45
CA PRO D 381 -65.89 -0.89 0.13
C PRO D 381 -66.32 -1.32 1.51
N LEU D 382 -66.08 -2.58 1.83
CA LEU D 382 -66.45 -3.16 3.11
C LEU D 382 -65.39 -2.84 4.15
N LYS D 383 -65.84 -2.26 5.27
CA LYS D 383 -64.98 -1.95 6.42
C LYS D 383 -63.97 -0.86 6.08
N GLY D 384 -63.99 -0.36 4.84
CA GLY D 384 -63.05 0.65 4.40
C GLY D 384 -61.75 0.04 3.91
N LYS D 385 -61.84 -0.85 2.93
CA LYS D 385 -60.69 -1.55 2.39
C LYS D 385 -60.41 -1.07 0.97
N LYS D 386 -59.11 -1.03 0.62
CA LYS D 386 -58.71 -0.64 -0.72
C LYS D 386 -59.25 -1.65 -1.74
N CYS D 387 -59.79 -1.15 -2.84
CA CYS D 387 -60.24 -1.99 -3.94
C CYS D 387 -59.37 -1.71 -5.15
N PHE D 388 -58.75 -2.75 -5.68
CA PHE D 388 -57.74 -2.61 -6.72
C PHE D 388 -58.38 -2.55 -8.11
N LEU D 389 -57.69 -1.87 -9.02
CA LEU D 389 -58.12 -1.76 -10.40
C LEU D 389 -57.33 -2.66 -11.34
N ARG D 390 -56.09 -3.00 -10.99
CA ARG D 390 -55.29 -3.94 -11.77
C ARG D 390 -54.50 -4.80 -10.80
N ALA D 391 -53.83 -5.82 -11.35
CA ALA D 391 -53.05 -6.75 -10.54
C ALA D 391 -51.58 -6.79 -10.91
N THR D 392 -51.14 -5.93 -11.83
CA THR D 392 -49.74 -5.93 -12.25
C THR D 392 -48.81 -5.29 -11.21
N ALA D 393 -49.35 -4.46 -10.32
CA ALA D 393 -48.58 -3.82 -9.25
C ALA D 393 -47.37 -3.08 -9.83
N ASN D 394 -47.65 -2.16 -10.75
CA ASN D 394 -46.60 -1.40 -11.43
C ASN D 394 -46.84 0.08 -11.22
N LEU D 395 -45.73 0.81 -11.01
CA LEU D 395 -45.82 2.25 -10.81
C LEU D 395 -46.20 2.98 -12.09
N SER D 396 -45.75 2.48 -13.24
CA SER D 396 -46.15 3.07 -14.52
C SER D 396 -47.65 2.92 -14.74
N THR D 397 -48.22 1.78 -14.32
CA THR D 397 -49.66 1.59 -14.41
C THR D 397 -50.39 2.56 -13.49
N GLY D 398 -49.78 2.91 -12.35
CA GLY D 398 -50.43 3.76 -11.38
C GLY D 398 -50.39 3.22 -9.97
N GLY D 399 -49.44 2.31 -9.71
CA GLY D 399 -49.27 1.75 -8.38
C GLY D 399 -48.75 2.76 -7.38
N ILE D 400 -48.59 2.30 -6.15
CA ILE D 400 -48.16 3.14 -5.05
C ILE D 400 -46.91 2.54 -4.41
N ALA D 401 -45.92 3.38 -4.16
CA ALA D 401 -44.69 2.97 -3.49
C ALA D 401 -44.77 3.32 -2.01
N VAL D 402 -44.21 2.44 -1.18
CA VAL D 402 -44.12 2.67 0.25
C VAL D 402 -42.68 2.43 0.68
N ASP D 403 -42.14 3.33 1.48
CA ASP D 403 -40.76 3.19 1.93
C ASP D 403 -40.68 2.21 3.10
N ARG D 404 -39.86 1.18 2.96
CA ARG D 404 -39.64 0.18 4.00
C ARG D 404 -38.16 -0.03 4.26
N THR D 405 -37.35 1.00 4.02
CA THR D 405 -35.90 0.85 4.17
C THR D 405 -35.50 0.59 5.61
N ASP D 406 -36.15 1.26 6.57
CA ASP D 406 -35.73 1.15 7.96
C ASP D 406 -36.12 -0.18 8.58
N GLU D 407 -37.31 -0.68 8.26
CA GLU D 407 -37.84 -1.90 8.90
C GLU D 407 -37.53 -3.13 8.05
N ILE D 408 -36.25 -3.46 7.96
CA ILE D 408 -35.79 -4.66 7.26
C ILE D 408 -34.84 -5.42 8.16
N HIS D 409 -35.00 -6.74 8.20
CA HIS D 409 -34.15 -7.57 9.03
C HIS D 409 -32.72 -7.58 8.50
N PRO D 410 -31.72 -7.55 9.38
CA PRO D 410 -30.32 -7.59 8.93
C PRO D 410 -29.98 -8.83 8.13
N GLU D 411 -30.57 -9.98 8.46
CA GLU D 411 -30.34 -11.19 7.69
C GLU D 411 -30.81 -11.04 6.25
N ASN D 412 -31.95 -10.37 6.04
CA ASN D 412 -32.42 -10.12 4.69
C ASN D 412 -31.43 -9.23 3.93
N VAL D 413 -30.88 -8.22 4.60
CA VAL D 413 -29.90 -7.35 3.95
C VAL D 413 -28.67 -8.15 3.54
N TRP D 414 -28.19 -9.01 4.43
CA TRP D 414 -27.04 -9.84 4.11
C TRP D 414 -27.34 -10.76 2.94
N LEU D 415 -28.53 -11.37 2.93
CA LEU D 415 -28.90 -12.27 1.84
C LEU D 415 -28.97 -11.53 0.51
N LEU D 416 -29.56 -10.33 0.51
CA LEU D 416 -29.67 -9.58 -0.74
C LEU D 416 -28.30 -9.12 -1.24
N SER D 417 -27.43 -8.71 -0.34
CA SER D 417 -26.07 -8.35 -0.74
C SER D 417 -25.34 -9.56 -1.33
N ARG D 418 -25.50 -10.72 -0.71
CA ARG D 418 -24.89 -11.94 -1.24
C ARG D 418 -25.44 -12.27 -2.63
N VAL D 419 -26.74 -12.10 -2.82
CA VAL D 419 -27.34 -12.37 -4.14
C VAL D 419 -26.76 -11.44 -5.18
N ALA D 420 -26.66 -10.15 -4.86
CA ALA D 420 -26.12 -9.18 -5.80
C ALA D 420 -24.67 -9.49 -6.14
N LYS D 421 -23.87 -9.88 -5.15
CA LYS D 421 -22.49 -10.26 -5.44
C LYS D 421 -22.40 -11.55 -6.25
N ILE D 422 -23.30 -12.50 -6.00
CA ILE D 422 -23.26 -13.77 -6.74
C ILE D 422 -23.58 -13.54 -8.20
N ILE D 423 -24.61 -12.73 -8.50
CA ILE D 423 -24.94 -12.46 -9.89
C ILE D 423 -23.81 -11.67 -10.56
N GLY D 424 -23.21 -10.73 -9.83
CA GLY D 424 -22.10 -9.97 -10.36
C GLY D 424 -22.52 -8.63 -10.94
N LEU D 425 -23.33 -7.89 -10.20
CA LEU D 425 -23.83 -6.60 -10.63
C LEU D 425 -23.51 -5.55 -9.58
N ASP D 426 -22.89 -4.45 -10.01
CA ASP D 426 -22.59 -3.36 -9.08
C ASP D 426 -23.86 -2.65 -8.64
N ILE D 427 -24.77 -2.41 -9.58
CA ILE D 427 -26.08 -1.82 -9.29
C ILE D 427 -27.13 -2.79 -9.77
N ALA D 428 -28.01 -3.22 -8.88
CA ALA D 428 -28.99 -4.24 -9.20
C ALA D 428 -30.32 -3.93 -8.54
N GLY D 429 -31.40 -4.40 -9.17
CA GLY D 429 -32.73 -4.30 -8.59
C GLY D 429 -33.37 -5.65 -8.43
N ILE D 430 -33.62 -6.06 -7.19
CA ILE D 430 -34.11 -7.40 -6.89
C ILE D 430 -35.59 -7.32 -6.52
N ASP D 431 -36.38 -8.25 -7.06
CA ASP D 431 -37.80 -8.34 -6.74
C ASP D 431 -38.00 -9.47 -5.73
N VAL D 432 -38.60 -9.15 -4.60
CA VAL D 432 -38.84 -10.12 -3.53
C VAL D 432 -40.34 -10.21 -3.29
N VAL D 433 -40.80 -11.40 -2.93
CA VAL D 433 -42.19 -11.61 -2.53
C VAL D 433 -42.18 -12.25 -1.16
N THR D 434 -42.79 -11.58 -0.18
CA THR D 434 -42.76 -12.05 1.19
C THR D 434 -44.00 -11.57 1.93
N GLU D 435 -44.32 -12.27 3.02
CA GLU D 435 -45.41 -11.84 3.89
C GLU D 435 -45.00 -10.65 4.75
N ASP D 436 -43.74 -10.63 5.18
CA ASP D 436 -43.22 -9.54 6.00
C ASP D 436 -41.75 -9.35 5.71
N ILE D 437 -41.35 -8.10 5.46
CA ILE D 437 -39.95 -7.80 5.19
C ILE D 437 -39.14 -7.59 6.47
N SER D 438 -39.80 -7.51 7.62
CA SER D 438 -39.13 -7.32 8.90
C SER D 438 -38.71 -8.64 9.54
N GLN D 439 -38.95 -9.76 8.87
CA GLN D 439 -38.59 -11.07 9.36
C GLN D 439 -37.75 -11.79 8.33
N PRO D 440 -36.88 -12.72 8.75
CA PRO D 440 -36.05 -13.45 7.78
C PRO D 440 -36.89 -14.26 6.82
N LEU D 441 -36.37 -14.41 5.60
CA LEU D 441 -37.10 -15.10 4.54
C LEU D 441 -37.22 -16.60 4.76
N ARG D 442 -36.74 -17.13 5.89
CA ARG D 442 -36.84 -18.55 6.16
C ARG D 442 -38.12 -18.89 6.93
N GLU D 443 -38.43 -18.13 7.98
CA GLU D 443 -39.65 -18.36 8.73
C GLU D 443 -40.88 -18.13 7.85
N VAL D 444 -40.96 -16.97 7.21
CA VAL D 444 -42.00 -16.74 6.23
C VAL D 444 -41.61 -17.37 4.91
N GLU D 445 -42.61 -17.61 4.06
CA GLU D 445 -42.37 -18.25 2.76
C GLU D 445 -42.03 -17.19 1.72
N GLY D 446 -40.87 -16.58 1.92
CA GLY D 446 -40.39 -15.57 0.99
C GLY D 446 -39.43 -16.14 -0.04
N VAL D 447 -39.50 -15.58 -1.25
CA VAL D 447 -38.68 -16.04 -2.37
C VAL D 447 -38.14 -14.83 -3.11
N ILE D 448 -37.08 -15.08 -3.89
CA ILE D 448 -36.48 -14.08 -4.77
C ILE D 448 -37.02 -14.32 -6.18
N VAL D 449 -37.66 -13.31 -6.74
CA VAL D 449 -38.34 -13.49 -8.03
C VAL D 449 -37.38 -13.27 -9.19
N GLU D 450 -36.78 -12.09 -9.29
CA GLU D 450 -35.94 -11.77 -10.44
C GLU D 450 -34.96 -10.66 -10.08
N VAL D 451 -33.95 -10.51 -10.92
CA VAL D 451 -32.91 -9.50 -10.77
C VAL D 451 -32.83 -8.70 -12.06
N ASN D 452 -32.72 -7.38 -11.93
CA ASN D 452 -32.62 -6.48 -13.07
C ASN D 452 -31.30 -5.73 -13.00
N ALA D 453 -30.63 -5.65 -14.15
CA ALA D 453 -29.28 -5.11 -14.23
C ALA D 453 -29.23 -3.59 -14.31
N ALA D 454 -30.22 -2.97 -14.96
CA ALA D 454 -30.25 -1.52 -15.14
C ALA D 454 -31.58 -0.99 -14.63
N PRO D 455 -31.73 -0.88 -13.32
CA PRO D 455 -33.01 -0.44 -12.75
C PRO D 455 -33.11 1.07 -12.65
N GLY D 456 -34.35 1.55 -12.73
CA GLY D 456 -34.63 2.94 -12.47
C GLY D 456 -34.92 3.18 -10.99
N PHE D 457 -34.53 4.35 -10.52
CA PHE D 457 -34.69 4.69 -9.10
C PHE D 457 -35.64 5.87 -8.91
N ARG D 458 -36.42 6.19 -9.94
CA ARG D 458 -37.44 7.23 -9.78
C ARG D 458 -38.47 6.85 -8.74
N MET D 459 -38.71 5.55 -8.54
CA MET D 459 -39.64 5.10 -7.51
C MET D 459 -39.12 5.34 -6.10
N HIS D 460 -37.80 5.27 -5.89
CA HIS D 460 -37.23 5.46 -4.57
C HIS D 460 -37.01 6.92 -4.22
N VAL D 461 -36.77 7.78 -5.20
CA VAL D 461 -36.57 9.20 -4.93
C VAL D 461 -37.86 9.88 -4.46
N ALA D 462 -39.02 9.46 -4.97
CA ALA D 462 -40.32 10.01 -4.60
C ALA D 462 -41.20 8.86 -4.12
N PRO D 463 -40.99 8.38 -2.89
CA PRO D 463 -41.76 7.23 -2.41
C PRO D 463 -43.26 7.49 -2.33
N SER D 464 -43.67 8.74 -2.08
CA SER D 464 -45.06 9.15 -1.91
C SER D 464 -45.62 8.66 -0.58
N ARG D 465 -44.87 7.84 0.15
CA ARG D 465 -45.21 7.49 1.52
C ARG D 465 -43.91 7.05 2.21
N GLY D 466 -43.34 7.94 3.01
CA GLY D 466 -42.10 7.63 3.70
C GLY D 466 -40.99 8.63 3.40
N LEU D 467 -39.75 8.23 3.63
CA LEU D 467 -38.61 9.10 3.42
C LEU D 467 -37.94 8.81 2.09
N ALA D 468 -37.49 9.87 1.41
CA ALA D 468 -36.76 9.72 0.17
C ALA D 468 -35.33 9.29 0.46
N ARG D 469 -34.77 8.51 -0.47
CA ARG D 469 -33.40 8.02 -0.37
C ARG D 469 -32.54 8.65 -1.45
N ASN D 470 -31.30 8.96 -1.10
CA ASN D 470 -30.35 9.59 -2.02
C ASN D 470 -29.64 8.50 -2.80
N VAL D 471 -30.29 8.00 -3.85
CA VAL D 471 -29.69 6.99 -4.70
C VAL D 471 -28.55 7.56 -5.54
N ALA D 472 -28.75 8.77 -6.07
CA ALA D 472 -27.70 9.41 -6.86
C ALA D 472 -26.44 9.62 -6.04
N GLY D 473 -26.60 10.00 -4.77
CA GLY D 473 -25.44 10.13 -3.90
C GLY D 473 -24.69 8.83 -3.71
N ALA D 474 -25.43 7.74 -3.53
CA ALA D 474 -24.80 6.43 -3.38
C ALA D 474 -24.06 6.03 -4.64
N VAL D 475 -24.66 6.26 -5.81
CA VAL D 475 -24.00 5.94 -7.07
C VAL D 475 -22.73 6.75 -7.24
N MET D 476 -22.80 8.06 -6.94
CA MET D 476 -21.63 8.91 -7.09
C MET D 476 -20.53 8.52 -6.10
N ASP D 477 -20.91 8.11 -4.89
CA ASP D 477 -19.93 7.60 -3.94
C ASP D 477 -19.29 6.32 -4.44
N MET D 478 -20.06 5.44 -5.07
CA MET D 478 -19.49 4.22 -5.65
C MET D 478 -18.50 4.56 -6.76
N LEU D 479 -18.83 5.53 -7.60
CA LEU D 479 -17.92 5.90 -8.68
C LEU D 479 -16.63 6.51 -8.15
N PHE D 480 -16.74 7.46 -7.22
CA PHE D 480 -15.60 8.12 -6.60
C PHE D 480 -15.65 7.87 -5.10
N PRO D 481 -14.86 6.93 -4.58
CA PRO D 481 -15.04 6.48 -3.20
C PRO D 481 -14.91 7.57 -2.14
N GLY D 482 -13.76 8.23 -2.09
CA GLY D 482 -13.49 9.22 -1.07
C GLY D 482 -13.97 10.60 -1.48
N SER D 483 -13.41 11.62 -0.82
CA SER D 483 -13.68 13.00 -1.18
C SER D 483 -12.75 13.44 -2.31
N LYS D 484 -12.82 12.69 -3.41
CA LYS D 484 -11.94 12.89 -4.54
C LYS D 484 -12.76 13.18 -5.79
N ASN D 485 -12.14 13.90 -6.73
CA ASN D 485 -12.74 14.22 -8.01
C ASN D 485 -11.83 13.72 -9.12
N GLY D 486 -12.40 13.64 -10.33
CA GLY D 486 -11.66 13.11 -11.45
C GLY D 486 -10.80 14.15 -12.14
N ARG D 487 -10.14 15.00 -11.36
CA ARG D 487 -9.36 16.08 -11.90
C ARG D 487 -7.88 15.70 -11.99
N ILE D 488 -7.22 16.25 -13.00
CA ILE D 488 -5.80 16.00 -13.22
C ILE D 488 -5.10 17.35 -13.30
N PRO D 489 -3.80 17.41 -13.03
CA PRO D 489 -3.08 18.68 -13.14
C PRO D 489 -3.24 19.31 -14.51
N ILE D 490 -3.56 20.60 -14.53
CA ILE D 490 -3.80 21.36 -15.74
C ILE D 490 -2.99 22.65 -15.69
N LEU D 491 -2.21 22.90 -16.74
CA LEU D 491 -1.40 24.10 -16.87
C LEU D 491 -1.78 24.80 -18.16
N SER D 492 -2.39 25.98 -18.04
CA SER D 492 -2.84 26.76 -19.18
C SER D 492 -1.89 27.94 -19.39
N VAL D 493 -1.28 28.01 -20.56
CA VAL D 493 -0.31 29.05 -20.87
C VAL D 493 -0.93 30.00 -21.89
N THR D 494 -0.90 31.30 -21.60
CA THR D 494 -1.38 32.31 -22.51
C THR D 494 -0.39 33.46 -22.58
N GLY D 495 -0.43 34.17 -23.68
CA GLY D 495 0.50 35.27 -23.91
C GLY D 495 0.46 35.73 -25.33
N THR D 496 1.29 36.72 -25.62
CA THR D 496 1.31 37.29 -26.97
C THR D 496 2.43 36.71 -27.82
N ASN D 497 3.58 36.42 -27.22
CA ASN D 497 4.79 36.12 -27.98
C ASN D 497 5.28 34.68 -27.83
N GLY D 498 5.52 34.21 -26.61
CA GLY D 498 6.24 32.96 -26.43
C GLY D 498 5.44 31.80 -25.84
N LYS D 499 4.20 31.63 -26.31
CA LYS D 499 3.37 30.54 -25.79
C LYS D 499 3.95 29.18 -26.15
N THR D 500 4.38 29.00 -27.40
CA THR D 500 4.78 27.68 -27.87
C THR D 500 6.02 27.17 -27.14
N THR D 501 7.05 28.01 -27.05
CA THR D 501 8.29 27.59 -26.40
C THR D 501 8.05 27.28 -24.93
N THR D 502 7.27 28.11 -24.25
CA THR D 502 6.97 27.87 -22.84
C THR D 502 6.21 26.56 -22.66
N THR D 503 5.22 26.29 -23.51
CA THR D 503 4.45 25.06 -23.40
C THR D 503 5.34 23.84 -23.62
N ARG D 504 6.19 23.89 -24.64
CA ARG D 504 7.09 22.76 -24.90
C ARG D 504 8.08 22.56 -23.77
N LEU D 505 8.61 23.66 -23.21
CA LEU D 505 9.54 23.53 -22.09
C LEU D 505 8.85 22.93 -20.86
N LEU D 506 7.61 23.35 -20.57
CA LEU D 506 6.87 22.77 -19.45
C LEU D 506 6.66 21.28 -19.67
N ALA D 507 6.26 20.89 -20.88
CA ALA D 507 6.04 19.48 -21.17
C ALA D 507 7.32 18.68 -21.00
N HIS D 508 8.44 19.21 -21.51
CA HIS D 508 9.70 18.49 -21.40
C HIS D 508 10.14 18.35 -19.95
N ILE D 509 9.97 19.42 -19.15
CA ILE D 509 10.37 19.35 -17.75
C ILE D 509 9.53 18.34 -16.99
N ILE D 510 8.21 18.34 -17.22
CA ILE D 510 7.36 17.40 -16.51
C ILE D 510 7.62 15.97 -16.98
N LYS D 511 8.04 15.79 -18.24
CA LYS D 511 8.34 14.46 -18.73
C LYS D 511 9.48 13.80 -17.97
N GLN D 512 10.34 14.58 -17.32
CA GLN D 512 11.43 13.99 -16.55
C GLN D 512 10.89 13.13 -15.41
N THR D 513 9.85 13.60 -14.73
CA THR D 513 9.13 12.74 -13.80
C THR D 513 8.40 11.65 -14.57
N GLY D 514 8.22 10.51 -13.91
CA GLY D 514 7.57 9.38 -14.57
C GLY D 514 6.08 9.57 -14.73
N LYS D 515 5.70 10.53 -15.57
CA LYS D 515 4.29 10.83 -15.82
C LYS D 515 4.06 10.96 -17.31
N VAL D 516 2.86 10.60 -17.75
CA VAL D 516 2.44 10.77 -19.14
C VAL D 516 1.82 12.15 -19.27
N VAL D 517 2.39 12.97 -20.15
CA VAL D 517 1.99 14.37 -20.29
C VAL D 517 1.34 14.56 -21.65
N GLY D 518 0.14 15.12 -21.65
CA GLY D 518 -0.50 15.48 -22.90
C GLY D 518 -0.50 16.98 -23.09
N TYR D 519 0.07 17.46 -24.20
CA TYR D 519 0.17 18.90 -24.39
C TYR D 519 -0.24 19.29 -25.80
N THR D 520 -0.94 20.42 -25.89
CA THR D 520 -1.39 20.97 -27.16
C THR D 520 -0.81 22.35 -27.35
N THR D 521 -0.33 22.60 -28.58
CA THR D 521 0.31 23.85 -28.95
C THR D 521 0.01 24.12 -30.42
N THR D 522 0.70 25.12 -30.98
CA THR D 522 0.47 25.46 -32.39
C THR D 522 0.98 24.37 -33.31
N ASP D 523 2.11 23.76 -32.99
CA ASP D 523 2.71 22.76 -33.87
C ASP D 523 1.80 21.55 -34.02
N GLY D 524 1.33 21.00 -32.90
CA GLY D 524 0.46 19.84 -32.95
C GLY D 524 0.16 19.36 -31.55
N THR D 525 -0.80 18.44 -31.48
CA THR D 525 -1.23 17.86 -30.22
C THR D 525 -0.44 16.58 -29.97
N TYR D 526 0.24 16.50 -28.82
CA TYR D 526 1.09 15.38 -28.48
C TYR D 526 0.59 14.69 -27.22
N ILE D 527 0.60 13.36 -27.24
CA ILE D 527 0.29 12.55 -26.07
C ILE D 527 1.56 11.86 -25.61
N GLY D 528 2.26 12.46 -24.65
CA GLY D 528 3.50 11.89 -24.18
C GLY D 528 4.64 12.07 -25.15
N GLU D 529 5.07 10.98 -25.79
CA GLU D 529 6.18 11.02 -26.73
C GLU D 529 5.74 10.96 -28.18
N TYR D 530 4.58 10.37 -28.47
CA TYR D 530 4.13 10.14 -29.84
C TYR D 530 3.14 11.21 -30.26
N LEU D 531 3.27 11.67 -31.50
CA LEU D 531 2.40 12.71 -32.02
C LEU D 531 0.99 12.18 -32.22
N ALA D 532 0.00 12.97 -31.78
CA ALA D 532 -1.40 12.60 -31.92
C ALA D 532 -2.11 13.35 -33.04
N GLU D 533 -1.86 14.64 -33.19
CA GLU D 533 -2.51 15.40 -34.26
C GLU D 533 -1.56 16.42 -34.85
N THR D 534 -1.46 16.43 -36.18
CA THR D 534 -0.61 17.40 -36.88
C THR D 534 -1.34 18.72 -37.10
N GLY D 535 -2.41 18.69 -37.87
CA GLY D 535 -3.15 19.89 -38.21
C GLY D 535 -4.27 20.20 -37.23
N ASP D 536 -3.89 20.60 -36.01
CA ASP D 536 -4.84 20.88 -34.95
C ASP D 536 -4.90 22.37 -34.66
N ASN D 537 -5.99 22.78 -34.03
CA ASN D 537 -6.12 24.14 -33.53
C ASN D 537 -5.87 24.18 -32.03
N THR D 538 -5.65 25.38 -31.51
CA THR D 538 -5.43 25.59 -30.08
C THR D 538 -6.73 25.95 -29.35
N GLY D 539 -7.86 25.48 -29.86
CA GLY D 539 -9.13 25.77 -29.25
C GLY D 539 -9.62 24.66 -28.36
N PRO D 540 -10.91 24.71 -27.99
CA PRO D 540 -11.45 23.68 -27.09
C PRO D 540 -11.42 22.27 -27.65
N GLN D 541 -11.33 22.10 -28.97
CA GLN D 541 -11.32 20.77 -29.57
C GLN D 541 -10.09 19.99 -29.15
N SER D 542 -8.92 20.61 -29.23
CA SER D 542 -7.69 19.95 -28.79
C SER D 542 -7.71 19.71 -27.29
N ALA D 543 -8.29 20.62 -26.51
CA ALA D 543 -8.40 20.40 -25.07
C ALA D 543 -9.27 19.18 -24.77
N HIS D 544 -10.39 19.03 -25.49
CA HIS D 544 -11.23 17.87 -25.30
C HIS D 544 -10.52 16.59 -25.72
N LEU D 545 -9.74 16.66 -26.80
CA LEU D 545 -8.96 15.49 -27.21
C LEU D 545 -7.94 15.10 -26.14
N ILE D 546 -7.28 16.09 -25.54
CA ILE D 546 -6.28 15.81 -24.51
C ILE D 546 -6.95 15.22 -23.27
N LEU D 547 -8.02 15.85 -22.79
CA LEU D 547 -8.62 15.49 -21.53
C LEU D 547 -9.43 14.20 -21.58
N SER D 548 -9.78 13.73 -22.78
CA SER D 548 -10.56 12.49 -22.90
C SER D 548 -9.68 11.25 -23.02
N ASP D 549 -8.37 11.42 -23.14
CA ASP D 549 -7.49 10.27 -23.29
C ASP D 549 -7.38 9.52 -21.96
N PRO D 550 -7.53 8.20 -21.96
CA PRO D 550 -7.47 7.44 -20.70
C PRO D 550 -6.07 7.22 -20.16
N THR D 551 -5.04 7.83 -20.74
CA THR D 551 -3.68 7.66 -20.28
C THR D 551 -2.99 8.95 -19.89
N VAL D 552 -3.61 10.10 -20.12
CA VAL D 552 -2.99 11.38 -19.82
C VAL D 552 -3.12 11.68 -18.34
N GLU D 553 -2.01 12.05 -17.70
CA GLU D 553 -1.99 12.41 -16.29
C GLU D 553 -1.83 13.90 -16.03
N VAL D 554 -1.07 14.61 -16.86
CA VAL D 554 -0.91 16.06 -16.72
C VAL D 554 -1.16 16.70 -18.07
N ALA D 555 -2.01 17.73 -18.10
CA ALA D 555 -2.39 18.40 -19.34
C ALA D 555 -1.75 19.77 -19.38
N VAL D 556 -1.10 20.08 -20.50
CA VAL D 556 -0.50 21.39 -20.74
C VAL D 556 -1.12 21.94 -22.03
N LEU D 557 -1.78 23.08 -21.93
CA LEU D 557 -2.55 23.63 -23.05
C LEU D 557 -2.10 25.04 -23.35
N GLU D 558 -1.78 25.31 -24.63
CA GLU D 558 -1.57 26.67 -25.09
C GLU D 558 -2.91 27.27 -25.48
N THR D 559 -3.29 28.36 -24.82
CA THR D 559 -4.60 28.98 -25.00
C THR D 559 -4.41 30.29 -25.75
N ALA D 560 -4.79 30.29 -27.03
CA ALA D 560 -4.73 31.50 -27.84
C ALA D 560 -6.01 32.32 -27.65
N ARG D 561 -5.93 33.60 -28.04
CA ARG D 561 -7.08 34.48 -27.87
C ARG D 561 -8.20 34.13 -28.85
N GLY D 562 -7.87 33.54 -29.99
CA GLY D 562 -8.90 33.16 -30.94
C GLY D 562 -9.86 32.13 -30.38
N GLY D 563 -9.33 31.15 -29.65
CA GLY D 563 -10.20 30.16 -29.03
C GLY D 563 -11.08 30.75 -27.96
N ILE D 564 -10.54 31.71 -27.17
CA ILE D 564 -11.35 32.34 -26.14
C ILE D 564 -12.46 33.19 -26.75
N LEU D 565 -12.16 33.92 -27.83
CA LEU D 565 -13.19 34.73 -28.47
C LEU D 565 -14.24 33.87 -29.17
N ARG D 566 -13.81 32.78 -29.81
CA ARG D 566 -14.74 31.99 -30.61
C ARG D 566 -15.60 31.07 -29.75
N SER D 567 -14.97 30.29 -28.86
CA SER D 567 -15.70 29.33 -28.06
C SER D 567 -15.39 29.39 -26.58
N GLY D 568 -14.46 30.22 -26.14
CA GLY D 568 -14.09 30.28 -24.74
C GLY D 568 -13.19 29.14 -24.34
N LEU D 569 -12.92 29.07 -23.04
CA LEU D 569 -12.05 28.03 -22.50
C LEU D 569 -12.77 26.68 -22.51
N GLY D 570 -11.99 25.63 -22.74
CA GLY D 570 -12.51 24.28 -22.76
C GLY D 570 -12.57 23.59 -21.41
N PHE D 571 -12.24 24.31 -20.33
CA PHE D 571 -12.25 23.73 -19.00
C PHE D 571 -12.80 24.76 -18.02
N SER D 572 -13.39 24.27 -16.94
CA SER D 572 -13.96 25.14 -15.93
C SER D 572 -12.90 25.85 -15.10
N SER D 573 -11.85 25.13 -14.69
CA SER D 573 -10.80 25.69 -13.86
C SER D 573 -9.48 25.02 -14.20
N CYS D 574 -8.39 25.71 -13.86
CA CYS D 574 -7.05 25.19 -14.10
C CYS D 574 -6.24 25.33 -12.83
N GLU D 575 -5.31 24.38 -12.64
CA GLU D 575 -4.46 24.41 -11.46
C GLU D 575 -3.36 25.45 -11.59
N VAL D 576 -2.80 25.62 -12.78
CA VAL D 576 -1.78 26.64 -13.00
C VAL D 576 -2.18 27.48 -14.20
N GLY D 577 -2.17 28.80 -14.03
CA GLY D 577 -2.43 29.71 -15.13
C GLY D 577 -1.29 30.67 -15.35
N ILE D 578 -0.62 30.58 -16.50
CA ILE D 578 0.55 31.38 -16.79
C ILE D 578 0.18 32.46 -17.80
N VAL D 579 0.48 33.72 -17.47
CA VAL D 579 0.30 34.84 -18.38
C VAL D 579 1.68 35.45 -18.63
N LEU D 580 2.13 35.41 -19.87
CA LEU D 580 3.49 35.85 -20.18
C LEU D 580 3.58 37.36 -20.33
N ASN D 581 2.87 37.91 -21.31
CA ASN D 581 2.91 39.35 -21.57
C ASN D 581 1.74 39.70 -22.48
N VAL D 582 1.41 40.99 -22.51
CA VAL D 582 0.32 41.51 -23.33
C VAL D 582 0.85 42.73 -24.07
N THR D 583 1.01 42.61 -25.39
CA THR D 583 1.46 43.72 -26.23
C THR D 583 0.48 43.89 -27.39
N ALA D 584 0.16 45.14 -27.70
CA ALA D 584 -0.79 45.45 -28.77
C ALA D 584 -0.13 45.44 -30.14
N ASP D 585 0.53 44.32 -30.47
CA ASP D 585 1.19 44.20 -31.76
C ASP D 585 0.19 43.99 -32.90
N HIS D 586 -0.97 43.41 -32.63
CA HIS D 586 -1.97 43.16 -33.65
C HIS D 586 -3.35 43.40 -33.06
N LEU D 587 -4.14 44.23 -33.73
CA LEU D 587 -5.45 44.63 -33.22
C LEU D 587 -6.43 44.69 -34.38
N GLY D 588 -7.66 45.09 -34.07
CA GLY D 588 -8.69 45.24 -35.08
C GLY D 588 -9.54 44.01 -35.33
N ILE D 589 -9.24 42.89 -34.70
CA ILE D 589 -9.97 41.65 -34.91
C ILE D 589 -11.13 41.58 -33.92
N GLY D 590 -12.32 41.28 -34.44
CA GLY D 590 -13.49 41.19 -33.59
C GLY D 590 -13.84 42.53 -32.99
N ASP D 591 -14.01 42.55 -31.66
CA ASP D 591 -14.31 43.77 -30.93
C ASP D 591 -13.13 44.18 -30.06
N ILE D 592 -11.94 43.72 -30.40
CA ILE D 592 -10.72 44.02 -29.64
C ILE D 592 -9.97 45.08 -30.42
N ASP D 593 -10.16 46.35 -30.02
CA ASP D 593 -9.50 47.47 -30.66
C ASP D 593 -8.63 48.28 -29.71
N THR D 594 -8.62 47.94 -28.43
CA THR D 594 -7.84 48.67 -27.43
C THR D 594 -7.07 47.67 -26.59
N ILE D 595 -5.87 48.07 -26.16
CA ILE D 595 -5.03 47.17 -25.37
C ILE D 595 -5.68 46.80 -24.04
N GLU D 596 -6.56 47.66 -23.50
CA GLU D 596 -7.30 47.28 -22.30
C GLU D 596 -8.25 46.13 -22.58
N GLN D 597 -8.88 46.13 -23.76
CA GLN D 597 -9.72 45.01 -24.15
C GLN D 597 -8.92 43.72 -24.27
N LEU D 598 -7.72 43.80 -24.85
CA LEU D 598 -6.86 42.62 -24.95
C LEU D 598 -6.45 42.12 -23.57
N ALA D 599 -6.12 43.04 -22.67
CA ALA D 599 -5.76 42.65 -21.31
C ALA D 599 -6.93 41.96 -20.62
N LYS D 600 -8.14 42.51 -20.78
CA LYS D 600 -9.32 41.88 -20.20
C LYS D 600 -9.55 40.49 -20.79
N LEU D 601 -9.36 40.34 -22.10
CA LEU D 601 -9.52 39.04 -22.73
C LEU D 601 -8.51 38.03 -22.20
N LYS D 602 -7.25 38.45 -22.05
CA LYS D 602 -6.23 37.55 -21.53
C LYS D 602 -6.39 37.28 -20.04
N SER D 603 -7.10 38.14 -19.32
CA SER D 603 -7.31 37.94 -17.89
C SER D 603 -8.23 36.78 -17.57
N VAL D 604 -8.88 36.19 -18.58
CA VAL D 604 -9.77 35.05 -18.32
C VAL D 604 -9.00 33.88 -17.76
N VAL D 605 -7.80 33.61 -18.29
CA VAL D 605 -7.00 32.50 -17.81
C VAL D 605 -6.61 32.70 -16.36
N ALA D 606 -6.18 33.91 -16.00
CA ALA D 606 -5.81 34.19 -14.62
C ALA D 606 -7.02 34.13 -13.69
N GLU D 607 -8.17 34.64 -14.13
CA GLU D 607 -9.35 34.65 -13.27
C GLU D 607 -9.94 33.27 -13.06
N SER D 608 -9.79 32.38 -14.04
CA SER D 608 -10.34 31.02 -13.95
C SER D 608 -9.31 30.08 -13.31
N VAL D 609 -8.90 30.44 -12.11
CA VAL D 609 -7.94 29.64 -11.33
C VAL D 609 -8.59 29.30 -10.00
N MET D 610 -8.58 28.01 -9.65
CA MET D 610 -9.22 27.56 -8.43
C MET D 610 -8.47 28.09 -7.21
N PRO D 611 -9.14 28.16 -6.05
CA PRO D 611 -8.51 28.77 -4.86
C PRO D 611 -7.19 28.13 -4.45
N LYS D 612 -6.98 26.85 -4.73
CA LYS D 612 -5.71 26.20 -4.41
C LYS D 612 -4.70 26.29 -5.55
N GLY D 613 -5.05 26.94 -6.66
CA GLY D 613 -4.17 27.04 -7.80
C GLY D 613 -3.19 28.19 -7.69
N TYR D 614 -2.47 28.41 -8.77
CA TYR D 614 -1.47 29.46 -8.86
C TYR D 614 -1.62 30.23 -10.16
N ALA D 615 -1.40 31.54 -10.08
CA ALA D 615 -1.37 32.42 -11.25
C ALA D 615 0.03 32.98 -11.39
N VAL D 616 0.71 32.62 -12.47
CA VAL D 616 2.09 33.05 -12.71
C VAL D 616 2.05 34.23 -13.65
N LEU D 617 2.41 35.40 -13.13
CA LEU D 617 2.31 36.65 -13.87
C LEU D 617 3.67 37.33 -13.97
N ASN D 618 3.81 38.17 -15.00
CA ASN D 618 5.01 38.94 -15.22
C ASN D 618 4.88 40.28 -14.49
N ALA D 619 5.82 40.54 -13.57
CA ALA D 619 5.76 41.77 -12.78
C ALA D 619 6.20 43.00 -13.56
N GLU D 620 6.97 42.83 -14.62
CA GLU D 620 7.46 43.99 -15.37
C GLU D 620 6.35 44.68 -16.14
N ASP D 621 5.44 43.92 -16.74
CA ASP D 621 4.36 44.51 -17.53
C ASP D 621 3.30 45.09 -16.60
N PRO D 622 3.03 46.39 -16.64
CA PRO D 622 2.01 46.95 -15.74
C PRO D 622 0.62 46.37 -15.97
N LEU D 623 0.26 46.10 -17.23
CA LEU D 623 -1.06 45.55 -17.51
C LEU D 623 -1.21 44.14 -16.96
N VAL D 624 -0.19 43.30 -17.12
CA VAL D 624 -0.24 41.95 -16.58
C VAL D 624 -0.20 41.98 -15.06
N ALA D 625 0.64 42.83 -14.48
CA ALA D 625 0.72 42.95 -13.03
C ALA D 625 -0.55 43.50 -12.43
N ALA D 626 -1.35 44.24 -13.20
CA ALA D 626 -2.62 44.76 -12.69
C ALA D 626 -3.63 43.66 -12.43
N MET D 627 -3.39 42.45 -12.94
CA MET D 627 -4.29 41.32 -12.71
C MET D 627 -4.07 40.68 -11.35
N ALA D 628 -3.35 41.31 -10.44
CA ALA D 628 -3.13 40.72 -9.13
C ALA D 628 -4.44 40.53 -8.39
N ASP D 629 -5.31 41.53 -8.45
CA ASP D 629 -6.64 41.42 -7.85
C ASP D 629 -7.54 40.58 -8.74
N ARG D 630 -8.80 40.43 -8.30
CA ARG D 630 -9.83 39.65 -9.01
C ARG D 630 -9.31 38.29 -9.44
N VAL D 631 -8.36 37.74 -8.69
CA VAL D 631 -7.79 36.42 -8.97
C VAL D 631 -7.86 35.60 -7.69
N LYS D 632 -8.51 34.45 -7.78
CA LYS D 632 -8.59 33.53 -6.66
C LYS D 632 -7.35 32.64 -6.64
N GLY D 633 -6.80 32.42 -5.45
CA GLY D 633 -5.59 31.63 -5.32
C GLY D 633 -4.35 32.49 -5.26
N GLN D 634 -3.22 31.81 -5.12
CA GLN D 634 -1.95 32.48 -4.93
C GLN D 634 -1.41 33.05 -6.25
N VAL D 635 -0.62 34.10 -6.12
CA VAL D 635 -0.01 34.80 -7.25
C VAL D 635 1.50 34.70 -7.13
N ALA D 636 2.15 34.28 -8.22
CA ALA D 636 3.59 34.18 -8.28
C ALA D 636 4.11 35.06 -9.40
N TYR D 637 5.06 35.93 -9.06
CA TYR D 637 5.61 36.89 -10.01
C TYR D 637 6.94 36.40 -10.56
N PHE D 638 7.15 36.60 -11.86
CA PHE D 638 8.45 36.38 -12.47
C PHE D 638 8.88 37.63 -13.20
N SER D 639 10.17 37.96 -13.08
CA SER D 639 10.68 39.20 -13.63
C SER D 639 12.13 39.03 -14.03
N MET D 640 12.50 39.67 -15.14
CA MET D 640 13.88 39.70 -15.58
C MET D 640 14.73 40.73 -14.85
N ASP D 641 14.08 41.67 -14.14
CA ASP D 641 14.79 42.68 -13.38
C ASP D 641 14.76 42.31 -11.91
N PRO D 642 15.89 41.97 -11.29
CA PRO D 642 15.87 41.57 -9.87
C PRO D 642 15.57 42.70 -8.91
N ASN D 643 15.52 43.95 -9.38
CA ASN D 643 15.30 45.10 -8.51
C ASN D 643 13.87 45.64 -8.62
N ASN D 644 12.93 44.81 -9.06
CA ASN D 644 11.55 45.24 -9.17
C ASN D 644 10.95 45.42 -7.78
N GLU D 645 10.37 46.60 -7.54
CA GLU D 645 9.83 46.91 -6.21
C GLU D 645 8.66 45.99 -5.86
N LEU D 646 7.76 45.76 -6.83
CA LEU D 646 6.59 44.93 -6.55
C LEU D 646 7.00 43.51 -6.20
N LEU D 647 7.96 42.94 -6.94
CA LEU D 647 8.40 41.58 -6.66
C LEU D 647 9.04 41.46 -5.27
N LEU D 648 9.89 42.42 -4.92
CA LEU D 648 10.52 42.38 -3.60
C LEU D 648 9.50 42.54 -2.49
N ARG D 649 8.53 43.44 -2.68
CA ARG D 649 7.47 43.60 -1.68
C ARG D 649 6.65 42.33 -1.53
N HIS D 650 6.35 41.66 -2.65
CA HIS D 650 5.59 40.42 -2.58
C HIS D 650 6.39 39.32 -1.88
N THR D 651 7.71 39.25 -2.14
CA THR D 651 8.52 38.22 -1.51
C THR D 651 8.71 38.46 -0.01
N GLU D 652 8.82 39.73 0.40
CA GLU D 652 9.02 40.03 1.81
C GLU D 652 7.85 39.54 2.65
N ALA D 653 6.63 39.66 2.14
CA ALA D 653 5.43 39.15 2.80
C ALA D 653 4.86 38.05 1.92
N GLY D 654 5.36 36.83 2.10
CA GLY D 654 4.97 35.72 1.26
C GLY D 654 6.14 35.09 0.56
N GLY D 655 6.13 35.07 -0.77
CA GLY D 655 7.25 34.54 -1.52
C GLY D 655 6.79 34.01 -2.88
N LEU D 656 7.48 32.95 -3.31
CA LEU D 656 7.19 32.28 -4.58
C LEU D 656 7.31 33.25 -5.77
N ALA D 657 8.55 33.68 -5.99
CA ALA D 657 8.88 34.49 -7.15
C ALA D 657 10.08 33.87 -7.87
N ALA D 658 10.33 34.33 -9.10
CA ALA D 658 11.46 33.86 -9.88
C ALA D 658 12.13 35.06 -10.53
N ILE D 659 13.46 35.08 -10.50
CA ILE D 659 14.25 36.21 -10.99
C ILE D 659 15.48 35.68 -11.71
N TYR D 660 16.20 36.61 -12.34
CA TYR D 660 17.46 36.36 -13.04
C TYR D 660 18.46 37.37 -12.50
N GLU D 661 19.17 36.98 -11.43
CA GLU D 661 19.90 37.96 -10.63
C GLU D 661 21.34 38.18 -11.12
N ASN D 662 22.18 37.15 -11.05
CA ASN D 662 23.57 37.23 -11.51
C ASN D 662 23.87 36.01 -12.37
N GLY D 663 23.48 36.08 -13.64
CA GLY D 663 23.67 34.97 -14.54
C GLY D 663 23.09 33.68 -14.01
N TYR D 664 22.00 33.78 -13.24
CA TYR D 664 21.40 32.64 -12.57
C TYR D 664 19.89 32.72 -12.66
N ILE D 665 19.25 31.57 -12.85
CA ILE D 665 17.81 31.46 -12.80
C ILE D 665 17.45 31.08 -11.36
N SER D 666 17.01 32.07 -10.58
CA SER D 666 16.83 31.89 -9.15
C SER D 666 15.35 31.93 -8.78
N ILE D 667 15.01 31.19 -7.74
CA ILE D 667 13.65 31.15 -7.19
C ILE D 667 13.71 31.65 -5.76
N LEU D 668 12.89 32.65 -5.45
CA LEU D 668 12.78 33.19 -4.10
C LEU D 668 11.53 32.60 -3.44
N LYS D 669 11.75 31.87 -2.34
CA LYS D 669 10.67 31.29 -1.55
C LYS D 669 10.44 32.08 -0.27
N GLY D 670 10.57 33.40 -0.34
CA GLY D 670 10.49 34.24 0.84
C GLY D 670 11.83 34.87 1.15
N ASP D 671 12.48 34.41 2.21
CA ASP D 671 13.79 34.90 2.59
C ASP D 671 14.93 34.03 2.05
N TRP D 672 14.61 33.03 1.25
CA TRP D 672 15.60 32.08 0.75
C TRP D 672 15.68 32.15 -0.76
N THR D 673 16.88 31.94 -1.29
CA THR D 673 17.14 31.95 -2.72
C THR D 673 17.64 30.58 -3.14
N LEU D 674 17.06 30.02 -4.20
CA LEU D 674 17.44 28.72 -4.73
C LEU D 674 17.88 28.91 -6.17
N ARG D 675 19.14 28.62 -6.46
CA ARG D 675 19.67 28.76 -7.81
C ARG D 675 19.52 27.45 -8.57
N ILE D 676 19.14 27.56 -9.84
CA ILE D 676 18.85 26.40 -10.68
C ILE D 676 19.96 26.17 -11.71
N GLU D 677 20.19 27.15 -12.58
CA GLU D 677 21.11 26.98 -13.70
C GLU D 677 21.93 28.25 -13.89
N LYS D 678 23.05 28.11 -14.58
CA LYS D 678 23.98 29.20 -14.83
C LYS D 678 23.54 30.09 -15.99
N ALA D 679 22.42 29.80 -16.63
CA ALA D 679 21.81 30.57 -17.71
C ALA D 679 22.64 30.59 -18.98
N VAL D 680 23.84 29.99 -18.96
CA VAL D 680 24.62 29.81 -20.18
C VAL D 680 24.71 28.34 -20.57
N ASN D 681 24.36 27.43 -19.67
CA ASN D 681 24.30 26.01 -19.98
C ASN D 681 22.96 25.60 -20.57
N VAL D 682 22.01 26.54 -20.66
CA VAL D 682 20.70 26.28 -21.23
C VAL D 682 20.81 26.47 -22.74
N PRO D 683 20.60 25.42 -23.55
CA PRO D 683 20.80 25.56 -25.00
C PRO D 683 19.92 26.61 -25.65
N ILE D 684 18.69 26.78 -25.18
CA ILE D 684 17.77 27.71 -25.86
C ILE D 684 18.22 29.15 -25.66
N THR D 685 18.87 29.45 -24.53
CA THR D 685 19.30 30.82 -24.28
C THR D 685 20.49 31.23 -25.15
N MET D 686 21.17 30.27 -25.76
CA MET D 686 22.34 30.53 -26.60
C MET D 686 23.40 31.33 -25.83
N ALA D 687 23.82 30.78 -24.69
CA ALA D 687 24.82 31.40 -23.82
C ALA D 687 24.37 32.79 -23.35
N GLY D 688 23.07 32.98 -23.18
CA GLY D 688 22.53 34.24 -22.71
C GLY D 688 22.41 35.32 -23.75
N LYS D 689 22.73 35.05 -25.00
CA LYS D 689 22.64 36.06 -26.05
C LYS D 689 21.20 36.42 -26.41
N ALA D 690 20.24 35.53 -26.11
CA ALA D 690 18.84 35.81 -26.38
C ALA D 690 18.13 36.10 -25.06
N PRO D 691 17.81 37.37 -24.75
CA PRO D 691 17.17 37.67 -23.46
C PRO D 691 15.70 37.30 -23.40
N PHE D 692 15.05 37.08 -24.54
CA PHE D 692 13.62 36.80 -24.53
C PHE D 692 13.32 35.38 -24.03
N MET D 693 14.17 34.41 -24.39
CA MET D 693 13.95 33.04 -23.95
C MET D 693 14.16 32.86 -22.45
N ILE D 694 14.91 33.76 -21.82
CA ILE D 694 15.13 33.64 -20.38
C ILE D 694 13.83 33.87 -19.63
N ALA D 695 12.98 34.78 -20.12
CA ALA D 695 11.68 34.99 -19.48
C ALA D 695 10.81 33.74 -19.55
N ASN D 696 10.80 33.08 -20.71
CA ASN D 696 10.05 31.84 -20.85
C ASN D 696 10.59 30.75 -19.93
N ALA D 697 11.93 30.66 -19.84
CA ALA D 697 12.53 29.70 -18.92
C ALA D 697 12.14 29.98 -17.48
N LEU D 698 12.14 31.26 -17.08
CA LEU D 698 11.74 31.63 -15.74
C LEU D 698 10.30 31.23 -15.47
N ALA D 699 9.40 31.52 -16.42
CA ALA D 699 7.99 31.19 -16.24
C ALA D 699 7.80 29.69 -16.11
N ALA D 700 8.46 28.91 -16.98
CA ALA D 700 8.31 27.46 -16.93
C ALA D 700 8.85 26.89 -15.63
N CYS D 701 10.02 27.37 -15.19
CA CYS D 701 10.59 26.87 -13.94
C CYS D 701 9.71 27.20 -12.75
N LEU D 702 9.18 28.43 -12.70
CA LEU D 702 8.30 28.80 -11.60
C LEU D 702 7.03 27.96 -11.60
N ALA D 703 6.43 27.75 -12.78
CA ALA D 703 5.21 26.96 -12.85
C ALA D 703 5.45 25.52 -12.41
N VAL D 704 6.57 24.94 -12.82
CA VAL D 704 6.89 23.58 -12.40
C VAL D 704 7.15 23.53 -10.90
N PHE D 705 7.85 24.54 -10.35
CA PHE D 705 8.16 24.53 -8.92
C PHE D 705 6.90 24.66 -8.07
N THR D 706 5.91 25.40 -8.55
CA THR D 706 4.67 25.55 -7.79
C THR D 706 3.93 24.24 -7.62
N GLN D 707 4.23 23.24 -8.45
CA GLN D 707 3.55 21.95 -8.39
C GLN D 707 4.27 20.93 -7.51
N GLY D 708 5.40 21.30 -6.92
CA GLY D 708 6.11 20.41 -6.02
C GLY D 708 7.21 19.57 -6.64
N VAL D 709 7.56 19.82 -7.91
CA VAL D 709 8.63 19.06 -8.54
C VAL D 709 9.97 19.47 -7.94
N LYS D 710 10.84 18.48 -7.73
CA LYS D 710 12.15 18.71 -7.11
C LYS D 710 13.06 19.50 -8.04
N ILE D 711 14.07 20.14 -7.43
CA ILE D 711 14.95 21.03 -8.16
C ILE D 711 15.79 20.27 -9.19
N GLU D 712 16.28 19.08 -8.82
CA GLU D 712 17.15 18.34 -9.73
C GLU D 712 16.42 17.95 -11.01
N HIS D 713 15.12 17.63 -10.90
CA HIS D 713 14.35 17.33 -12.10
C HIS D 713 14.26 18.55 -13.01
N ILE D 714 14.04 19.73 -12.43
CA ILE D 714 14.00 20.96 -13.22
C ILE D 714 15.33 21.20 -13.90
N ARG D 715 16.43 20.99 -13.17
CA ARG D 715 17.77 21.17 -13.75
C ARG D 715 17.99 20.23 -14.93
N LYS D 716 17.65 18.95 -14.74
CA LYS D 716 17.85 17.97 -15.80
C LYS D 716 17.00 18.28 -17.01
N GLY D 717 15.75 18.69 -16.80
CA GLY D 717 14.89 19.04 -17.91
C GLY D 717 15.35 20.27 -18.65
N LEU D 718 15.82 21.29 -17.92
CA LEU D 718 16.28 22.51 -18.55
C LEU D 718 17.58 22.31 -19.32
N SER D 719 18.48 21.46 -18.82
CA SER D 719 19.74 21.24 -19.50
C SER D 719 19.57 20.48 -20.80
N THR D 720 18.60 19.57 -20.88
CA THR D 720 18.44 18.68 -22.01
C THR D 720 17.57 19.26 -23.12
N PHE D 721 16.60 20.10 -22.78
CA PHE D 721 15.62 20.59 -23.75
C PHE D 721 16.30 21.36 -24.88
N VAL D 722 15.88 21.08 -26.11
CA VAL D 722 16.36 21.78 -27.30
C VAL D 722 15.17 22.25 -28.11
N ALA D 723 15.40 23.27 -28.93
CA ALA D 723 14.33 23.83 -29.75
C ALA D 723 14.30 23.17 -31.12
#